data_5X1Y
#
_entry.id   5X1Y
#
_cell.length_a   236.380
_cell.length_b   150.270
_cell.length_c   122.780
_cell.angle_alpha   90.00
_cell.angle_beta   92.62
_cell.angle_gamma   90.00
#
_symmetry.space_group_name_H-M   'C 1 2 1'
#
loop_
_entity.id
_entity.type
_entity.pdbx_description
1 polymer 'Mercuric reductase'
2 non-polymer 'FLAVIN-ADENINE DINUCLEOTIDE'
#
_entity_poly.entity_id   1
_entity_poly.type   'polypeptide(L)'
_entity_poly.pdbx_seq_one_letter_code
;MNKFKVNISGMTCTGCEKHVESALEKIGAKNIESSYRRGEAVFELPDDIEVESAIKAIDEANYQAGEIEEVSSLENVALI
NEDNYDLLIIGSGAAAFSSAIKAIEYGAKVGMIERGTVGGTCVNIGCVPSKTLLRAGEIIHLSKDNPFIGLQTSAGEVDL
ASLITQKDKLVSELRNQKYMDLIDEYNFDLIKGEAKFVDASTVEVNGAKLSAKRFLIATGASPSLPQISGLEKMDYLTST
TLLELKKIPKRLTVIGSGYIGMELGQLFHHLGSEITLMQRSERLLKEYDPEISESVEKALIEQGINLVKGATFERVEQSG
EIKRVYVTVNGSREVIESDQLLVATGRKPNTDSLNLSAAGVETGKNNEILINDFGQTSNEKIYAAGDVTLGPQFVYVAAY
EGGIITDNAIGGLNKKIDLSVVPAVTFTNPTVATVGLTEEQAKEKGYDVKTSVLPLDAVPRAIVNRETTGVFKLVADAET
LKVLGVHIVSENAGDVIYAASLAVKFGLTVEDLTETLAPYLTMAEGLKLAALTFDKDIWKLSCCAGLEHHHHHH
;
_entity_poly.pdbx_strand_id   B,A,C,D,E,F
#
loop_
_chem_comp.id
_chem_comp.type
_chem_comp.name
_chem_comp.formula
FAD non-polymer 'FLAVIN-ADENINE DINUCLEOTIDE' 'C27 H33 N9 O15 P2'
#
# COMPACT_ATOMS: atom_id res chain seq x y z
N GLU A 82 57.67 -16.37 -14.58
CA GLU A 82 58.64 -15.87 -13.60
C GLU A 82 58.09 -14.69 -12.82
N ASP A 83 56.78 -14.43 -12.95
CA ASP A 83 56.09 -13.36 -12.25
C ASP A 83 55.15 -13.93 -11.20
N ASN A 84 54.49 -13.03 -10.47
CA ASN A 84 53.64 -13.42 -9.37
C ASN A 84 52.24 -13.78 -9.84
N TYR A 85 51.69 -13.04 -10.80
CA TYR A 85 50.34 -13.25 -11.29
C TYR A 85 50.30 -13.09 -12.79
N ASP A 86 49.31 -13.73 -13.41
CA ASP A 86 49.05 -13.52 -14.83
C ASP A 86 48.30 -12.21 -15.06
N LEU A 87 47.40 -11.86 -14.15
CA LEU A 87 46.63 -10.63 -14.25
C LEU A 87 46.33 -10.12 -12.85
N LEU A 88 46.68 -8.87 -12.59
CA LEU A 88 46.45 -8.25 -11.29
C LEU A 88 45.46 -7.12 -11.46
N ILE A 89 44.40 -7.15 -10.65
CA ILE A 89 43.31 -6.19 -10.71
C ILE A 89 43.38 -5.31 -9.47
N ILE A 90 43.33 -4.00 -9.67
CA ILE A 90 43.25 -3.04 -8.58
C ILE A 90 41.78 -2.65 -8.47
N GLY A 91 41.08 -3.26 -7.52
CA GLY A 91 39.67 -2.98 -7.31
C GLY A 91 38.85 -4.22 -7.04
N SER A 92 37.62 -4.01 -6.55
CA SER A 92 36.72 -5.11 -6.24
C SER A 92 35.30 -4.82 -6.73
N GLY A 93 35.12 -3.86 -7.63
CA GLY A 93 33.81 -3.48 -8.12
C GLY A 93 33.34 -4.40 -9.23
N ALA A 94 32.34 -3.92 -9.97
CA ALA A 94 31.76 -4.73 -11.04
C ALA A 94 32.81 -5.06 -12.09
N ALA A 95 33.62 -4.08 -12.49
CA ALA A 95 34.65 -4.34 -13.48
C ALA A 95 35.67 -5.34 -12.96
N ALA A 96 36.06 -5.22 -11.69
CA ALA A 96 37.06 -6.12 -11.13
C ALA A 96 36.56 -7.56 -11.14
N PHE A 97 35.32 -7.77 -10.70
CA PHE A 97 34.79 -9.13 -10.67
C PHE A 97 34.58 -9.67 -12.08
N SER A 98 33.93 -8.90 -12.95
CA SER A 98 33.74 -9.35 -14.34
C SER A 98 35.05 -9.77 -14.97
N SER A 99 36.08 -8.93 -14.82
CA SER A 99 37.39 -9.25 -15.38
C SER A 99 37.98 -10.50 -14.73
N ALA A 100 37.78 -10.66 -13.41
CA ALA A 100 38.29 -11.83 -12.72
C ALA A 100 37.65 -13.11 -13.25
N ILE A 101 36.32 -13.09 -13.42
CA ILE A 101 35.61 -14.25 -13.96
C ILE A 101 36.15 -14.57 -15.35
N LYS A 102 36.04 -13.61 -16.28
CA LYS A 102 36.43 -13.87 -17.65
C LYS A 102 37.89 -14.26 -17.75
N ALA A 103 38.73 -13.81 -16.82
CA ALA A 103 40.14 -14.13 -16.84
C ALA A 103 40.40 -15.55 -16.34
N ILE A 104 39.71 -15.95 -15.26
CA ILE A 104 39.86 -17.31 -14.78
C ILE A 104 39.32 -18.29 -15.81
N GLU A 105 38.33 -17.88 -16.59
CA GLU A 105 37.84 -18.75 -17.67
C GLU A 105 38.98 -19.15 -18.60
N TYR A 106 39.91 -18.25 -18.87
CA TYR A 106 41.08 -18.58 -19.68
C TYR A 106 42.12 -19.39 -18.92
N GLY A 107 41.92 -19.64 -17.63
CA GLY A 107 42.87 -20.42 -16.86
C GLY A 107 44.10 -19.64 -16.45
N ALA A 108 43.93 -18.41 -15.99
CA ALA A 108 45.02 -17.52 -15.63
C ALA A 108 45.02 -17.28 -14.13
N LYS A 109 46.22 -17.20 -13.54
CA LYS A 109 46.36 -16.82 -12.15
C LYS A 109 46.10 -15.32 -12.03
N VAL A 110 45.07 -14.95 -11.27
CA VAL A 110 44.68 -13.55 -11.15
C VAL A 110 44.64 -13.14 -9.69
N GLY A 111 44.76 -11.84 -9.46
CA GLY A 111 44.70 -11.29 -8.11
C GLY A 111 43.76 -10.11 -8.05
N MET A 112 43.10 -9.96 -6.90
CA MET A 112 42.19 -8.86 -6.66
C MET A 112 42.68 -8.07 -5.45
N ILE A 113 43.09 -6.83 -5.69
CA ILE A 113 43.58 -5.94 -4.64
C ILE A 113 42.45 -4.99 -4.26
N GLU A 114 41.98 -5.07 -3.01
CA GLU A 114 40.89 -4.25 -2.54
C GLU A 114 41.37 -3.32 -1.43
N ARG A 115 41.07 -2.04 -1.57
CA ARG A 115 41.49 -1.06 -0.58
C ARG A 115 40.63 -1.15 0.67
N GLY A 116 39.32 -1.28 0.52
CA GLY A 116 38.42 -1.31 1.66
C GLY A 116 37.44 -2.46 1.63
N THR A 117 36.15 -2.14 1.71
CA THR A 117 35.12 -3.17 1.77
C THR A 117 34.90 -3.79 0.40
N VAL A 118 34.87 -5.12 0.35
CA VAL A 118 34.72 -5.82 -0.91
C VAL A 118 33.35 -5.51 -1.52
N GLY A 119 33.27 -5.59 -2.85
CA GLY A 119 32.04 -5.43 -3.58
C GLY A 119 31.94 -4.17 -4.41
N GLY A 120 32.68 -3.13 -4.06
CA GLY A 120 32.62 -1.90 -4.82
C GLY A 120 31.47 -1.01 -4.40
N THR A 121 31.11 -0.10 -5.30
CA THR A 121 30.13 0.92 -4.99
C THR A 121 28.70 0.39 -5.08
N CYS A 122 28.40 -0.36 -6.15
CA CYS A 122 27.00 -0.70 -6.45
C CYS A 122 26.36 -1.46 -5.31
N VAL A 123 27.11 -2.36 -4.67
CA VAL A 123 26.51 -3.27 -3.69
C VAL A 123 26.39 -2.61 -2.32
N ASN A 124 27.38 -1.82 -1.93
CA ASN A 124 27.46 -1.31 -0.57
C ASN A 124 26.93 0.12 -0.43
N ILE A 125 27.31 1.02 -1.33
CA ILE A 125 26.98 2.43 -1.18
C ILE A 125 26.12 2.96 -2.31
N GLY A 126 25.95 2.21 -3.40
CA GLY A 126 25.38 2.78 -4.60
C GLY A 126 23.98 2.33 -4.96
N CYS A 127 23.89 1.49 -5.97
CA CYS A 127 22.62 1.15 -6.58
C CYS A 127 21.68 0.49 -5.58
N VAL A 128 22.10 -0.63 -5.02
CA VAL A 128 21.21 -1.50 -4.23
C VAL A 128 20.58 -0.69 -3.09
N PRO A 129 21.35 -0.04 -2.23
CA PRO A 129 20.72 0.73 -1.14
C PRO A 129 19.77 1.81 -1.65
N SER A 130 20.23 2.64 -2.58
CA SER A 130 19.39 3.72 -3.11
C SER A 130 18.05 3.19 -3.60
N LYS A 131 18.05 2.08 -4.33
CA LYS A 131 16.82 1.59 -4.95
C LYS A 131 15.91 0.87 -3.95
N THR A 132 16.48 0.12 -2.99
CA THR A 132 15.61 -0.51 -2.00
C THR A 132 14.93 0.56 -1.14
N LEU A 133 15.69 1.55 -0.67
CA LEU A 133 15.07 2.65 0.06
C LEU A 133 14.06 3.37 -0.81
N LEU A 134 14.38 3.56 -2.09
CA LEU A 134 13.41 4.19 -2.98
C LEU A 134 12.12 3.39 -3.07
N ARG A 135 12.24 2.06 -3.09
CA ARG A 135 11.05 1.22 -3.09
C ARG A 135 10.21 1.49 -1.86
N ALA A 136 10.84 1.49 -0.68
CA ALA A 136 10.10 1.80 0.54
C ALA A 136 9.41 3.16 0.43
N GLY A 137 10.15 4.18 -0.01
CA GLY A 137 9.56 5.51 -0.14
C GLY A 137 8.37 5.54 -1.08
N GLU A 138 8.46 4.80 -2.18
CA GLU A 138 7.34 4.74 -3.11
C GLU A 138 6.14 4.09 -2.45
N ILE A 139 6.38 3.04 -1.65
CA ILE A 139 5.28 2.37 -0.95
C ILE A 139 4.59 3.34 0.00
N ILE A 140 5.37 4.04 0.84
CA ILE A 140 4.74 4.94 1.80
C ILE A 140 4.05 6.09 1.09
N HIS A 141 4.63 6.56 -0.03
CA HIS A 141 4.01 7.65 -0.76
C HIS A 141 2.67 7.23 -1.35
N LEU A 142 2.60 6.04 -1.94
CA LEU A 142 1.32 5.57 -2.45
C LEU A 142 0.34 5.32 -1.32
N SER A 143 0.83 4.96 -0.13
CA SER A 143 -0.07 4.75 1.01
C SER A 143 -0.65 6.07 1.50
N LYS A 144 0.12 7.15 1.40
CA LYS A 144 -0.32 8.44 1.95
C LYS A 144 -1.20 9.20 0.96
N ASP A 145 -0.87 9.13 -0.34
CA ASP A 145 -1.58 9.90 -1.36
C ASP A 145 -1.73 9.03 -2.60
N ASN A 146 -2.97 8.68 -2.94
CA ASN A 146 -3.28 7.94 -4.16
C ASN A 146 -4.53 8.54 -4.80
N PRO A 147 -4.69 8.38 -6.12
CA PRO A 147 -5.83 9.04 -6.80
C PRO A 147 -7.15 8.31 -6.68
N PHE A 148 -7.17 7.11 -6.11
CA PHE A 148 -8.40 6.32 -6.03
C PHE A 148 -9.16 6.71 -4.77
N ILE A 149 -10.46 6.99 -4.94
CA ILE A 149 -11.22 7.64 -3.88
C ILE A 149 -11.59 6.64 -2.79
N GLY A 150 -12.19 5.52 -3.17
CA GLY A 150 -12.70 4.58 -2.19
C GLY A 150 -11.67 4.10 -1.18
N LEU A 151 -10.39 4.17 -1.52
CA LEU A 151 -9.36 3.67 -0.61
C LEU A 151 -9.23 4.58 0.61
N GLN A 152 -9.08 3.96 1.78
CA GLN A 152 -8.86 4.67 3.05
C GLN A 152 -7.53 4.19 3.60
N THR A 153 -6.44 4.70 3.03
CA THR A 153 -5.09 4.36 3.43
C THR A 153 -4.41 5.57 4.07
N SER A 154 -3.44 5.29 4.93
CA SER A 154 -2.70 6.34 5.61
C SER A 154 -1.27 5.90 5.83
N ALA A 155 -0.39 6.88 6.04
CA ALA A 155 1.03 6.63 6.25
C ALA A 155 1.52 7.48 7.41
N GLY A 156 1.97 6.82 8.47
CA GLY A 156 2.44 7.51 9.66
C GLY A 156 3.91 7.88 9.55
N GLU A 157 4.43 8.41 10.66
CA GLU A 157 5.83 8.78 10.71
C GLU A 157 6.71 7.56 10.48
N VAL A 158 7.87 7.79 9.92
CA VAL A 158 8.76 6.71 9.48
C VAL A 158 9.87 6.54 10.49
N ASP A 159 10.23 5.28 10.76
CA ASP A 159 11.38 4.95 11.60
C ASP A 159 12.56 4.69 10.68
N LEU A 160 13.32 5.73 10.40
CA LEU A 160 14.41 5.62 9.43
C LEU A 160 15.45 4.62 9.90
N ALA A 161 15.69 4.52 11.21
CA ALA A 161 16.68 3.57 11.72
C ALA A 161 16.39 2.15 11.23
N SER A 162 15.11 1.74 11.27
CA SER A 162 14.77 0.40 10.79
C SER A 162 15.05 0.26 9.30
N LEU A 163 14.70 1.28 8.51
CA LEU A 163 14.95 1.20 7.07
C LEU A 163 16.43 1.06 6.78
N ILE A 164 17.28 1.77 7.52
CA ILE A 164 18.71 1.74 7.24
C ILE A 164 19.34 0.45 7.71
N THR A 165 18.96 -0.04 8.89
CA THR A 165 19.52 -1.31 9.35
C THR A 165 19.07 -2.46 8.46
N GLN A 166 17.79 -2.48 8.06
CA GLN A 166 17.32 -3.49 7.11
C GLN A 166 18.06 -3.38 5.79
N LYS A 167 18.25 -2.16 5.30
CA LYS A 167 19.06 -1.94 4.11
C LYS A 167 20.43 -2.59 4.25
N ASP A 168 21.11 -2.33 5.38
CA ASP A 168 22.44 -2.88 5.58
C ASP A 168 22.40 -4.40 5.63
N LYS A 169 21.36 -4.97 6.25
CA LYS A 169 21.19 -6.43 6.22
C LYS A 169 21.06 -6.92 4.77
N LEU A 170 20.41 -6.13 3.92
CA LEU A 170 20.21 -6.55 2.53
C LEU A 170 21.50 -6.50 1.73
N VAL A 171 22.30 -5.44 1.91
CA VAL A 171 23.57 -5.36 1.19
C VAL A 171 24.53 -6.41 1.72
N SER A 172 24.42 -6.76 3.01
CA SER A 172 25.25 -7.84 3.54
C SER A 172 24.87 -9.17 2.93
N GLU A 173 23.58 -9.49 2.91
CA GLU A 173 23.13 -10.71 2.23
C GLU A 173 23.61 -10.73 0.79
N LEU A 174 23.48 -9.61 0.09
CA LEU A 174 23.79 -9.58 -1.33
C LEU A 174 25.28 -9.74 -1.57
N ARG A 175 26.11 -9.00 -0.86
CA ARG A 175 27.55 -9.18 -0.97
C ARG A 175 27.96 -10.60 -0.61
N ASN A 176 27.24 -11.22 0.32
CA ASN A 176 27.50 -12.60 0.67
C ASN A 176 27.18 -13.54 -0.50
N GLN A 177 26.11 -13.27 -1.23
CA GLN A 177 25.86 -14.01 -2.46
C GLN A 177 26.93 -13.73 -3.51
N LYS A 178 27.51 -12.53 -3.47
CA LYS A 178 28.63 -12.20 -4.35
C LYS A 178 29.90 -12.95 -3.99
N TYR A 179 30.03 -13.38 -2.74
CA TYR A 179 31.17 -14.22 -2.35
C TYR A 179 31.15 -15.60 -2.99
N MET A 180 30.04 -15.99 -3.61
CA MET A 180 30.01 -17.27 -4.33
C MET A 180 31.11 -17.34 -5.37
N ASP A 181 31.57 -16.20 -5.86
CA ASP A 181 32.69 -16.16 -6.80
C ASP A 181 34.03 -16.41 -6.11
N LEU A 182 34.10 -16.22 -4.79
CA LEU A 182 35.34 -16.47 -4.06
C LEU A 182 35.68 -17.94 -3.97
N ILE A 183 34.68 -18.83 -4.11
CA ILE A 183 34.90 -20.27 -4.07
C ILE A 183 34.63 -20.92 -5.42
N ASP A 184 33.59 -20.48 -6.13
CA ASP A 184 33.28 -21.05 -7.43
C ASP A 184 34.43 -20.84 -8.41
N GLU A 185 35.03 -19.66 -8.37
CA GLU A 185 36.15 -19.29 -9.24
C GLU A 185 37.41 -19.31 -8.38
N TYR A 186 37.87 -20.51 -8.05
CA TYR A 186 38.94 -20.69 -7.07
C TYR A 186 40.29 -20.20 -7.55
N ASN A 187 40.34 -19.38 -8.58
CA ASN A 187 41.61 -18.88 -9.13
C ASN A 187 42.05 -17.59 -8.45
N PHE A 188 41.18 -16.59 -8.38
CA PHE A 188 41.62 -15.27 -7.95
C PHE A 188 41.86 -15.23 -6.45
N ASP A 189 42.80 -14.37 -6.06
CA ASP A 189 43.25 -14.23 -4.68
C ASP A 189 42.92 -12.83 -4.21
N LEU A 190 42.24 -12.73 -3.08
CA LEU A 190 41.82 -11.44 -2.55
C LEU A 190 42.96 -10.88 -1.70
N ILE A 191 43.62 -9.86 -2.21
CA ILE A 191 44.65 -9.11 -1.49
C ILE A 191 44.03 -7.80 -1.03
N LYS A 192 44.16 -7.49 0.25
CA LYS A 192 43.51 -6.32 0.82
C LYS A 192 44.57 -5.29 1.20
N GLY A 193 44.38 -4.08 0.73
CA GLY A 193 45.31 -2.98 0.95
C GLY A 193 45.24 -2.00 -0.20
N GLU A 194 45.80 -0.82 0.02
CA GLU A 194 45.84 0.22 -1.00
C GLU A 194 47.08 0.03 -1.85
N ALA A 195 46.88 0.02 -3.17
CA ALA A 195 47.95 -0.24 -4.12
C ALA A 195 48.42 1.05 -4.77
N LYS A 196 49.72 1.15 -5.00
CA LYS A 196 50.28 2.25 -5.78
C LYS A 196 51.34 1.69 -6.71
N PHE A 197 51.46 2.28 -7.89
CA PHE A 197 52.45 1.83 -8.85
C PHE A 197 53.84 2.38 -8.52
N VAL A 198 54.83 1.51 -8.62
CA VAL A 198 56.23 1.90 -8.43
C VAL A 198 57.08 1.64 -9.67
N ASP A 199 56.53 0.95 -10.67
CA ASP A 199 57.28 0.56 -11.86
C ASP A 199 56.27 0.36 -12.98
N ALA A 200 56.79 0.30 -14.21
CA ALA A 200 55.92 0.06 -15.35
C ALA A 200 55.27 -1.31 -15.32
N SER A 201 55.72 -2.21 -14.45
CA SER A 201 55.19 -3.57 -14.42
C SER A 201 54.97 -4.13 -13.02
N THR A 202 55.21 -3.35 -11.96
CA THR A 202 55.05 -3.84 -10.60
C THR A 202 54.29 -2.81 -9.77
N VAL A 203 53.60 -3.30 -8.74
CA VAL A 203 52.84 -2.45 -7.84
C VAL A 203 53.29 -2.74 -6.41
N GLU A 204 52.89 -1.87 -5.50
CA GLU A 204 53.16 -2.03 -4.07
C GLU A 204 51.85 -1.90 -3.30
N VAL A 205 51.61 -2.86 -2.41
CA VAL A 205 50.42 -2.88 -1.56
C VAL A 205 50.85 -3.35 -0.18
N ASN A 206 50.43 -2.62 0.85
CA ASN A 206 50.66 -2.99 2.24
C ASN A 206 52.13 -3.20 2.56
N GLY A 207 53.03 -2.68 1.71
CA GLY A 207 54.45 -2.81 1.89
C GLY A 207 55.11 -3.75 0.89
N ALA A 208 54.41 -4.80 0.47
CA ALA A 208 54.99 -5.79 -0.42
C ALA A 208 54.77 -5.39 -1.88
N LYS A 209 55.66 -5.89 -2.75
CA LYS A 209 55.61 -5.61 -4.17
C LYS A 209 55.09 -6.82 -4.92
N LEU A 210 54.42 -6.57 -6.05
CA LEU A 210 53.78 -7.61 -6.83
C LEU A 210 53.94 -7.32 -8.32
N SER A 211 54.40 -8.32 -9.07
CA SER A 211 54.53 -8.23 -10.52
C SER A 211 53.40 -8.99 -11.20
N ALA A 212 53.17 -8.66 -12.47
CA ALA A 212 52.14 -9.33 -13.23
C ALA A 212 52.34 -9.04 -14.72
N LYS A 213 51.97 -10.00 -15.56
CA LYS A 213 52.05 -9.80 -17.00
C LYS A 213 51.00 -8.80 -17.48
N ARG A 214 49.83 -8.77 -16.85
CA ARG A 214 48.77 -7.85 -17.21
C ARG A 214 48.18 -7.20 -15.96
N PHE A 215 47.75 -5.95 -16.11
CA PHE A 215 47.15 -5.19 -15.03
C PHE A 215 45.80 -4.66 -15.47
N LEU A 216 44.84 -4.66 -14.56
CA LEU A 216 43.56 -4.00 -14.76
C LEU A 216 43.37 -2.98 -13.66
N ILE A 217 43.16 -1.72 -14.05
CA ILE A 217 42.92 -0.64 -13.10
C ILE A 217 41.42 -0.40 -13.12
N ALA A 218 40.72 -1.07 -12.20
CA ALA A 218 39.29 -0.88 -12.00
C ALA A 218 39.06 -0.18 -10.67
N THR A 219 39.65 1.00 -10.51
CA THR A 219 39.65 1.71 -9.25
C THR A 219 38.35 2.49 -8.99
N GLY A 220 37.46 2.59 -9.96
CA GLY A 220 36.18 3.25 -9.75
C GLY A 220 36.29 4.75 -9.53
N ALA A 221 35.24 5.31 -8.94
CA ALA A 221 35.15 6.73 -8.67
C ALA A 221 34.62 6.96 -7.26
N SER A 222 34.75 8.19 -6.79
CA SER A 222 34.32 8.58 -5.46
C SER A 222 33.61 9.92 -5.53
N PRO A 223 32.85 10.28 -4.50
CA PRO A 223 32.09 11.54 -4.54
C PRO A 223 32.99 12.75 -4.75
N SER A 224 32.63 13.58 -5.73
CA SER A 224 33.36 14.80 -6.02
C SER A 224 32.72 15.98 -5.31
N LEU A 225 33.54 17.02 -5.11
CA LEU A 225 33.09 18.23 -4.42
C LEU A 225 33.11 19.43 -5.37
N PRO A 226 32.20 20.38 -5.19
CA PRO A 226 32.22 21.60 -6.01
C PRO A 226 33.18 22.63 -5.44
N GLN A 227 33.36 23.70 -6.20
CA GLN A 227 34.25 24.80 -5.82
C GLN A 227 33.40 26.01 -5.39
N ILE A 228 32.76 25.87 -4.23
CA ILE A 228 31.97 26.96 -3.66
C ILE A 228 32.46 27.23 -2.25
N SER A 229 32.48 28.51 -1.87
CA SER A 229 33.08 28.93 -0.63
C SER A 229 32.32 28.38 0.57
N GLY A 230 33.06 28.02 1.62
CA GLY A 230 32.48 27.63 2.88
C GLY A 230 32.15 26.16 3.01
N LEU A 231 31.89 25.48 1.90
CA LEU A 231 31.55 24.06 1.95
C LEU A 231 32.71 23.21 2.46
N GLU A 232 33.94 23.71 2.39
CA GLU A 232 35.08 22.93 2.85
C GLU A 232 34.89 22.46 4.29
N LYS A 233 34.76 23.41 5.22
CA LYS A 233 34.52 23.13 6.63
C LYS A 233 33.03 23.21 6.88
N MET A 234 32.34 22.08 6.70
CA MET A 234 30.89 22.05 6.79
C MET A 234 30.43 20.62 6.99
N ASP A 235 29.26 20.47 7.62
CA ASP A 235 28.69 19.15 7.90
C ASP A 235 27.75 18.71 6.77
N TYR A 236 28.32 18.59 5.59
CA TYR A 236 27.60 18.20 4.39
C TYR A 236 27.56 16.69 4.24
N LEU A 237 26.61 16.22 3.45
CA LEU A 237 26.43 14.79 3.18
C LEU A 237 26.73 14.49 1.72
N THR A 238 27.20 13.27 1.47
CA THR A 238 27.42 12.77 0.13
C THR A 238 26.48 11.59 -0.13
N SER A 239 26.50 11.11 -1.37
CA SER A 239 25.69 9.95 -1.73
C SER A 239 25.90 8.80 -0.75
N THR A 240 27.12 8.66 -0.23
CA THR A 240 27.41 7.56 0.67
C THR A 240 27.00 7.86 2.10
N THR A 241 27.13 9.12 2.52
CA THR A 241 26.80 9.48 3.91
C THR A 241 25.30 9.58 4.12
N LEU A 242 24.57 10.10 3.13
CA LEU A 242 23.12 10.25 3.28
C LEU A 242 22.45 8.90 3.46
N LEU A 243 22.93 7.88 2.75
CA LEU A 243 22.37 6.55 2.89
C LEU A 243 22.65 5.92 4.25
N GLU A 244 23.43 6.59 5.09
CA GLU A 244 23.67 6.15 6.46
C GLU A 244 22.88 6.95 7.48
N LEU A 245 22.34 8.10 7.09
CA LEU A 245 21.60 8.94 8.01
C LEU A 245 20.40 8.18 8.57
N LYS A 246 20.28 8.17 9.91
CA LYS A 246 19.19 7.49 10.58
C LYS A 246 18.24 8.46 11.28
N LYS A 247 18.23 9.73 10.87
CA LYS A 247 17.33 10.73 11.42
C LYS A 247 16.81 11.56 10.26
N ILE A 248 15.50 11.46 10.00
CA ILE A 248 14.91 12.13 8.83
C ILE A 248 15.01 13.64 9.03
N PRO A 249 15.75 14.35 8.17
CA PRO A 249 15.82 15.81 8.32
C PRO A 249 14.49 16.45 7.94
N LYS A 250 14.12 17.48 8.70
CA LYS A 250 12.91 18.23 8.35
C LYS A 250 13.05 18.93 7.02
N ARG A 251 14.27 19.23 6.59
CA ARG A 251 14.49 19.83 5.29
C ARG A 251 15.90 19.49 4.81
N LEU A 252 15.97 19.05 3.55
CA LEU A 252 17.21 18.60 2.93
C LEU A 252 17.38 19.35 1.62
N THR A 253 18.55 19.97 1.44
CA THR A 253 18.89 20.65 0.20
C THR A 253 19.83 19.77 -0.61
N VAL A 254 19.56 19.62 -1.90
CA VAL A 254 20.38 18.82 -2.79
C VAL A 254 21.09 19.76 -3.76
N ILE A 255 22.40 19.56 -3.93
CA ILE A 255 23.21 20.32 -4.88
C ILE A 255 23.75 19.33 -5.91
N GLY A 256 23.07 19.23 -7.05
CA GLY A 256 23.51 18.31 -8.08
C GLY A 256 22.62 18.31 -9.31
N SER A 257 23.24 18.25 -10.49
CA SER A 257 22.51 18.20 -11.75
C SER A 257 22.29 16.77 -12.23
N GLY A 258 22.94 15.79 -11.61
CA GLY A 258 22.86 14.42 -12.04
C GLY A 258 21.62 13.70 -11.54
N TYR A 259 21.59 12.39 -11.80
CA TYR A 259 20.47 11.55 -11.44
C TYR A 259 20.50 11.14 -9.98
N ILE A 260 21.69 11.04 -9.38
CA ILE A 260 21.76 10.66 -7.97
C ILE A 260 21.04 11.67 -7.11
N GLY A 261 21.24 12.96 -7.38
CA GLY A 261 20.55 13.99 -6.63
C GLY A 261 19.04 13.84 -6.72
N MET A 262 18.54 13.53 -7.91
CA MET A 262 17.10 13.36 -8.07
C MET A 262 16.61 12.14 -7.29
N GLU A 263 17.32 11.01 -7.42
CA GLU A 263 16.87 9.79 -6.77
C GLU A 263 16.82 9.96 -5.26
N LEU A 264 17.92 10.42 -4.66
CA LEU A 264 17.96 10.60 -3.22
C LEU A 264 16.99 11.70 -2.78
N GLY A 265 16.92 12.79 -3.54
CA GLY A 265 16.00 13.86 -3.21
C GLY A 265 14.57 13.37 -3.13
N GLN A 266 14.08 12.71 -4.18
CA GLN A 266 12.73 12.20 -4.17
C GLN A 266 12.55 11.14 -3.09
N LEU A 267 13.57 10.32 -2.86
CA LEU A 267 13.50 9.35 -1.78
C LEU A 267 13.15 10.02 -0.47
N PHE A 268 13.92 11.05 -0.09
CA PHE A 268 13.65 11.69 1.18
C PHE A 268 12.40 12.56 1.16
N HIS A 269 11.97 13.00 -0.02
CA HIS A 269 10.68 13.67 -0.10
C HIS A 269 9.55 12.72 0.24
N HIS A 270 9.62 11.49 -0.28
CA HIS A 270 8.61 10.48 0.00
C HIS A 270 8.69 9.98 1.44
N LEU A 271 9.85 10.11 2.10
CA LEU A 271 9.99 9.76 3.51
C LEU A 271 9.49 10.85 4.43
N GLY A 272 9.03 11.98 3.90
CA GLY A 272 8.51 13.05 4.73
C GLY A 272 9.58 14.08 5.02
N SER A 273 9.97 14.83 4.01
CA SER A 273 11.00 15.84 4.18
C SER A 273 10.89 16.83 3.04
N GLU A 274 10.99 18.12 3.36
CA GLU A 274 10.90 19.16 2.35
C GLU A 274 12.20 19.21 1.57
N ILE A 275 12.12 18.94 0.27
CA ILE A 275 13.31 18.83 -0.57
C ILE A 275 13.41 20.07 -1.45
N THR A 276 14.66 20.48 -1.69
CA THR A 276 14.97 21.61 -2.56
C THR A 276 16.16 21.22 -3.42
N LEU A 277 15.93 21.02 -4.71
CA LEU A 277 16.98 20.69 -5.66
C LEU A 277 17.56 21.98 -6.24
N MET A 278 18.89 22.09 -6.21
CA MET A 278 19.58 23.29 -6.66
C MET A 278 20.62 22.90 -7.70
N GLN A 279 20.59 23.56 -8.85
CA GLN A 279 21.55 23.30 -9.90
C GLN A 279 21.75 24.56 -10.74
N ARG A 280 22.83 24.56 -11.51
CA ARG A 280 23.14 25.68 -12.38
C ARG A 280 22.52 25.52 -13.75
N SER A 281 22.44 24.30 -14.26
CA SER A 281 21.76 24.07 -15.53
C SER A 281 20.32 24.55 -15.42
N GLU A 282 19.85 25.23 -16.46
CA GLU A 282 18.50 25.80 -16.43
C GLU A 282 17.43 24.77 -16.79
N ARG A 283 17.83 23.59 -17.28
CA ARG A 283 16.91 22.52 -17.63
C ARG A 283 17.29 21.29 -16.84
N LEU A 284 16.31 20.68 -16.18
CA LEU A 284 16.54 19.42 -15.51
C LEU A 284 17.10 18.40 -16.50
N LEU A 285 18.24 17.79 -16.14
CA LEU A 285 18.90 16.86 -17.05
C LEU A 285 19.19 17.54 -18.38
N LYS A 286 20.23 18.37 -18.42
CA LYS A 286 20.49 19.19 -19.59
C LYS A 286 20.78 18.35 -20.83
N GLU A 287 21.35 17.16 -20.64
CA GLU A 287 21.76 16.33 -21.77
C GLU A 287 20.61 15.60 -22.44
N TYR A 288 19.44 15.54 -21.80
CA TYR A 288 18.31 14.83 -22.34
C TYR A 288 17.54 15.72 -23.32
N ASP A 289 16.47 15.17 -23.90
CA ASP A 289 15.64 15.93 -24.80
C ASP A 289 14.87 16.99 -24.03
N PRO A 290 14.44 18.06 -24.70
CA PRO A 290 13.67 19.09 -23.99
C PRO A 290 12.37 18.57 -23.40
N GLU A 291 11.65 17.72 -24.13
CA GLU A 291 10.37 17.23 -23.64
C GLU A 291 10.56 16.38 -22.39
N ILE A 292 11.65 15.61 -22.34
CA ILE A 292 11.94 14.81 -21.16
C ILE A 292 12.18 15.72 -19.95
N SER A 293 13.04 16.73 -20.12
CA SER A 293 13.32 17.64 -19.02
C SER A 293 12.03 18.32 -18.55
N GLU A 294 11.29 18.92 -19.48
CA GLU A 294 10.05 19.60 -19.12
C GLU A 294 9.11 18.66 -18.37
N SER A 295 8.99 17.42 -18.84
CA SER A 295 8.04 16.49 -18.24
C SER A 295 8.48 16.11 -16.83
N VAL A 296 9.68 15.58 -16.68
CA VAL A 296 10.14 15.13 -15.37
C VAL A 296 10.12 16.28 -14.38
N GLU A 297 10.46 17.49 -14.84
CA GLU A 297 10.37 18.67 -13.98
C GLU A 297 8.93 18.92 -13.56
N LYS A 298 8.00 18.83 -14.51
CA LYS A 298 6.59 19.01 -14.17
C LYS A 298 6.15 18.03 -13.10
N ALA A 299 6.58 16.78 -13.19
CA ALA A 299 6.22 15.79 -12.19
C ALA A 299 6.85 16.10 -10.84
N LEU A 300 8.12 16.50 -10.83
CA LEU A 300 8.77 16.82 -9.57
C LEU A 300 8.10 17.99 -8.86
N ILE A 301 7.77 19.04 -9.61
CA ILE A 301 7.09 20.19 -9.02
C ILE A 301 5.70 19.79 -8.53
N GLU A 302 4.98 19.00 -9.35
CA GLU A 302 3.67 18.52 -8.94
C GLU A 302 3.75 17.77 -7.61
N GLN A 303 4.79 16.95 -7.42
CA GLN A 303 4.88 16.17 -6.19
C GLN A 303 5.18 17.05 -4.97
N GLY A 304 5.82 18.19 -5.17
CA GLY A 304 6.08 19.10 -4.07
C GLY A 304 7.56 19.37 -3.82
N ILE A 305 8.42 18.89 -4.71
CA ILE A 305 9.85 19.17 -4.61
C ILE A 305 10.10 20.58 -5.11
N ASN A 306 10.86 21.35 -4.34
CA ASN A 306 11.23 22.71 -4.73
C ASN A 306 12.47 22.67 -5.59
N LEU A 307 12.45 23.41 -6.69
CA LEU A 307 13.56 23.46 -7.64
C LEU A 307 14.14 24.86 -7.68
N VAL A 308 15.46 24.95 -7.82
CA VAL A 308 16.18 26.21 -7.94
C VAL A 308 17.15 26.04 -9.10
N LYS A 309 16.75 26.46 -10.28
CA LYS A 309 17.57 26.30 -11.48
C LYS A 309 18.30 27.59 -11.80
N GLY A 310 19.34 27.47 -12.63
CA GLY A 310 20.10 28.62 -13.07
C GLY A 310 20.76 29.39 -11.95
N ALA A 311 21.03 28.74 -10.82
CA ALA A 311 21.61 29.43 -9.67
C ALA A 311 23.12 29.53 -9.80
N THR A 312 23.68 30.64 -9.32
CA THR A 312 25.12 30.84 -9.24
C THR A 312 25.53 30.68 -7.78
N PHE A 313 26.30 29.65 -7.48
CA PHE A 313 26.65 29.31 -6.11
C PHE A 313 27.83 30.15 -5.66
N GLU A 314 27.62 30.97 -4.63
CA GLU A 314 28.61 31.89 -4.11
C GLU A 314 29.20 31.42 -2.79
N ARG A 315 28.35 31.12 -1.80
CA ARG A 315 28.84 30.68 -0.51
C ARG A 315 27.73 29.91 0.20
N VAL A 316 28.14 29.08 1.17
CA VAL A 316 27.22 28.37 2.05
C VAL A 316 27.81 28.38 3.45
N GLU A 317 26.93 28.52 4.45
CA GLU A 317 27.34 28.66 5.84
C GLU A 317 26.57 27.67 6.70
N GLN A 318 27.02 27.53 7.94
CA GLN A 318 26.41 26.63 8.91
C GLN A 318 26.41 27.27 10.28
N SER A 319 25.35 27.02 11.05
CA SER A 319 25.22 27.57 12.40
C SER A 319 24.59 26.51 13.29
N GLY A 320 25.39 25.91 14.16
CA GLY A 320 24.86 24.99 15.16
C GLY A 320 24.20 23.76 14.60
N GLU A 321 24.65 23.27 13.45
CA GLU A 321 24.16 22.01 12.88
C GLU A 321 22.66 22.02 12.65
N ILE A 322 22.06 23.20 12.50
CA ILE A 322 20.62 23.30 12.32
C ILE A 322 20.29 24.44 11.36
N LYS A 323 21.26 24.84 10.55
CA LYS A 323 21.03 25.90 9.60
C LYS A 323 22.02 25.75 8.45
N ARG A 324 21.57 26.10 7.25
CA ARG A 324 22.40 25.96 6.05
C ARG A 324 22.29 27.24 5.21
N VAL A 325 22.87 27.25 4.02
CA VAL A 325 22.83 28.47 3.20
C VAL A 325 22.83 28.16 1.71
N TYR A 326 22.74 29.21 0.90
CA TYR A 326 22.69 29.08 -0.55
C TYR A 326 23.19 30.40 -1.15
N VAL A 327 22.83 30.67 -2.41
CA VAL A 327 23.37 31.82 -3.13
C VAL A 327 22.41 32.34 -4.19
N THR A 328 22.87 33.34 -4.94
CA THR A 328 22.05 34.09 -5.88
C THR A 328 21.54 33.23 -7.04
N VAL A 329 20.46 33.71 -7.65
CA VAL A 329 19.84 33.05 -8.80
C VAL A 329 19.03 34.05 -9.61
N ASN A 330 19.30 34.14 -10.91
CA ASN A 330 18.55 34.99 -11.82
C ASN A 330 18.63 36.47 -11.43
N GLY A 331 19.73 36.86 -10.79
CA GLY A 331 19.95 38.26 -10.45
C GLY A 331 19.39 38.71 -9.12
N SER A 332 19.01 37.79 -8.25
CA SER A 332 18.46 38.14 -6.93
C SER A 332 19.09 37.23 -5.89
N ARG A 333 19.88 37.80 -4.99
CA ARG A 333 20.53 37.01 -3.96
C ARG A 333 19.47 36.33 -3.10
N GLU A 334 19.44 34.99 -3.14
CA GLU A 334 18.50 34.21 -2.35
C GLU A 334 19.26 33.18 -1.52
N VAL A 335 18.61 32.71 -0.46
CA VAL A 335 19.21 31.76 0.46
C VAL A 335 18.20 30.66 0.76
N ILE A 336 18.71 29.43 0.87
CA ILE A 336 17.90 28.26 1.17
C ILE A 336 18.45 27.66 2.46
N GLU A 337 17.73 27.86 3.56
CA GLU A 337 18.09 27.26 4.84
C GLU A 337 17.60 25.81 4.87
N SER A 338 18.41 24.94 5.45
CA SER A 338 18.11 23.50 5.46
C SER A 338 18.59 22.91 6.77
N ASP A 339 18.10 21.70 7.05
CA ASP A 339 18.59 20.91 8.16
C ASP A 339 19.71 19.98 7.73
N GLN A 340 19.74 19.60 6.45
CA GLN A 340 20.84 18.83 5.90
C GLN A 340 21.17 19.30 4.50
N LEU A 341 22.41 19.06 4.09
CA LEU A 341 22.88 19.42 2.78
C LEU A 341 23.54 18.21 2.13
N LEU A 342 23.05 17.84 0.94
CA LEU A 342 23.59 16.75 0.13
C LEU A 342 24.30 17.32 -1.09
N VAL A 343 25.47 16.78 -1.39
CA VAL A 343 26.27 17.21 -2.52
C VAL A 343 26.32 16.06 -3.53
N ALA A 344 25.77 16.30 -4.71
CA ALA A 344 25.76 15.32 -5.79
C ALA A 344 26.30 15.96 -7.08
N THR A 345 27.43 16.67 -6.95
CA THR A 345 28.03 17.33 -8.10
C THR A 345 28.50 16.32 -9.15
N GLY A 346 29.41 15.44 -8.76
CA GLY A 346 29.92 14.45 -9.67
C GLY A 346 30.66 13.36 -8.93
N ARG A 347 31.51 12.65 -9.68
CA ARG A 347 32.31 11.58 -9.10
C ARG A 347 33.69 11.59 -9.77
N LYS A 348 34.78 11.82 -8.93
CA LYS A 348 36.15 11.89 -9.42
C LYS A 348 36.78 10.49 -9.44
N PRO A 349 37.50 10.15 -10.51
CA PRO A 349 38.21 8.86 -10.54
C PRO A 349 39.22 8.78 -9.41
N ASN A 350 39.43 7.55 -8.93
CA ASN A 350 40.38 7.31 -7.84
C ASN A 350 41.75 6.97 -8.43
N THR A 351 42.38 8.01 -8.99
CA THR A 351 43.70 7.88 -9.59
C THR A 351 44.78 8.59 -8.81
N ASP A 352 44.42 9.31 -7.74
CA ASP A 352 45.41 10.07 -6.98
C ASP A 352 46.40 9.15 -6.28
N SER A 353 45.90 8.18 -5.52
CA SER A 353 46.74 7.32 -4.72
C SER A 353 47.46 6.26 -5.54
N LEU A 354 47.25 6.20 -6.85
CA LEU A 354 47.81 5.12 -7.66
C LEU A 354 49.22 5.40 -8.15
N ASN A 355 49.62 6.67 -8.23
CA ASN A 355 50.92 7.02 -8.79
C ASN A 355 51.08 6.46 -10.20
N LEU A 356 50.06 6.70 -11.02
CA LEU A 356 50.07 6.16 -12.39
C LEU A 356 51.27 6.67 -13.17
N SER A 357 51.78 7.85 -12.82
CA SER A 357 52.92 8.41 -13.52
C SER A 357 54.17 7.54 -13.40
N ALA A 358 54.23 6.67 -12.39
CA ALA A 358 55.35 5.75 -12.26
C ALA A 358 55.23 4.55 -13.19
N ALA A 359 54.08 4.36 -13.84
CA ALA A 359 53.87 3.24 -14.75
C ALA A 359 53.62 3.68 -16.18
N GLY A 360 53.62 4.98 -16.46
CA GLY A 360 53.38 5.44 -17.82
C GLY A 360 51.95 5.23 -18.27
N VAL A 361 50.99 5.68 -17.47
CA VAL A 361 49.57 5.58 -17.78
C VAL A 361 49.04 7.00 -17.90
N GLU A 362 48.46 7.31 -19.05
CA GLU A 362 48.00 8.67 -19.30
C GLU A 362 46.73 8.95 -18.50
N THR A 363 46.61 10.20 -18.02
CA THR A 363 45.39 10.66 -17.36
C THR A 363 44.85 11.89 -18.08
N GLY A 364 43.52 12.04 -18.03
CA GLY A 364 42.85 13.09 -18.77
C GLY A 364 42.65 14.37 -17.99
N LYS A 365 42.01 15.34 -18.65
CA LYS A 365 41.79 16.64 -18.05
C LYS A 365 40.94 16.55 -16.78
N ASN A 366 40.08 15.54 -16.68
CA ASN A 366 39.23 15.34 -15.52
C ASN A 366 39.75 14.24 -14.60
N ASN A 367 41.05 13.96 -14.65
CA ASN A 367 41.71 13.08 -13.71
C ASN A 367 41.38 11.60 -13.95
N GLU A 368 40.91 11.27 -15.15
CA GLU A 368 40.52 9.91 -15.48
C GLU A 368 41.70 9.16 -16.08
N ILE A 369 41.46 7.89 -16.44
CA ILE A 369 42.44 7.08 -17.13
C ILE A 369 42.05 6.97 -18.59
N LEU A 370 42.99 7.26 -19.49
CA LEU A 370 42.74 7.19 -20.92
C LEU A 370 43.02 5.79 -21.43
N ILE A 371 42.11 5.29 -22.26
CA ILE A 371 42.22 4.00 -22.89
C ILE A 371 41.90 4.17 -24.37
N ASN A 372 42.34 3.21 -25.17
CA ASN A 372 42.02 3.17 -26.59
C ASN A 372 40.70 2.42 -26.78
N ASP A 373 40.39 2.04 -28.02
CA ASP A 373 39.15 1.32 -28.29
C ASP A 373 39.12 -0.05 -27.64
N PHE A 374 40.29 -0.61 -27.30
CA PHE A 374 40.39 -1.93 -26.70
C PHE A 374 40.57 -1.89 -25.19
N GLY A 375 40.53 -0.71 -24.58
CA GLY A 375 40.73 -0.60 -23.14
C GLY A 375 42.17 -0.61 -22.71
N GLN A 376 43.12 -0.45 -23.63
CA GLN A 376 44.54 -0.50 -23.33
C GLN A 376 45.06 0.91 -23.07
N THR A 377 45.80 1.08 -21.99
CA THR A 377 46.37 2.38 -21.66
C THR A 377 47.64 2.61 -22.48
N SER A 378 48.33 3.70 -22.21
CA SER A 378 49.61 3.96 -22.87
C SER A 378 50.63 2.88 -22.56
N ASN A 379 50.48 2.20 -21.43
CA ASN A 379 51.30 1.04 -21.12
C ASN A 379 50.68 -0.20 -21.73
N GLU A 380 51.46 -0.93 -22.52
CA GLU A 380 50.90 -2.04 -23.30
C GLU A 380 50.30 -3.11 -22.40
N LYS A 381 50.81 -3.27 -21.17
CA LYS A 381 50.38 -4.34 -20.28
C LYS A 381 49.56 -3.82 -19.11
N ILE A 382 48.93 -2.66 -19.24
CA ILE A 382 48.02 -2.13 -18.23
C ILE A 382 46.73 -1.73 -18.92
N TYR A 383 45.62 -2.33 -18.50
CA TYR A 383 44.29 -2.00 -19.00
C TYR A 383 43.47 -1.36 -17.89
N ALA A 384 42.39 -0.69 -18.29
CA ALA A 384 41.53 -0.02 -17.33
C ALA A 384 40.07 -0.14 -17.78
N ALA A 385 39.18 -0.14 -16.79
CA ALA A 385 37.75 -0.29 -17.05
C ALA A 385 36.98 0.19 -15.83
N GLY A 386 35.74 0.63 -16.07
CA GLY A 386 34.86 1.06 -15.00
C GLY A 386 34.71 2.56 -14.92
N ASP A 387 34.39 3.07 -13.73
CA ASP A 387 34.16 4.51 -13.58
C ASP A 387 35.46 5.30 -13.73
N VAL A 388 36.60 4.70 -13.39
CA VAL A 388 37.88 5.42 -13.55
C VAL A 388 38.03 5.87 -14.98
N THR A 389 37.63 5.01 -15.92
CA THR A 389 37.47 5.39 -17.32
C THR A 389 36.22 6.27 -17.41
N LEU A 390 36.39 7.58 -17.31
CA LEU A 390 35.22 8.46 -17.22
C LEU A 390 34.33 8.33 -18.45
N GLY A 391 33.62 7.21 -18.53
CA GLY A 391 32.63 6.98 -19.55
C GLY A 391 31.26 6.89 -18.92
N PRO A 392 30.29 6.29 -19.61
CA PRO A 392 28.98 6.07 -18.99
C PRO A 392 29.13 5.37 -17.64
N GLN A 393 28.84 6.09 -16.55
CA GLN A 393 29.14 5.59 -15.21
C GLN A 393 27.99 4.73 -14.73
N PHE A 394 27.96 3.50 -15.23
CA PHE A 394 26.94 2.53 -14.84
C PHE A 394 27.62 1.21 -14.52
N VAL A 395 26.93 0.39 -13.73
CA VAL A 395 27.52 -0.88 -13.30
C VAL A 395 27.58 -1.87 -14.44
N TYR A 396 26.51 -1.92 -15.25
CA TYR A 396 26.51 -2.85 -16.38
C TYR A 396 27.59 -2.49 -17.39
N VAL A 397 27.81 -1.20 -17.61
CA VAL A 397 28.92 -0.78 -18.47
C VAL A 397 30.26 -1.18 -17.85
N ALA A 398 30.34 -1.15 -16.52
CA ALA A 398 31.59 -1.54 -15.86
C ALA A 398 31.87 -3.01 -16.06
N ALA A 399 30.85 -3.86 -15.88
CA ALA A 399 31.04 -5.28 -16.08
C ALA A 399 31.37 -5.59 -17.54
N TYR A 400 30.61 -5.01 -18.48
CA TYR A 400 30.91 -5.19 -19.88
C TYR A 400 32.36 -4.82 -20.19
N GLU A 401 32.76 -3.62 -19.79
CA GLU A 401 34.14 -3.18 -20.02
C GLU A 401 35.14 -4.16 -19.40
N GLY A 402 34.85 -4.65 -18.20
CA GLY A 402 35.74 -5.62 -17.59
C GLY A 402 35.92 -6.87 -18.44
N GLY A 403 34.79 -7.45 -18.88
CA GLY A 403 34.88 -8.64 -19.71
C GLY A 403 35.65 -8.41 -21.00
N ILE A 404 35.30 -7.34 -21.73
CA ILE A 404 35.98 -7.07 -22.99
C ILE A 404 37.48 -6.88 -22.75
N ILE A 405 37.83 -6.04 -21.77
CA ILE A 405 39.23 -5.81 -21.47
C ILE A 405 39.94 -7.14 -21.22
N THR A 406 39.31 -8.03 -20.45
CA THR A 406 39.92 -9.34 -20.23
C THR A 406 40.13 -10.06 -21.55
N ASP A 407 39.13 -10.01 -22.44
CA ASP A 407 39.28 -10.66 -23.75
C ASP A 407 40.50 -10.13 -24.49
N ASN A 408 40.75 -8.83 -24.38
CA ASN A 408 41.88 -8.24 -25.09
C ASN A 408 43.20 -8.63 -24.44
N ALA A 409 43.34 -8.38 -23.13
CA ALA A 409 44.60 -8.65 -22.44
C ALA A 409 44.90 -10.14 -22.43
N ILE A 410 43.93 -10.97 -22.03
CA ILE A 410 44.07 -12.42 -22.02
C ILE A 410 43.27 -12.98 -23.19
N GLY A 411 43.91 -13.79 -24.02
CA GLY A 411 43.27 -14.34 -25.19
C GLY A 411 43.54 -13.56 -26.47
N GLY A 412 44.06 -12.34 -26.36
CA GLY A 412 44.52 -11.61 -27.53
C GLY A 412 43.43 -11.07 -28.42
N LEU A 413 42.20 -11.58 -28.26
CA LEU A 413 41.08 -11.16 -29.09
C LEU A 413 40.96 -9.65 -29.09
N ASN A 414 41.12 -9.03 -30.25
CA ASN A 414 41.06 -7.57 -30.37
C ASN A 414 39.62 -7.16 -30.65
N LYS A 415 38.82 -7.16 -29.58
CA LYS A 415 37.43 -6.73 -29.63
C LYS A 415 37.32 -5.30 -29.12
N LYS A 416 36.58 -4.46 -29.85
CA LYS A 416 36.41 -3.07 -29.46
C LYS A 416 35.29 -2.95 -28.43
N ILE A 417 35.37 -1.87 -27.64
CA ILE A 417 34.35 -1.60 -26.62
C ILE A 417 33.19 -0.87 -27.29
N ASP A 418 32.05 -1.56 -27.41
CA ASP A 418 30.87 -1.02 -28.07
C ASP A 418 29.92 -0.43 -27.03
N LEU A 419 29.88 0.90 -26.94
CA LEU A 419 28.96 1.61 -26.07
C LEU A 419 27.96 2.44 -26.88
N SER A 420 27.70 2.02 -28.12
CA SER A 420 26.79 2.74 -29.00
C SER A 420 25.35 2.68 -28.52
N VAL A 421 25.01 1.72 -27.68
CA VAL A 421 23.65 1.58 -27.18
C VAL A 421 23.71 1.27 -25.69
N VAL A 422 23.69 2.31 -24.86
CA VAL A 422 23.72 2.16 -23.41
C VAL A 422 22.44 2.76 -22.85
N PRO A 423 21.62 2.00 -22.13
CA PRO A 423 20.44 2.59 -21.50
C PRO A 423 20.80 3.29 -20.19
N ALA A 424 20.00 4.28 -19.84
CA ALA A 424 20.15 5.04 -18.61
C ALA A 424 18.79 5.16 -17.95
N VAL A 425 18.77 4.94 -16.63
CA VAL A 425 17.52 4.94 -15.87
C VAL A 425 17.71 5.80 -14.64
N THR A 426 16.84 6.79 -14.48
CA THR A 426 16.71 7.54 -13.23
C THR A 426 15.46 7.00 -12.54
N PHE A 427 15.66 6.30 -11.42
CA PHE A 427 14.61 5.52 -10.78
C PHE A 427 13.68 6.37 -9.91
N THR A 428 13.46 7.62 -10.28
CA THR A 428 12.38 8.37 -9.66
C THR A 428 11.04 7.83 -10.15
N ASN A 429 9.96 8.34 -9.57
CA ASN A 429 8.63 8.03 -10.05
C ASN A 429 7.91 9.34 -10.37
N PRO A 430 7.65 9.61 -11.66
CA PRO A 430 7.89 8.76 -12.83
C PRO A 430 9.36 8.55 -13.14
N THR A 431 9.67 7.34 -13.61
CA THR A 431 11.05 6.98 -13.94
C THR A 431 11.45 7.64 -15.26
N VAL A 432 12.72 8.05 -15.34
CA VAL A 432 13.30 8.55 -16.59
C VAL A 432 14.12 7.42 -17.21
N ALA A 433 14.08 7.32 -18.54
CA ALA A 433 14.74 6.22 -19.21
C ALA A 433 15.14 6.64 -20.62
N THR A 434 16.40 6.46 -20.96
CA THR A 434 16.92 6.87 -22.26
C THR A 434 17.77 5.77 -22.86
N VAL A 435 17.69 5.61 -24.17
CA VAL A 435 18.59 4.74 -24.91
C VAL A 435 18.75 5.29 -26.31
N GLY A 436 19.98 5.29 -26.80
CA GLY A 436 20.24 5.79 -28.13
C GLY A 436 20.42 7.29 -28.16
N LEU A 437 20.19 7.85 -29.35
CA LEU A 437 20.46 9.27 -29.59
C LEU A 437 19.23 10.12 -29.28
N THR A 438 19.48 11.34 -28.84
CA THR A 438 18.44 12.34 -28.73
C THR A 438 18.18 12.97 -30.10
N GLU A 439 17.29 13.95 -30.14
CA GLU A 439 17.04 14.64 -31.41
C GLU A 439 18.25 15.45 -31.83
N GLU A 440 18.75 16.31 -30.93
CA GLU A 440 19.92 17.12 -31.25
C GLU A 440 21.14 16.27 -31.55
N GLN A 441 21.31 15.17 -30.81
CA GLN A 441 22.45 14.30 -31.03
C GLN A 441 22.38 13.66 -32.42
N ALA A 442 21.20 13.18 -32.80
CA ALA A 442 21.03 12.57 -34.11
C ALA A 442 21.21 13.60 -35.22
N LYS A 443 20.78 14.84 -34.98
CA LYS A 443 21.02 15.90 -35.97
C LYS A 443 22.50 16.17 -36.12
N GLU A 444 23.23 16.25 -35.00
CA GLU A 444 24.66 16.50 -35.07
C GLU A 444 25.38 15.37 -35.79
N LYS A 445 24.99 14.12 -35.52
CA LYS A 445 25.62 12.99 -36.18
C LYS A 445 25.44 13.04 -37.69
N GLY A 446 24.43 13.77 -38.18
CA GLY A 446 24.19 13.93 -39.60
C GLY A 446 22.94 13.27 -40.11
N TYR A 447 22.18 12.60 -39.26
CA TYR A 447 20.96 11.94 -39.71
C TYR A 447 19.91 12.96 -40.12
N ASP A 448 18.98 12.52 -40.96
CA ASP A 448 17.78 13.30 -41.26
C ASP A 448 16.71 12.82 -40.29
N VAL A 449 16.59 13.51 -39.16
CA VAL A 449 15.84 12.98 -38.02
C VAL A 449 14.36 13.26 -38.20
N LYS A 450 13.55 12.35 -37.67
CA LYS A 450 12.09 12.49 -37.63
C LYS A 450 11.63 12.00 -36.28
N THR A 451 10.97 12.88 -35.53
CA THR A 451 10.63 12.62 -34.14
C THR A 451 9.11 12.44 -34.00
N SER A 452 8.72 11.68 -32.99
CA SER A 452 7.32 11.51 -32.63
C SER A 452 7.19 11.54 -31.11
N VAL A 453 6.41 12.48 -30.60
CA VAL A 453 6.23 12.68 -29.17
C VAL A 453 4.80 12.32 -28.81
N LEU A 454 4.64 11.51 -27.77
CA LEU A 454 3.34 11.04 -27.32
C LEU A 454 3.18 11.42 -25.85
N PRO A 455 2.15 12.18 -25.48
CA PRO A 455 1.93 12.46 -24.05
C PRO A 455 1.45 11.23 -23.31
N LEU A 456 1.82 11.15 -22.03
CA LEU A 456 1.50 9.95 -21.26
C LEU A 456 0.00 9.77 -21.13
N ASP A 457 -0.77 10.86 -21.14
CA ASP A 457 -2.22 10.77 -21.02
C ASP A 457 -2.87 10.06 -22.21
N ALA A 458 -2.11 9.66 -23.22
CA ALA A 458 -2.64 8.88 -24.33
C ALA A 458 -2.43 7.38 -24.16
N VAL A 459 -1.64 6.96 -23.17
CA VAL A 459 -1.35 5.55 -22.94
C VAL A 459 -2.43 4.98 -22.01
N PRO A 460 -3.09 3.88 -22.39
CA PRO A 460 -4.15 3.35 -21.50
C PRO A 460 -3.66 3.01 -20.10
N ARG A 461 -2.51 2.36 -19.98
CA ARG A 461 -2.06 1.95 -18.65
C ARG A 461 -1.89 3.14 -17.73
N ALA A 462 -1.33 4.24 -18.25
CA ALA A 462 -1.22 5.45 -17.44
C ALA A 462 -2.59 5.98 -17.05
N ILE A 463 -3.59 5.77 -17.91
CA ILE A 463 -4.93 6.31 -17.64
C ILE A 463 -5.59 5.53 -16.51
N VAL A 464 -5.64 4.20 -16.64
CA VAL A 464 -6.26 3.40 -15.59
C VAL A 464 -5.53 3.57 -14.27
N ASN A 465 -4.23 3.82 -14.31
CA ASN A 465 -3.47 4.07 -13.09
C ASN A 465 -3.76 5.44 -12.50
N ARG A 466 -4.44 6.32 -13.24
CA ARG A 466 -4.76 7.66 -12.77
C ARG A 466 -3.50 8.48 -12.47
N GLU A 467 -2.44 8.20 -13.22
CA GLU A 467 -1.20 8.98 -13.17
C GLU A 467 -0.71 9.13 -14.59
N THR A 468 -0.75 10.35 -15.12
CA THR A 468 -0.50 10.59 -16.53
C THR A 468 0.45 11.76 -16.75
N THR A 469 1.49 11.85 -15.90
CA THR A 469 2.52 12.88 -16.02
C THR A 469 3.78 12.23 -16.59
N GLY A 470 3.98 12.37 -17.89
CA GLY A 470 5.13 11.76 -18.54
C GLY A 470 5.11 12.01 -20.02
N VAL A 471 5.94 11.25 -20.75
CA VAL A 471 6.06 11.42 -22.19
C VAL A 471 6.87 10.29 -22.82
N PHE A 472 6.55 9.97 -24.07
CA PHE A 472 7.31 9.03 -24.89
C PHE A 472 7.84 9.77 -26.10
N LYS A 473 9.16 9.94 -26.18
CA LYS A 473 9.78 10.58 -27.34
C LYS A 473 10.49 9.52 -28.17
N LEU A 474 10.31 9.60 -29.49
CA LEU A 474 10.82 8.63 -30.43
C LEU A 474 11.64 9.36 -31.48
N VAL A 475 12.93 9.04 -31.57
CA VAL A 475 13.82 9.65 -32.55
C VAL A 475 14.14 8.60 -33.61
N ALA A 476 13.81 8.91 -34.86
CA ALA A 476 13.98 7.96 -35.97
C ALA A 476 14.72 8.63 -37.11
N ASP A 477 15.14 7.81 -38.07
CA ASP A 477 15.78 8.27 -39.29
C ASP A 477 14.73 8.41 -40.38
N ALA A 478 14.54 9.64 -40.87
CA ALA A 478 13.49 9.88 -41.86
C ALA A 478 13.72 9.07 -43.12
N GLU A 479 14.97 8.79 -43.47
CA GLU A 479 15.28 8.07 -44.70
C GLU A 479 14.97 6.58 -44.57
N THR A 480 15.62 5.91 -43.62
CA THR A 480 15.50 4.47 -43.45
C THR A 480 14.46 4.06 -42.42
N LEU A 481 13.85 5.00 -41.70
CA LEU A 481 12.85 4.75 -40.68
C LEU A 481 13.40 3.96 -39.49
N LYS A 482 14.71 3.76 -39.43
CA LYS A 482 15.29 2.99 -38.33
C LYS A 482 15.23 3.82 -37.04
N VAL A 483 14.98 3.14 -35.93
CA VAL A 483 14.88 3.80 -34.63
C VAL A 483 16.28 4.14 -34.16
N LEU A 484 16.53 5.41 -33.91
CA LEU A 484 17.83 5.89 -33.42
C LEU A 484 17.85 6.10 -31.92
N GLY A 485 16.70 6.39 -31.31
CA GLY A 485 16.67 6.61 -29.88
C GLY A 485 15.27 6.63 -29.30
N VAL A 486 15.16 6.22 -28.04
CA VAL A 486 13.90 6.23 -27.32
C VAL A 486 14.14 6.89 -25.96
N HIS A 487 13.19 7.72 -25.55
CA HIS A 487 13.31 8.49 -24.31
C HIS A 487 11.93 8.56 -23.67
N ILE A 488 11.82 8.04 -22.46
CA ILE A 488 10.55 7.81 -21.80
C ILE A 488 10.60 8.42 -20.41
N VAL A 489 9.47 8.97 -19.96
CA VAL A 489 9.27 9.39 -18.58
C VAL A 489 7.94 8.79 -18.15
N SER A 490 7.98 7.71 -17.38
CA SER A 490 6.77 7.03 -16.95
C SER A 490 7.14 6.03 -15.86
N GLU A 491 6.11 5.50 -15.21
CA GLU A 491 6.34 4.51 -14.16
C GLU A 491 6.97 3.26 -14.76
N ASN A 492 7.95 2.71 -14.03
CA ASN A 492 8.69 1.50 -14.44
C ASN A 492 8.99 1.51 -15.94
N ALA A 493 9.47 2.67 -16.42
CA ALA A 493 9.91 2.78 -17.80
C ALA A 493 11.26 2.11 -18.02
N GLY A 494 12.00 1.84 -16.94
CA GLY A 494 13.28 1.15 -17.09
C GLY A 494 13.12 -0.23 -17.69
N ASP A 495 11.95 -0.85 -17.51
CA ASP A 495 11.69 -2.13 -18.14
C ASP A 495 11.33 -1.98 -19.62
N VAL A 496 10.85 -0.81 -20.04
CA VAL A 496 10.43 -0.64 -21.43
C VAL A 496 11.63 -0.36 -22.33
N ILE A 497 12.56 0.49 -21.90
CA ILE A 497 13.66 0.89 -22.77
C ILE A 497 14.53 -0.30 -23.16
N TYR A 498 14.48 -1.40 -22.40
CA TYR A 498 15.18 -2.60 -22.84
C TYR A 498 14.67 -3.01 -24.22
N ALA A 499 13.35 -3.11 -24.37
CA ALA A 499 12.77 -3.29 -25.69
C ALA A 499 13.32 -2.25 -26.67
N ALA A 500 13.30 -0.98 -26.25
CA ALA A 500 13.86 0.07 -27.09
C ALA A 500 15.29 -0.23 -27.49
N SER A 501 16.08 -0.73 -26.54
CA SER A 501 17.46 -1.12 -26.85
C SER A 501 17.47 -2.13 -28.00
N LEU A 502 16.66 -3.18 -27.88
CA LEU A 502 16.56 -4.16 -28.94
C LEU A 502 16.20 -3.50 -30.26
N ALA A 503 15.34 -2.50 -30.22
CA ALA A 503 14.97 -1.80 -31.44
C ALA A 503 16.14 -0.99 -31.99
N VAL A 504 16.91 -0.36 -31.11
CA VAL A 504 17.99 0.50 -31.57
C VAL A 504 19.17 -0.33 -32.04
N LYS A 505 19.58 -1.31 -31.24
CA LYS A 505 20.77 -2.09 -31.56
C LYS A 505 20.60 -2.85 -32.87
N PHE A 506 19.44 -3.48 -33.06
CA PHE A 506 19.20 -4.33 -34.22
C PHE A 506 18.43 -3.61 -35.32
N GLY A 507 18.40 -2.28 -35.28
CA GLY A 507 17.90 -1.51 -36.42
C GLY A 507 16.48 -1.81 -36.82
N LEU A 508 15.57 -1.93 -35.86
CA LEU A 508 14.15 -2.03 -36.18
C LEU A 508 13.60 -0.67 -36.57
N THR A 509 12.64 -0.67 -37.49
CA THR A 509 12.02 0.55 -37.97
C THR A 509 10.72 0.82 -37.20
N VAL A 510 10.23 2.05 -37.34
CA VAL A 510 8.94 2.38 -36.73
C VAL A 510 7.84 1.49 -37.29
N GLU A 511 7.92 1.20 -38.58
CA GLU A 511 6.97 0.27 -39.19
C GLU A 511 7.01 -1.08 -38.50
N ASP A 512 8.21 -1.56 -38.15
CA ASP A 512 8.32 -2.80 -37.39
C ASP A 512 7.60 -2.69 -36.06
N LEU A 513 7.72 -1.56 -35.37
CA LEU A 513 7.04 -1.37 -34.11
C LEU A 513 5.52 -1.35 -34.29
N THR A 514 5.04 -0.89 -35.45
CA THR A 514 3.60 -0.92 -35.69
C THR A 514 3.12 -2.32 -36.08
N GLU A 515 3.99 -3.13 -36.69
CA GLU A 515 3.61 -4.49 -37.06
C GLU A 515 3.46 -5.38 -35.84
N THR A 516 4.24 -5.16 -34.79
CA THR A 516 4.19 -6.01 -33.61
C THR A 516 2.95 -5.73 -32.78
N LEU A 517 2.36 -6.80 -32.26
CA LEU A 517 1.22 -6.67 -31.38
C LEU A 517 1.70 -6.30 -29.98
N ALA A 518 1.09 -5.25 -29.40
CA ALA A 518 1.50 -4.78 -28.09
C ALA A 518 0.46 -5.15 -27.04
N PRO A 519 0.88 -5.59 -25.85
CA PRO A 519 -0.11 -5.92 -24.81
C PRO A 519 -0.86 -4.67 -24.37
N TYR A 520 -2.18 -4.78 -24.34
CA TYR A 520 -3.00 -3.64 -23.96
C TYR A 520 -2.85 -3.37 -22.47
N LEU A 521 -2.90 -2.09 -22.12
CA LEU A 521 -2.82 -1.65 -20.72
C LEU A 521 -1.48 -2.03 -20.10
N THR A 522 -0.42 -1.91 -20.90
CA THR A 522 0.96 -1.93 -20.42
C THR A 522 1.64 -0.66 -20.90
N MET A 523 2.70 -0.27 -20.18
CA MET A 523 3.43 0.94 -20.56
C MET A 523 4.21 0.74 -21.84
N ALA A 524 4.66 -0.50 -22.11
CA ALA A 524 5.37 -0.77 -23.35
C ALA A 524 4.52 -0.38 -24.57
N GLU A 525 3.20 -0.51 -24.46
CA GLU A 525 2.31 -0.13 -25.55
C GLU A 525 2.60 1.29 -26.02
N GLY A 526 3.04 2.17 -25.11
CA GLY A 526 3.40 3.53 -25.50
C GLY A 526 4.29 3.55 -26.72
N LEU A 527 5.33 2.71 -26.73
CA LEU A 527 6.21 2.60 -27.89
C LEU A 527 5.40 2.49 -29.18
N LYS A 528 4.52 1.50 -29.27
CA LYS A 528 3.68 1.35 -30.44
C LYS A 528 2.90 2.63 -30.71
N LEU A 529 2.26 3.18 -29.68
CA LEU A 529 1.49 4.41 -29.86
C LEU A 529 2.38 5.56 -30.31
N ALA A 530 3.66 5.54 -29.92
CA ALA A 530 4.58 6.56 -30.40
C ALA A 530 4.94 6.32 -31.85
N ALA A 531 5.05 5.06 -32.26
CA ALA A 531 5.33 4.74 -33.66
C ALA A 531 4.16 5.10 -34.56
N LEU A 532 2.95 5.17 -34.02
CA LEU A 532 1.77 5.55 -34.78
C LEU A 532 1.57 7.06 -34.79
N THR A 533 2.61 7.80 -35.17
CA THR A 533 2.53 9.26 -35.23
C THR A 533 3.47 9.76 -36.32
N PHE A 534 3.31 9.21 -37.52
CA PHE A 534 4.14 9.60 -38.67
C PHE A 534 3.22 9.77 -39.87
N ASP A 535 3.27 10.95 -40.47
CA ASP A 535 2.37 11.31 -41.56
C ASP A 535 2.89 10.86 -42.92
N ASP B 83 55.68 -12.92 -0.41
CA ASP B 83 55.42 -11.82 0.51
C ASP B 83 55.76 -12.23 1.95
N ASN B 84 56.24 -11.28 2.75
CA ASN B 84 56.63 -11.55 4.12
C ASN B 84 55.42 -11.33 5.01
N TYR B 85 54.63 -12.39 5.19
CA TYR B 85 53.52 -12.36 6.12
C TYR B 85 54.02 -12.56 7.55
N ASP B 86 53.21 -12.09 8.51
CA ASP B 86 53.52 -12.36 9.91
C ASP B 86 53.13 -13.78 10.30
N LEU B 87 52.04 -14.29 9.75
CA LEU B 87 51.60 -15.65 10.02
C LEU B 87 50.86 -16.17 8.80
N LEU B 88 51.28 -17.34 8.32
CA LEU B 88 50.68 -17.97 7.14
C LEU B 88 49.99 -19.25 7.57
N ILE B 89 48.72 -19.38 7.21
CA ILE B 89 47.88 -20.51 7.59
C ILE B 89 47.61 -21.34 6.34
N ILE B 90 47.88 -22.64 6.42
CA ILE B 90 47.56 -23.56 5.34
C ILE B 90 46.26 -24.26 5.74
N GLY B 91 45.14 -23.77 5.21
CA GLY B 91 43.85 -24.32 5.54
C GLY B 91 42.80 -23.27 5.78
N SER B 92 41.53 -23.67 5.81
CA SER B 92 40.44 -22.74 6.01
C SER B 92 39.39 -23.28 6.99
N GLY B 93 39.74 -24.27 7.80
CA GLY B 93 38.79 -24.87 8.71
C GLY B 93 38.64 -24.10 10.00
N ALA B 94 38.10 -24.78 11.01
CA ALA B 94 37.86 -24.13 12.30
C ALA B 94 39.17 -23.65 12.90
N ALA B 95 40.22 -24.47 12.83
CA ALA B 95 41.51 -24.04 13.35
C ALA B 95 42.04 -22.86 12.56
N ALA B 96 41.89 -22.89 11.23
CA ALA B 96 42.38 -21.79 10.41
C ALA B 96 41.66 -20.48 10.73
N PHE B 97 40.34 -20.53 10.87
CA PHE B 97 39.59 -19.31 11.15
C PHE B 97 39.85 -18.80 12.55
N SER B 98 39.75 -19.69 13.55
CA SER B 98 40.03 -19.28 14.92
C SER B 98 41.42 -18.65 15.02
N SER B 99 42.41 -19.32 14.44
CA SER B 99 43.78 -18.81 14.50
C SER B 99 43.91 -17.48 13.76
N ALA B 100 43.23 -17.34 12.62
CA ALA B 100 43.31 -16.08 11.88
C ALA B 100 42.73 -14.93 12.68
N ILE B 101 41.56 -15.13 13.27
CA ILE B 101 40.95 -14.10 14.12
C ILE B 101 41.89 -13.74 15.27
N LYS B 102 42.24 -14.74 16.09
CA LYS B 102 43.06 -14.46 17.26
C LYS B 102 44.39 -13.82 16.88
N ALA B 103 44.88 -14.09 15.67
CA ALA B 103 46.14 -13.51 15.24
C ALA B 103 45.96 -12.06 14.81
N ILE B 104 44.87 -11.76 14.10
CA ILE B 104 44.59 -10.39 13.73
C ILE B 104 44.34 -9.54 14.97
N GLU B 105 43.79 -10.15 16.03
CA GLU B 105 43.61 -9.42 17.27
C GLU B 105 44.93 -8.81 17.73
N TYR B 106 46.04 -9.53 17.55
CA TYR B 106 47.36 -9.03 17.89
C TYR B 106 47.89 -8.03 16.87
N GLY B 107 47.17 -7.79 15.77
CA GLY B 107 47.61 -6.84 14.77
C GLY B 107 48.70 -7.37 13.86
N ALA B 108 48.56 -8.61 13.39
CA ALA B 108 49.54 -9.25 12.53
C ALA B 108 48.97 -9.45 11.14
N LYS B 109 49.80 -9.24 10.12
CA LYS B 109 49.42 -9.58 8.76
C LYS B 109 49.45 -11.09 8.57
N VAL B 110 48.30 -11.66 8.25
CA VAL B 110 48.18 -13.11 8.15
C VAL B 110 47.65 -13.45 6.76
N GLY B 111 47.91 -14.68 6.34
CA GLY B 111 47.46 -15.16 5.06
C GLY B 111 46.76 -16.50 5.21
N MET B 112 45.77 -16.72 4.33
CA MET B 112 45.00 -17.96 4.31
C MET B 112 45.19 -18.63 2.96
N ILE B 113 45.84 -19.78 2.96
CA ILE B 113 46.04 -20.56 1.76
C ILE B 113 45.02 -21.69 1.76
N GLU B 114 44.09 -21.66 0.79
CA GLU B 114 43.02 -22.62 0.72
C GLU B 114 43.16 -23.44 -0.55
N ARG B 115 43.14 -24.76 -0.42
CA ARG B 115 43.27 -25.62 -1.58
C ARG B 115 41.98 -25.66 -2.40
N GLY B 116 40.84 -25.79 -1.72
CA GLY B 116 39.58 -25.91 -2.42
C GLY B 116 38.51 -24.96 -1.92
N THR B 117 37.38 -25.52 -1.51
CA THR B 117 36.25 -24.70 -1.09
C THR B 117 36.49 -24.13 0.30
N VAL B 118 36.27 -22.82 0.44
CA VAL B 118 36.50 -22.16 1.72
C VAL B 118 35.54 -22.72 2.76
N GLY B 119 35.97 -22.69 4.02
CA GLY B 119 35.16 -23.10 5.15
C GLY B 119 35.62 -24.37 5.80
N GLY B 120 36.33 -25.24 5.07
CA GLY B 120 36.80 -26.49 5.63
C GLY B 120 35.74 -27.58 5.58
N THR B 121 35.95 -28.57 6.45
CA THR B 121 35.07 -29.75 6.48
C THR B 121 33.77 -29.50 7.23
N CYS B 122 33.83 -28.86 8.40
CA CYS B 122 32.67 -28.87 9.29
C CYS B 122 31.44 -28.27 8.63
N VAL B 123 31.61 -27.19 7.87
CA VAL B 123 30.46 -26.45 7.38
C VAL B 123 29.89 -27.07 6.10
N ASN B 124 30.76 -27.54 5.21
CA ASN B 124 30.34 -27.93 3.87
C ASN B 124 30.08 -29.43 3.73
N ILE B 125 31.01 -30.28 4.17
CA ILE B 125 30.93 -31.71 3.92
C ILE B 125 30.85 -32.52 5.20
N GLY B 126 30.70 -31.86 6.35
CA GLY B 126 30.85 -32.55 7.62
C GLY B 126 29.71 -32.40 8.61
N CYS B 127 29.96 -31.63 9.67
CA CYS B 127 29.06 -31.60 10.81
C CYS B 127 27.67 -31.13 10.43
N VAL B 128 27.58 -29.89 9.91
CA VAL B 128 26.28 -29.27 9.69
C VAL B 128 25.40 -30.10 8.76
N PRO B 129 25.84 -30.47 7.55
CA PRO B 129 24.95 -31.27 6.69
C PRO B 129 24.48 -32.56 7.35
N SER B 130 25.42 -33.32 7.91
CA SER B 130 25.09 -34.56 8.59
C SER B 130 24.01 -34.34 9.65
N LYS B 131 24.12 -33.27 10.42
CA LYS B 131 23.21 -33.11 11.55
C LYS B 131 21.84 -32.60 11.13
N THR B 132 21.77 -31.69 10.15
CA THR B 132 20.48 -31.24 9.68
C THR B 132 19.73 -32.39 9.00
N LEU B 133 20.42 -33.12 8.14
CA LEU B 133 19.80 -34.29 7.50
C LEU B 133 19.37 -35.30 8.55
N LEU B 134 20.19 -35.51 9.58
CA LEU B 134 19.79 -36.42 10.66
C LEU B 134 18.52 -35.92 11.34
N ARG B 135 18.39 -34.61 11.53
CA ARG B 135 17.17 -34.07 12.13
C ARG B 135 15.96 -34.41 11.26
N ALA B 136 16.06 -34.17 9.95
CA ALA B 136 14.96 -34.53 9.06
C ALA B 136 14.62 -36.01 9.17
N GLY B 137 15.64 -36.87 9.13
CA GLY B 137 15.40 -38.30 9.24
C GLY B 137 14.70 -38.67 10.53
N GLU B 138 15.10 -38.05 11.64
CA GLU B 138 14.44 -38.35 12.90
C GLU B 138 12.98 -37.90 12.89
N ILE B 139 12.70 -36.74 12.29
CA ILE B 139 11.32 -36.28 12.19
C ILE B 139 10.48 -37.29 11.42
N ILE B 140 10.96 -37.69 10.23
CA ILE B 140 10.16 -38.62 9.42
C ILE B 140 10.03 -39.96 10.14
N HIS B 141 11.07 -40.37 10.88
CA HIS B 141 10.99 -41.64 11.61
C HIS B 141 9.92 -41.58 12.68
N LEU B 142 9.86 -40.48 13.44
CA LEU B 142 8.79 -40.34 14.43
C LEU B 142 7.43 -40.24 13.76
N SER B 143 7.36 -39.70 12.55
CA SER B 143 6.09 -39.65 11.83
C SER B 143 5.65 -41.04 11.40
N LYS B 144 6.59 -41.93 11.06
CA LYS B 144 6.23 -43.24 10.56
C LYS B 144 5.95 -44.22 11.70
N ASP B 145 6.74 -44.15 12.77
CA ASP B 145 6.63 -45.10 13.89
C ASP B 145 6.84 -44.34 15.19
N ASN B 146 5.79 -44.28 16.00
CA ASN B 146 5.88 -43.72 17.34
C ASN B 146 5.08 -44.60 18.29
N PRO B 147 5.43 -44.62 19.58
CA PRO B 147 4.78 -45.57 20.50
C PRO B 147 3.41 -45.17 20.99
N PHE B 148 2.95 -43.95 20.68
CA PHE B 148 1.68 -43.46 21.19
C PHE B 148 0.53 -43.92 20.29
N ILE B 149 -0.51 -44.46 20.92
CA ILE B 149 -1.55 -45.17 20.17
C ILE B 149 -2.49 -44.19 19.49
N GLY B 150 -3.06 -43.25 20.25
CA GLY B 150 -4.09 -42.38 19.70
C GLY B 150 -3.67 -41.63 18.45
N LEU B 151 -2.37 -41.44 18.24
CA LEU B 151 -1.91 -40.67 17.09
C LEU B 151 -2.14 -41.43 15.80
N GLN B 152 -2.58 -40.70 14.77
CA GLN B 152 -2.75 -41.24 13.42
C GLN B 152 -1.84 -40.42 12.50
N THR B 153 -0.54 -40.70 12.56
CA THR B 153 0.46 -40.01 11.76
C THR B 153 1.06 -40.98 10.75
N SER B 154 1.55 -40.42 9.65
CA SER B 154 2.15 -41.23 8.59
C SER B 154 3.27 -40.45 7.94
N ALA B 155 4.16 -41.19 7.27
CA ALA B 155 5.32 -40.62 6.60
C ALA B 155 5.43 -41.25 5.22
N GLY B 156 5.31 -40.43 4.18
CA GLY B 156 5.38 -40.89 2.82
C GLY B 156 6.81 -40.97 2.31
N GLU B 157 6.92 -41.28 1.02
CA GLU B 157 8.23 -41.36 0.38
C GLU B 157 8.91 -40.00 0.44
N VAL B 158 10.22 -40.02 0.50
CA VAL B 158 11.02 -38.81 0.72
C VAL B 158 11.58 -38.33 -0.60
N ASP B 159 11.57 -37.01 -0.79
CA ASP B 159 12.19 -36.40 -1.97
C ASP B 159 13.59 -35.96 -1.53
N LEU B 160 14.56 -36.86 -1.69
CA LEU B 160 15.89 -36.58 -1.20
C LEU B 160 16.50 -35.36 -1.89
N ALA B 161 16.21 -35.18 -3.17
CA ALA B 161 16.74 -34.02 -3.89
C ALA B 161 16.43 -32.72 -3.16
N SER B 162 15.20 -32.59 -2.66
CA SER B 162 14.83 -31.39 -1.91
C SER B 162 15.65 -31.27 -0.63
N LEU B 163 15.84 -32.38 0.10
CA LEU B 163 16.62 -32.33 1.32
C LEU B 163 18.05 -31.91 1.06
N ILE B 164 18.63 -32.38 -0.04
CA ILE B 164 20.03 -32.06 -0.32
C ILE B 164 20.17 -30.63 -0.81
N THR B 165 19.27 -30.18 -1.68
CA THR B 165 19.35 -28.80 -2.13
C THR B 165 19.12 -27.82 -0.98
N GLN B 166 18.11 -28.10 -0.15
CA GLN B 166 17.89 -27.28 1.04
C GLN B 166 19.12 -27.28 1.92
N LYS B 167 19.65 -28.47 2.21
CA LYS B 167 20.89 -28.59 2.97
C LYS B 167 21.96 -27.64 2.42
N ASP B 168 22.18 -27.68 1.10
CA ASP B 168 23.20 -26.85 0.49
C ASP B 168 22.88 -25.36 0.66
N LYS B 169 21.61 -25.00 0.56
CA LYS B 169 21.21 -23.61 0.83
C LYS B 169 21.58 -23.20 2.25
N LEU B 170 21.43 -24.13 3.21
CA LEU B 170 21.72 -23.80 4.60
C LEU B 170 23.22 -23.68 4.86
N VAL B 171 24.02 -24.60 4.31
CA VAL B 171 25.47 -24.50 4.52
C VAL B 171 26.03 -23.30 3.77
N SER B 172 25.45 -22.95 2.63
CA SER B 172 25.88 -21.74 1.92
C SER B 172 25.56 -20.50 2.74
N GLU B 173 24.34 -20.43 3.28
CA GLU B 173 24.01 -19.34 4.19
C GLU B 173 25.00 -19.26 5.34
N LEU B 174 25.36 -20.42 5.91
CA LEU B 174 26.20 -20.43 7.10
C LEU B 174 27.63 -19.98 6.79
N ARG B 175 28.25 -20.56 5.76
CA ARG B 175 29.58 -20.10 5.34
C ARG B 175 29.57 -18.64 4.94
N ASN B 176 28.47 -18.17 4.35
CA ASN B 176 28.35 -16.77 3.99
C ASN B 176 28.33 -15.89 5.24
N GLN B 177 27.66 -16.34 6.30
CA GLN B 177 27.77 -15.65 7.58
C GLN B 177 29.18 -15.74 8.13
N LYS B 178 29.95 -16.76 7.72
CA LYS B 178 31.35 -16.88 8.10
C LYS B 178 32.27 -15.96 7.31
N TYR B 179 31.83 -15.42 6.16
CA TYR B 179 32.61 -14.41 5.45
C TYR B 179 32.52 -13.03 6.11
N MET B 180 31.48 -12.79 6.93
CA MET B 180 31.49 -11.61 7.78
C MET B 180 32.76 -11.54 8.61
N ASP B 181 33.41 -12.69 8.85
CA ASP B 181 34.74 -12.72 9.45
C ASP B 181 35.82 -12.33 8.45
N LEU B 182 35.55 -12.45 7.14
CA LEU B 182 36.47 -11.94 6.14
C LEU B 182 36.39 -10.43 6.01
N ILE B 183 35.22 -9.84 6.23
CA ILE B 183 35.09 -8.38 6.15
C ILE B 183 35.34 -7.71 7.50
N ASP B 184 34.88 -8.31 8.60
CA ASP B 184 35.10 -7.73 9.92
C ASP B 184 36.60 -7.67 10.19
N GLU B 185 37.23 -8.83 10.33
CA GLU B 185 38.69 -8.93 10.38
C GLU B 185 39.25 -8.92 8.95
N TYR B 186 39.03 -7.79 8.27
CA TYR B 186 39.31 -7.67 6.84
C TYR B 186 40.73 -7.19 6.56
N ASN B 187 41.71 -7.66 7.33
CA ASN B 187 43.10 -7.36 7.03
C ASN B 187 43.83 -8.51 6.35
N PHE B 188 43.34 -9.74 6.52
CA PHE B 188 44.04 -10.92 6.03
C PHE B 188 43.71 -11.17 4.56
N ASP B 189 44.60 -11.90 3.89
CA ASP B 189 44.54 -12.11 2.45
C ASP B 189 44.23 -13.57 2.14
N LEU B 190 43.23 -13.79 1.30
CA LEU B 190 42.79 -15.12 0.91
C LEU B 190 43.61 -15.56 -0.30
N ILE B 191 44.49 -16.55 -0.10
CA ILE B 191 45.26 -17.14 -1.17
C ILE B 191 44.66 -18.51 -1.48
N LYS B 192 44.37 -18.77 -2.75
CA LYS B 192 43.73 -20.02 -3.15
C LYS B 192 44.70 -20.86 -3.98
N GLY B 193 44.86 -22.11 -3.58
CA GLY B 193 45.79 -23.03 -4.21
C GLY B 193 46.30 -24.05 -3.22
N GLU B 194 46.93 -25.09 -3.75
CA GLU B 194 47.51 -26.14 -2.93
C GLU B 194 48.92 -25.75 -2.55
N ALA B 195 49.23 -25.83 -1.25
CA ALA B 195 50.50 -25.38 -0.72
C ALA B 195 51.42 -26.56 -0.46
N LYS B 196 52.71 -26.39 -0.74
CA LYS B 196 53.73 -27.36 -0.39
C LYS B 196 54.95 -26.62 0.15
N PHE B 197 55.62 -27.23 1.11
CA PHE B 197 56.81 -26.62 1.69
C PHE B 197 58.02 -26.86 0.79
N VAL B 198 58.81 -25.80 0.60
CA VAL B 198 60.07 -25.91 -0.13
C VAL B 198 61.26 -25.47 0.70
N ASP B 199 61.04 -24.87 1.87
CA ASP B 199 62.12 -24.35 2.70
C ASP B 199 61.62 -24.30 4.13
N ALA B 200 62.56 -24.15 5.07
CA ALA B 200 62.22 -24.07 6.48
C ALA B 200 61.39 -22.82 6.81
N SER B 201 61.30 -21.85 5.91
CA SER B 201 60.58 -20.62 6.18
C SER B 201 59.75 -20.12 5.01
N THR B 202 59.72 -20.84 3.89
CA THR B 202 58.96 -20.41 2.73
C THR B 202 58.19 -21.59 2.16
N VAL B 203 57.06 -21.30 1.53
CA VAL B 203 56.20 -22.30 0.91
C VAL B 203 55.97 -21.90 -0.53
N GLU B 204 55.41 -22.83 -1.29
CA GLU B 204 55.07 -22.62 -2.69
C GLU B 204 53.60 -22.98 -2.89
N VAL B 205 52.87 -22.07 -3.54
CA VAL B 205 51.47 -22.28 -3.88
C VAL B 205 51.22 -21.70 -5.27
N ASN B 206 50.57 -22.49 -6.12
CA ASN B 206 50.16 -22.05 -7.45
C ASN B 206 51.34 -21.50 -8.26
N GLY B 207 52.57 -21.82 -7.89
CA GLY B 207 53.76 -21.39 -8.59
C GLY B 207 54.57 -20.35 -7.84
N ALA B 208 53.92 -19.48 -7.07
CA ALA B 208 54.62 -18.42 -6.36
C ALA B 208 55.06 -18.90 -4.98
N LYS B 209 56.11 -18.27 -4.46
CA LYS B 209 56.63 -18.61 -3.14
C LYS B 209 56.25 -17.52 -2.15
N LEU B 210 56.11 -17.93 -0.89
CA LEU B 210 55.63 -17.04 0.16
C LEU B 210 56.40 -17.31 1.45
N SER B 211 56.89 -16.25 2.07
CA SER B 211 57.59 -16.33 3.34
C SER B 211 56.67 -15.89 4.46
N ALA B 212 57.05 -16.26 5.68
CA ALA B 212 56.27 -15.88 6.85
C ALA B 212 57.10 -16.10 8.11
N LYS B 213 56.86 -15.26 9.11
CA LYS B 213 57.54 -15.41 10.39
C LYS B 213 57.03 -16.63 11.14
N ARG B 214 55.73 -16.93 11.02
CA ARG B 214 55.12 -18.07 11.70
C ARG B 214 54.21 -18.79 10.72
N PHE B 215 54.09 -20.11 10.92
CA PHE B 215 53.23 -20.94 10.10
C PHE B 215 52.26 -21.72 10.98
N LEU B 216 51.03 -21.86 10.50
CA LEU B 216 50.04 -22.75 11.09
C LEU B 216 49.60 -23.75 10.05
N ILE B 217 49.78 -25.04 10.35
CA ILE B 217 49.37 -26.11 9.45
C ILE B 217 48.06 -26.63 9.98
N ALA B 218 46.96 -26.08 9.46
CA ALA B 218 45.62 -26.57 9.78
C ALA B 218 44.99 -27.22 8.57
N THR B 219 45.65 -28.24 8.03
CA THR B 219 45.19 -28.88 6.80
C THR B 219 44.07 -29.88 7.03
N GLY B 220 43.72 -30.17 8.29
CA GLY B 220 42.61 -31.06 8.54
C GLY B 220 42.91 -32.49 8.09
N ALA B 221 41.83 -33.24 7.87
CA ALA B 221 41.90 -34.63 7.45
C ALA B 221 40.93 -34.86 6.30
N SER B 222 41.09 -36.00 5.64
CA SER B 222 40.26 -36.35 4.49
C SER B 222 39.86 -37.81 4.58
N PRO B 223 38.82 -38.22 3.85
CA PRO B 223 38.33 -39.60 3.95
C PRO B 223 39.42 -40.61 3.62
N SER B 224 39.59 -41.59 4.50
CA SER B 224 40.56 -42.66 4.30
C SER B 224 39.89 -43.86 3.67
N LEU B 225 40.72 -44.68 3.01
CA LEU B 225 40.28 -45.89 2.35
C LEU B 225 40.91 -47.12 3.01
N PRO B 226 40.21 -48.26 3.02
CA PRO B 226 40.82 -49.49 3.52
C PRO B 226 41.61 -50.18 2.43
N GLN B 227 42.36 -51.21 2.83
CA GLN B 227 43.19 -51.99 1.92
C GLN B 227 42.54 -53.35 1.70
N ILE B 228 41.43 -53.35 0.98
CA ILE B 228 40.70 -54.56 0.64
C ILE B 228 40.56 -54.62 -0.87
N SER B 229 40.69 -55.83 -1.43
CA SER B 229 40.79 -55.99 -2.87
C SER B 229 39.51 -55.55 -3.55
N GLY B 230 39.66 -54.94 -4.72
CA GLY B 230 38.54 -54.56 -5.55
C GLY B 230 37.96 -53.20 -5.26
N LEU B 231 38.08 -52.71 -4.03
CA LEU B 231 37.54 -51.41 -3.69
C LEU B 231 38.24 -50.30 -4.45
N GLU B 232 39.46 -50.57 -4.94
CA GLU B 232 40.24 -49.56 -5.65
C GLU B 232 39.44 -48.99 -6.83
N LYS B 233 39.12 -49.86 -7.80
CA LYS B 233 38.33 -49.48 -8.96
C LYS B 233 36.88 -49.86 -8.67
N MET B 234 36.15 -48.93 -8.06
CA MET B 234 34.78 -49.21 -7.63
C MET B 234 34.07 -47.88 -7.39
N ASP B 235 32.76 -47.89 -7.55
CA ASP B 235 31.95 -46.69 -7.39
C ASP B 235 31.46 -46.57 -5.95
N TYR B 236 32.42 -46.45 -5.04
CA TYR B 236 32.13 -46.33 -3.62
C TYR B 236 31.88 -44.87 -3.26
N LEU B 237 31.19 -44.67 -2.14
CA LEU B 237 30.88 -43.34 -1.65
C LEU B 237 31.61 -43.10 -0.34
N THR B 238 31.92 -41.84 -0.08
CA THR B 238 32.51 -41.41 1.17
C THR B 238 31.54 -40.52 1.93
N SER B 239 31.91 -40.20 3.16
CA SER B 239 31.07 -39.33 3.98
C SER B 239 30.65 -38.08 3.22
N THR B 240 31.53 -37.55 2.37
CA THR B 240 31.24 -36.33 1.64
C THR B 240 30.40 -36.59 0.40
N THR B 241 30.60 -37.73 -0.26
CA THR B 241 29.85 -38.04 -1.48
C THR B 241 28.43 -38.49 -1.14
N LEU B 242 28.25 -39.23 -0.06
CA LEU B 242 26.92 -39.69 0.32
C LEU B 242 25.99 -38.52 0.63
N LEU B 243 26.52 -37.48 1.28
CA LEU B 243 25.73 -36.29 1.58
C LEU B 243 25.38 -35.49 0.34
N GLU B 244 25.87 -35.90 -0.84
CA GLU B 244 25.48 -35.31 -2.10
C GLU B 244 24.50 -36.17 -2.89
N LEU B 245 24.34 -37.44 -2.50
CA LEU B 245 23.44 -38.33 -3.20
C LEU B 245 22.02 -37.80 -3.13
N LYS B 246 21.38 -37.70 -4.30
CA LYS B 246 20.00 -37.20 -4.40
C LYS B 246 19.03 -38.30 -4.82
N LYS B 247 19.40 -39.58 -4.63
CA LYS B 247 18.54 -40.71 -4.96
C LYS B 247 18.67 -41.72 -3.82
N ILE B 248 17.58 -41.94 -3.09
CA ILE B 248 17.60 -42.81 -1.92
C ILE B 248 17.90 -44.24 -2.37
N PRO B 249 19.01 -44.85 -1.95
CA PRO B 249 19.28 -46.23 -2.34
C PRO B 249 18.35 -47.20 -1.63
N LYS B 250 17.92 -48.23 -2.36
CA LYS B 250 17.10 -49.26 -1.75
C LYS B 250 17.87 -50.03 -0.69
N ARG B 251 19.19 -50.09 -0.82
CA ARG B 251 20.01 -50.74 0.20
C ARG B 251 21.42 -50.15 0.17
N LEU B 252 21.93 -49.80 1.34
CA LEU B 252 23.22 -49.16 1.50
C LEU B 252 24.04 -49.93 2.51
N THR B 253 25.27 -50.30 2.13
CA THR B 253 26.19 -51.00 3.01
C THR B 253 27.24 -50.01 3.50
N VAL B 254 27.51 -50.04 4.81
CA VAL B 254 28.49 -49.16 5.41
C VAL B 254 29.68 -50.01 5.86
N ILE B 255 30.89 -49.55 5.53
CA ILE B 255 32.12 -50.22 5.97
C ILE B 255 32.86 -49.23 6.85
N GLY B 256 32.69 -49.35 8.16
CA GLY B 256 33.35 -48.46 9.10
C GLY B 256 32.99 -48.72 10.54
N SER B 257 33.99 -48.64 11.43
CA SER B 257 33.79 -48.86 12.84
C SER B 257 33.55 -47.57 13.62
N GLY B 258 33.74 -46.42 12.98
CA GLY B 258 33.62 -45.15 13.65
C GLY B 258 32.18 -44.69 13.82
N TYR B 259 32.04 -43.45 14.28
CA TYR B 259 30.72 -42.88 14.52
C TYR B 259 30.08 -42.37 13.25
N ILE B 260 30.89 -41.94 12.26
CA ILE B 260 30.33 -41.41 11.03
C ILE B 260 29.49 -42.47 10.34
N GLY B 261 30.00 -43.71 10.29
CA GLY B 261 29.22 -44.78 9.70
C GLY B 261 27.87 -44.97 10.36
N MET B 262 27.83 -44.86 11.68
CA MET B 262 26.56 -44.99 12.39
C MET B 262 25.63 -43.83 12.07
N GLU B 263 26.14 -42.61 12.12
CA GLU B 263 25.29 -41.44 11.90
C GLU B 263 24.69 -41.46 10.49
N LEU B 264 25.52 -41.65 9.48
CA LEU B 264 25.01 -41.71 8.12
C LEU B 264 24.12 -42.94 7.91
N GLY B 265 24.51 -44.07 8.48
CA GLY B 265 23.69 -45.27 8.36
C GLY B 265 22.28 -45.04 8.87
N GLN B 266 22.16 -44.58 10.11
CA GLN B 266 20.83 -44.31 10.66
C GLN B 266 20.12 -43.21 9.88
N LEU B 267 20.89 -42.22 9.43
CA LEU B 267 20.32 -41.14 8.62
C LEU B 267 19.56 -41.72 7.44
N PHE B 268 20.22 -42.56 6.64
CA PHE B 268 19.55 -43.11 5.48
C PHE B 268 18.55 -44.20 5.83
N HIS B 269 18.68 -44.85 6.98
CA HIS B 269 17.66 -45.79 7.41
C HIS B 269 16.34 -45.08 7.67
N HIS B 270 16.39 -43.93 8.32
CA HIS B 270 15.18 -43.16 8.57
C HIS B 270 14.61 -42.58 7.29
N LEU B 271 15.43 -42.40 6.27
CA LEU B 271 14.95 -41.95 4.96
C LEU B 271 14.37 -43.09 4.14
N GLY B 272 14.41 -44.31 4.63
CA GLY B 272 13.84 -45.45 3.93
C GLY B 272 14.82 -46.23 3.09
N SER B 273 15.72 -46.96 3.74
CA SER B 273 16.71 -47.76 3.02
C SER B 273 17.25 -48.81 3.98
N GLU B 274 17.41 -50.03 3.48
CA GLU B 274 17.94 -51.11 4.31
C GLU B 274 19.43 -50.91 4.52
N ILE B 275 19.84 -50.76 5.78
CA ILE B 275 21.22 -50.43 6.12
C ILE B 275 21.90 -51.68 6.65
N THR B 276 23.19 -51.81 6.35
CA THR B 276 24.01 -52.92 6.81
C THR B 276 25.36 -52.35 7.24
N LEU B 277 25.61 -52.33 8.55
CA LEU B 277 26.87 -51.85 9.08
C LEU B 277 27.87 -53.00 9.17
N MET B 278 29.06 -52.79 8.61
CA MET B 278 30.10 -53.81 8.57
C MET B 278 31.37 -53.22 9.16
N GLN B 279 31.96 -53.92 10.13
CA GLN B 279 33.18 -53.46 10.76
C GLN B 279 33.97 -54.67 11.25
N ARG B 280 35.29 -54.52 11.33
CA ARG B 280 36.12 -55.63 11.78
C ARG B 280 36.11 -55.75 13.29
N SER B 281 36.09 -54.61 14.01
CA SER B 281 35.97 -54.65 15.45
C SER B 281 34.71 -55.41 15.84
N GLU B 282 34.84 -56.26 16.87
CA GLU B 282 33.71 -57.10 17.27
C GLU B 282 32.71 -56.38 18.17
N ARG B 283 33.04 -55.20 18.68
CA ARG B 283 32.13 -54.45 19.53
C ARG B 283 31.85 -53.09 18.90
N LEU B 284 30.57 -52.74 18.78
CA LEU B 284 30.22 -51.41 18.32
C LEU B 284 30.87 -50.35 19.19
N LEU B 285 31.61 -49.44 18.56
CA LEU B 285 32.35 -48.44 19.30
C LEU B 285 33.30 -49.12 20.29
N LYS B 286 34.39 -49.68 19.78
CA LYS B 286 35.26 -50.51 20.59
C LYS B 286 35.91 -49.73 21.71
N GLU B 287 36.11 -48.42 21.52
CA GLU B 287 36.83 -47.62 22.49
C GLU B 287 36.00 -47.25 23.71
N TYR B 288 34.68 -47.43 23.65
CA TYR B 288 33.78 -47.05 24.73
C TYR B 288 33.68 -48.17 25.76
N ASP B 289 32.86 -47.93 26.78
CA ASP B 289 32.59 -48.95 27.79
C ASP B 289 31.75 -50.08 27.20
N PRO B 290 31.79 -51.27 27.80
CA PRO B 290 30.96 -52.37 27.27
C PRO B 290 29.48 -52.06 27.30
N GLU B 291 28.99 -51.44 28.38
CA GLU B 291 27.55 -51.16 28.49
C GLU B 291 27.10 -50.24 27.37
N ILE B 292 27.93 -49.26 26.99
CA ILE B 292 27.59 -48.36 25.91
C ILE B 292 27.42 -49.14 24.60
N SER B 293 28.40 -49.99 24.29
CA SER B 293 28.33 -50.79 23.07
C SER B 293 27.08 -51.67 23.06
N GLU B 294 26.85 -52.42 24.14
CA GLU B 294 25.68 -53.28 24.22
C GLU B 294 24.40 -52.49 24.02
N SER B 295 24.31 -51.31 24.64
CA SER B 295 23.07 -50.53 24.58
C SER B 295 22.84 -50.00 23.16
N VAL B 296 23.81 -49.26 22.62
CA VAL B 296 23.63 -48.67 21.29
C VAL B 296 23.39 -49.77 20.25
N GLU B 297 24.08 -50.90 20.41
CA GLU B 297 23.84 -52.04 19.53
C GLU B 297 22.39 -52.51 19.64
N LYS B 298 21.91 -52.66 20.88
CA LYS B 298 20.53 -53.08 21.08
C LYS B 298 19.55 -52.13 20.40
N ALA B 299 19.78 -50.82 20.52
CA ALA B 299 18.88 -49.85 19.88
C ALA B 299 18.96 -49.93 18.37
N LEU B 300 20.17 -50.06 17.82
CA LEU B 300 20.32 -50.16 16.37
C LEU B 300 19.61 -51.39 15.83
N ILE B 301 19.74 -52.52 16.52
CA ILE B 301 19.05 -53.74 16.09
C ILE B 301 17.54 -53.55 16.19
N GLU B 302 17.07 -52.97 17.30
CA GLU B 302 15.65 -52.70 17.45
C GLU B 302 15.12 -51.88 16.27
N GLN B 303 15.90 -50.88 15.83
CA GLN B 303 15.45 -50.00 14.77
C GLN B 303 15.38 -50.71 13.42
N GLY B 304 16.18 -51.74 13.22
CA GLY B 304 16.10 -52.52 11.99
C GLY B 304 17.38 -52.51 11.16
N ILE B 305 18.44 -51.94 11.70
CA ILE B 305 19.73 -51.95 11.02
C ILE B 305 20.39 -53.31 11.23
N ASN B 306 20.87 -53.89 10.14
CA ASN B 306 21.59 -55.16 10.21
C ASN B 306 23.06 -54.90 10.46
N LEU B 307 23.64 -55.63 11.41
CA LEU B 307 25.04 -55.46 11.79
C LEU B 307 25.83 -56.71 11.45
N VAL B 308 27.08 -56.50 11.02
CA VAL B 308 27.99 -57.59 10.67
C VAL B 308 29.32 -57.26 11.35
N LYS B 309 29.52 -57.79 12.55
CA LYS B 309 30.71 -57.53 13.33
C LYS B 309 31.73 -58.65 13.15
N GLY B 310 32.98 -58.36 13.52
CA GLY B 310 34.04 -59.35 13.45
C GLY B 310 34.29 -59.87 12.05
N ALA B 311 33.97 -59.07 11.04
CA ALA B 311 34.11 -59.51 9.66
C ALA B 311 35.55 -59.34 9.19
N THR B 312 36.02 -60.27 8.37
CA THR B 312 37.33 -60.19 7.74
C THR B 312 37.10 -59.86 6.27
N PHE B 313 37.55 -58.67 5.87
CA PHE B 313 37.30 -58.19 4.52
C PHE B 313 38.36 -58.74 3.58
N GLU B 314 37.92 -59.51 2.58
CA GLU B 314 38.80 -60.16 1.64
C GLU B 314 38.77 -59.45 0.28
N ARG B 315 37.59 -59.27 -0.30
CA ARG B 315 37.46 -58.61 -1.57
C ARG B 315 36.04 -58.07 -1.70
N VAL B 316 35.89 -57.09 -2.58
CA VAL B 316 34.58 -56.53 -2.92
C VAL B 316 34.54 -56.29 -4.42
N GLU B 317 33.37 -56.53 -5.02
CA GLU B 317 33.21 -56.44 -6.47
C GLU B 317 32.00 -55.57 -6.77
N GLN B 318 31.89 -55.20 -8.04
CA GLN B 318 30.77 -54.40 -8.53
C GLN B 318 30.38 -54.90 -9.92
N SER B 319 29.09 -54.86 -10.21
CA SER B 319 28.57 -55.35 -11.49
C SER B 319 27.45 -54.41 -11.93
N GLY B 320 27.73 -53.60 -12.95
CA GLY B 320 26.71 -52.79 -13.57
C GLY B 320 26.06 -51.78 -12.66
N GLU B 321 26.79 -51.25 -11.68
CA GLU B 321 26.27 -50.18 -10.82
C GLU B 321 24.98 -50.58 -10.13
N ILE B 322 24.75 -51.87 -9.94
CA ILE B 322 23.53 -52.35 -9.31
C ILE B 322 23.83 -53.58 -8.46
N LYS B 323 25.06 -53.66 -7.96
CA LYS B 323 25.44 -54.81 -7.15
C LYS B 323 26.75 -54.50 -6.44
N ARG B 324 26.88 -55.05 -5.23
CA ARG B 324 28.06 -54.83 -4.40
C ARG B 324 28.51 -56.17 -3.81
N VAL B 325 29.49 -56.17 -2.91
CA VAL B 325 29.97 -57.43 -2.36
C VAL B 325 30.46 -57.29 -0.93
N TYR B 326 30.90 -58.39 -0.34
CA TYR B 326 31.39 -58.42 1.03
C TYR B 326 32.33 -59.61 1.17
N VAL B 327 32.57 -60.05 2.41
CA VAL B 327 33.58 -61.07 2.65
C VAL B 327 33.25 -61.89 3.90
N THR B 328 34.17 -62.79 4.25
CA THR B 328 33.96 -63.79 5.30
C THR B 328 33.81 -63.14 6.68
N VAL B 329 33.15 -63.89 7.57
CA VAL B 329 32.91 -63.47 8.96
C VAL B 329 32.68 -64.70 9.82
N ASN B 330 33.43 -64.83 10.92
CA ASN B 330 33.26 -65.93 11.87
C ASN B 330 33.49 -67.28 11.23
N GLY B 331 34.33 -67.33 10.19
CA GLY B 331 34.69 -68.57 9.54
C GLY B 331 33.77 -69.03 8.44
N SER B 332 32.87 -68.16 7.95
CA SER B 332 31.92 -68.52 6.91
C SER B 332 31.86 -67.40 5.87
N ARG B 333 32.28 -67.69 4.65
CA ARG B 333 32.24 -66.70 3.59
C ARG B 333 30.81 -66.24 3.34
N GLU B 334 30.54 -64.96 3.61
CA GLU B 334 29.22 -64.37 3.37
C GLU B 334 29.38 -63.14 2.50
N VAL B 335 28.27 -62.74 1.86
CA VAL B 335 28.26 -61.61 0.94
C VAL B 335 27.04 -60.74 1.22
N ILE B 336 27.22 -59.43 1.11
CA ILE B 336 26.14 -58.46 1.30
C ILE B 336 26.03 -57.65 0.02
N GLU B 337 25.00 -57.93 -0.77
CA GLU B 337 24.74 -57.14 -1.97
C GLU B 337 24.01 -55.86 -1.58
N SER B 338 24.37 -54.76 -2.23
CA SER B 338 23.79 -53.46 -1.90
C SER B 338 23.67 -52.62 -3.17
N ASP B 339 22.88 -51.56 -3.07
CA ASP B 339 22.75 -50.57 -4.14
C ASP B 339 23.74 -49.43 -3.99
N GLN B 340 24.20 -49.15 -2.77
CA GLN B 340 25.26 -48.17 -2.56
C GLN B 340 26.21 -48.65 -1.49
N LEU B 341 27.45 -48.16 -1.55
CA LEU B 341 28.49 -48.52 -0.60
C LEU B 341 29.11 -47.26 -0.03
N LEU B 342 29.10 -47.15 1.29
CA LEU B 342 29.71 -46.05 2.01
C LEU B 342 30.95 -46.58 2.72
N VAL B 343 32.04 -45.81 2.62
CA VAL B 343 33.31 -46.16 3.24
C VAL B 343 33.57 -45.15 4.35
N ALA B 344 33.59 -45.63 5.59
CA ALA B 344 33.85 -44.79 6.75
C ALA B 344 34.95 -45.42 7.61
N THR B 345 36.04 -45.81 6.95
CA THR B 345 37.15 -46.43 7.66
C THR B 345 37.77 -45.46 8.65
N GLY B 346 38.28 -44.35 8.15
CA GLY B 346 38.88 -43.36 9.02
C GLY B 346 39.07 -42.05 8.29
N ARG B 347 39.99 -41.24 8.81
CA ARG B 347 40.32 -39.96 8.20
C ARG B 347 41.82 -39.75 8.31
N LYS B 348 42.47 -39.63 7.15
CA LYS B 348 43.91 -39.48 7.07
C LYS B 348 44.29 -38.00 7.12
N PRO B 349 45.33 -37.63 7.89
CA PRO B 349 45.80 -36.25 7.86
C PRO B 349 46.26 -35.86 6.46
N ASN B 350 46.06 -34.58 6.13
CA ASN B 350 46.44 -34.07 4.82
C ASN B 350 47.86 -33.49 4.90
N THR B 351 48.82 -34.41 5.04
CA THR B 351 50.23 -34.08 5.13
C THR B 351 51.03 -34.52 3.92
N ASP B 352 50.42 -35.23 2.97
CA ASP B 352 51.15 -35.74 1.82
C ASP B 352 51.61 -34.61 0.92
N SER B 353 50.68 -33.73 0.53
CA SER B 353 51.00 -32.68 -0.44
C SER B 353 51.84 -31.55 0.14
N LEU B 354 52.18 -31.62 1.43
CA LEU B 354 52.91 -30.53 2.08
C LEU B 354 54.42 -30.64 1.92
N ASN B 355 54.94 -31.84 1.66
CA ASN B 355 56.39 -32.05 1.61
C ASN B 355 57.02 -31.58 2.91
N LEU B 356 56.47 -32.06 4.03
CA LEU B 356 56.91 -31.61 5.34
C LEU B 356 58.39 -31.86 5.57
N SER B 357 58.95 -32.88 4.91
CA SER B 357 60.37 -33.16 5.05
C SER B 357 61.25 -32.02 4.57
N ALA B 358 60.73 -31.18 3.67
CA ALA B 358 61.47 -30.01 3.19
C ALA B 358 61.47 -28.87 4.19
N ALA B 359 60.66 -28.95 5.25
CA ALA B 359 60.59 -27.92 6.26
C ALA B 359 61.04 -28.41 7.63
N GLY B 360 61.42 -29.68 7.74
CA GLY B 360 61.86 -30.22 9.02
C GLY B 360 60.72 -30.36 9.99
N VAL B 361 59.62 -30.97 9.54
CA VAL B 361 58.46 -31.22 10.39
C VAL B 361 58.28 -32.72 10.52
N GLU B 362 58.31 -33.21 11.76
CA GLU B 362 58.23 -34.63 12.01
C GLU B 362 56.81 -35.14 11.80
N THR B 363 56.69 -36.36 11.28
CA THR B 363 55.41 -37.01 11.09
C THR B 363 55.36 -38.32 11.86
N GLY B 364 54.16 -38.67 12.33
CA GLY B 364 53.98 -39.83 13.18
C GLY B 364 53.66 -41.08 12.39
N LYS B 365 53.46 -42.17 13.13
CA LYS B 365 53.20 -43.46 12.50
C LYS B 365 51.92 -43.44 11.67
N ASN B 366 50.96 -42.58 12.03
CA ASN B 366 49.69 -42.50 11.34
C ASN B 366 49.60 -41.32 10.39
N ASN B 367 50.74 -40.81 9.93
CA ASN B 367 50.79 -39.77 8.91
C ASN B 367 50.37 -38.39 9.44
N GLU B 368 50.40 -38.19 10.75
CA GLU B 368 49.99 -36.93 11.34
C GLU B 368 51.19 -36.02 11.53
N ILE B 369 50.95 -34.83 12.08
CA ILE B 369 52.00 -33.90 12.44
C ILE B 369 52.17 -33.94 13.95
N LEU B 370 53.42 -34.08 14.39
CA LEU B 370 53.71 -34.11 15.81
C LEU B 370 53.89 -32.70 16.33
N ILE B 371 53.28 -32.43 17.49
CA ILE B 371 53.38 -31.15 18.16
C ILE B 371 53.68 -31.40 19.63
N ASN B 372 54.22 -30.38 20.28
CA ASN B 372 54.47 -30.42 21.71
C ASN B 372 53.21 -29.93 22.45
N ASP B 373 53.36 -29.63 23.74
CA ASP B 373 52.24 -29.14 24.53
C ASP B 373 51.76 -27.77 24.05
N PHE B 374 52.60 -27.02 23.34
CA PHE B 374 52.24 -25.70 22.85
C PHE B 374 51.78 -25.72 21.40
N GLY B 375 51.67 -26.89 20.78
CA GLY B 375 51.30 -26.95 19.39
C GLY B 375 52.43 -26.70 18.43
N GLN B 376 53.67 -26.72 18.90
CA GLN B 376 54.83 -26.41 18.09
C GLN B 376 55.42 -27.68 17.49
N THR B 377 55.69 -27.65 16.19
CA THR B 377 56.27 -28.78 15.50
C THR B 377 57.77 -28.82 15.76
N SER B 378 58.48 -29.74 15.08
CA SER B 378 59.93 -29.78 15.19
C SER B 378 60.56 -28.49 14.65
N ASN B 379 59.86 -27.78 13.77
CA ASN B 379 60.30 -26.47 13.31
C ASN B 379 59.81 -25.41 14.29
N GLU B 380 60.74 -24.60 14.81
CA GLU B 380 60.41 -23.69 15.90
C GLU B 380 59.33 -22.69 15.52
N LYS B 381 59.23 -22.33 14.23
CA LYS B 381 58.29 -21.31 13.78
C LYS B 381 57.18 -21.90 12.90
N ILE B 382 56.89 -23.19 13.09
CA ILE B 382 55.78 -23.84 12.41
C ILE B 382 54.94 -24.53 13.48
N TYR B 383 53.67 -24.13 13.58
CA TYR B 383 52.72 -24.74 14.49
C TYR B 383 51.65 -25.49 13.71
N ALA B 384 50.93 -26.35 14.40
CA ALA B 384 49.89 -27.15 13.78
C ALA B 384 48.73 -27.31 14.74
N ALA B 385 47.54 -27.47 14.19
CA ALA B 385 46.32 -27.62 14.99
C ALA B 385 45.23 -28.21 14.11
N GLY B 386 44.30 -28.91 14.75
CA GLY B 386 43.16 -29.46 14.04
C GLY B 386 43.25 -30.95 13.81
N ASP B 387 42.57 -31.43 12.76
CA ASP B 387 42.57 -32.85 12.48
C ASP B 387 43.94 -33.34 12.01
N VAL B 388 44.74 -32.45 11.40
CA VAL B 388 46.07 -32.85 10.97
C VAL B 388 46.86 -33.37 12.17
N THR B 389 46.72 -32.71 13.31
CA THR B 389 47.20 -33.27 14.58
C THR B 389 46.22 -34.36 14.99
N LEU B 390 46.66 -35.62 14.91
CA LEU B 390 45.72 -36.71 15.14
C LEU B 390 45.29 -36.77 16.60
N GLY B 391 44.48 -35.81 17.02
CA GLY B 391 43.91 -35.82 18.34
C GLY B 391 42.41 -36.02 18.24
N PRO B 392 41.67 -35.69 19.28
CA PRO B 392 40.21 -35.74 19.16
C PRO B 392 39.75 -34.93 17.96
N GLN B 393 39.27 -35.61 16.92
CA GLN B 393 38.96 -34.95 15.66
C GLN B 393 37.55 -34.40 15.73
N PHE B 394 37.43 -33.26 16.41
CA PHE B 394 36.18 -32.54 16.57
C PHE B 394 36.43 -31.08 16.24
N VAL B 395 35.35 -30.38 15.88
CA VAL B 395 35.50 -28.99 15.45
C VAL B 395 35.85 -28.10 16.64
N TYR B 396 35.22 -28.33 17.79
CA TYR B 396 35.53 -27.50 18.95
C TYR B 396 36.97 -27.69 19.39
N VAL B 397 37.48 -28.92 19.32
CA VAL B 397 38.88 -29.15 19.64
C VAL B 397 39.78 -28.46 18.62
N ALA B 398 39.36 -28.44 17.35
CA ALA B 398 40.16 -27.78 16.32
C ALA B 398 40.22 -26.28 16.55
N ALA B 399 39.08 -25.66 16.87
CA ALA B 399 39.07 -24.23 17.14
C ALA B 399 39.89 -23.91 18.38
N TYR B 400 39.69 -24.65 19.46
CA TYR B 400 40.47 -24.46 20.67
C TYR B 400 41.97 -24.51 20.37
N GLU B 401 42.41 -25.58 19.72
CA GLU B 401 43.82 -25.70 19.36
C GLU B 401 44.26 -24.52 18.52
N GLY B 402 43.43 -24.06 17.58
CA GLY B 402 43.79 -22.90 16.79
C GLY B 402 44.08 -21.69 17.65
N GLY B 403 43.16 -21.37 18.56
CA GLY B 403 43.34 -20.21 19.42
C GLY B 403 44.58 -20.32 20.29
N ILE B 404 44.76 -21.47 20.96
CA ILE B 404 45.93 -21.64 21.81
C ILE B 404 47.21 -21.50 21.00
N ILE B 405 47.30 -22.22 19.88
CA ILE B 405 48.49 -22.14 19.04
C ILE B 405 48.78 -20.69 18.67
N THR B 406 47.74 -19.95 18.30
CA THR B 406 47.96 -18.53 17.98
C THR B 406 48.53 -17.80 19.18
N ASP B 407 47.99 -18.05 20.38
CA ASP B 407 48.54 -17.41 21.58
C ASP B 407 50.02 -17.72 21.74
N ASN B 408 50.43 -18.95 21.44
CA ASN B 408 51.83 -19.31 21.60
C ASN B 408 52.70 -18.65 20.55
N ALA B 409 52.35 -18.81 19.26
CA ALA B 409 53.17 -18.27 18.18
C ALA B 409 53.19 -16.74 18.20
N ILE B 410 52.02 -16.12 18.27
CA ILE B 410 51.89 -14.68 18.33
C ILE B 410 51.48 -14.30 19.75
N GLY B 411 52.22 -13.39 20.36
CA GLY B 411 51.98 -13.01 21.73
C GLY B 411 52.82 -13.77 22.74
N GLY B 412 53.45 -14.88 22.34
CA GLY B 412 54.42 -15.54 23.17
C GLY B 412 53.86 -16.30 24.36
N LEU B 413 52.62 -16.02 24.74
CA LEU B 413 52.01 -16.68 25.88
C LEU B 413 52.17 -18.18 25.76
N ASN B 414 52.87 -18.79 26.72
CA ASN B 414 53.13 -20.23 26.69
C ASN B 414 51.99 -20.96 27.40
N LYS B 415 50.88 -21.11 26.69
CA LYS B 415 49.71 -21.82 27.19
C LYS B 415 49.71 -23.23 26.63
N LYS B 416 49.48 -24.22 27.49
CA LYS B 416 49.44 -25.61 27.07
C LYS B 416 48.03 -25.97 26.57
N ILE B 417 47.99 -26.97 25.70
CA ILE B 417 46.74 -27.47 25.15
C ILE B 417 46.19 -28.51 26.13
N ASP B 418 45.09 -28.17 26.80
CA ASP B 418 44.46 -29.03 27.79
C ASP B 418 43.32 -29.79 27.12
N LEU B 419 43.53 -31.07 26.85
CA LEU B 419 42.52 -31.94 26.27
C LEU B 419 42.12 -33.06 27.24
N SER B 420 42.29 -32.82 28.54
CA SER B 420 41.98 -33.85 29.54
C SER B 420 40.48 -34.13 29.63
N VAL B 421 39.63 -33.21 29.19
CA VAL B 421 38.18 -33.38 29.28
C VAL B 421 37.56 -32.89 27.97
N VAL B 422 37.41 -33.79 27.01
CA VAL B 422 36.84 -33.48 25.71
C VAL B 422 35.58 -34.31 25.54
N PRO B 423 34.42 -33.69 25.31
CA PRO B 423 33.21 -34.48 25.09
C PRO B 423 33.13 -35.00 23.66
N ALA B 424 32.40 -36.11 23.51
CA ALA B 424 32.15 -36.73 22.23
C ALA B 424 30.67 -37.08 22.13
N VAL B 425 30.08 -36.79 20.98
CA VAL B 425 28.65 -37.00 20.76
C VAL B 425 28.46 -37.70 19.42
N THR B 426 27.80 -38.85 19.44
CA THR B 426 27.31 -39.53 18.24
C THR B 426 25.82 -39.26 18.16
N PHE B 427 25.41 -38.47 17.15
CA PHE B 427 24.06 -37.93 17.06
C PHE B 427 23.05 -38.94 16.48
N THR B 428 23.25 -40.23 16.73
CA THR B 428 22.19 -41.17 16.46
C THR B 428 21.08 -41.01 17.49
N ASN B 429 19.98 -41.73 17.29
CA ASN B 429 18.92 -41.76 18.29
C ASN B 429 18.64 -43.20 18.71
N PRO B 430 18.95 -43.55 19.97
CA PRO B 430 19.45 -42.69 21.06
C PRO B 430 20.86 -42.16 20.80
N THR B 431 21.10 -40.94 21.26
CA THR B 431 22.41 -40.33 21.10
C THR B 431 23.42 -40.96 22.05
N VAL B 432 24.65 -41.13 21.57
CA VAL B 432 25.76 -41.58 22.41
C VAL B 432 26.57 -40.36 22.82
N ALA B 433 27.05 -40.36 24.06
CA ALA B 433 27.75 -39.18 24.56
C ALA B 433 28.72 -39.60 25.65
N THR B 434 29.99 -39.22 25.51
CA THR B 434 31.02 -39.61 26.47
C THR B 434 31.85 -38.41 26.85
N VAL B 435 32.27 -38.37 28.12
CA VAL B 435 33.24 -37.39 28.57
C VAL B 435 34.02 -38.00 29.72
N GLY B 436 35.32 -37.80 29.71
CA GLY B 436 36.16 -38.35 30.74
C GLY B 436 36.55 -39.79 30.45
N LEU B 437 36.91 -40.50 31.51
CA LEU B 437 37.48 -41.84 31.40
C LEU B 437 36.41 -42.91 31.44
N THR B 438 36.69 -44.02 30.75
CA THR B 438 35.90 -45.23 30.89
C THR B 438 36.34 -45.99 32.13
N GLU B 439 35.74 -47.16 32.36
CA GLU B 439 36.14 -47.98 33.49
C GLU B 439 37.56 -48.52 33.29
N GLU B 440 37.83 -49.14 32.15
CA GLU B 440 39.16 -49.66 31.88
C GLU B 440 40.19 -48.53 31.85
N GLN B 441 39.82 -47.37 31.33
CA GLN B 441 40.75 -46.25 31.27
C GLN B 441 41.10 -45.76 32.67
N ALA B 442 40.09 -45.60 33.53
CA ALA B 442 40.36 -45.14 34.89
C ALA B 442 41.18 -46.15 35.68
N LYS B 443 40.95 -47.45 35.44
CA LYS B 443 41.77 -48.46 36.08
C LYS B 443 43.21 -48.38 35.57
N GLU B 444 43.38 -48.22 34.26
CA GLU B 444 44.73 -48.15 33.69
C GLU B 444 45.50 -46.96 34.21
N LYS B 445 44.84 -45.81 34.33
CA LYS B 445 45.50 -44.63 34.88
C LYS B 445 45.92 -44.84 36.32
N GLY B 446 45.34 -45.81 37.01
CA GLY B 446 45.71 -46.14 38.39
C GLY B 446 44.65 -45.83 39.42
N TYR B 447 43.49 -45.32 39.02
CA TYR B 447 42.45 -44.96 39.97
C TYR B 447 41.87 -46.19 40.66
N ASP B 448 41.30 -45.96 41.84
CA ASP B 448 40.49 -46.96 42.53
C ASP B 448 39.04 -46.71 42.14
N VAL B 449 38.60 -47.43 41.12
CA VAL B 449 37.35 -47.08 40.45
C VAL B 449 36.15 -47.63 41.21
N LYS B 450 35.04 -46.90 41.11
CA LYS B 450 33.75 -47.32 41.63
C LYS B 450 32.71 -46.92 40.60
N THR B 451 31.99 -47.89 40.06
CA THR B 451 31.09 -47.68 38.94
C THR B 451 29.65 -47.83 39.35
N SER B 452 28.77 -47.11 38.65
CA SER B 452 27.32 -47.27 38.83
C SER B 452 26.66 -47.19 37.47
N VAL B 453 25.93 -48.23 37.10
CA VAL B 453 25.26 -48.31 35.81
C VAL B 453 23.75 -48.29 36.06
N LEU B 454 23.05 -47.42 35.34
CA LEU B 454 21.62 -47.25 35.49
C LEU B 454 20.94 -47.50 34.15
N PRO B 455 20.00 -48.44 34.05
CA PRO B 455 19.29 -48.62 32.78
C PRO B 455 18.33 -47.46 32.53
N LEU B 456 18.11 -47.17 31.25
CA LEU B 456 17.31 -46.01 30.88
C LEU B 456 15.87 -46.14 31.35
N ASP B 457 15.37 -47.38 31.49
CA ASP B 457 14.01 -47.58 31.97
C ASP B 457 13.82 -47.12 33.41
N ALA B 458 14.86 -46.64 34.08
CA ALA B 458 14.74 -46.07 35.41
C ALA B 458 14.61 -44.56 35.39
N VAL B 459 14.81 -43.92 34.24
CA VAL B 459 14.70 -42.47 34.14
C VAL B 459 13.25 -42.11 33.81
N PRO B 460 12.61 -41.24 34.59
CA PRO B 460 11.21 -40.90 34.28
C PRO B 460 11.04 -40.32 32.88
N ARG B 461 11.92 -39.42 32.44
CA ARG B 461 11.75 -38.79 31.14
C ARG B 461 11.74 -39.83 30.03
N ALA B 462 12.60 -40.84 30.12
CA ALA B 462 12.57 -41.91 29.14
C ALA B 462 11.26 -42.67 29.19
N ILE B 463 10.65 -42.75 30.37
CA ILE B 463 9.41 -43.51 30.50
C ILE B 463 8.25 -42.75 29.86
N VAL B 464 8.08 -41.48 30.22
CA VAL B 464 6.99 -40.71 29.64
C VAL B 464 7.13 -40.62 28.12
N ASN B 465 8.37 -40.62 27.63
CA ASN B 465 8.59 -40.65 26.18
C ASN B 465 8.33 -42.02 25.59
N ARG B 466 8.18 -43.06 26.42
CA ARG B 466 7.93 -44.42 25.96
C ARG B 466 9.06 -44.93 25.06
N GLU B 467 10.29 -44.49 25.34
CA GLU B 467 11.48 -45.00 24.68
C GLU B 467 12.57 -45.11 25.73
N THR B 468 12.95 -46.35 26.08
CA THR B 468 13.79 -46.62 27.23
C THR B 468 14.94 -47.56 26.88
N THR B 469 15.54 -47.39 25.70
CA THR B 469 16.69 -48.18 25.29
C THR B 469 17.91 -47.30 25.42
N GLY B 470 18.65 -47.48 26.51
CA GLY B 470 19.81 -46.67 26.77
C GLY B 470 20.46 -47.04 28.09
N VAL B 471 21.32 -46.16 28.57
CA VAL B 471 22.03 -46.42 29.82
C VAL B 471 22.76 -45.17 30.28
N PHE B 472 22.90 -45.01 31.60
CA PHE B 472 23.72 -43.97 32.20
C PHE B 472 24.81 -44.65 33.02
N LYS B 473 26.06 -44.52 32.59
CA LYS B 473 27.19 -45.09 33.31
C LYS B 473 27.97 -43.97 33.98
N LEU B 474 28.32 -44.19 35.25
CA LEU B 474 29.00 -43.21 36.08
C LEU B 474 30.25 -43.86 36.65
N VAL B 475 31.41 -43.33 36.30
CA VAL B 475 32.70 -43.84 36.76
C VAL B 475 33.24 -42.83 37.77
N ALA B 476 33.51 -43.30 38.99
CA ALA B 476 33.95 -42.42 40.07
C ALA B 476 35.19 -42.99 40.72
N ASP B 477 35.83 -42.17 41.55
CA ASP B 477 36.98 -42.59 42.35
C ASP B 477 36.47 -42.98 43.73
N ALA B 478 36.67 -44.26 44.10
CA ALA B 478 36.14 -44.75 45.36
C ALA B 478 36.69 -43.98 46.55
N GLU B 479 37.93 -43.49 46.45
CA GLU B 479 38.55 -42.80 47.58
C GLU B 479 37.98 -41.41 47.76
N THR B 480 38.05 -40.58 46.71
CA THR B 480 37.60 -39.20 46.79
C THR B 480 36.19 -38.98 46.27
N LEU B 481 35.56 -40.00 45.69
CA LEU B 481 34.20 -39.92 45.16
C LEU B 481 34.07 -38.95 43.99
N LYS B 482 35.18 -38.43 43.48
CA LYS B 482 35.12 -37.47 42.38
C LYS B 482 34.71 -38.17 41.09
N VAL B 483 33.95 -37.47 40.27
CA VAL B 483 33.48 -38.03 39.01
C VAL B 483 34.63 -38.06 38.01
N LEU B 484 34.97 -39.24 37.51
CA LEU B 484 36.05 -39.42 36.55
C LEU B 484 35.56 -39.53 35.12
N GLY B 485 34.34 -39.99 34.90
CA GLY B 485 33.81 -40.13 33.56
C GLY B 485 32.32 -40.41 33.52
N VAL B 486 31.66 -39.91 32.48
CA VAL B 486 30.23 -40.12 32.27
C VAL B 486 30.02 -40.60 30.84
N HIS B 487 29.14 -41.58 30.68
CA HIS B 487 28.90 -42.22 29.39
C HIS B 487 27.42 -42.52 29.30
N ILE B 488 26.76 -41.94 28.30
CA ILE B 488 25.31 -41.92 28.19
C ILE B 488 24.91 -42.40 26.81
N VAL B 489 23.82 -43.18 26.75
CA VAL B 489 23.16 -43.53 25.51
C VAL B 489 21.69 -43.23 25.73
N SER B 490 21.21 -42.10 25.21
CA SER B 490 19.83 -41.70 25.42
C SER B 490 19.50 -40.55 24.50
N GLU B 491 18.20 -40.26 24.40
CA GLU B 491 17.73 -39.14 23.60
C GLU B 491 18.24 -37.83 24.21
N ASN B 492 18.60 -36.90 23.34
CA ASN B 492 19.10 -35.60 23.76
C ASN B 492 20.12 -35.76 24.89
N ALA B 493 21.03 -36.73 24.71
CA ALA B 493 22.12 -36.94 25.64
C ALA B 493 23.25 -35.94 25.47
N GLY B 494 23.35 -35.30 24.30
CA GLY B 494 24.41 -34.34 24.08
C GLY B 494 24.37 -33.16 25.03
N ASP B 495 23.17 -32.79 25.50
CA ASP B 495 23.03 -31.70 26.45
C ASP B 495 23.36 -32.09 27.88
N VAL B 496 23.30 -33.39 28.21
CA VAL B 496 23.59 -33.80 29.58
C VAL B 496 25.10 -33.87 29.81
N ILE B 497 25.85 -34.38 28.83
CA ILE B 497 27.28 -34.53 29.02
C ILE B 497 27.95 -33.17 29.21
N TYR B 498 27.31 -32.07 28.81
CA TYR B 498 27.87 -30.77 29.17
C TYR B 498 27.94 -30.62 30.69
N ALA B 499 26.80 -30.84 31.35
CA ALA B 499 26.78 -30.91 32.81
C ALA B 499 27.84 -31.87 33.32
N ALA B 500 27.88 -33.08 32.75
CA ALA B 500 28.89 -34.05 33.16
C ALA B 500 30.29 -33.47 33.05
N SER B 501 30.58 -32.77 31.95
CA SER B 501 31.87 -32.12 31.77
C SER B 501 32.15 -31.15 32.91
N LEU B 502 31.20 -30.26 33.21
CA LEU B 502 31.39 -29.35 34.33
C LEU B 502 31.71 -30.11 35.60
N ALA B 503 31.10 -31.29 35.77
CA ALA B 503 31.37 -32.10 36.98
C ALA B 503 32.77 -32.69 36.96
N VAL B 504 33.24 -33.12 35.79
CA VAL B 504 34.54 -33.79 35.71
C VAL B 504 35.68 -32.79 35.80
N LYS B 505 35.60 -31.70 35.03
CA LYS B 505 36.70 -30.74 34.99
C LYS B 505 36.94 -30.12 36.35
N PHE B 506 35.87 -29.73 37.03
CA PHE B 506 35.96 -29.04 38.30
C PHE B 506 35.79 -29.98 39.49
N GLY B 507 35.99 -31.27 39.28
CA GLY B 507 36.10 -32.22 40.37
C GLY B 507 34.91 -32.29 41.29
N LEU B 508 33.70 -32.31 40.74
CA LEU B 508 32.51 -32.53 41.56
C LEU B 508 32.40 -34.01 41.91
N THR B 509 31.89 -34.28 43.11
CA THR B 509 31.75 -35.64 43.60
C THR B 509 30.34 -36.15 43.34
N VAL B 510 30.18 -37.47 43.45
CA VAL B 510 28.84 -38.04 43.34
C VAL B 510 27.93 -37.46 44.40
N GLU B 511 28.47 -37.24 45.60
CA GLU B 511 27.69 -36.58 46.65
C GLU B 511 27.22 -35.20 46.21
N ASP B 512 28.07 -34.47 45.49
CA ASP B 512 27.67 -33.19 44.93
C ASP B 512 26.50 -33.37 43.97
N LEU B 513 26.54 -34.41 43.13
CA LEU B 513 25.46 -34.66 42.19
C LEU B 513 24.16 -35.04 42.90
N THR B 514 24.25 -35.69 44.06
CA THR B 514 23.04 -36.01 44.81
C THR B 514 22.49 -34.81 45.57
N GLU B 515 23.35 -33.90 46.02
CA GLU B 515 22.88 -32.72 46.75
C GLU B 515 22.13 -31.76 45.84
N THR B 516 22.49 -31.69 44.56
CA THR B 516 21.84 -30.75 43.65
C THR B 516 20.44 -31.22 43.30
N LEU B 517 19.51 -30.27 43.25
CA LEU B 517 18.16 -30.59 42.83
C LEU B 517 18.09 -30.66 41.32
N ALA B 518 17.52 -31.74 40.80
CA ALA B 518 17.42 -31.96 39.38
C ALA B 518 15.97 -31.80 38.91
N PRO B 519 15.74 -31.17 37.76
CA PRO B 519 14.36 -31.05 37.27
C PRO B 519 13.77 -32.42 36.95
N TYR B 520 12.55 -32.65 37.41
CA TYR B 520 11.88 -33.92 37.19
C TYR B 520 11.48 -34.06 35.74
N LEU B 521 11.55 -35.29 35.22
CA LEU B 521 11.18 -35.60 33.85
C LEU B 521 12.07 -34.85 32.85
N THR B 522 13.36 -34.77 33.15
CA THR B 522 14.38 -34.38 32.20
C THR B 522 15.42 -35.49 32.15
N MET B 523 16.15 -35.56 31.04
CA MET B 523 17.16 -36.60 30.91
C MET B 523 18.37 -36.33 31.79
N ALA B 524 18.66 -35.05 32.06
CA ALA B 524 19.74 -34.72 32.99
C ALA B 524 19.53 -35.39 34.33
N GLU B 525 18.27 -35.56 34.74
CA GLU B 525 17.99 -36.26 35.99
C GLU B 525 18.72 -37.60 36.05
N GLY B 526 18.91 -38.25 34.90
CA GLY B 526 19.63 -39.50 34.87
C GLY B 526 20.93 -39.45 35.67
N LEU B 527 21.71 -38.39 35.46
CA LEU B 527 22.93 -38.21 36.24
C LEU B 527 22.67 -38.43 37.73
N LYS B 528 21.75 -37.65 38.30
CA LYS B 528 21.42 -37.79 39.70
C LYS B 528 21.02 -39.22 40.02
N LEU B 529 20.13 -39.80 39.20
CA LEU B 529 19.68 -41.16 39.44
C LEU B 529 20.84 -42.14 39.39
N ALA B 530 21.85 -41.86 38.57
CA ALA B 530 23.04 -42.71 38.55
C ALA B 530 23.89 -42.49 39.79
N ALA B 531 23.95 -41.24 40.27
CA ALA B 531 24.73 -40.94 41.47
C ALA B 531 24.12 -41.56 42.72
N LEU B 532 22.83 -41.86 42.71
CA LEU B 532 22.17 -42.52 43.83
C LEU B 532 22.25 -44.03 43.70
N THR B 533 23.46 -44.54 43.52
CA THR B 533 23.69 -45.98 43.40
C THR B 533 25.08 -46.32 43.92
N PHE B 534 25.38 -45.88 45.14
CA PHE B 534 26.69 -46.13 45.77
C PHE B 534 26.47 -46.56 47.21
N ASP B 535 26.99 -47.72 47.57
CA ASP B 535 26.77 -48.29 48.90
C ASP B 535 27.80 -47.76 49.88
N ASP C 83 -30.61 0.99 -46.39
CA ASP C 83 -29.79 1.49 -47.49
C ASP C 83 -28.90 0.39 -48.08
N ASN C 84 -28.19 0.73 -49.16
CA ASN C 84 -27.26 -0.19 -49.81
C ASN C 84 -25.85 0.22 -49.37
N TYR C 85 -25.42 -0.32 -48.23
CA TYR C 85 -24.13 0.02 -47.68
C TYR C 85 -23.01 -0.69 -48.45
N ASP C 86 -21.82 -0.10 -48.40
CA ASP C 86 -20.64 -0.78 -48.92
C ASP C 86 -20.13 -1.83 -47.96
N LEU C 87 -20.20 -1.57 -46.66
CA LEU C 87 -19.76 -2.52 -45.65
C LEU C 87 -20.60 -2.34 -44.40
N LEU C 88 -21.19 -3.44 -43.94
CA LEU C 88 -22.05 -3.44 -42.77
C LEU C 88 -21.39 -4.26 -41.67
N ILE C 89 -21.23 -3.66 -40.50
CA ILE C 89 -20.55 -4.27 -39.37
C ILE C 89 -21.57 -4.62 -38.31
N ILE C 90 -21.56 -5.87 -37.87
CA ILE C 90 -22.38 -6.32 -36.76
C ILE C 90 -21.48 -6.33 -35.53
N GLY C 91 -21.58 -5.28 -34.73
CA GLY C 91 -20.76 -5.16 -33.54
C GLY C 91 -20.22 -3.75 -33.36
N SER C 92 -19.72 -3.47 -32.16
CA SER C 92 -19.19 -2.15 -31.83
C SER C 92 -17.88 -2.23 -31.06
N GLY C 93 -17.20 -3.38 -31.08
CA GLY C 93 -16.00 -3.56 -30.30
C GLY C 93 -14.76 -3.04 -31.00
N ALA C 94 -13.61 -3.50 -30.52
CA ALA C 94 -12.35 -3.05 -31.09
C ALA C 94 -12.24 -3.42 -32.56
N ALA C 95 -12.64 -4.65 -32.91
CA ALA C 95 -12.61 -5.06 -34.30
C ALA C 95 -13.58 -4.23 -35.14
N ALA C 96 -14.76 -3.95 -34.60
CA ALA C 96 -15.73 -3.15 -35.33
C ALA C 96 -15.21 -1.74 -35.58
N PHE C 97 -14.51 -1.15 -34.60
CA PHE C 97 -14.02 0.20 -34.75
C PHE C 97 -12.82 0.26 -35.70
N SER C 98 -11.83 -0.59 -35.48
CA SER C 98 -10.70 -0.67 -36.41
C SER C 98 -11.19 -0.89 -37.84
N SER C 99 -12.11 -1.83 -38.02
CA SER C 99 -12.62 -2.10 -39.36
C SER C 99 -13.39 -0.92 -39.92
N ALA C 100 -14.17 -0.24 -39.09
CA ALA C 100 -14.94 0.90 -39.58
C ALA C 100 -14.00 2.01 -40.05
N ILE C 101 -13.00 2.34 -39.23
CA ILE C 101 -12.03 3.36 -39.62
C ILE C 101 -11.35 2.96 -40.92
N LYS C 102 -10.68 1.80 -40.92
CA LYS C 102 -9.91 1.40 -42.09
C LYS C 102 -10.80 1.30 -43.33
N ALA C 103 -12.09 1.05 -43.14
CA ALA C 103 -13.01 0.97 -44.27
C ALA C 103 -13.37 2.36 -44.79
N ILE C 104 -13.57 3.33 -43.89
CA ILE C 104 -13.82 4.70 -44.33
C ILE C 104 -12.59 5.27 -45.01
N GLU C 105 -11.39 4.81 -44.62
CA GLU C 105 -10.18 5.26 -45.30
C GLU C 105 -10.28 4.97 -46.80
N TYR C 106 -10.85 3.82 -47.16
CA TYR C 106 -11.09 3.48 -48.56
C TYR C 106 -12.26 4.22 -49.19
N GLY C 107 -12.99 5.02 -48.40
CA GLY C 107 -14.10 5.77 -48.94
C GLY C 107 -15.36 4.97 -49.15
N ALA C 108 -15.73 4.13 -48.20
CA ALA C 108 -16.90 3.29 -48.30
C ALA C 108 -17.97 3.72 -47.29
N LYS C 109 -19.22 3.71 -47.72
CA LYS C 109 -20.33 3.94 -46.80
C LYS C 109 -20.50 2.70 -45.94
N VAL C 110 -20.32 2.85 -44.63
CA VAL C 110 -20.34 1.70 -43.73
C VAL C 110 -21.36 1.94 -42.61
N GLY C 111 -21.80 0.85 -42.02
CA GLY C 111 -22.77 0.91 -40.94
C GLY C 111 -22.30 0.11 -39.74
N MET C 112 -22.67 0.59 -38.56
CA MET C 112 -22.33 -0.04 -37.30
C MET C 112 -23.62 -0.43 -36.60
N ILE C 113 -23.88 -1.73 -36.52
CA ILE C 113 -25.09 -2.24 -35.86
C ILE C 113 -24.70 -2.71 -34.47
N GLU C 114 -25.25 -2.06 -33.46
CA GLU C 114 -24.94 -2.36 -32.07
C GLU C 114 -26.19 -2.85 -31.36
N ARG C 115 -26.07 -3.97 -30.65
CA ARG C 115 -27.19 -4.52 -29.90
C ARG C 115 -27.48 -3.72 -28.64
N GLY C 116 -26.43 -3.35 -27.89
CA GLY C 116 -26.61 -2.63 -26.65
C GLY C 116 -25.73 -1.40 -26.55
N THR C 117 -24.91 -1.33 -25.51
CA THR C 117 -24.06 -0.17 -25.27
C THR C 117 -22.88 -0.17 -26.22
N VAL C 118 -22.61 0.98 -26.84
CA VAL C 118 -21.50 1.10 -27.79
C VAL C 118 -20.18 0.87 -27.07
N GLY C 119 -19.20 0.35 -27.81
CA GLY C 119 -17.84 0.19 -27.32
C GLY C 119 -17.41 -1.24 -27.12
N GLY C 120 -18.33 -2.16 -26.90
CA GLY C 120 -17.96 -3.54 -26.69
C GLY C 120 -17.57 -3.85 -25.26
N THR C 121 -16.83 -4.95 -25.11
CA THR C 121 -16.51 -5.48 -23.79
C THR C 121 -15.34 -4.75 -23.14
N CYS C 122 -14.26 -4.51 -23.89
CA CYS C 122 -13.03 -4.06 -23.26
C CYS C 122 -13.23 -2.74 -22.53
N VAL C 123 -14.04 -1.86 -23.10
CA VAL C 123 -14.13 -0.49 -22.57
C VAL C 123 -15.07 -0.43 -21.38
N ASN C 124 -16.19 -1.15 -21.44
CA ASN C 124 -17.26 -1.02 -20.45
C ASN C 124 -17.22 -2.09 -19.37
N ILE C 125 -17.14 -3.37 -19.74
CA ILE C 125 -17.30 -4.46 -18.80
C ILE C 125 -16.08 -5.36 -18.77
N GLY C 126 -14.99 -4.97 -19.43
CA GLY C 126 -13.85 -5.87 -19.55
C GLY C 126 -12.55 -5.35 -18.99
N CYS C 127 -11.62 -4.99 -19.88
CA CYS C 127 -10.24 -4.73 -19.50
C CYS C 127 -10.13 -3.54 -18.54
N VAL C 128 -10.61 -2.39 -18.97
CA VAL C 128 -10.37 -1.12 -18.28
C VAL C 128 -10.84 -1.22 -16.84
N PRO C 129 -12.11 -1.56 -16.58
CA PRO C 129 -12.57 -1.64 -15.19
C PRO C 129 -11.75 -2.58 -14.33
N SER C 130 -11.55 -3.81 -14.83
CA SER C 130 -10.74 -4.79 -14.11
C SER C 130 -9.38 -4.23 -13.74
N LYS C 131 -8.73 -3.52 -14.67
CA LYS C 131 -7.35 -3.11 -14.45
C LYS C 131 -7.25 -1.91 -13.51
N THR C 132 -8.17 -0.95 -13.63
CA THR C 132 -8.14 0.18 -12.70
C THR C 132 -8.45 -0.29 -11.28
N LEU C 133 -9.50 -1.12 -11.14
CA LEU C 133 -9.81 -1.66 -9.82
C LEU C 133 -8.65 -2.48 -9.29
N LEU C 134 -7.99 -3.24 -10.17
CA LEU C 134 -6.82 -4.00 -9.75
C LEU C 134 -5.72 -3.07 -9.25
N ARG C 135 -5.55 -1.92 -9.90
CA ARG C 135 -4.57 -0.95 -9.42
C ARG C 135 -4.91 -0.50 -8.01
N ALA C 136 -6.16 -0.11 -7.78
CA ALA C 136 -6.56 0.30 -6.43
C ALA C 136 -6.28 -0.82 -5.42
N GLY C 137 -6.69 -2.05 -5.75
CA GLY C 137 -6.48 -3.15 -4.85
C GLY C 137 -5.00 -3.37 -4.54
N GLU C 138 -4.15 -3.24 -5.55
CA GLU C 138 -2.72 -3.39 -5.31
C GLU C 138 -2.21 -2.29 -4.39
N ILE C 139 -2.69 -1.07 -4.55
CA ILE C 139 -2.28 0.03 -3.69
C ILE C 139 -2.65 -0.27 -2.25
N ILE C 140 -3.91 -0.66 -2.00
CA ILE C 140 -4.33 -0.90 -0.62
C ILE C 140 -3.61 -2.12 -0.05
N HIS C 141 -3.31 -3.11 -0.89
CA HIS C 141 -2.58 -4.29 -0.42
C HIS C 141 -1.17 -3.93 0.02
N LEU C 142 -0.48 -3.10 -0.76
CA LEU C 142 0.84 -2.63 -0.33
C LEU C 142 0.73 -1.74 0.90
N SER C 143 -0.37 -1.03 1.05
CA SER C 143 -0.55 -0.19 2.24
C SER C 143 -0.77 -1.04 3.49
N LYS C 144 -1.42 -2.20 3.35
CA LYS C 144 -1.74 -3.02 4.52
C LYS C 144 -0.58 -3.92 4.93
N ASP C 145 0.12 -4.49 3.95
CA ASP C 145 1.18 -5.46 4.22
C ASP C 145 2.31 -5.23 3.23
N ASN C 146 3.46 -4.79 3.73
CA ASN C 146 4.65 -4.62 2.90
C ASN C 146 5.84 -5.15 3.68
N PRO C 147 6.90 -5.59 2.99
CA PRO C 147 8.02 -6.23 3.68
C PRO C 147 9.01 -5.27 4.32
N PHE C 148 8.88 -3.97 4.12
CA PHE C 148 9.82 -3.00 4.66
C PHE C 148 9.44 -2.66 6.10
N ILE C 149 10.41 -2.71 6.99
CA ILE C 149 10.12 -2.65 8.43
C ILE C 149 9.82 -1.23 8.86
N GLY C 150 10.71 -0.29 8.55
CA GLY C 150 10.56 1.06 9.08
C GLY C 150 9.25 1.73 8.74
N LEU C 151 8.58 1.31 7.67
CA LEU C 151 7.34 1.96 7.28
C LEU C 151 6.23 1.66 8.27
N GLN C 152 5.42 2.68 8.57
CA GLN C 152 4.25 2.57 9.44
C GLN C 152 3.04 2.94 8.60
N THR C 153 2.60 2.01 7.75
CA THR C 153 1.46 2.21 6.87
C THR C 153 0.31 1.32 7.31
N SER C 154 -0.91 1.74 6.97
CA SER C 154 -2.10 1.02 7.34
C SER C 154 -3.17 1.21 6.27
N ALA C 155 -4.13 0.30 6.26
CA ALA C 155 -5.22 0.32 5.28
C ALA C 155 -6.54 0.05 5.99
N GLY C 156 -7.44 1.02 5.95
CA GLY C 156 -8.75 0.89 6.58
C GLY C 156 -9.75 0.20 5.67
N GLU C 157 -10.99 0.16 6.16
CA GLU C 157 -12.07 -0.44 5.38
C GLU C 157 -12.29 0.33 4.08
N VAL C 158 -12.73 -0.39 3.05
CA VAL C 158 -12.84 0.15 1.70
C VAL C 158 -14.30 0.47 1.41
N ASP C 159 -14.53 1.61 0.78
CA ASP C 159 -15.87 2.01 0.31
C ASP C 159 -15.94 1.63 -1.17
N LEU C 160 -16.39 0.41 -1.43
CA LEU C 160 -16.40 -0.11 -2.80
C LEU C 160 -17.30 0.72 -3.71
N ALA C 161 -18.42 1.23 -3.18
CA ALA C 161 -19.31 2.05 -3.99
C ALA C 161 -18.56 3.20 -4.66
N SER C 162 -17.67 3.85 -3.91
CA SER C 162 -16.88 4.94 -4.48
C SER C 162 -15.96 4.44 -5.58
N LEU C 163 -15.29 3.31 -5.36
CA LEU C 163 -14.39 2.77 -6.37
C LEU C 163 -15.15 2.45 -7.65
N ILE C 164 -16.37 1.92 -7.53
CA ILE C 164 -17.12 1.53 -8.71
C ILE C 164 -17.66 2.75 -9.43
N THR C 165 -18.12 3.76 -8.68
CA THR C 165 -18.61 4.97 -9.34
C THR C 165 -17.47 5.68 -10.08
N GLN C 166 -16.31 5.83 -9.43
CA GLN C 166 -15.16 6.41 -10.11
C GLN C 166 -14.75 5.58 -11.32
N LYS C 167 -14.76 4.26 -11.18
CA LYS C 167 -14.50 3.37 -12.31
C LYS C 167 -15.43 3.70 -13.47
N ASP C 168 -16.73 3.81 -13.17
CA ASP C 168 -17.70 4.09 -14.23
C ASP C 168 -17.45 5.46 -14.86
N LYS C 169 -17.07 6.45 -14.05
CA LYS C 169 -16.69 7.74 -14.61
C LYS C 169 -15.51 7.59 -15.57
N LEU C 170 -14.57 6.70 -15.25
CA LEU C 170 -13.40 6.52 -16.10
C LEU C 170 -13.75 5.80 -17.41
N VAL C 171 -14.59 4.76 -17.34
CA VAL C 171 -14.97 4.05 -18.56
C VAL C 171 -15.85 4.94 -19.43
N SER C 172 -16.66 5.80 -18.81
CA SER C 172 -17.46 6.75 -19.58
C SER C 172 -16.56 7.78 -20.28
N GLU C 173 -15.62 8.36 -19.55
CA GLU C 173 -14.65 9.26 -20.17
C GLU C 173 -13.93 8.57 -21.32
N LEU C 174 -13.53 7.32 -21.13
CA LEU C 174 -12.75 6.63 -22.15
C LEU C 174 -13.59 6.30 -23.38
N ARG C 175 -14.78 5.75 -23.16
CA ARG C 175 -15.69 5.49 -24.27
C ARG C 175 -16.02 6.78 -25.01
N ASN C 176 -16.07 7.90 -24.29
CA ASN C 176 -16.27 9.19 -24.93
C ASN C 176 -15.06 9.55 -25.79
N GLN C 177 -13.85 9.24 -25.34
CA GLN C 177 -12.68 9.41 -26.20
C GLN C 177 -12.76 8.51 -27.42
N LYS C 178 -13.51 7.41 -27.33
CA LYS C 178 -13.80 6.56 -28.49
C LYS C 178 -14.96 7.08 -29.33
N TYR C 179 -15.77 8.00 -28.81
CA TYR C 179 -16.91 8.54 -29.55
C TYR C 179 -16.51 9.62 -30.55
N MET C 180 -15.26 10.07 -30.54
CA MET C 180 -14.81 11.01 -31.56
C MET C 180 -14.94 10.44 -32.98
N ASP C 181 -15.29 9.16 -33.12
CA ASP C 181 -15.43 8.53 -34.42
C ASP C 181 -16.83 8.65 -35.01
N LEU C 182 -17.83 9.02 -34.22
CA LEU C 182 -19.16 9.24 -34.78
C LEU C 182 -19.21 10.55 -35.55
N ILE C 183 -18.81 11.64 -34.90
CA ILE C 183 -18.78 12.97 -35.52
C ILE C 183 -17.71 12.99 -36.60
N ASP C 184 -16.45 12.84 -36.21
CA ASP C 184 -15.38 12.59 -37.17
C ASP C 184 -15.66 11.24 -37.85
N GLU C 185 -14.97 11.00 -38.96
CA GLU C 185 -15.32 9.88 -39.82
C GLU C 185 -16.81 9.94 -40.16
N TYR C 186 -17.28 11.12 -40.53
CA TYR C 186 -18.70 11.37 -40.78
C TYR C 186 -19.16 10.65 -42.04
N ASN C 187 -19.02 9.34 -42.03
CA ASN C 187 -19.39 8.47 -43.14
C ASN C 187 -20.33 7.39 -42.62
N PHE C 188 -19.91 6.70 -41.57
CA PHE C 188 -20.62 5.53 -41.10
C PHE C 188 -21.84 5.93 -40.28
N ASP C 189 -22.83 5.04 -40.27
CA ASP C 189 -24.12 5.28 -39.64
C ASP C 189 -24.32 4.31 -38.49
N LEU C 190 -24.68 4.84 -37.33
CA LEU C 190 -24.90 4.03 -36.13
C LEU C 190 -26.34 3.54 -36.12
N ILE C 191 -26.52 2.24 -36.34
CA ILE C 191 -27.80 1.57 -36.24
C ILE C 191 -27.82 0.79 -34.94
N LYS C 192 -28.86 0.97 -34.13
CA LYS C 192 -28.96 0.33 -32.83
C LYS C 192 -30.09 -0.69 -32.84
N GLY C 193 -29.77 -1.91 -32.43
CA GLY C 193 -30.70 -3.01 -32.43
C GLY C 193 -29.97 -4.32 -32.61
N GLU C 194 -30.70 -5.41 -32.36
CA GLU C 194 -30.16 -6.75 -32.51
C GLU C 194 -30.32 -7.19 -33.96
N ALA C 195 -29.24 -7.66 -34.56
CA ALA C 195 -29.21 -8.04 -35.97
C ALA C 195 -29.27 -9.54 -36.11
N LYS C 196 -29.98 -10.00 -37.13
CA LYS C 196 -30.00 -11.41 -37.50
C LYS C 196 -29.95 -11.52 -39.02
N PHE C 197 -29.28 -12.57 -39.50
CA PHE C 197 -29.19 -12.78 -40.94
C PHE C 197 -30.45 -13.46 -41.47
N VAL C 198 -30.92 -12.96 -42.60
CA VAL C 198 -32.05 -13.57 -43.30
C VAL C 198 -31.69 -13.98 -44.72
N ASP C 199 -30.54 -13.58 -45.23
CA ASP C 199 -30.17 -13.84 -46.62
C ASP C 199 -28.65 -13.80 -46.70
N ALA C 200 -28.12 -14.33 -47.81
CA ALA C 200 -26.69 -14.32 -48.05
C ALA C 200 -26.13 -12.91 -48.23
N SER C 201 -27.00 -11.89 -48.38
CA SER C 201 -26.54 -10.53 -48.61
C SER C 201 -27.34 -9.48 -47.85
N THR C 202 -28.33 -9.86 -47.05
CA THR C 202 -29.14 -8.89 -46.32
C THR C 202 -29.36 -9.38 -44.89
N VAL C 203 -29.53 -8.42 -43.98
CA VAL C 203 -29.81 -8.70 -42.58
C VAL C 203 -31.07 -7.97 -42.17
N GLU C 204 -31.59 -8.34 -41.00
CA GLU C 204 -32.76 -7.71 -40.42
C GLU C 204 -32.41 -7.26 -39.01
N VAL C 205 -32.73 -6.01 -38.72
CA VAL C 205 -32.51 -5.42 -37.39
C VAL C 205 -33.71 -4.55 -37.05
N ASN C 206 -34.23 -4.72 -35.84
CA ASN C 206 -35.32 -3.89 -35.33
C ASN C 206 -36.52 -3.88 -36.26
N GLY C 207 -36.62 -4.87 -37.15
CA GLY C 207 -37.72 -5.01 -38.10
C GLY C 207 -37.34 -4.70 -39.54
N ALA C 208 -36.41 -3.77 -39.74
CA ALA C 208 -36.07 -3.34 -41.08
C ALA C 208 -34.95 -4.20 -41.67
N LYS C 209 -34.89 -4.24 -42.99
CA LYS C 209 -33.89 -5.01 -43.72
C LYS C 209 -32.80 -4.08 -44.25
N LEU C 210 -31.59 -4.64 -44.38
CA LEU C 210 -30.43 -3.87 -44.79
C LEU C 210 -29.57 -4.73 -45.70
N SER C 211 -29.19 -4.18 -46.84
CA SER C 211 -28.28 -4.84 -47.77
C SER C 211 -26.89 -4.21 -47.68
N ALA C 212 -25.90 -4.97 -48.15
CA ALA C 212 -24.53 -4.49 -48.16
C ALA C 212 -23.70 -5.39 -49.05
N LYS C 213 -22.70 -4.79 -49.71
CA LYS C 213 -21.79 -5.58 -50.55
C LYS C 213 -20.88 -6.45 -49.71
N ARG C 214 -20.48 -5.97 -48.53
CA ARG C 214 -19.61 -6.71 -47.63
C ARG C 214 -20.14 -6.63 -46.20
N PHE C 215 -19.92 -7.70 -45.45
CA PHE C 215 -20.33 -7.79 -44.06
C PHE C 215 -19.13 -8.16 -43.20
N LEU C 216 -19.07 -7.57 -42.00
CA LEU C 216 -18.11 -7.95 -40.99
C LEU C 216 -18.87 -8.38 -39.75
N ILE C 217 -18.63 -9.60 -39.29
CA ILE C 217 -19.26 -10.13 -38.09
C ILE C 217 -18.22 -10.02 -36.98
N ALA C 218 -18.24 -8.90 -36.26
CA ALA C 218 -17.38 -8.71 -35.10
C ALA C 218 -18.25 -8.68 -33.85
N THR C 219 -19.02 -9.74 -33.63
CA THR C 219 -20.00 -9.77 -32.55
C THR C 219 -19.39 -10.11 -31.19
N GLY C 220 -18.11 -10.46 -31.14
CA GLY C 220 -17.46 -10.72 -29.87
C GLY C 220 -17.99 -11.96 -29.17
N ALA C 221 -17.75 -12.01 -27.86
CA ALA C 221 -18.13 -13.13 -27.02
C ALA C 221 -18.78 -12.62 -25.75
N SER C 222 -19.41 -13.54 -25.02
CA SER C 222 -20.12 -13.22 -23.79
C SER C 222 -19.80 -14.28 -22.75
N PRO C 223 -20.08 -14.00 -21.47
CA PRO C 223 -19.73 -14.96 -20.42
C PRO C 223 -20.41 -16.31 -20.64
N SER C 224 -19.60 -17.37 -20.58
CA SER C 224 -20.11 -18.73 -20.72
C SER C 224 -20.38 -19.32 -19.34
N LEU C 225 -21.30 -20.29 -19.31
CA LEU C 225 -21.68 -20.95 -18.07
C LEU C 225 -21.31 -22.43 -18.10
N PRO C 226 -21.00 -23.02 -16.96
CA PRO C 226 -20.74 -24.46 -16.91
C PRO C 226 -22.05 -25.23 -16.77
N GLN C 227 -21.92 -26.54 -16.89
CA GLN C 227 -23.06 -27.46 -16.77
C GLN C 227 -22.97 -28.19 -15.43
N ILE C 228 -23.22 -27.46 -14.36
CA ILE C 228 -23.19 -27.99 -13.00
C ILE C 228 -24.54 -27.73 -12.35
N SER C 229 -24.99 -28.70 -11.56
CA SER C 229 -26.34 -28.66 -11.00
C SER C 229 -26.49 -27.50 -10.02
N GLY C 230 -27.67 -26.89 -10.03
CA GLY C 230 -28.03 -25.87 -9.08
C GLY C 230 -27.68 -24.45 -9.50
N LEU C 231 -26.67 -24.28 -10.34
CA LEU C 231 -26.27 -22.94 -10.77
C LEU C 231 -27.36 -22.26 -11.58
N GLU C 232 -28.30 -23.03 -12.14
CA GLU C 232 -29.35 -22.45 -12.98
C GLU C 232 -30.12 -21.39 -12.21
N LYS C 233 -30.79 -21.80 -11.14
CA LYS C 233 -31.55 -20.88 -10.28
C LYS C 233 -30.65 -20.53 -9.10
N MET C 234 -29.85 -19.48 -9.27
CA MET C 234 -28.86 -19.11 -8.26
C MET C 234 -28.42 -17.67 -8.50
N ASP C 235 -28.01 -17.00 -7.42
CA ASP C 235 -27.58 -15.61 -7.49
C ASP C 235 -26.07 -15.51 -7.69
N TYR C 236 -25.61 -16.06 -8.81
CA TYR C 236 -24.20 -16.06 -9.15
C TYR C 236 -23.84 -14.76 -9.89
N LEU C 237 -22.54 -14.44 -9.85
CA LEU C 237 -22.02 -13.26 -10.54
C LEU C 237 -21.10 -13.68 -11.68
N THR C 238 -21.05 -12.84 -12.69
CA THR C 238 -20.15 -13.01 -13.81
C THR C 238 -19.13 -11.87 -13.83
N SER C 239 -18.17 -11.97 -14.74
CA SER C 239 -17.17 -10.93 -14.87
C SER C 239 -17.82 -9.55 -14.96
N THR C 240 -18.99 -9.46 -15.57
CA THR C 240 -19.65 -8.17 -15.75
C THR C 240 -20.44 -7.76 -14.51
N THR C 241 -21.06 -8.72 -13.82
CA THR C 241 -21.89 -8.40 -12.67
C THR C 241 -21.05 -8.09 -11.43
N LEU C 242 -19.93 -8.80 -11.24
CA LEU C 242 -19.09 -8.55 -10.08
C LEU C 242 -18.51 -7.15 -10.09
N LEU C 243 -18.12 -6.66 -11.27
CA LEU C 243 -17.58 -5.32 -11.40
C LEU C 243 -18.62 -4.22 -11.15
N GLU C 244 -19.88 -4.58 -10.93
CA GLU C 244 -20.91 -3.64 -10.53
C GLU C 244 -21.24 -3.72 -9.05
N LEU C 245 -20.81 -4.79 -8.38
CA LEU C 245 -21.10 -4.97 -6.96
C LEU C 245 -20.51 -3.82 -6.14
N LYS C 246 -21.34 -3.20 -5.31
CA LYS C 246 -20.93 -2.08 -4.47
C LYS C 246 -20.91 -2.44 -2.99
N LYS C 247 -20.86 -3.73 -2.67
CA LYS C 247 -20.82 -4.21 -1.28
C LYS C 247 -19.79 -5.33 -1.22
N ILE C 248 -18.68 -5.10 -0.51
CA ILE C 248 -17.57 -6.04 -0.47
C ILE C 248 -18.02 -7.33 0.22
N PRO C 249 -18.00 -8.48 -0.46
CA PRO C 249 -18.41 -9.72 0.21
C PRO C 249 -17.37 -10.18 1.22
N LYS C 250 -17.86 -10.71 2.34
CA LYS C 250 -16.95 -11.28 3.33
C LYS C 250 -16.23 -12.50 2.79
N ARG C 251 -16.82 -13.19 1.81
CA ARG C 251 -16.15 -14.32 1.19
C ARG C 251 -16.71 -14.52 -0.22
N LEU C 252 -15.81 -14.69 -1.18
CA LEU C 252 -16.16 -14.83 -2.58
C LEU C 252 -15.50 -16.09 -3.12
N THR C 253 -16.30 -16.95 -3.74
CA THR C 253 -15.79 -18.16 -4.36
C THR C 253 -15.76 -17.95 -5.87
N VAL C 254 -14.63 -18.31 -6.50
CA VAL C 254 -14.47 -18.18 -7.94
C VAL C 254 -14.43 -19.58 -8.54
N ILE C 255 -15.18 -19.78 -9.61
CA ILE C 255 -15.20 -21.04 -10.35
C ILE C 255 -14.72 -20.73 -11.76
N GLY C 256 -13.42 -20.93 -12.00
CA GLY C 256 -12.84 -20.65 -13.30
C GLY C 256 -11.37 -20.92 -13.40
N SER C 257 -10.94 -21.52 -14.51
CA SER C 257 -9.55 -21.83 -14.76
C SER C 257 -8.82 -20.73 -15.52
N GLY C 258 -9.53 -19.76 -16.06
CA GLY C 258 -8.94 -18.73 -16.88
C GLY C 258 -8.26 -17.66 -16.06
N TYR C 259 -7.83 -16.61 -16.77
CA TYR C 259 -7.14 -15.50 -16.12
C TYR C 259 -8.10 -14.54 -15.45
N ILE C 260 -9.33 -14.42 -15.96
CA ILE C 260 -10.31 -13.52 -15.37
C ILE C 260 -10.59 -13.90 -13.93
N GLY C 261 -10.77 -15.20 -13.67
CA GLY C 261 -11.01 -15.64 -12.30
C GLY C 261 -9.89 -15.24 -11.37
N MET C 262 -8.63 -15.36 -11.82
CA MET C 262 -7.51 -14.98 -10.98
C MET C 262 -7.48 -13.48 -10.76
N GLU C 263 -7.65 -12.69 -11.82
CA GLU C 263 -7.56 -11.24 -11.68
C GLU C 263 -8.64 -10.72 -10.74
N LEU C 264 -9.90 -11.10 -10.98
CA LEU C 264 -10.97 -10.64 -10.11
C LEU C 264 -10.82 -11.19 -8.70
N GLY C 265 -10.43 -12.46 -8.58
CA GLY C 265 -10.22 -13.03 -7.26
C GLY C 265 -9.21 -12.26 -6.45
N GLN C 266 -8.02 -12.05 -7.02
CA GLN C 266 -6.99 -11.29 -6.32
C GLN C 266 -7.45 -9.87 -6.06
N LEU C 267 -8.20 -9.29 -7.01
CA LEU C 267 -8.76 -7.96 -6.81
C LEU C 267 -9.54 -7.89 -5.50
N PHE C 268 -10.49 -8.80 -5.32
CA PHE C 268 -11.30 -8.75 -4.10
C PHE C 268 -10.55 -9.24 -2.87
N HIS C 269 -9.50 -10.05 -3.04
CA HIS C 269 -8.67 -10.39 -1.89
C HIS C 269 -7.94 -9.16 -1.36
N HIS C 270 -7.39 -8.34 -2.26
CA HIS C 270 -6.70 -7.14 -1.84
C HIS C 270 -7.67 -6.09 -1.27
N LEU C 271 -8.94 -6.14 -1.66
CA LEU C 271 -9.94 -5.25 -1.09
C LEU C 271 -10.45 -5.74 0.26
N GLY C 272 -9.97 -6.87 0.75
CA GLY C 272 -10.39 -7.37 2.05
C GLY C 272 -11.51 -8.39 1.94
N SER C 273 -11.19 -9.58 1.43
CA SER C 273 -12.20 -10.61 1.28
C SER C 273 -11.49 -11.96 1.17
N GLU C 274 -11.98 -12.95 1.89
CA GLU C 274 -11.40 -14.28 1.85
C GLU C 274 -11.83 -14.96 0.55
N ILE C 275 -10.86 -15.27 -0.30
CA ILE C 275 -11.13 -15.78 -1.63
C ILE C 275 -10.86 -17.28 -1.68
N THR C 276 -11.64 -17.98 -2.49
CA THR C 276 -11.46 -19.41 -2.71
C THR C 276 -11.62 -19.68 -4.19
N LEU C 277 -10.52 -20.02 -4.87
CA LEU C 277 -10.54 -20.35 -6.29
C LEU C 277 -10.78 -21.84 -6.48
N MET C 278 -11.76 -22.17 -7.31
CA MET C 278 -12.14 -23.56 -7.56
C MET C 278 -12.12 -23.81 -9.05
N GLN C 279 -11.44 -24.87 -9.47
CA GLN C 279 -11.37 -25.24 -10.88
C GLN C 279 -11.17 -26.74 -10.99
N ARG C 280 -11.54 -27.28 -12.15
CA ARG C 280 -11.41 -28.71 -12.38
C ARG C 280 -9.98 -29.07 -12.80
N SER C 281 -9.33 -28.20 -13.57
CA SER C 281 -7.94 -28.43 -13.94
C SER C 281 -7.08 -28.53 -12.68
N GLU C 282 -6.14 -29.48 -12.69
CA GLU C 282 -5.29 -29.72 -11.52
C GLU C 282 -4.12 -28.75 -11.44
N ARG C 283 -3.85 -27.98 -12.49
CA ARG C 283 -2.76 -27.02 -12.50
C ARG C 283 -3.30 -25.63 -12.78
N LEU C 284 -2.94 -24.67 -11.94
CA LEU C 284 -3.30 -23.28 -12.19
C LEU C 284 -2.80 -22.87 -13.57
N LEU C 285 -3.71 -22.36 -14.40
CA LEU C 285 -3.35 -22.02 -15.78
C LEU C 285 -2.78 -23.24 -16.48
N LYS C 286 -3.67 -24.14 -16.89
CA LYS C 286 -3.23 -25.44 -17.42
C LYS C 286 -2.43 -25.29 -18.70
N GLU C 287 -2.70 -24.25 -19.48
CA GLU C 287 -2.07 -24.11 -20.79
C GLU C 287 -0.63 -23.63 -20.72
N TYR C 288 -0.18 -23.13 -19.57
CA TYR C 288 1.16 -22.58 -19.46
C TYR C 288 2.16 -23.69 -19.13
N ASP C 289 3.42 -23.31 -19.00
CA ASP C 289 4.47 -24.24 -18.62
C ASP C 289 4.34 -24.64 -17.15
N PRO C 290 4.92 -25.77 -16.77
CA PRO C 290 4.82 -26.19 -15.36
C PRO C 290 5.43 -25.20 -14.39
N GLU C 291 6.58 -24.62 -14.71
CA GLU C 291 7.22 -23.69 -13.80
C GLU C 291 6.36 -22.47 -13.57
N ILE C 292 5.67 -21.99 -14.61
CA ILE C 292 4.79 -20.85 -14.47
C ILE C 292 3.65 -21.17 -13.51
N SER C 293 2.99 -22.30 -13.74
CA SER C 293 1.88 -22.69 -12.87
C SER C 293 2.34 -22.83 -11.43
N GLU C 294 3.39 -23.60 -11.18
CA GLU C 294 3.89 -23.77 -9.83
C GLU C 294 4.21 -22.42 -9.19
N SER C 295 4.83 -21.51 -9.96
CA SER C 295 5.25 -20.23 -9.41
C SER C 295 4.05 -19.37 -9.05
N VAL C 296 3.19 -19.09 -10.01
CA VAL C 296 2.04 -18.22 -9.75
C VAL C 296 1.18 -18.82 -8.65
N GLU C 297 1.04 -20.14 -8.63
CA GLU C 297 0.29 -20.80 -7.56
C GLU C 297 0.95 -20.56 -6.21
N LYS C 298 2.27 -20.73 -6.14
CA LYS C 298 2.97 -20.48 -4.88
C LYS C 298 2.74 -19.06 -4.40
N ALA C 299 2.79 -18.08 -5.30
CA ALA C 299 2.56 -16.71 -4.89
C ALA C 299 1.12 -16.52 -4.41
N LEU C 300 0.15 -17.09 -5.13
CA LEU C 300 -1.25 -16.93 -4.75
C LEU C 300 -1.52 -17.54 -3.38
N ILE C 301 -0.97 -18.72 -3.11
CA ILE C 301 -1.16 -19.33 -1.80
C ILE C 301 -0.47 -18.50 -0.72
N GLU C 302 0.75 -18.04 -0.99
CA GLU C 302 1.46 -17.19 -0.04
C GLU C 302 0.63 -15.96 0.33
N GLN C 303 -0.03 -15.35 -0.65
CA GLN C 303 -0.78 -14.13 -0.39
C GLN C 303 -2.01 -14.40 0.47
N GLY C 304 -2.54 -15.63 0.43
CA GLY C 304 -3.66 -15.98 1.28
C GLY C 304 -4.90 -16.43 0.53
N ILE C 305 -4.80 -16.60 -0.78
CA ILE C 305 -5.92 -17.11 -1.56
C ILE C 305 -5.99 -18.62 -1.38
N ASN C 306 -7.18 -19.13 -1.09
CA ASN C 306 -7.40 -20.56 -0.96
C ASN C 306 -7.71 -21.17 -2.32
N LEU C 307 -7.06 -22.28 -2.64
CA LEU C 307 -7.21 -22.95 -3.91
C LEU C 307 -7.79 -24.34 -3.69
N VAL C 308 -8.65 -24.77 -4.62
CA VAL C 308 -9.26 -26.09 -4.59
C VAL C 308 -9.13 -26.65 -6.01
N LYS C 309 -8.06 -27.42 -6.25
CA LYS C 309 -7.78 -27.95 -7.57
C LYS C 309 -8.28 -29.38 -7.69
N GLY C 310 -8.39 -29.84 -8.93
CA GLY C 310 -8.83 -31.19 -9.21
C GLY C 310 -10.22 -31.49 -8.70
N ALA C 311 -11.06 -30.48 -8.56
CA ALA C 311 -12.39 -30.66 -8.00
C ALA C 311 -13.37 -31.12 -9.06
N THR C 312 -14.29 -31.99 -8.66
CA THR C 312 -15.38 -32.44 -9.51
C THR C 312 -16.66 -31.78 -9.01
N PHE C 313 -17.24 -30.92 -9.84
CA PHE C 313 -18.41 -30.13 -9.45
C PHE C 313 -19.68 -30.95 -9.67
N GLU C 314 -20.41 -31.20 -8.58
CA GLU C 314 -21.63 -31.99 -8.61
C GLU C 314 -22.88 -31.14 -8.47
N ARG C 315 -22.96 -30.31 -7.43
CA ARG C 315 -24.13 -29.46 -7.22
C ARG C 315 -23.73 -28.27 -6.35
N VAL C 316 -24.54 -27.21 -6.44
CA VAL C 316 -24.37 -26.01 -5.63
C VAL C 316 -25.75 -25.54 -5.19
N GLU C 317 -25.83 -25.03 -3.97
CA GLU C 317 -27.09 -24.60 -3.36
C GLU C 317 -26.94 -23.20 -2.82
N GLN C 318 -28.08 -22.60 -2.48
CA GLN C 318 -28.13 -21.26 -1.94
C GLN C 318 -29.21 -21.19 -0.87
N SER C 319 -28.96 -20.41 0.18
CA SER C 319 -29.90 -20.27 1.29
C SER C 319 -29.88 -18.82 1.77
N GLY C 320 -30.94 -18.08 1.43
CA GLY C 320 -31.11 -16.73 1.95
C GLY C 320 -30.01 -15.77 1.55
N GLU C 321 -29.41 -15.95 0.38
CA GLU C 321 -28.42 -15.01 -0.14
C GLU C 321 -27.27 -14.80 0.83
N ILE C 322 -27.02 -15.77 1.71
CA ILE C 322 -25.96 -15.65 2.71
C ILE C 322 -25.30 -17.00 2.91
N LYS C 323 -25.26 -17.82 1.86
CA LYS C 323 -24.64 -19.13 1.94
C LYS C 323 -24.57 -19.72 0.55
N ARG C 324 -23.52 -20.49 0.29
CA ARG C 324 -23.29 -21.11 -1.01
C ARG C 324 -22.87 -22.57 -0.82
N VAL C 325 -22.45 -23.25 -1.89
CA VAL C 325 -22.07 -24.65 -1.77
C VAL C 325 -20.96 -25.01 -2.76
N TYR C 326 -20.52 -26.26 -2.72
CA TYR C 326 -19.44 -26.73 -3.58
C TYR C 326 -19.58 -28.25 -3.73
N VAL C 327 -18.49 -28.92 -4.09
CA VAL C 327 -18.54 -30.34 -4.41
C VAL C 327 -17.24 -31.06 -4.10
N THR C 328 -17.19 -32.35 -4.44
CA THR C 328 -16.09 -33.24 -4.06
C THR C 328 -14.78 -32.83 -4.72
N VAL C 329 -13.68 -33.27 -4.09
CA VAL C 329 -12.33 -33.01 -4.58
C VAL C 329 -11.39 -34.09 -4.04
N ASN C 330 -10.65 -34.74 -4.94
CA ASN C 330 -9.67 -35.74 -4.55
C ASN C 330 -10.31 -36.92 -3.82
N GLY C 331 -11.58 -37.19 -4.11
CA GLY C 331 -12.28 -38.33 -3.54
C GLY C 331 -12.94 -38.08 -2.21
N SER C 332 -13.09 -36.83 -1.80
CA SER C 332 -13.70 -36.50 -0.52
C SER C 332 -14.70 -35.35 -0.71
N ARG C 333 -15.98 -35.64 -0.49
CA ARG C 333 -17.03 -34.63 -0.64
C ARG C 333 -16.80 -33.46 0.30
N GLU C 334 -16.52 -32.28 -0.25
CA GLU C 334 -16.33 -31.06 0.54
C GLU C 334 -17.26 -29.97 0.00
N VAL C 335 -17.50 -28.97 0.84
CA VAL C 335 -18.40 -27.87 0.52
C VAL C 335 -17.73 -26.56 0.94
N ILE C 336 -17.90 -25.52 0.11
CA ILE C 336 -17.33 -24.20 0.36
C ILE C 336 -18.48 -23.21 0.43
N GLU C 337 -18.81 -22.76 1.62
CA GLU C 337 -19.82 -21.73 1.79
C GLU C 337 -19.23 -20.37 1.50
N SER C 338 -20.01 -19.50 0.85
CA SER C 338 -19.53 -18.20 0.41
C SER C 338 -20.63 -17.17 0.52
N ASP C 339 -20.22 -15.89 0.46
CA ASP C 339 -21.16 -14.79 0.40
C ASP C 339 -21.45 -14.37 -1.04
N GLN C 340 -20.51 -14.61 -1.96
CA GLN C 340 -20.74 -14.38 -3.37
C GLN C 340 -20.08 -15.47 -4.19
N LEU C 341 -20.60 -15.68 -5.40
CA LEU C 341 -20.07 -16.69 -6.32
C LEU C 341 -19.84 -16.05 -7.67
N LEU C 342 -18.60 -16.18 -8.17
CA LEU C 342 -18.21 -15.70 -9.49
C LEU C 342 -17.98 -16.89 -10.41
N VAL C 343 -18.49 -16.77 -11.65
CA VAL C 343 -18.36 -17.81 -12.65
C VAL C 343 -17.44 -17.28 -13.75
N ALA C 344 -16.29 -17.92 -13.91
CA ALA C 344 -15.30 -17.55 -14.93
C ALA C 344 -14.89 -18.77 -15.73
N THR C 345 -15.89 -19.54 -16.18
CA THR C 345 -15.59 -20.75 -16.96
C THR C 345 -14.94 -20.39 -18.29
N GLY C 346 -15.63 -19.64 -19.12
CA GLY C 346 -15.09 -19.25 -20.40
C GLY C 346 -15.90 -18.13 -21.00
N ARG C 347 -15.80 -17.99 -22.32
CA ARG C 347 -16.56 -16.98 -23.04
C ARG C 347 -17.01 -17.58 -24.37
N LYS C 348 -18.39 -17.67 -24.55
CA LYS C 348 -18.99 -18.24 -25.76
C LYS C 348 -19.22 -17.15 -26.80
N PRO C 349 -18.90 -17.40 -28.07
CA PRO C 349 -19.22 -16.43 -29.12
C PRO C 349 -20.72 -16.18 -29.20
N ASN C 350 -21.07 -14.95 -29.56
CA ASN C 350 -22.48 -14.55 -29.67
C ASN C 350 -22.95 -14.75 -31.11
N THR C 351 -23.09 -16.02 -31.47
CA THR C 351 -23.52 -16.41 -32.80
C THR C 351 -24.92 -17.02 -32.86
N ASP C 352 -25.58 -17.18 -31.70
CA ASP C 352 -26.90 -17.79 -31.70
C ASP C 352 -27.91 -16.90 -32.39
N SER C 353 -27.98 -15.63 -32.00
CA SER C 353 -29.00 -14.72 -32.52
C SER C 353 -28.75 -14.29 -33.96
N LEU C 354 -27.68 -14.76 -34.60
CA LEU C 354 -27.34 -14.30 -35.94
C LEU C 354 -28.03 -15.09 -37.05
N ASN C 355 -28.44 -16.33 -36.78
CA ASN C 355 -29.01 -17.20 -37.82
C ASN C 355 -28.01 -17.34 -38.98
N LEU C 356 -26.78 -17.70 -38.64
CA LEU C 356 -25.73 -17.80 -39.65
C LEU C 356 -26.08 -18.80 -40.74
N SER C 357 -26.88 -19.82 -40.41
CA SER C 357 -27.27 -20.79 -41.42
C SER C 357 -28.08 -20.16 -42.55
N ALA C 358 -28.74 -19.03 -42.29
CA ALA C 358 -29.49 -18.34 -43.32
C ALA C 358 -28.59 -17.52 -44.23
N ALA C 359 -27.33 -17.35 -43.89
CA ALA C 359 -26.37 -16.62 -44.70
C ALA C 359 -25.23 -17.51 -45.19
N GLY C 360 -25.24 -18.79 -44.84
CA GLY C 360 -24.20 -19.69 -45.28
C GLY C 360 -22.87 -19.43 -44.62
N VAL C 361 -22.87 -19.31 -43.30
CA VAL C 361 -21.64 -19.11 -42.51
C VAL C 361 -21.51 -20.30 -41.58
N GLU C 362 -20.39 -21.02 -41.70
CA GLU C 362 -20.18 -22.23 -40.92
C GLU C 362 -19.81 -21.90 -39.48
N THR C 363 -20.24 -22.78 -38.57
CA THR C 363 -19.90 -22.65 -37.17
C THR C 363 -19.12 -23.89 -36.72
N GLY C 364 -18.21 -23.69 -35.77
CA GLY C 364 -17.33 -24.74 -35.33
C GLY C 364 -17.87 -25.52 -34.15
N LYS C 365 -17.06 -26.48 -33.68
CA LYS C 365 -17.48 -27.35 -32.59
C LYS C 365 -17.76 -26.56 -31.32
N ASN C 366 -17.08 -25.42 -31.14
CA ASN C 366 -17.25 -24.59 -29.95
C ASN C 366 -18.12 -23.36 -30.21
N ASN C 367 -18.98 -23.41 -31.22
CA ASN C 367 -19.97 -22.37 -31.47
C ASN C 367 -19.35 -21.09 -32.06
N GLU C 368 -18.15 -21.19 -32.63
CA GLU C 368 -17.47 -20.02 -33.18
C GLU C 368 -17.79 -19.85 -34.65
N ILE C 369 -17.19 -18.83 -35.26
CA ILE C 369 -17.29 -18.58 -36.70
C ILE C 369 -15.97 -18.99 -37.34
N LEU C 370 -16.06 -19.77 -38.41
CA LEU C 370 -14.88 -20.22 -39.12
C LEU C 370 -14.48 -19.23 -40.20
N ILE C 371 -13.18 -18.92 -40.26
CA ILE C 371 -12.62 -18.03 -41.26
C ILE C 371 -11.36 -18.67 -41.85
N ASN C 372 -11.00 -18.22 -43.05
CA ASN C 372 -9.78 -18.66 -43.69
C ASN C 372 -8.63 -17.74 -43.26
N ASP C 373 -7.51 -17.80 -43.97
CA ASP C 373 -6.36 -16.96 -43.62
C ASP C 373 -6.64 -15.48 -43.83
N PHE C 374 -7.62 -15.13 -44.66
CA PHE C 374 -7.97 -13.73 -44.93
C PHE C 374 -9.15 -13.24 -44.12
N GLY C 375 -9.65 -14.05 -43.19
CA GLY C 375 -10.82 -13.65 -42.42
C GLY C 375 -12.14 -13.84 -43.12
N GLN C 376 -12.16 -14.59 -44.21
CA GLN C 376 -13.36 -14.79 -45.01
C GLN C 376 -14.09 -16.05 -44.54
N THR C 377 -15.39 -15.94 -44.34
CA THR C 377 -16.20 -17.07 -43.93
C THR C 377 -16.56 -17.90 -45.17
N SER C 378 -17.40 -18.92 -44.98
CA SER C 378 -17.87 -19.70 -46.12
C SER C 378 -18.63 -18.85 -47.12
N ASN C 379 -19.22 -17.73 -46.66
CA ASN C 379 -19.83 -16.77 -47.56
C ASN C 379 -18.73 -15.82 -48.05
N GLU C 380 -18.62 -15.68 -49.38
CA GLU C 380 -17.48 -14.95 -49.95
C GLU C 380 -17.44 -13.50 -49.50
N LYS C 381 -18.60 -12.89 -49.23
CA LYS C 381 -18.67 -11.47 -48.91
C LYS C 381 -19.05 -11.22 -47.45
N ILE C 382 -18.76 -12.18 -46.57
CA ILE C 382 -18.95 -12.01 -45.15
C ILE C 382 -17.63 -12.37 -44.47
N TYR C 383 -17.06 -11.43 -43.75
CA TYR C 383 -15.83 -11.64 -42.99
C TYR C 383 -16.12 -11.56 -41.50
N ALA C 384 -15.19 -12.05 -40.70
CA ALA C 384 -15.35 -12.06 -39.26
C ALA C 384 -14.01 -11.78 -38.60
N ALA C 385 -14.08 -11.18 -37.41
CA ALA C 385 -12.88 -10.82 -36.66
C ALA C 385 -13.27 -10.61 -35.21
N GLY C 386 -12.30 -10.82 -34.31
CA GLY C 386 -12.52 -10.59 -32.90
C GLY C 386 -12.70 -11.85 -32.09
N ASP C 387 -13.43 -11.73 -30.98
CA ASP C 387 -13.66 -12.89 -30.12
C ASP C 387 -14.59 -13.90 -30.76
N VAL C 388 -15.50 -13.44 -31.64
CA VAL C 388 -16.43 -14.36 -32.27
C VAL C 388 -15.69 -15.46 -33.03
N THR C 389 -14.62 -15.10 -33.74
CA THR C 389 -13.71 -16.08 -34.27
C THR C 389 -12.85 -16.57 -33.11
N LEU C 390 -12.96 -17.86 -32.78
CA LEU C 390 -12.26 -18.37 -31.61
C LEU C 390 -10.76 -18.30 -31.77
N GLY C 391 -10.20 -17.10 -31.70
CA GLY C 391 -8.77 -16.93 -31.68
C GLY C 391 -8.36 -16.42 -30.32
N PRO C 392 -7.13 -15.92 -30.19
CA PRO C 392 -6.72 -15.29 -28.93
C PRO C 392 -7.67 -14.17 -28.55
N GLN C 393 -8.38 -14.35 -27.43
CA GLN C 393 -9.46 -13.45 -27.05
C GLN C 393 -8.82 -12.26 -26.33
N PHE C 394 -8.23 -11.38 -27.14
CA PHE C 394 -7.58 -10.16 -26.68
C PHE C 394 -8.04 -9.00 -27.56
N VAL C 395 -7.95 -7.79 -27.00
CA VAL C 395 -8.45 -6.62 -27.71
C VAL C 395 -7.50 -6.25 -28.85
N TYR C 396 -6.20 -6.33 -28.61
CA TYR C 396 -5.23 -5.97 -29.66
C TYR C 396 -5.34 -6.91 -30.85
N VAL C 397 -5.57 -8.20 -30.58
CA VAL C 397 -5.81 -9.13 -31.68
C VAL C 397 -7.10 -8.79 -32.40
N ALA C 398 -8.10 -8.29 -31.66
CA ALA C 398 -9.36 -7.95 -32.29
C ALA C 398 -9.20 -6.76 -33.23
N ALA C 399 -8.49 -5.72 -32.79
CA ALA C 399 -8.26 -4.57 -33.67
C ALA C 399 -7.40 -4.97 -34.87
N TYR C 400 -6.30 -5.69 -34.63
CA TYR C 400 -5.48 -6.17 -35.74
C TYR C 400 -6.32 -6.92 -36.76
N GLU C 401 -7.05 -7.94 -36.29
CA GLU C 401 -7.89 -8.71 -37.20
C GLU C 401 -8.87 -7.82 -37.94
N GLY C 402 -9.46 -6.85 -37.24
CA GLY C 402 -10.38 -5.94 -37.92
C GLY C 402 -9.73 -5.22 -39.07
N GLY C 403 -8.55 -4.63 -38.82
CA GLY C 403 -7.86 -3.91 -39.87
C GLY C 403 -7.52 -4.79 -41.05
N ILE C 404 -6.91 -5.95 -40.78
CA ILE C 404 -6.51 -6.85 -41.86
C ILE C 404 -7.74 -7.28 -42.65
N ILE C 405 -8.77 -7.74 -41.96
CA ILE C 405 -9.99 -8.18 -42.63
C ILE C 405 -10.50 -7.09 -43.55
N THR C 406 -10.55 -5.85 -43.06
CA THR C 406 -10.99 -4.75 -43.90
C THR C 406 -10.10 -4.61 -45.12
N ASP C 407 -8.77 -4.71 -44.94
CA ASP C 407 -7.86 -4.63 -46.06
C ASP C 407 -8.20 -5.69 -47.11
N ASN C 408 -8.57 -6.89 -46.68
CA ASN C 408 -8.89 -7.96 -47.62
C ASN C 408 -10.22 -7.70 -48.32
N ALA C 409 -11.27 -7.47 -47.54
CA ALA C 409 -12.60 -7.30 -48.12
C ALA C 409 -12.67 -6.03 -48.97
N ILE C 410 -12.22 -4.90 -48.43
CA ILE C 410 -12.20 -3.63 -49.14
C ILE C 410 -10.77 -3.34 -49.52
N GLY C 411 -10.54 -3.08 -50.81
CA GLY C 411 -9.20 -2.84 -51.31
C GLY C 411 -8.52 -4.06 -51.89
N GLY C 412 -9.04 -5.26 -51.63
CA GLY C 412 -8.56 -6.47 -52.26
C GLY C 412 -7.22 -6.99 -51.76
N LEU C 413 -6.47 -6.15 -51.06
CA LEU C 413 -5.16 -6.54 -50.55
C LEU C 413 -5.27 -7.86 -49.78
N ASN C 414 -4.59 -8.90 -50.28
CA ASN C 414 -4.67 -10.23 -49.67
C ASN C 414 -3.59 -10.36 -48.60
N LYS C 415 -3.87 -9.79 -47.43
CA LYS C 415 -2.99 -9.87 -46.29
C LYS C 415 -3.51 -10.96 -45.35
N LYS C 416 -2.61 -11.83 -44.90
CA LYS C 416 -2.98 -12.91 -44.01
C LYS C 416 -2.97 -12.45 -42.56
N ILE C 417 -3.74 -13.17 -41.74
CA ILE C 417 -3.83 -12.88 -40.32
C ILE C 417 -2.67 -13.58 -39.62
N ASP C 418 -1.69 -12.81 -39.18
CA ASP C 418 -0.50 -13.35 -38.52
C ASP C 418 -0.69 -13.25 -37.02
N LEU C 419 -0.96 -14.40 -36.39
CA LEU C 419 -1.06 -14.48 -34.94
C LEU C 419 0.02 -15.39 -34.38
N SER C 420 1.13 -15.52 -35.11
CA SER C 420 2.22 -16.38 -34.68
C SER C 420 2.90 -15.88 -33.42
N VAL C 421 2.78 -14.59 -33.13
CA VAL C 421 3.41 -14.00 -31.96
C VAL C 421 2.42 -13.04 -31.30
N VAL C 422 1.63 -13.56 -30.36
CA VAL C 422 0.64 -12.77 -29.63
C VAL C 422 1.01 -12.82 -28.16
N PRO C 423 1.24 -11.68 -27.51
CA PRO C 423 1.52 -11.70 -26.08
C PRO C 423 0.24 -11.83 -25.27
N ALA C 424 0.39 -12.39 -24.07
CA ALA C 424 -0.71 -12.55 -23.14
C ALA C 424 -0.23 -12.12 -21.75
N VAL C 425 -1.08 -11.35 -21.06
CA VAL C 425 -0.73 -10.80 -19.75
C VAL C 425 -1.89 -11.06 -18.79
N THR C 426 -1.59 -11.73 -17.68
CA THR C 426 -2.51 -11.84 -16.55
C THR C 426 -2.01 -10.88 -15.46
N PHE C 427 -2.79 -9.83 -15.23
CA PHE C 427 -2.36 -8.69 -14.42
C PHE C 427 -2.49 -8.96 -12.92
N THR C 428 -2.30 -10.19 -12.49
CA THR C 428 -2.13 -10.43 -11.07
C THR C 428 -0.77 -9.88 -10.62
N ASN C 429 -0.54 -9.90 -9.32
CA ASN C 429 0.79 -9.57 -8.79
C ASN C 429 1.28 -10.72 -7.92
N PRO C 430 2.33 -11.44 -8.37
CA PRO C 430 3.14 -11.21 -9.57
C PRO C 430 2.38 -11.43 -10.88
N THR C 431 2.70 -10.61 -11.87
CA THR C 431 2.04 -10.70 -13.18
C THR C 431 2.55 -11.92 -13.95
N VAL C 432 1.63 -12.56 -14.67
CA VAL C 432 1.97 -13.66 -15.57
C VAL C 432 2.01 -13.11 -16.99
N ALA C 433 2.96 -13.58 -17.79
CA ALA C 433 3.15 -13.03 -19.11
C ALA C 433 3.77 -14.07 -20.02
N THR C 434 3.18 -14.27 -21.20
CA THR C 434 3.65 -15.27 -22.14
C THR C 434 3.74 -14.67 -23.54
N VAL C 435 4.74 -15.11 -24.29
CA VAL C 435 4.82 -14.79 -25.72
C VAL C 435 5.56 -15.92 -26.40
N GLY C 436 5.08 -16.33 -27.56
CA GLY C 436 5.74 -17.39 -28.31
C GLY C 436 5.33 -18.77 -27.82
N LEU C 437 6.21 -19.73 -28.11
CA LEU C 437 5.91 -21.13 -27.84
C LEU C 437 6.35 -21.52 -26.44
N THR C 438 5.62 -22.44 -25.84
CA THR C 438 6.03 -23.05 -24.60
C THR C 438 7.06 -24.14 -24.91
N GLU C 439 7.50 -24.85 -23.87
CA GLU C 439 8.42 -25.97 -24.09
C GLU C 439 7.71 -27.10 -24.83
N GLU C 440 6.55 -27.52 -24.33
CA GLU C 440 5.81 -28.59 -24.99
C GLU C 440 5.38 -28.18 -26.39
N GLN C 441 5.01 -26.91 -26.57
CA GLN C 441 4.58 -26.44 -27.89
C GLN C 441 5.75 -26.47 -28.87
N ALA C 442 6.92 -25.99 -28.44
CA ALA C 442 8.09 -26.00 -29.32
C ALA C 442 8.52 -27.42 -29.66
N LYS C 443 8.39 -28.35 -28.70
CA LYS C 443 8.68 -29.74 -28.99
C LYS C 443 7.69 -30.29 -30.01
N GLU C 444 6.41 -29.95 -29.86
CA GLU C 444 5.40 -30.41 -30.81
C GLU C 444 5.67 -29.89 -32.21
N LYS C 445 6.07 -28.61 -32.32
CA LYS C 445 6.39 -28.04 -33.62
C LYS C 445 7.57 -28.74 -34.29
N GLY C 446 8.42 -29.42 -33.53
CA GLY C 446 9.54 -30.16 -34.09
C GLY C 446 10.90 -29.59 -33.76
N TYR C 447 10.97 -28.49 -33.02
CA TYR C 447 12.24 -27.87 -32.69
C TYR C 447 13.06 -28.78 -31.78
N ASP C 448 14.37 -28.55 -31.79
CA ASP C 448 15.28 -29.16 -30.80
C ASP C 448 15.41 -28.16 -29.66
N VAL C 449 14.56 -28.31 -28.64
CA VAL C 449 14.35 -27.25 -27.66
C VAL C 449 15.43 -27.29 -26.59
N LYS C 450 15.75 -26.11 -26.07
CA LYS C 450 16.66 -25.93 -24.96
C LYS C 450 16.07 -24.86 -24.06
N THR C 451 15.81 -25.20 -22.81
CA THR C 451 15.10 -24.34 -21.88
C THR C 451 16.06 -23.85 -20.81
N SER C 452 15.78 -22.65 -20.28
CA SER C 452 16.51 -22.11 -19.14
C SER C 452 15.53 -21.42 -18.22
N VAL C 453 15.50 -21.86 -16.96
CA VAL C 453 14.58 -21.32 -15.96
C VAL C 453 15.40 -20.59 -14.91
N LEU C 454 15.00 -19.36 -14.60
CA LEU C 454 15.72 -18.52 -13.66
C LEU C 454 14.76 -18.12 -12.55
N PRO C 455 15.06 -18.42 -11.29
CA PRO C 455 14.17 -17.99 -10.21
C PRO C 455 14.25 -16.49 -10.01
N LEU C 456 13.13 -15.92 -9.54
CA LEU C 456 13.06 -14.48 -9.41
C LEU C 456 14.04 -13.96 -8.37
N ASP C 457 14.39 -14.78 -7.38
CA ASP C 457 15.36 -14.37 -6.37
C ASP C 457 16.75 -14.16 -6.93
N ALA C 458 16.98 -14.40 -8.22
CA ALA C 458 18.25 -14.10 -8.86
C ALA C 458 18.25 -12.75 -9.56
N VAL C 459 17.10 -12.11 -9.69
CA VAL C 459 17.01 -10.80 -10.34
C VAL C 459 17.22 -9.72 -9.27
N PRO C 460 18.16 -8.79 -9.45
CA PRO C 460 18.37 -7.77 -8.41
C PRO C 460 17.13 -6.97 -8.09
N ARG C 461 16.37 -6.54 -9.10
CA ARG C 461 15.21 -5.70 -8.85
C ARG C 461 14.21 -6.41 -7.94
N ALA C 462 14.00 -7.71 -8.15
CA ALA C 462 13.12 -8.44 -7.26
C ALA C 462 13.66 -8.47 -5.84
N ILE C 463 14.98 -8.46 -5.70
CA ILE C 463 15.57 -8.54 -4.36
C ILE C 463 15.39 -7.22 -3.63
N VAL C 464 15.78 -6.11 -4.26
CA VAL C 464 15.63 -4.81 -3.60
C VAL C 464 14.17 -4.54 -3.29
N ASN C 465 13.26 -5.06 -4.11
CA ASN C 465 11.83 -4.92 -3.84
C ASN C 465 11.38 -5.82 -2.69
N ARG C 466 12.23 -6.74 -2.25
CA ARG C 466 11.90 -7.66 -1.16
C ARG C 466 10.69 -8.52 -1.51
N GLU C 467 10.54 -8.82 -2.80
CA GLU C 467 9.52 -9.75 -3.29
C GLU C 467 10.16 -10.57 -4.40
N THR C 468 10.36 -11.86 -4.16
CA THR C 468 11.13 -12.71 -5.07
C THR C 468 10.41 -14.01 -5.37
N THR C 469 9.09 -13.95 -5.54
CA THR C 469 8.29 -15.12 -5.89
C THR C 469 7.92 -15.00 -7.36
N GLY C 470 8.62 -15.73 -8.21
CA GLY C 470 8.37 -15.65 -9.64
C GLY C 470 9.35 -16.53 -10.39
N VAL C 471 9.43 -16.30 -11.70
CA VAL C 471 10.32 -17.09 -12.54
C VAL C 471 10.42 -16.47 -13.92
N PHE C 472 11.57 -16.65 -14.56
CA PHE C 472 11.79 -16.27 -15.95
C PHE C 472 12.13 -17.54 -16.73
N LYS C 473 11.25 -17.96 -17.63
CA LYS C 473 11.50 -19.14 -18.45
C LYS C 473 11.83 -18.73 -19.88
N LEU C 474 12.87 -19.36 -20.44
CA LEU C 474 13.38 -19.04 -21.77
C LEU C 474 13.42 -20.32 -22.60
N VAL C 475 12.67 -20.35 -23.69
CA VAL C 475 12.63 -21.49 -24.60
C VAL C 475 13.35 -21.08 -25.88
N ALA C 476 14.42 -21.80 -26.22
CA ALA C 476 15.24 -21.48 -27.38
C ALA C 476 15.47 -22.75 -28.20
N ASP C 477 16.01 -22.56 -29.40
CA ASP C 477 16.41 -23.67 -30.26
C ASP C 477 17.88 -23.95 -30.02
N ALA C 478 18.19 -25.16 -29.55
CA ALA C 478 19.55 -25.51 -29.19
C ALA C 478 20.51 -25.36 -30.38
N GLU C 479 20.01 -25.60 -31.59
CA GLU C 479 20.89 -25.55 -32.77
C GLU C 479 21.17 -24.11 -33.20
N THR C 480 20.12 -23.34 -33.47
CA THR C 480 20.25 -21.99 -34.00
C THR C 480 20.19 -20.92 -32.91
N LEU C 481 19.91 -21.29 -31.67
CA LEU C 481 19.85 -20.38 -30.54
C LEU C 481 18.72 -19.36 -30.66
N LYS C 482 17.84 -19.49 -31.64
CA LYS C 482 16.77 -18.50 -31.80
C LYS C 482 15.73 -18.65 -30.70
N VAL C 483 15.24 -17.51 -30.22
CA VAL C 483 14.25 -17.50 -29.14
C VAL C 483 12.90 -17.93 -29.71
N LEU C 484 12.35 -18.98 -29.12
CA LEU C 484 11.05 -19.50 -29.54
C LEU C 484 9.91 -19.05 -28.62
N GLY C 485 10.21 -18.77 -27.36
CA GLY C 485 9.20 -18.34 -26.41
C GLY C 485 9.76 -17.82 -25.10
N VAL C 486 9.04 -16.89 -24.47
CA VAL C 486 9.40 -16.34 -23.18
C VAL C 486 8.17 -16.37 -22.28
N HIS C 487 8.38 -16.74 -21.03
CA HIS C 487 7.29 -16.90 -20.06
C HIS C 487 7.78 -16.41 -18.70
N ILE C 488 7.12 -15.39 -18.17
CA ILE C 488 7.61 -14.66 -17.00
C ILE C 488 6.50 -14.59 -15.96
N VAL C 489 6.89 -14.68 -14.70
CA VAL C 489 6.02 -14.43 -13.56
C VAL C 489 6.78 -13.46 -12.67
N SER C 490 6.41 -12.19 -12.69
CA SER C 490 7.09 -11.17 -11.91
C SER C 490 6.25 -9.91 -11.95
N GLU C 491 6.60 -8.97 -11.08
CA GLU C 491 5.89 -7.70 -11.05
C GLU C 491 6.09 -6.97 -12.37
N ASN C 492 5.03 -6.32 -12.85
CA ASN C 492 5.01 -5.59 -14.12
C ASN C 492 5.80 -6.35 -15.20
N ALA C 493 5.52 -7.65 -15.29
CA ALA C 493 6.12 -8.47 -16.34
C ALA C 493 5.48 -8.19 -17.70
N GLY C 494 4.31 -7.56 -17.72
CA GLY C 494 3.68 -7.22 -18.99
C GLY C 494 4.53 -6.25 -19.82
N ASP C 495 5.35 -5.45 -19.16
CA ASP C 495 6.25 -4.55 -19.87
C ASP C 495 7.49 -5.27 -20.41
N VAL C 496 7.87 -6.40 -19.80
CA VAL C 496 9.07 -7.09 -20.22
C VAL C 496 8.80 -7.93 -21.47
N ILE C 497 7.66 -8.63 -21.52
CA ILE C 497 7.41 -9.53 -22.63
C ILE C 497 7.32 -8.80 -23.95
N TYR C 498 7.14 -7.48 -23.95
CA TYR C 498 7.19 -6.77 -25.23
C TYR C 498 8.55 -6.99 -25.89
N ALA C 499 9.63 -6.75 -25.15
CA ALA C 499 10.96 -7.09 -25.63
C ALA C 499 11.02 -8.53 -26.13
N ALA C 500 10.51 -9.46 -25.32
CA ALA C 500 10.50 -10.86 -25.74
C ALA C 500 9.81 -11.02 -27.10
N SER C 501 8.68 -10.33 -27.29
CA SER C 501 8.00 -10.36 -28.58
C SER C 501 8.94 -9.91 -29.68
N LEU C 502 9.61 -8.77 -29.47
CA LEU C 502 10.59 -8.32 -30.46
C LEU C 502 11.62 -9.40 -30.75
N ALA C 503 12.00 -10.17 -29.74
CA ALA C 503 12.99 -11.23 -29.94
C ALA C 503 12.41 -12.37 -30.77
N VAL C 504 11.14 -12.73 -30.54
CA VAL C 504 10.54 -13.88 -31.21
C VAL C 504 10.20 -13.53 -32.65
N LYS C 505 9.51 -12.41 -32.86
CA LYS C 505 9.08 -12.04 -34.21
C LYS C 505 10.27 -11.83 -35.12
N PHE C 506 11.30 -11.15 -34.64
CA PHE C 506 12.48 -10.83 -35.45
C PHE C 506 13.63 -11.81 -35.21
N GLY C 507 13.33 -12.98 -34.64
CA GLY C 507 14.31 -14.06 -34.62
C GLY C 507 15.61 -13.70 -33.95
N LEU C 508 15.56 -13.01 -32.82
CA LEU C 508 16.77 -12.75 -32.06
C LEU C 508 17.20 -14.01 -31.31
N THR C 509 18.51 -14.17 -31.16
CA THR C 509 19.07 -15.32 -30.49
C THR C 509 19.36 -14.99 -29.03
N VAL C 510 19.55 -16.03 -28.23
CA VAL C 510 19.95 -15.84 -26.84
C VAL C 510 21.28 -15.08 -26.80
N GLU C 511 22.16 -15.38 -27.76
CA GLU C 511 23.42 -14.65 -27.87
C GLU C 511 23.17 -13.16 -28.03
N ASP C 512 22.17 -12.80 -28.83
CA ASP C 512 21.79 -11.39 -28.94
C ASP C 512 21.34 -10.84 -27.59
N LEU C 513 20.58 -11.62 -26.83
CA LEU C 513 20.13 -11.14 -25.53
C LEU C 513 21.28 -10.92 -24.56
N THR C 514 22.36 -11.70 -24.71
CA THR C 514 23.53 -11.47 -23.86
C THR C 514 24.37 -10.30 -24.36
N GLU C 515 24.36 -10.03 -25.67
CA GLU C 515 25.13 -8.91 -26.19
C GLU C 515 24.55 -7.57 -25.77
N THR C 516 23.22 -7.49 -25.62
CA THR C 516 22.58 -6.22 -25.27
C THR C 516 22.82 -5.89 -23.82
N LEU C 517 23.05 -4.62 -23.54
CA LEU C 517 23.20 -4.17 -22.17
C LEU C 517 21.83 -4.00 -21.52
N ALA C 518 21.69 -4.55 -20.31
CA ALA C 518 20.43 -4.45 -19.60
C ALA C 518 20.54 -3.48 -18.44
N PRO C 519 19.55 -2.61 -18.23
CA PRO C 519 19.63 -1.69 -17.09
C PRO C 519 19.60 -2.44 -15.77
N TYR C 520 20.50 -2.07 -14.87
CA TYR C 520 20.58 -2.76 -13.59
C TYR C 520 19.38 -2.39 -12.73
N LEU C 521 18.93 -3.37 -11.94
CA LEU C 521 17.79 -3.19 -11.04
C LEU C 521 16.51 -2.85 -11.82
N THR C 522 16.33 -3.52 -12.95
CA THR C 522 15.06 -3.56 -13.66
C THR C 522 14.65 -5.01 -13.86
N MET C 523 13.35 -5.22 -14.05
CA MET C 523 12.86 -6.58 -14.26
C MET C 523 13.24 -7.11 -15.63
N ALA C 524 13.38 -6.23 -16.62
CA ALA C 524 13.84 -6.66 -17.93
C ALA C 524 15.19 -7.38 -17.82
N GLU C 525 16.02 -6.97 -16.87
CA GLU C 525 17.30 -7.64 -16.66
C GLU C 525 17.13 -9.14 -16.53
N GLY C 526 16.00 -9.59 -15.98
CA GLY C 526 15.74 -11.01 -15.88
C GLY C 526 16.01 -11.75 -17.19
N LEU C 527 15.46 -11.22 -18.30
CA LEU C 527 15.73 -11.82 -19.60
C LEU C 527 17.21 -12.09 -19.80
N LYS C 528 18.04 -11.05 -19.69
CA LYS C 528 19.47 -11.25 -19.87
C LYS C 528 19.99 -12.31 -18.92
N LEU C 529 19.60 -12.24 -17.64
CA LEU C 529 20.08 -13.21 -16.67
C LEU C 529 19.59 -14.61 -17.03
N ALA C 530 18.41 -14.70 -17.65
CA ALA C 530 17.93 -16.00 -18.13
C ALA C 530 18.70 -16.43 -19.36
N ALA C 531 19.08 -15.48 -20.22
CA ALA C 531 19.86 -15.80 -21.41
C ALA C 531 21.27 -16.24 -21.05
N LEU C 532 21.77 -15.84 -19.89
CA LEU C 532 23.07 -16.30 -19.40
C LEU C 532 22.91 -17.58 -18.61
N THR C 533 22.27 -18.56 -19.24
CA THR C 533 22.04 -19.86 -18.62
C THR C 533 22.04 -20.94 -19.71
N PHE C 534 23.11 -20.95 -20.50
CA PHE C 534 23.31 -21.95 -21.54
C PHE C 534 24.75 -22.40 -21.49
N ASP C 535 24.96 -23.70 -21.29
CA ASP C 535 26.30 -24.24 -21.13
C ASP C 535 26.90 -24.62 -22.48
N ASP D 83 -36.28 2.52 -45.22
CA ASP D 83 -36.78 2.05 -43.93
C ASP D 83 -38.03 2.80 -43.53
N ASN D 84 -38.89 2.14 -42.77
CA ASN D 84 -40.15 2.71 -42.30
C ASN D 84 -40.02 2.98 -40.81
N TYR D 85 -39.35 4.10 -40.49
CA TYR D 85 -39.26 4.55 -39.11
C TYR D 85 -40.63 5.03 -38.61
N ASP D 86 -40.77 5.03 -37.29
CA ASP D 86 -41.96 5.62 -36.69
C ASP D 86 -41.86 7.14 -36.69
N LEU D 87 -40.67 7.68 -36.49
CA LEU D 87 -40.44 9.11 -36.51
C LEU D 87 -39.04 9.38 -37.04
N LEU D 88 -38.95 10.21 -38.06
CA LEU D 88 -37.70 10.55 -38.70
C LEU D 88 -37.43 12.03 -38.49
N ILE D 89 -36.27 12.36 -37.95
CA ILE D 89 -35.89 13.72 -37.60
C ILE D 89 -34.80 14.18 -38.56
N ILE D 90 -34.98 15.35 -39.16
CA ILE D 90 -33.97 15.98 -39.99
C ILE D 90 -33.26 17.00 -39.10
N GLY D 91 -32.13 16.61 -38.55
CA GLY D 91 -31.38 17.47 -37.66
C GLY D 91 -30.82 16.74 -36.45
N SER D 92 -29.88 17.38 -35.76
CA SER D 92 -29.25 16.80 -34.59
C SER D 92 -29.11 17.83 -33.46
N GLY D 93 -29.88 18.90 -33.49
CA GLY D 93 -29.78 19.95 -32.50
C GLY D 93 -30.55 19.64 -31.24
N ALA D 94 -30.80 20.69 -30.45
CA ALA D 94 -31.50 20.51 -29.18
C ALA D 94 -32.89 19.96 -29.39
N ALA D 95 -33.62 20.49 -30.37
CA ALA D 95 -34.96 19.98 -30.66
C ALA D 95 -34.91 18.54 -31.11
N ALA D 96 -33.93 18.18 -31.95
CA ALA D 96 -33.82 16.81 -32.42
C ALA D 96 -33.58 15.85 -31.26
N PHE D 97 -32.76 16.26 -30.30
CA PHE D 97 -32.46 15.37 -29.17
C PHE D 97 -33.64 15.26 -28.23
N SER D 98 -34.21 16.40 -27.83
CA SER D 98 -35.40 16.36 -26.96
C SER D 98 -36.48 15.49 -27.58
N SER D 99 -36.76 15.70 -28.87
CA SER D 99 -37.79 14.93 -29.55
C SER D 99 -37.43 13.46 -29.63
N ALA D 100 -36.14 13.16 -29.83
CA ALA D 100 -35.71 11.76 -29.88
C ALA D 100 -35.94 11.07 -28.54
N ILE D 101 -35.55 11.74 -27.45
CA ILE D 101 -35.75 11.18 -26.11
C ILE D 101 -37.23 10.91 -25.89
N LYS D 102 -38.05 11.97 -25.96
CA LYS D 102 -39.46 11.82 -25.65
C LYS D 102 -40.12 10.82 -26.60
N ALA D 103 -39.58 10.66 -27.79
CA ALA D 103 -40.15 9.71 -28.75
C ALA D 103 -39.81 8.28 -28.39
N ILE D 104 -38.57 8.03 -27.95
CA ILE D 104 -38.21 6.69 -27.51
C ILE D 104 -38.98 6.34 -26.24
N GLU D 105 -39.31 7.33 -25.40
CA GLU D 105 -40.13 7.04 -24.23
C GLU D 105 -41.43 6.36 -24.63
N TYR D 106 -42.01 6.78 -25.76
CA TYR D 106 -43.21 6.13 -26.28
C TYR D 106 -42.92 4.78 -26.92
N GLY D 107 -41.66 4.38 -27.03
CA GLY D 107 -41.33 3.10 -27.62
C GLY D 107 -41.42 3.07 -29.13
N ALA D 108 -40.89 4.10 -29.78
CA ALA D 108 -40.95 4.23 -31.24
C ALA D 108 -39.57 4.09 -31.84
N LYS D 109 -39.48 3.44 -32.99
CA LYS D 109 -38.25 3.42 -33.77
C LYS D 109 -38.06 4.78 -34.42
N VAL D 110 -37.00 5.49 -34.05
CA VAL D 110 -36.80 6.84 -34.57
C VAL D 110 -35.41 6.96 -35.18
N GLY D 111 -35.27 7.94 -36.05
CA GLY D 111 -34.00 8.19 -36.72
C GLY D 111 -33.61 9.65 -36.64
N MET D 112 -32.30 9.88 -36.57
CA MET D 112 -31.73 11.22 -36.53
C MET D 112 -30.81 11.37 -37.74
N ILE D 113 -31.20 12.22 -38.68
CA ILE D 113 -30.43 12.46 -39.88
C ILE D 113 -29.65 13.77 -39.69
N GLU D 114 -28.33 13.67 -39.67
CA GLU D 114 -27.47 14.82 -39.43
C GLU D 114 -26.65 15.10 -40.68
N ARG D 115 -26.64 16.36 -41.10
CA ARG D 115 -25.89 16.75 -42.29
C ARG D 115 -24.40 16.79 -42.01
N GLY D 116 -24.01 17.38 -40.88
CA GLY D 116 -22.61 17.55 -40.55
C GLY D 116 -22.25 17.10 -39.15
N THR D 117 -21.70 18.02 -38.37
CA THR D 117 -21.22 17.70 -37.04
C THR D 117 -22.38 17.51 -36.07
N VAL D 118 -22.35 16.40 -35.33
CA VAL D 118 -23.43 16.09 -34.39
C VAL D 118 -23.46 17.14 -33.29
N GLY D 119 -24.64 17.36 -32.72
CA GLY D 119 -24.84 18.25 -31.60
C GLY D 119 -25.60 19.51 -31.92
N GLY D 120 -25.62 19.94 -33.17
CA GLY D 120 -26.35 21.14 -33.53
C GLY D 120 -25.54 22.40 -33.25
N THR D 121 -26.27 23.51 -33.16
CA THR D 121 -25.63 24.81 -33.05
C THR D 121 -25.16 25.11 -31.63
N CYS D 122 -25.99 24.83 -30.62
CA CYS D 122 -25.71 25.35 -29.28
C CYS D 122 -24.37 24.83 -28.75
N VAL D 123 -24.05 23.57 -29.03
CA VAL D 123 -22.87 22.95 -28.44
C VAL D 123 -21.61 23.28 -29.21
N ASN D 124 -21.68 23.33 -30.54
CA ASN D 124 -20.48 23.40 -31.37
C ASN D 124 -20.12 24.82 -31.81
N ILE D 125 -21.08 25.58 -32.36
CA ILE D 125 -20.78 26.88 -32.94
C ILE D 125 -21.58 28.00 -32.30
N GLY D 126 -22.26 27.73 -31.19
CA GLY D 126 -23.22 28.69 -30.66
C GLY D 126 -23.02 29.07 -29.20
N CYS D 127 -23.91 28.59 -28.35
CA CYS D 127 -23.98 29.06 -26.96
C CYS D 127 -22.69 28.79 -26.20
N VAL D 128 -22.30 27.52 -26.13
CA VAL D 128 -21.21 27.12 -25.24
C VAL D 128 -19.91 27.86 -25.57
N PRO D 129 -19.41 27.84 -26.80
CA PRO D 129 -18.14 28.54 -27.07
C PRO D 129 -18.21 30.02 -26.70
N SER D 130 -19.26 30.69 -27.16
CA SER D 130 -19.44 32.09 -26.83
C SER D 130 -19.37 32.33 -25.33
N LYS D 131 -20.01 31.47 -24.54
CA LYS D 131 -20.11 31.77 -23.11
C LYS D 131 -18.82 31.44 -22.36
N THR D 132 -18.14 30.35 -22.73
CA THR D 132 -16.87 30.06 -22.07
C THR D 132 -15.83 31.13 -22.42
N LEU D 133 -15.74 31.50 -23.69
CA LEU D 133 -14.82 32.57 -24.07
C LEU D 133 -15.18 33.86 -23.35
N LEU D 134 -16.49 34.14 -23.22
CA LEU D 134 -16.93 35.32 -22.48
C LEU D 134 -16.47 35.26 -21.03
N ARG D 135 -16.50 34.07 -20.43
CA ARG D 135 -15.99 33.90 -19.07
C ARG D 135 -14.52 34.28 -18.99
N ALA D 136 -13.71 33.73 -19.88
CA ALA D 136 -12.29 34.07 -19.89
C ALA D 136 -12.11 35.58 -20.04
N GLY D 137 -12.79 36.18 -21.02
CA GLY D 137 -12.66 37.60 -21.24
C GLY D 137 -13.05 38.42 -20.03
N GLU D 138 -14.11 38.02 -19.34
CA GLU D 138 -14.52 38.73 -18.13
C GLU D 138 -13.45 38.62 -17.06
N ILE D 139 -12.82 37.44 -16.93
CA ILE D 139 -11.75 37.27 -15.96
C ILE D 139 -10.60 38.22 -16.26
N ILE D 140 -10.13 38.23 -17.52
CA ILE D 140 -8.99 39.09 -17.83
C ILE D 140 -9.36 40.56 -17.68
N HIS D 141 -10.61 40.92 -18.00
CA HIS D 141 -11.03 42.31 -17.85
C HIS D 141 -11.01 42.71 -16.38
N LEU D 142 -11.46 41.83 -15.49
CA LEU D 142 -11.36 42.14 -14.07
C LEU D 142 -9.90 42.20 -13.61
N SER D 143 -9.01 41.44 -14.26
CA SER D 143 -7.60 41.52 -13.91
C SER D 143 -6.99 42.83 -14.37
N LYS D 144 -7.47 43.38 -15.48
CA LYS D 144 -6.89 44.59 -16.06
C LYS D 144 -7.45 45.86 -15.41
N ASP D 145 -8.75 45.87 -15.13
CA ASP D 145 -9.42 47.06 -14.61
C ASP D 145 -10.43 46.63 -13.56
N ASN D 146 -10.19 47.00 -12.29
CA ASN D 146 -11.15 46.75 -11.23
C ASN D 146 -11.19 47.97 -10.33
N PRO D 147 -12.32 48.23 -9.67
CA PRO D 147 -12.45 49.45 -8.86
C PRO D 147 -11.83 49.39 -7.48
N PHE D 148 -11.30 48.24 -7.05
CA PHE D 148 -10.73 48.10 -5.71
C PHE D 148 -9.28 48.56 -5.70
N ILE D 149 -8.93 49.40 -4.72
CA ILE D 149 -7.65 50.09 -4.75
C ILE D 149 -6.52 49.17 -4.30
N GLY D 150 -6.68 48.56 -3.12
CA GLY D 150 -5.59 47.80 -2.54
C GLY D 150 -5.04 46.70 -3.43
N LEU D 151 -5.82 46.24 -4.40
CA LEU D 151 -5.38 45.15 -5.27
C LEU D 151 -4.29 45.62 -6.21
N GLN D 152 -3.29 44.76 -6.41
CA GLN D 152 -2.20 44.99 -7.35
C GLN D 152 -2.25 43.85 -8.38
N THR D 153 -3.20 43.94 -9.30
CA THR D 153 -3.41 42.94 -10.35
C THR D 153 -3.05 43.52 -11.71
N SER D 154 -2.70 42.62 -12.63
CA SER D 154 -2.35 43.01 -13.98
C SER D 154 -2.77 41.92 -14.95
N ALA D 155 -2.92 42.30 -16.21
CA ALA D 155 -3.36 41.37 -17.25
C ALA D 155 -2.50 41.57 -18.48
N GLY D 156 -1.76 40.53 -18.86
CA GLY D 156 -0.88 40.58 -20.00
C GLY D 156 -1.60 40.25 -21.30
N GLU D 157 -0.80 40.17 -22.37
CA GLU D 157 -1.34 39.83 -23.68
C GLU D 157 -1.96 38.44 -23.66
N VAL D 158 -2.97 38.25 -24.50
CA VAL D 158 -3.76 37.03 -24.50
C VAL D 158 -3.32 36.15 -25.66
N ASP D 159 -3.22 34.85 -25.40
CA ASP D 159 -2.90 33.86 -26.44
C ASP D 159 -4.23 33.29 -26.92
N LEU D 160 -4.80 33.91 -27.95
CA LEU D 160 -6.13 33.50 -28.40
C LEU D 160 -6.12 32.06 -28.89
N ALA D 161 -5.03 31.62 -29.51
CA ALA D 161 -4.94 30.25 -29.96
C ALA D 161 -5.20 29.27 -28.82
N SER D 162 -4.62 29.54 -27.65
CA SER D 162 -4.85 28.68 -26.49
C SER D 162 -6.31 28.69 -26.05
N LEU D 163 -6.92 29.87 -26.01
CA LEU D 163 -8.33 29.95 -25.61
C LEU D 163 -9.23 29.19 -26.56
N ILE D 164 -8.93 29.24 -27.86
CA ILE D 164 -9.77 28.58 -28.85
C ILE D 164 -9.55 27.08 -28.84
N THR D 165 -8.30 26.63 -28.68
CA THR D 165 -8.06 25.20 -28.62
C THR D 165 -8.70 24.61 -27.35
N GLN D 166 -8.46 25.25 -26.22
CA GLN D 166 -9.12 24.85 -24.97
C GLN D 166 -10.63 24.80 -25.16
N LYS D 167 -11.19 25.87 -25.74
CA LYS D 167 -12.62 25.93 -26.03
C LYS D 167 -13.06 24.70 -26.81
N ASP D 168 -12.35 24.37 -27.88
CA ASP D 168 -12.74 23.23 -28.71
C ASP D 168 -12.65 21.92 -27.94
N LYS D 169 -11.63 21.77 -27.10
CA LYS D 169 -11.57 20.59 -26.23
C LYS D 169 -12.78 20.53 -25.32
N LEU D 170 -13.25 21.70 -24.85
CA LEU D 170 -14.37 21.73 -23.93
C LEU D 170 -15.68 21.38 -24.62
N VAL D 171 -15.90 21.89 -25.84
CA VAL D 171 -17.10 21.53 -26.58
C VAL D 171 -17.04 20.06 -26.97
N SER D 172 -15.83 19.52 -27.17
CA SER D 172 -15.70 18.10 -27.43
C SER D 172 -16.11 17.28 -26.21
N GLU D 173 -15.60 17.64 -25.04
CA GLU D 173 -16.04 16.98 -23.81
C GLU D 173 -17.55 17.05 -23.65
N LEU D 174 -18.14 18.22 -23.94
CA LEU D 174 -19.58 18.39 -23.73
C LEU D 174 -20.39 17.58 -24.73
N ARG D 175 -20.03 17.65 -26.01
CA ARG D 175 -20.70 16.82 -27.01
C ARG D 175 -20.57 15.34 -26.65
N ASN D 176 -19.44 14.97 -26.03
CA ASN D 176 -19.28 13.61 -25.55
C ASN D 176 -20.26 13.30 -24.43
N GLN D 177 -20.48 14.26 -23.52
CA GLN D 177 -21.55 14.11 -22.53
C GLN D 177 -22.93 14.09 -23.18
N LYS D 178 -23.04 14.53 -24.44
CA LYS D 178 -24.29 14.44 -25.17
C LYS D 178 -24.47 13.08 -25.84
N TYR D 179 -23.37 12.45 -26.25
CA TYR D 179 -23.45 11.11 -26.84
C TYR D 179 -23.93 10.05 -25.86
N MET D 180 -24.02 10.36 -24.57
CA MET D 180 -24.63 9.43 -23.63
C MET D 180 -26.04 9.06 -24.06
N ASP D 181 -26.72 9.95 -24.78
CA ASP D 181 -28.04 9.63 -25.30
C ASP D 181 -27.97 8.55 -26.38
N LEU D 182 -26.88 8.50 -27.14
CA LEU D 182 -26.73 7.51 -28.20
C LEU D 182 -26.58 6.08 -27.68
N ILE D 183 -26.62 5.86 -26.36
CA ILE D 183 -26.58 4.52 -25.80
C ILE D 183 -27.67 4.36 -24.75
N ASP D 184 -27.81 5.36 -23.88
CA ASP D 184 -28.88 5.34 -22.88
C ASP D 184 -30.25 5.28 -23.52
N GLU D 185 -30.34 5.65 -24.81
CA GLU D 185 -31.58 5.62 -25.57
C GLU D 185 -31.31 4.78 -26.82
N TYR D 186 -31.28 3.46 -26.63
CA TYR D 186 -30.81 2.53 -27.65
C TYR D 186 -31.81 2.31 -28.78
N ASN D 187 -32.81 3.19 -28.91
CA ASN D 187 -33.83 3.07 -29.94
C ASN D 187 -33.44 3.79 -31.23
N PHE D 188 -32.99 5.05 -31.12
CA PHE D 188 -32.82 5.87 -32.31
C PHE D 188 -31.54 5.54 -33.05
N ASP D 189 -31.56 5.78 -34.36
CA ASP D 189 -30.47 5.44 -35.26
C ASP D 189 -29.88 6.71 -35.85
N LEU D 190 -28.56 6.84 -35.76
CA LEU D 190 -27.86 8.02 -36.27
C LEU D 190 -27.50 7.79 -37.73
N ILE D 191 -28.20 8.49 -38.62
CA ILE D 191 -27.93 8.49 -40.06
C ILE D 191 -27.24 9.80 -40.39
N LYS D 192 -26.12 9.72 -41.12
CA LYS D 192 -25.33 10.90 -41.44
C LYS D 192 -25.42 11.18 -42.94
N GLY D 193 -25.78 12.41 -43.26
CA GLY D 193 -25.97 12.85 -44.63
C GLY D 193 -26.99 13.96 -44.70
N GLU D 194 -27.03 14.63 -45.85
CA GLU D 194 -27.99 15.71 -46.08
C GLU D 194 -29.27 15.14 -46.64
N ALA D 195 -30.40 15.51 -46.03
CA ALA D 195 -31.70 15.00 -46.41
C ALA D 195 -32.48 16.02 -47.21
N LYS D 196 -33.21 15.54 -48.22
CA LYS D 196 -34.14 16.36 -48.97
C LYS D 196 -35.42 15.57 -49.21
N PHE D 197 -36.54 16.27 -49.24
CA PHE D 197 -37.82 15.61 -49.47
C PHE D 197 -38.01 15.32 -50.94
N VAL D 198 -38.50 14.12 -51.23
CA VAL D 198 -38.86 13.72 -52.60
C VAL D 198 -40.33 13.35 -52.72
N ASP D 199 -41.05 13.24 -51.60
CA ASP D 199 -42.44 12.82 -51.59
C ASP D 199 -43.06 13.38 -50.32
N ALA D 200 -44.39 13.37 -50.27
CA ALA D 200 -45.09 13.84 -49.09
C ALA D 200 -44.83 12.97 -47.85
N SER D 201 -44.23 11.79 -48.02
CA SER D 201 -44.01 10.89 -46.90
C SER D 201 -42.64 10.22 -46.91
N THR D 202 -41.77 10.53 -47.87
CA THR D 202 -40.47 9.91 -47.97
C THR D 202 -39.41 10.96 -48.24
N VAL D 203 -38.19 10.69 -47.77
CA VAL D 203 -37.06 11.59 -47.99
C VAL D 203 -35.92 10.80 -48.61
N GLU D 204 -34.92 11.53 -49.10
CA GLU D 204 -33.72 10.96 -49.68
C GLU D 204 -32.51 11.57 -48.97
N VAL D 205 -31.61 10.72 -48.51
CA VAL D 205 -30.40 11.16 -47.85
C VAL D 205 -29.26 10.24 -48.29
N ASN D 206 -28.13 10.85 -48.66
CA ASN D 206 -26.92 10.11 -49.02
C ASN D 206 -27.16 9.08 -50.11
N GLY D 207 -28.26 9.22 -50.87
CA GLY D 207 -28.60 8.32 -51.95
C GLY D 207 -29.79 7.41 -51.63
N ALA D 208 -29.93 7.01 -50.38
CA ALA D 208 -30.98 6.08 -49.99
C ALA D 208 -32.26 6.82 -49.63
N LYS D 209 -33.37 6.11 -49.76
CA LYS D 209 -34.68 6.66 -49.46
C LYS D 209 -35.19 6.12 -48.13
N LEU D 210 -35.98 6.94 -47.43
CA LEU D 210 -36.47 6.59 -46.11
C LEU D 210 -37.89 7.08 -45.95
N SER D 211 -38.77 6.20 -45.49
CA SER D 211 -40.15 6.54 -45.16
C SER D 211 -40.32 6.61 -43.65
N ALA D 212 -41.41 7.25 -43.23
CA ALA D 212 -41.69 7.37 -41.81
C ALA D 212 -43.14 7.79 -41.62
N LYS D 213 -43.73 7.31 -40.52
CA LYS D 213 -45.09 7.69 -40.20
C LYS D 213 -45.16 9.14 -39.75
N ARG D 214 -44.11 9.63 -39.09
CA ARG D 214 -44.03 11.01 -38.65
C ARG D 214 -42.66 11.56 -38.98
N PHE D 215 -42.62 12.86 -39.28
CA PHE D 215 -41.38 13.56 -39.57
C PHE D 215 -41.28 14.78 -38.67
N LEU D 216 -40.06 15.06 -38.21
CA LEU D 216 -39.76 16.28 -37.49
C LEU D 216 -38.65 17.01 -38.25
N ILE D 217 -38.93 18.24 -38.65
CA ILE D 217 -37.95 19.08 -39.34
C ILE D 217 -37.39 20.01 -38.29
N ALA D 218 -36.31 19.59 -37.65
CA ALA D 218 -35.60 20.42 -36.69
C ALA D 218 -34.28 20.82 -37.33
N THR D 219 -34.37 21.45 -38.50
CA THR D 219 -33.22 21.78 -39.31
C THR D 219 -32.49 23.03 -38.83
N GLY D 220 -33.07 23.76 -37.88
CA GLY D 220 -32.41 24.92 -37.30
C GLY D 220 -32.22 26.06 -38.29
N ALA D 221 -31.29 26.95 -37.93
CA ALA D 221 -30.97 28.12 -38.73
C ALA D 221 -29.46 28.27 -38.81
N SER D 222 -29.02 29.11 -39.73
CA SER D 222 -27.60 29.35 -39.96
C SER D 222 -27.38 30.85 -40.15
N PRO D 223 -26.13 31.32 -40.00
CA PRO D 223 -25.88 32.76 -40.10
C PRO D 223 -26.35 33.35 -41.41
N SER D 224 -27.11 34.43 -41.31
CA SER D 224 -27.63 35.17 -42.46
C SER D 224 -26.73 36.34 -42.80
N LEU D 225 -26.84 36.78 -44.07
CA LEU D 225 -26.09 37.90 -44.60
C LEU D 225 -27.03 39.06 -44.93
N PRO D 226 -26.58 40.29 -44.80
CA PRO D 226 -27.40 41.43 -45.20
C PRO D 226 -27.26 41.72 -46.68
N GLN D 227 -28.10 42.63 -47.15
CA GLN D 227 -28.11 43.05 -48.55
C GLN D 227 -27.49 44.43 -48.65
N ILE D 228 -26.17 44.48 -48.43
CA ILE D 228 -25.40 45.71 -48.52
C ILE D 228 -24.27 45.51 -49.52
N SER D 229 -23.99 46.54 -50.30
CA SER D 229 -23.08 46.41 -51.43
C SER D 229 -21.67 46.10 -50.96
N GLY D 230 -20.98 45.24 -51.74
CA GLY D 230 -19.59 44.95 -51.53
C GLY D 230 -19.31 43.80 -50.58
N LEU D 231 -20.22 43.53 -49.64
CA LEU D 231 -20.00 42.44 -48.71
C LEU D 231 -19.94 41.10 -49.41
N GLU D 232 -20.44 41.02 -50.64
CA GLU D 232 -20.48 39.75 -51.36
C GLU D 232 -19.08 39.14 -51.45
N LYS D 233 -18.16 39.83 -52.13
CA LYS D 233 -16.77 39.38 -52.25
C LYS D 233 -15.96 40.12 -51.19
N MET D 234 -15.88 39.52 -49.99
CA MET D 234 -15.23 40.17 -48.86
C MET D 234 -14.89 39.12 -47.82
N ASP D 235 -13.86 39.40 -47.03
CA ASP D 235 -13.38 38.47 -46.01
C ASP D 235 -14.06 38.74 -44.66
N TYR D 236 -15.38 38.60 -44.66
CA TYR D 236 -16.17 38.84 -43.46
C TYR D 236 -16.26 37.57 -42.61
N LEU D 237 -16.55 37.77 -41.34
CA LEU D 237 -16.71 36.68 -40.37
C LEU D 237 -18.15 36.63 -39.89
N THR D 238 -18.57 35.43 -39.50
CA THR D 238 -19.87 35.21 -38.89
C THR D 238 -19.67 34.74 -37.45
N SER D 239 -20.79 34.64 -36.72
CA SER D 239 -20.73 34.15 -35.35
C SER D 239 -19.91 32.88 -35.24
N THR D 240 -19.98 32.03 -36.27
CA THR D 240 -19.27 30.76 -36.23
C THR D 240 -17.81 30.89 -36.62
N THR D 241 -17.48 31.80 -37.56
CA THR D 241 -16.11 31.95 -38.02
C THR D 241 -15.27 32.72 -37.01
N LEU D 242 -15.85 33.73 -36.36
CA LEU D 242 -15.12 34.52 -35.38
C LEU D 242 -14.68 33.65 -34.20
N LEU D 243 -15.53 32.71 -33.80
CA LEU D 243 -15.20 31.79 -32.71
C LEU D 243 -14.10 30.82 -33.08
N GLU D 244 -13.63 30.83 -34.34
CA GLU D 244 -12.48 30.03 -34.74
C GLU D 244 -11.22 30.86 -34.92
N LEU D 245 -11.36 32.18 -35.00
CA LEU D 245 -10.21 33.05 -35.19
C LEU D 245 -9.23 32.89 -34.03
N LYS D 246 -7.96 32.63 -34.36
CA LYS D 246 -6.90 32.44 -33.38
C LYS D 246 -5.89 33.57 -33.39
N LYS D 247 -6.26 34.75 -33.92
CA LYS D 247 -5.39 35.92 -33.95
C LYS D 247 -6.22 37.13 -33.55
N ILE D 248 -5.90 37.74 -32.42
CA ILE D 248 -6.70 38.84 -31.89
C ILE D 248 -6.61 40.03 -32.83
N PRO D 249 -7.72 40.47 -33.44
CA PRO D 249 -7.64 41.62 -34.33
C PRO D 249 -7.40 42.90 -33.56
N LYS D 250 -6.57 43.79 -34.14
CA LYS D 250 -6.36 45.09 -33.52
C LYS D 250 -7.65 45.90 -33.50
N ARG D 251 -8.56 45.64 -34.43
CA ARG D 251 -9.83 46.33 -34.44
C ARG D 251 -10.86 45.47 -35.17
N LEU D 252 -12.04 45.35 -34.56
CA LEU D 252 -13.12 44.52 -35.06
C LEU D 252 -14.37 45.36 -35.18
N THR D 253 -15.00 45.33 -36.36
CA THR D 253 -16.25 46.02 -36.59
C THR D 253 -17.38 45.00 -36.57
N VAL D 254 -18.45 45.30 -35.85
CA VAL D 254 -19.61 44.42 -35.76
C VAL D 254 -20.77 45.10 -36.47
N ILE D 255 -21.46 44.35 -37.32
CA ILE D 255 -22.66 44.84 -38.00
C ILE D 255 -23.81 43.96 -37.53
N GLY D 256 -24.51 44.41 -36.51
CA GLY D 256 -25.63 43.65 -35.97
C GLY D 256 -26.31 44.31 -34.79
N SER D 257 -27.64 44.25 -34.77
CA SER D 257 -28.41 44.82 -33.67
C SER D 257 -28.75 43.80 -32.59
N GLY D 258 -28.52 42.51 -32.86
CA GLY D 258 -28.92 41.47 -31.95
C GLY D 258 -27.97 41.29 -30.78
N TYR D 259 -28.24 40.24 -30.00
CA TYR D 259 -27.44 39.97 -28.82
C TYR D 259 -26.12 39.29 -29.16
N ILE D 260 -26.07 38.52 -30.26
CA ILE D 260 -24.83 37.86 -30.64
C ILE D 260 -23.76 38.90 -30.91
N GLY D 261 -24.10 39.95 -31.65
CA GLY D 261 -23.14 41.00 -31.94
C GLY D 261 -22.58 41.64 -30.69
N MET D 262 -23.43 41.90 -29.70
CA MET D 262 -22.96 42.47 -28.45
C MET D 262 -22.07 41.49 -27.69
N GLU D 263 -22.51 40.23 -27.59
CA GLU D 263 -21.75 39.26 -26.82
C GLU D 263 -20.36 39.06 -27.39
N LEU D 264 -20.26 38.82 -28.71
CA LEU D 264 -18.95 38.65 -29.32
C LEU D 264 -18.15 39.94 -29.28
N GLY D 265 -18.82 41.08 -29.51
CA GLY D 265 -18.14 42.36 -29.45
C GLY D 265 -17.46 42.58 -28.12
N GLN D 266 -18.23 42.47 -27.03
CA GLN D 266 -17.62 42.64 -25.71
C GLN D 266 -16.59 41.57 -25.44
N LEU D 267 -16.84 40.36 -25.93
CA LEU D 267 -15.87 39.28 -25.75
C LEU D 267 -14.50 39.71 -26.26
N PHE D 268 -14.44 40.18 -27.50
CA PHE D 268 -13.15 40.60 -28.05
C PHE D 268 -12.67 41.93 -27.50
N HIS D 269 -13.57 42.77 -26.98
CA HIS D 269 -13.12 43.98 -26.30
C HIS D 269 -12.34 43.64 -25.03
N HIS D 270 -12.86 42.70 -24.25
CA HIS D 270 -12.18 42.27 -23.04
C HIS D 270 -10.92 41.47 -23.34
N LEU D 271 -10.84 40.83 -24.51
CA LEU D 271 -9.63 40.13 -24.92
C LEU D 271 -8.58 41.07 -25.50
N GLY D 272 -8.86 42.36 -25.59
CA GLY D 272 -7.91 43.32 -26.09
C GLY D 272 -8.08 43.65 -27.55
N SER D 273 -9.15 44.36 -27.88
CA SER D 273 -9.42 44.72 -29.26
C SER D 273 -10.39 45.89 -29.27
N GLU D 274 -10.11 46.89 -30.09
CA GLU D 274 -10.97 48.07 -30.19
C GLU D 274 -12.21 47.70 -30.98
N ILE D 275 -13.37 47.79 -30.33
CA ILE D 275 -14.62 47.33 -30.91
C ILE D 275 -15.44 48.51 -31.38
N THR D 276 -16.17 48.31 -32.48
CA THR D 276 -17.08 49.31 -33.03
C THR D 276 -18.36 48.58 -33.44
N LEU D 277 -19.44 48.80 -32.70
CA LEU D 277 -20.73 48.19 -33.01
C LEU D 277 -21.53 49.10 -33.94
N MET D 278 -22.02 48.53 -35.03
CA MET D 278 -22.77 49.29 -36.03
C MET D 278 -24.11 48.61 -36.26
N GLN D 279 -25.18 49.40 -36.18
CA GLN D 279 -26.52 48.88 -36.38
C GLN D 279 -27.41 49.99 -36.92
N ARG D 280 -28.47 49.59 -37.62
CA ARG D 280 -29.37 50.58 -38.19
C ARG D 280 -30.32 51.14 -37.13
N SER D 281 -30.81 50.30 -36.23
CA SER D 281 -31.70 50.77 -35.17
C SER D 281 -31.00 51.84 -34.33
N GLU D 282 -31.73 52.89 -33.99
CA GLU D 282 -31.16 54.00 -33.26
C GLU D 282 -31.05 53.76 -31.76
N ARG D 283 -31.67 52.70 -31.24
CA ARG D 283 -31.62 52.37 -29.82
C ARG D 283 -31.04 50.97 -29.67
N LEU D 284 -30.04 50.85 -28.80
CA LEU D 284 -29.51 49.53 -28.46
C LEU D 284 -30.62 48.65 -27.94
N LEU D 285 -30.77 47.46 -28.52
CA LEU D 285 -31.86 46.58 -28.15
C LEU D 285 -33.19 47.29 -28.33
N LYS D 286 -33.63 47.43 -29.58
CA LYS D 286 -34.81 48.24 -29.87
C LYS D 286 -36.07 47.65 -29.25
N GLU D 287 -36.14 46.33 -29.11
CA GLU D 287 -37.36 45.67 -28.64
C GLU D 287 -37.54 45.75 -27.13
N TYR D 288 -36.51 46.13 -26.38
CA TYR D 288 -36.60 46.18 -24.94
C TYR D 288 -37.20 47.51 -24.50
N ASP D 289 -37.31 47.70 -23.18
CA ASP D 289 -37.77 48.97 -22.66
C ASP D 289 -36.70 50.04 -22.86
N PRO D 290 -37.09 51.32 -22.88
CA PRO D 290 -36.08 52.38 -23.08
C PRO D 290 -35.00 52.40 -22.00
N GLU D 291 -35.37 52.18 -20.74
CA GLU D 291 -34.39 52.24 -19.66
C GLU D 291 -33.32 51.17 -19.84
N ILE D 292 -33.72 49.99 -20.33
CA ILE D 292 -32.76 48.93 -20.57
C ILE D 292 -31.75 49.35 -21.64
N SER D 293 -32.26 49.87 -22.75
CA SER D 293 -31.38 50.32 -23.82
C SER D 293 -30.40 51.39 -23.33
N GLU D 294 -30.93 52.44 -22.70
CA GLU D 294 -30.06 53.51 -22.20
C GLU D 294 -29.00 52.96 -21.25
N SER D 295 -29.39 52.05 -20.36
CA SER D 295 -28.46 51.53 -19.37
C SER D 295 -27.35 50.73 -20.03
N VAL D 296 -27.72 49.69 -20.79
CA VAL D 296 -26.71 48.83 -21.41
C VAL D 296 -25.80 49.64 -22.32
N GLU D 297 -26.37 50.62 -23.03
CA GLU D 297 -25.55 51.50 -23.87
C GLU D 297 -24.56 52.27 -23.02
N LYS D 298 -25.02 52.86 -21.92
CA LYS D 298 -24.13 53.61 -21.04
C LYS D 298 -23.00 52.72 -20.55
N ALA D 299 -23.30 51.48 -20.16
CA ALA D 299 -22.25 50.58 -19.67
C ALA D 299 -21.27 50.23 -20.78
N LEU D 300 -21.76 49.94 -21.98
CA LEU D 300 -20.86 49.62 -23.09
C LEU D 300 -19.93 50.77 -23.40
N ILE D 301 -20.46 52.00 -23.41
CA ILE D 301 -19.60 53.16 -23.67
C ILE D 301 -18.59 53.32 -22.53
N GLU D 302 -19.05 53.13 -21.28
CA GLU D 302 -18.13 53.18 -20.15
C GLU D 302 -16.97 52.21 -20.34
N GLN D 303 -17.25 51.00 -20.82
CA GLN D 303 -16.19 50.01 -20.99
C GLN D 303 -15.24 50.39 -22.12
N GLY D 304 -15.72 51.14 -23.10
CA GLY D 304 -14.85 51.61 -24.16
C GLY D 304 -15.25 51.17 -25.55
N ILE D 305 -16.41 50.51 -25.68
CA ILE D 305 -16.90 50.10 -26.99
C ILE D 305 -17.50 51.30 -27.69
N ASN D 306 -17.12 51.49 -28.95
CA ASN D 306 -17.68 52.56 -29.77
C ASN D 306 -18.94 52.06 -30.46
N LEU D 307 -19.99 52.88 -30.44
CA LEU D 307 -21.28 52.54 -31.02
C LEU D 307 -21.59 53.49 -32.17
N VAL D 308 -22.24 52.95 -33.20
CA VAL D 308 -22.64 53.72 -34.37
C VAL D 308 -24.09 53.35 -34.64
N LYS D 309 -25.02 54.15 -34.09
CA LYS D 309 -26.44 53.87 -34.21
C LYS D 309 -27.05 54.68 -35.35
N GLY D 310 -28.23 54.26 -35.78
CA GLY D 310 -28.95 54.97 -36.83
C GLY D 310 -28.20 55.04 -38.14
N ALA D 311 -27.31 54.08 -38.40
CA ALA D 311 -26.49 54.12 -39.60
C ALA D 311 -27.24 53.53 -40.79
N THR D 312 -27.03 54.11 -41.97
CA THR D 312 -27.55 53.58 -43.21
C THR D 312 -26.39 52.98 -43.99
N PHE D 313 -26.44 51.67 -44.19
CA PHE D 313 -25.33 50.95 -44.82
C PHE D 313 -25.45 51.04 -46.33
N GLU D 314 -24.44 51.63 -46.96
CA GLU D 314 -24.40 51.88 -48.40
C GLU D 314 -23.46 50.91 -49.12
N ARG D 315 -22.21 50.84 -48.70
CA ARG D 315 -21.25 49.96 -49.35
C ARG D 315 -20.12 49.67 -48.37
N VAL D 316 -19.42 48.57 -48.64
CA VAL D 316 -18.24 48.19 -47.87
C VAL D 316 -17.19 47.65 -48.84
N GLU D 317 -15.92 47.99 -48.58
CA GLU D 317 -14.81 47.63 -49.44
C GLU D 317 -13.72 47.00 -48.59
N GLN D 318 -12.74 46.40 -49.26
CA GLN D 318 -11.61 45.77 -48.59
C GLN D 318 -10.35 46.04 -49.39
N SER D 319 -9.23 46.21 -48.70
CA SER D 319 -7.96 46.54 -49.34
C SER D 319 -6.83 45.81 -48.64
N GLY D 320 -6.26 44.81 -49.31
CA GLY D 320 -5.06 44.15 -48.81
C GLY D 320 -5.22 43.43 -47.49
N GLU D 321 -6.40 42.88 -47.23
CA GLU D 321 -6.67 42.01 -46.06
C GLU D 321 -6.37 42.69 -44.74
N ILE D 322 -6.40 44.02 -44.69
CA ILE D 322 -6.13 44.74 -43.45
C ILE D 322 -6.97 46.01 -43.41
N LYS D 323 -8.05 46.03 -44.20
CA LYS D 323 -8.88 47.23 -44.30
C LYS D 323 -10.31 46.86 -44.64
N ARG D 324 -11.25 47.60 -44.06
CA ARG D 324 -12.69 47.42 -44.23
C ARG D 324 -13.31 48.78 -44.50
N VAL D 325 -14.65 48.86 -44.54
CA VAL D 325 -15.33 50.11 -44.83
C VAL D 325 -16.68 50.18 -44.14
N TYR D 326 -17.38 51.29 -44.32
CA TYR D 326 -18.65 51.50 -43.68
C TYR D 326 -19.44 52.52 -44.52
N VAL D 327 -20.43 53.17 -43.91
CA VAL D 327 -21.35 54.02 -44.64
C VAL D 327 -21.89 55.16 -43.79
N THR D 328 -22.82 55.92 -44.37
CA THR D 328 -23.32 57.15 -43.78
C THR D 328 -24.08 56.90 -42.48
N VAL D 329 -24.13 57.95 -41.65
CA VAL D 329 -24.84 57.92 -40.37
C VAL D 329 -25.20 59.35 -39.98
N ASN D 330 -26.48 59.58 -39.69
CA ASN D 330 -26.98 60.87 -39.22
C ASN D 330 -26.73 61.97 -40.25
N GLY D 331 -26.67 61.61 -41.52
CA GLY D 331 -26.52 62.58 -42.61
C GLY D 331 -25.10 62.95 -42.98
N SER D 332 -24.10 62.18 -42.53
CA SER D 332 -22.70 62.47 -42.84
C SER D 332 -22.00 61.18 -43.22
N ARG D 333 -21.54 61.08 -44.47
CA ARG D 333 -20.84 59.88 -44.93
C ARG D 333 -19.59 59.66 -44.11
N GLU D 334 -19.57 58.59 -43.32
CA GLU D 334 -18.43 58.23 -42.48
C GLU D 334 -18.02 56.80 -42.77
N VAL D 335 -16.79 56.46 -42.40
CA VAL D 335 -16.21 55.15 -42.66
C VAL D 335 -15.52 54.65 -41.40
N ILE D 336 -15.64 53.35 -41.15
CA ILE D 336 -15.01 52.70 -40.02
C ILE D 336 -14.08 51.64 -40.59
N GLU D 337 -12.78 51.91 -40.57
CA GLU D 337 -11.78 50.95 -41.00
C GLU D 337 -11.54 49.94 -39.89
N SER D 338 -11.36 48.68 -40.28
CA SER D 338 -11.23 47.61 -39.31
C SER D 338 -10.25 46.56 -39.82
N ASP D 339 -9.76 45.73 -38.88
CA ASP D 339 -8.94 44.58 -39.22
C ASP D 339 -9.79 43.33 -39.40
N GLN D 340 -10.95 43.27 -38.76
CA GLN D 340 -11.88 42.17 -38.99
C GLN D 340 -13.30 42.72 -39.01
N LEU D 341 -14.19 41.99 -39.69
CA LEU D 341 -15.59 42.37 -39.80
C LEU D 341 -16.47 41.19 -39.44
N LEU D 342 -17.36 41.39 -38.48
CA LEU D 342 -18.33 40.40 -38.04
C LEU D 342 -19.73 40.81 -38.50
N VAL D 343 -20.46 39.84 -39.02
CA VAL D 343 -21.82 40.03 -39.52
C VAL D 343 -22.76 39.28 -38.60
N ALA D 344 -23.63 40.02 -37.91
CA ALA D 344 -24.63 39.46 -37.00
C ALA D 344 -26.01 39.99 -37.35
N THR D 345 -26.34 39.98 -38.64
CA THR D 345 -27.63 40.48 -39.09
C THR D 345 -28.77 39.62 -38.54
N GLY D 346 -28.78 38.35 -38.88
CA GLY D 346 -29.81 37.44 -38.43
C GLY D 346 -29.42 36.01 -38.64
N ARG D 347 -30.42 35.14 -38.67
CA ARG D 347 -30.20 33.71 -38.90
C ARG D 347 -31.31 33.19 -39.79
N LYS D 348 -30.94 32.68 -40.95
CA LYS D 348 -31.92 32.17 -41.90
C LYS D 348 -32.22 30.71 -41.63
N PRO D 349 -33.48 30.31 -41.67
CA PRO D 349 -33.80 28.88 -41.54
C PRO D 349 -33.15 28.08 -42.65
N ASN D 350 -32.81 26.84 -42.33
CA ASN D 350 -32.15 25.94 -43.27
C ASN D 350 -33.20 25.12 -44.03
N THR D 351 -33.91 25.81 -44.91
CA THR D 351 -34.96 25.21 -45.72
C THR D 351 -34.61 25.12 -47.21
N ASP D 352 -33.45 25.64 -47.62
CA ASP D 352 -33.11 25.64 -49.04
C ASP D 352 -32.87 24.23 -49.56
N SER D 353 -32.02 23.47 -48.88
CA SER D 353 -31.64 22.13 -49.31
C SER D 353 -32.69 21.08 -49.03
N LEU D 354 -33.83 21.44 -48.43
CA LEU D 354 -34.83 20.46 -48.02
C LEU D 354 -35.82 20.10 -49.13
N ASN D 355 -36.02 20.97 -50.12
CA ASN D 355 -37.01 20.74 -51.15
C ASN D 355 -38.38 20.50 -50.54
N LEU D 356 -38.77 21.39 -49.63
CA LEU D 356 -40.03 21.24 -48.91
C LEU D 356 -41.23 21.25 -49.84
N SER D 357 -41.13 21.91 -50.99
CA SER D 357 -42.24 21.97 -51.93
C SER D 357 -42.65 20.59 -52.43
N ALA D 358 -41.76 19.61 -52.37
CA ALA D 358 -42.09 18.25 -52.76
C ALA D 358 -42.88 17.49 -51.70
N ALA D 359 -43.00 18.06 -50.49
CA ALA D 359 -43.73 17.43 -49.41
C ALA D 359 -44.95 18.21 -48.97
N GLY D 360 -45.23 19.35 -49.59
CA GLY D 360 -46.38 20.14 -49.20
C GLY D 360 -46.19 20.78 -47.83
N VAL D 361 -45.08 21.46 -47.64
CA VAL D 361 -44.77 22.15 -46.39
C VAL D 361 -44.69 23.64 -46.69
N GLU D 362 -45.52 24.44 -46.01
CA GLU D 362 -45.59 25.87 -46.25
C GLU D 362 -44.37 26.58 -45.66
N THR D 363 -43.91 27.62 -46.35
CA THR D 363 -42.85 28.47 -45.86
C THR D 363 -43.32 29.93 -45.81
N GLY D 364 -42.78 30.69 -44.86
CA GLY D 364 -43.22 32.06 -44.66
C GLY D 364 -42.41 33.08 -45.45
N LYS D 365 -42.78 34.34 -45.28
CA LYS D 365 -42.16 35.43 -46.03
C LYS D 365 -40.66 35.51 -45.75
N ASN D 366 -40.22 35.08 -44.58
CA ASN D 366 -38.81 35.12 -44.21
C ASN D 366 -38.16 33.74 -44.32
N ASN D 367 -38.70 32.87 -45.16
CA ASN D 367 -38.08 31.60 -45.52
C ASN D 367 -38.16 30.57 -44.40
N GLU D 368 -39.09 30.74 -43.45
CA GLU D 368 -39.22 29.83 -42.35
C GLU D 368 -40.25 28.75 -42.66
N ILE D 369 -40.46 27.83 -41.71
CA ILE D 369 -41.48 26.81 -41.81
C ILE D 369 -42.63 27.20 -40.90
N LEU D 370 -43.85 27.19 -41.45
CA LEU D 370 -45.03 27.52 -40.67
C LEU D 370 -45.57 26.29 -39.96
N ILE D 371 -45.95 26.48 -38.70
CA ILE D 371 -46.55 25.43 -37.89
C ILE D 371 -47.78 25.99 -37.20
N ASN D 372 -48.66 25.09 -36.79
CA ASN D 372 -49.84 25.48 -36.02
C ASN D 372 -49.49 25.51 -34.54
N ASP D 373 -50.50 25.58 -33.68
CA ASP D 373 -50.25 25.60 -32.25
C ASP D 373 -49.64 24.28 -31.77
N PHE D 374 -49.81 23.20 -32.53
CA PHE D 374 -49.28 21.90 -32.17
C PHE D 374 -47.96 21.57 -32.85
N GLY D 375 -47.39 22.51 -33.61
CA GLY D 375 -46.16 22.24 -34.32
C GLY D 375 -46.31 21.49 -35.62
N GLN D 376 -47.54 21.38 -36.13
CA GLN D 376 -47.82 20.60 -37.33
C GLN D 376 -47.78 21.50 -38.57
N THR D 377 -47.08 21.05 -39.60
CA THR D 377 -46.97 21.81 -40.84
C THR D 377 -48.22 21.57 -41.69
N SER D 378 -48.22 22.09 -42.91
CA SER D 378 -49.33 21.83 -43.82
C SER D 378 -49.46 20.35 -44.14
N ASN D 379 -48.36 19.58 -44.02
CA ASN D 379 -48.43 18.14 -44.15
C ASN D 379 -48.77 17.55 -42.79
N GLU D 380 -49.84 16.75 -42.75
CA GLU D 380 -50.39 16.30 -41.47
C GLU D 380 -49.38 15.49 -40.66
N LYS D 381 -48.45 14.80 -41.33
CA LYS D 381 -47.51 13.93 -40.65
C LYS D 381 -46.08 14.47 -40.72
N ILE D 382 -45.94 15.79 -40.86
CA ILE D 382 -44.65 16.45 -40.80
C ILE D 382 -44.75 17.58 -39.78
N TYR D 383 -43.92 17.51 -38.75
CA TYR D 383 -43.84 18.56 -37.74
C TYR D 383 -42.50 19.25 -37.84
N ALA D 384 -42.41 20.43 -37.23
CA ALA D 384 -41.20 21.23 -37.24
C ALA D 384 -41.04 21.89 -35.88
N ALA D 385 -39.79 22.13 -35.50
CA ALA D 385 -39.51 22.75 -34.22
C ALA D 385 -38.10 23.32 -34.23
N GLY D 386 -37.89 24.37 -33.44
CA GLY D 386 -36.57 24.95 -33.33
C GLY D 386 -36.45 26.27 -34.07
N ASP D 387 -35.22 26.61 -34.48
CA ASP D 387 -34.99 27.87 -35.16
C ASP D 387 -35.61 27.88 -36.56
N VAL D 388 -35.76 26.73 -37.19
CA VAL D 388 -36.39 26.70 -38.51
C VAL D 388 -37.78 27.31 -38.43
N THR D 389 -38.51 27.01 -37.35
CA THR D 389 -39.74 27.71 -37.00
C THR D 389 -39.32 29.06 -36.41
N LEU D 390 -39.47 30.12 -37.20
CA LEU D 390 -38.94 31.40 -36.74
C LEU D 390 -39.70 31.83 -35.50
N GLY D 391 -39.04 31.75 -34.35
CA GLY D 391 -39.62 32.16 -33.10
C GLY D 391 -38.50 32.54 -32.15
N PRO D 392 -38.79 32.54 -30.84
CA PRO D 392 -37.71 32.77 -29.89
C PRO D 392 -36.56 31.81 -30.15
N GLN D 393 -35.45 32.33 -30.67
CA GLN D 393 -34.33 31.49 -31.10
C GLN D 393 -33.42 31.24 -29.90
N PHE D 394 -33.87 30.31 -29.06
CA PHE D 394 -33.15 29.88 -27.88
C PHE D 394 -33.13 28.37 -27.84
N VAL D 395 -32.15 27.82 -27.12
CA VAL D 395 -32.00 26.37 -27.04
C VAL D 395 -33.08 25.76 -26.16
N TYR D 396 -33.41 26.41 -25.03
CA TYR D 396 -34.44 25.88 -24.15
C TYR D 396 -35.79 25.85 -24.85
N VAL D 397 -36.08 26.88 -25.64
CA VAL D 397 -37.30 26.87 -26.43
C VAL D 397 -37.24 25.77 -27.47
N ALA D 398 -36.06 25.49 -28.02
CA ALA D 398 -35.95 24.44 -29.02
C ALA D 398 -36.22 23.08 -28.42
N ALA D 399 -35.65 22.80 -27.25
CA ALA D 399 -35.91 21.52 -26.60
C ALA D 399 -37.37 21.41 -26.19
N TYR D 400 -37.92 22.47 -25.58
CA TYR D 400 -39.32 22.48 -25.22
C TYR D 400 -40.20 22.14 -26.42
N GLU D 401 -40.02 22.88 -27.52
CA GLU D 401 -40.80 22.62 -28.72
C GLU D 401 -40.60 21.19 -29.20
N GLY D 402 -39.37 20.68 -29.14
CA GLY D 402 -39.13 19.30 -29.55
C GLY D 402 -39.96 18.32 -28.76
N GLY D 403 -39.91 18.41 -27.43
CA GLY D 403 -40.67 17.50 -26.59
C GLY D 403 -42.17 17.61 -26.85
N ILE D 404 -42.70 18.83 -26.85
CA ILE D 404 -44.14 18.99 -27.06
C ILE D 404 -44.54 18.41 -28.41
N ILE D 405 -43.82 18.78 -29.46
CA ILE D 405 -44.11 18.27 -30.79
C ILE D 405 -44.12 16.74 -30.78
N THR D 406 -43.14 16.13 -30.12
CA THR D 406 -43.13 14.67 -30.04
C THR D 406 -44.40 14.18 -29.36
N ASP D 407 -44.83 14.84 -28.28
CA ASP D 407 -46.06 14.45 -27.61
C ASP D 407 -47.25 14.49 -28.57
N ASN D 408 -47.27 15.49 -29.46
CA ASN D 408 -48.39 15.61 -30.40
C ASN D 408 -48.32 14.53 -31.47
N ALA D 409 -47.19 14.44 -32.18
CA ALA D 409 -47.06 13.48 -33.27
C ALA D 409 -47.11 12.05 -32.74
N ILE D 410 -46.30 11.75 -31.74
CA ILE D 410 -46.27 10.43 -31.09
C ILE D 410 -46.97 10.56 -29.75
N GLY D 411 -47.95 9.70 -29.51
CA GLY D 411 -48.74 9.78 -28.30
C GLY D 411 -50.03 10.56 -28.44
N GLY D 412 -50.19 11.33 -29.52
CA GLY D 412 -51.46 11.96 -29.85
C GLY D 412 -51.88 13.11 -28.96
N LEU D 413 -51.26 13.24 -27.79
CA LEU D 413 -51.62 14.31 -26.86
C LEU D 413 -51.58 15.65 -27.58
N ASN D 414 -52.74 16.32 -27.64
CA ASN D 414 -52.84 17.60 -28.34
C ASN D 414 -52.52 18.73 -27.36
N LYS D 415 -51.21 18.92 -27.14
CA LYS D 415 -50.70 19.96 -26.28
C LYS D 415 -50.24 21.14 -27.13
N LYS D 416 -50.60 22.34 -26.71
CA LYS D 416 -50.21 23.55 -27.42
C LYS D 416 -48.83 24.02 -26.98
N ILE D 417 -48.17 24.77 -27.86
CA ILE D 417 -46.86 25.32 -27.58
C ILE D 417 -47.04 26.62 -26.81
N ASP D 418 -46.70 26.60 -25.53
CA ASP D 418 -46.85 27.75 -24.63
C ASP D 418 -45.53 28.50 -24.57
N LEU D 419 -45.47 29.64 -25.26
CA LEU D 419 -44.30 30.52 -25.21
C LEU D 419 -44.65 31.89 -24.63
N SER D 420 -45.68 31.95 -23.79
CA SER D 420 -46.11 33.22 -23.22
C SER D 420 -45.07 33.79 -22.25
N VAL D 421 -44.20 32.95 -21.70
CA VAL D 421 -43.20 33.39 -20.76
C VAL D 421 -41.88 32.71 -21.07
N VAL D 422 -41.07 33.36 -21.91
CA VAL D 422 -39.76 32.86 -22.30
C VAL D 422 -38.73 33.88 -21.83
N PRO D 423 -37.76 33.50 -21.01
CA PRO D 423 -36.73 34.45 -20.60
C PRO D 423 -35.68 34.62 -21.68
N ALA D 424 -35.03 35.78 -21.67
CA ALA D 424 -33.98 36.11 -22.60
C ALA D 424 -32.81 36.73 -21.84
N VAL D 425 -31.59 36.29 -22.16
CA VAL D 425 -30.40 36.72 -21.46
C VAL D 425 -29.36 37.13 -22.50
N THR D 426 -28.88 38.36 -22.40
CA THR D 426 -27.70 38.82 -23.13
C THR D 426 -26.54 38.83 -22.15
N PHE D 427 -25.60 37.90 -22.35
CA PHE D 427 -24.57 37.60 -21.36
C PHE D 427 -23.40 38.58 -21.39
N THR D 428 -23.66 39.84 -21.76
CA THR D 428 -22.67 40.87 -21.55
C THR D 428 -22.53 41.16 -20.05
N ASN D 429 -21.55 42.00 -19.72
CA ASN D 429 -21.42 42.45 -18.35
C ASN D 429 -21.44 43.98 -18.32
N PRO D 430 -22.49 44.58 -17.73
CA PRO D 430 -23.61 43.93 -17.05
C PRO D 430 -24.51 43.12 -17.97
N THR D 431 -25.03 42.02 -17.42
CA THR D 431 -25.91 41.14 -18.17
C THR D 431 -27.29 41.77 -18.31
N VAL D 432 -27.90 41.59 -19.48
CA VAL D 432 -29.28 42.00 -19.71
C VAL D 432 -30.17 40.76 -19.59
N ALA D 433 -31.36 40.94 -19.03
CA ALA D 433 -32.25 39.82 -18.77
C ALA D 433 -33.69 40.29 -18.80
N THR D 434 -34.52 39.61 -19.57
CA THR D 434 -35.92 39.99 -19.71
C THR D 434 -36.81 38.76 -19.55
N VAL D 435 -37.97 38.98 -18.94
CA VAL D 435 -39.01 37.96 -18.90
C VAL D 435 -40.35 38.66 -18.84
N GLY D 436 -41.31 38.17 -19.61
CA GLY D 436 -42.61 38.78 -19.61
C GLY D 436 -42.70 39.98 -20.52
N LEU D 437 -43.68 40.84 -20.22
CA LEU D 437 -44.03 41.96 -21.08
C LEU D 437 -43.23 43.20 -20.71
N THR D 438 -42.98 44.04 -21.71
CA THR D 438 -42.44 45.36 -21.46
C THR D 438 -43.58 46.29 -21.06
N GLU D 439 -43.26 47.57 -20.86
CA GLU D 439 -44.30 48.55 -20.56
C GLU D 439 -45.17 48.79 -21.79
N GLU D 440 -44.54 49.09 -22.93
CA GLU D 440 -45.30 49.32 -24.15
C GLU D 440 -46.08 48.07 -24.57
N GLN D 441 -45.49 46.89 -24.39
CA GLN D 441 -46.17 45.65 -24.76
C GLN D 441 -47.39 45.43 -23.88
N ALA D 442 -47.25 45.62 -22.56
CA ALA D 442 -48.38 45.43 -21.66
C ALA D 442 -49.47 46.45 -21.92
N LYS D 443 -49.10 47.69 -22.27
CA LYS D 443 -50.10 48.67 -22.65
C LYS D 443 -50.81 48.26 -23.93
N GLU D 444 -50.07 47.75 -24.91
CA GLU D 444 -50.67 47.34 -26.16
C GLU D 444 -51.65 46.20 -25.94
N LYS D 445 -51.29 45.23 -25.09
CA LYS D 445 -52.19 44.13 -24.78
C LYS D 445 -53.47 44.62 -24.11
N GLY D 446 -53.45 45.81 -23.50
CA GLY D 446 -54.62 46.39 -22.88
C GLY D 446 -54.58 46.48 -21.36
N TYR D 447 -53.49 46.06 -20.72
CA TYR D 447 -53.42 46.09 -19.26
C TYR D 447 -53.45 47.52 -18.74
N ASP D 448 -53.82 47.66 -17.48
CA ASP D 448 -53.66 48.93 -16.77
C ASP D 448 -52.32 48.85 -16.06
N VAL D 449 -51.27 49.33 -16.74
CA VAL D 449 -49.91 49.05 -16.31
C VAL D 449 -49.47 50.02 -15.23
N LYS D 450 -48.60 49.53 -14.35
CA LYS D 450 -47.97 50.32 -13.31
C LYS D 450 -46.51 49.87 -13.24
N THR D 451 -45.60 50.81 -13.46
CA THR D 451 -44.18 50.51 -13.60
C THR D 451 -43.41 51.02 -12.40
N SER D 452 -42.30 50.36 -12.11
CA SER D 452 -41.37 50.82 -11.09
C SER D 452 -39.96 50.58 -11.59
N VAL D 453 -39.16 51.65 -11.67
CA VAL D 453 -37.79 51.59 -12.17
C VAL D 453 -36.86 51.90 -11.00
N LEU D 454 -35.87 51.04 -10.81
CA LEU D 454 -34.92 51.18 -9.71
C LEU D 454 -33.50 51.22 -10.27
N PRO D 455 -32.70 52.24 -10.00
CA PRO D 455 -31.32 52.24 -10.46
C PRO D 455 -30.48 51.23 -9.69
N LEU D 456 -29.45 50.71 -10.37
CA LEU D 456 -28.62 49.68 -9.77
C LEU D 456 -27.86 50.22 -8.55
N ASP D 457 -27.56 51.51 -8.53
CA ASP D 457 -26.86 52.10 -7.40
C ASP D 457 -27.67 52.06 -6.11
N ALA D 458 -28.92 51.59 -6.16
CA ALA D 458 -29.75 51.41 -4.97
C ALA D 458 -29.69 49.98 -4.43
N VAL D 459 -29.10 49.04 -5.17
CA VAL D 459 -28.98 47.66 -4.72
C VAL D 459 -27.71 47.52 -3.90
N PRO D 460 -27.77 46.99 -2.66
CA PRO D 460 -26.54 46.88 -1.87
C PRO D 460 -25.44 46.09 -2.55
N ARG D 461 -25.79 44.97 -3.18
CA ARG D 461 -24.76 44.14 -3.80
C ARG D 461 -24.00 44.92 -4.85
N ALA D 462 -24.70 45.75 -5.63
CA ALA D 462 -24.04 46.59 -6.62
C ALA D 462 -23.10 47.58 -5.96
N ILE D 463 -23.44 48.03 -4.76
CA ILE D 463 -22.60 49.02 -4.08
C ILE D 463 -21.32 48.36 -3.56
N VAL D 464 -21.46 47.26 -2.83
CA VAL D 464 -20.26 46.59 -2.31
C VAL D 464 -19.37 46.11 -3.45
N ASN D 465 -19.97 45.74 -4.59
CA ASN D 465 -19.19 45.35 -5.76
C ASN D 465 -18.55 46.54 -6.45
N ARG D 466 -18.94 47.76 -6.09
CA ARG D 466 -18.40 48.97 -6.70
C ARG D 466 -18.68 49.01 -8.21
N GLU D 467 -19.81 48.43 -8.61
CA GLU D 467 -20.31 48.51 -9.98
C GLU D 467 -21.81 48.73 -9.92
N THR D 468 -22.25 49.92 -10.34
CA THR D 468 -23.64 50.34 -10.17
C THR D 468 -24.20 50.89 -11.46
N THR D 469 -23.87 50.26 -12.58
CA THR D 469 -24.39 50.64 -13.89
C THR D 469 -25.42 49.58 -14.28
N GLY D 470 -26.69 49.91 -14.10
CA GLY D 470 -27.74 48.95 -14.41
C GLY D 470 -29.09 49.50 -14.06
N VAL D 471 -30.08 48.60 -14.02
CA VAL D 471 -31.45 49.00 -13.71
C VAL D 471 -32.32 47.78 -13.49
N PHE D 472 -33.32 47.92 -12.62
CA PHE D 472 -34.35 46.91 -12.40
C PHE D 472 -35.68 47.55 -12.77
N LYS D 473 -36.30 47.07 -13.85
CA LYS D 473 -37.61 47.56 -14.26
C LYS D 473 -38.67 46.52 -13.95
N LEU D 474 -39.77 46.96 -13.37
CA LEU D 474 -40.85 46.07 -12.94
C LEU D 474 -42.14 46.56 -13.57
N VAL D 475 -42.75 45.73 -14.40
CA VAL D 475 -44.01 46.03 -15.07
C VAL D 475 -45.09 45.21 -14.41
N ALA D 476 -46.11 45.87 -13.87
CA ALA D 476 -47.16 45.20 -13.14
C ALA D 476 -48.52 45.67 -13.65
N ASP D 477 -49.57 44.96 -13.25
CA ASP D 477 -50.94 45.35 -13.55
C ASP D 477 -51.49 46.14 -12.36
N ALA D 478 -51.82 47.41 -12.60
CA ALA D 478 -52.26 48.28 -11.51
C ALA D 478 -53.48 47.73 -10.81
N GLU D 479 -54.35 47.01 -11.54
CA GLU D 479 -55.58 46.50 -10.96
C GLU D 479 -55.32 45.31 -10.06
N THR D 480 -54.71 44.26 -10.61
CA THR D 480 -54.51 43.01 -9.88
C THR D 480 -53.14 42.92 -9.23
N LEU D 481 -52.25 43.89 -9.47
CA LEU D 481 -50.91 43.95 -8.93
C LEU D 481 -50.04 42.77 -9.37
N LYS D 482 -50.51 41.96 -10.31
CA LYS D 482 -49.72 40.81 -10.74
C LYS D 482 -48.54 41.30 -11.58
N VAL D 483 -47.40 40.63 -11.41
CA VAL D 483 -46.20 40.99 -12.15
C VAL D 483 -46.35 40.48 -13.58
N LEU D 484 -46.26 41.40 -14.54
CA LEU D 484 -46.37 41.09 -15.96
C LEU D 484 -45.02 40.93 -16.63
N GLY D 485 -43.98 41.59 -16.11
CA GLY D 485 -42.67 41.50 -16.70
C GLY D 485 -41.58 42.07 -15.82
N VAL D 486 -40.38 41.50 -15.94
CA VAL D 486 -39.20 41.95 -15.23
C VAL D 486 -38.08 42.10 -16.23
N HIS D 487 -37.31 43.18 -16.09
CA HIS D 487 -36.25 43.52 -17.03
C HIS D 487 -35.10 44.11 -16.24
N ILE D 488 -33.93 43.45 -16.31
CA ILE D 488 -32.80 43.73 -15.43
C ILE D 488 -31.55 43.94 -16.27
N VAL D 489 -30.71 44.87 -15.83
CA VAL D 489 -29.37 45.06 -16.37
C VAL D 489 -28.45 45.06 -15.16
N SER D 490 -27.76 43.94 -14.92
CA SER D 490 -26.91 43.84 -13.75
C SER D 490 -26.03 42.60 -13.91
N GLU D 491 -25.04 42.49 -13.03
CA GLU D 491 -24.17 41.33 -13.04
C GLU D 491 -24.97 40.08 -12.70
N ASN D 492 -24.68 38.99 -13.42
CA ASN D 492 -25.35 37.70 -13.26
C ASN D 492 -26.85 37.89 -13.03
N ALA D 493 -27.45 38.75 -13.85
CA ALA D 493 -28.89 38.93 -13.79
C ALA D 493 -29.65 37.77 -14.38
N GLY D 494 -28.98 36.93 -15.18
CA GLY D 494 -29.64 35.76 -15.75
C GLY D 494 -30.16 34.80 -14.69
N ASP D 495 -29.53 34.80 -13.51
CA ASP D 495 -30.00 33.98 -12.40
C ASP D 495 -31.20 34.61 -11.70
N VAL D 496 -31.39 35.92 -11.83
CA VAL D 496 -32.47 36.59 -11.12
C VAL D 496 -33.80 36.44 -11.86
N ILE D 497 -33.80 36.61 -13.19
CA ILE D 497 -35.06 36.58 -13.92
C ILE D 497 -35.75 35.23 -13.82
N TYR D 498 -35.01 34.16 -13.50
CA TYR D 498 -35.69 32.89 -13.25
C TYR D 498 -36.71 33.06 -12.13
N ALA D 499 -36.29 33.63 -11.00
CA ALA D 499 -37.25 34.01 -9.97
C ALA D 499 -38.38 34.82 -10.59
N ALA D 500 -38.02 35.86 -11.35
CA ALA D 500 -39.03 36.68 -12.02
C ALA D 500 -39.96 35.82 -12.87
N SER D 501 -39.40 34.85 -13.59
CA SER D 501 -40.22 33.94 -14.38
C SER D 501 -41.26 33.26 -13.49
N LEU D 502 -40.81 32.70 -12.36
CA LEU D 502 -41.76 32.09 -11.43
C LEU D 502 -42.84 33.09 -11.04
N ALA D 503 -42.46 34.36 -10.87
CA ALA D 503 -43.44 35.36 -10.49
C ALA D 503 -44.43 35.61 -11.63
N VAL D 504 -43.94 35.62 -12.87
CA VAL D 504 -44.81 35.95 -13.98
C VAL D 504 -45.72 34.77 -14.31
N LYS D 505 -45.14 33.58 -14.41
CA LYS D 505 -45.92 32.41 -14.80
C LYS D 505 -47.03 32.11 -13.79
N PHE D 506 -46.71 32.15 -12.50
CA PHE D 506 -47.64 31.77 -11.46
C PHE D 506 -48.33 32.97 -10.81
N GLY D 507 -48.34 34.11 -11.49
CA GLY D 507 -49.17 35.25 -11.10
C GLY D 507 -48.93 35.75 -9.69
N LEU D 508 -47.68 35.87 -9.28
CA LEU D 508 -47.37 36.49 -8.01
C LEU D 508 -47.48 38.00 -8.15
N THR D 509 -47.91 38.65 -7.06
CA THR D 509 -48.08 40.10 -7.05
C THR D 509 -46.85 40.78 -6.47
N VAL D 510 -46.77 42.10 -6.70
CA VAL D 510 -45.69 42.88 -6.09
C VAL D 510 -45.76 42.78 -4.58
N GLU D 511 -46.98 42.75 -4.03
CA GLU D 511 -47.14 42.57 -2.60
C GLU D 511 -46.51 41.25 -2.14
N ASP D 512 -46.69 40.19 -2.94
CA ASP D 512 -46.01 38.93 -2.65
C ASP D 512 -44.49 39.09 -2.65
N LEU D 513 -43.96 39.85 -3.61
CA LEU D 513 -42.51 40.06 -3.67
C LEU D 513 -42.01 40.84 -2.47
N THR D 514 -42.85 41.70 -1.88
CA THR D 514 -42.47 42.38 -0.65
C THR D 514 -42.62 41.48 0.57
N GLU D 515 -43.55 40.52 0.53
CA GLU D 515 -43.74 39.63 1.67
C GLU D 515 -42.55 38.68 1.86
N THR D 516 -41.92 38.26 0.77
CA THR D 516 -40.84 37.29 0.85
C THR D 516 -39.56 37.94 1.39
N LEU D 517 -38.85 37.19 2.23
CA LEU D 517 -37.56 37.64 2.74
C LEU D 517 -36.50 37.40 1.69
N ALA D 518 -35.71 38.43 1.38
CA ALA D 518 -34.67 38.34 0.38
C ALA D 518 -33.29 38.34 1.02
N PRO D 519 -32.36 37.51 0.53
CA PRO D 519 -31.01 37.52 1.12
C PRO D 519 -30.32 38.86 0.89
N TYR D 520 -29.74 39.40 1.95
CA TYR D 520 -29.06 40.69 1.86
C TYR D 520 -27.79 40.58 1.03
N LEU D 521 -27.48 41.65 0.30
CA LEU D 521 -26.27 41.72 -0.53
C LEU D 521 -26.27 40.62 -1.59
N THR D 522 -27.44 40.38 -2.18
CA THR D 522 -27.56 39.61 -3.40
C THR D 522 -28.27 40.46 -4.44
N MET D 523 -28.04 40.13 -5.72
CA MET D 523 -28.68 40.88 -6.79
C MET D 523 -30.16 40.58 -6.88
N ALA D 524 -30.58 39.38 -6.46
CA ALA D 524 -32.00 39.08 -6.40
C ALA D 524 -32.74 40.07 -5.52
N GLU D 525 -32.08 40.58 -4.48
CA GLU D 525 -32.68 41.58 -3.61
C GLU D 525 -33.26 42.74 -4.41
N GLY D 526 -32.64 43.09 -5.54
CA GLY D 526 -33.16 44.15 -6.38
C GLY D 526 -34.64 43.99 -6.64
N LEU D 527 -35.07 42.78 -6.99
CA LEU D 527 -36.49 42.51 -7.19
C LEU D 527 -37.31 43.09 -6.06
N LYS D 528 -37.04 42.66 -4.82
CA LYS D 528 -37.77 43.17 -3.68
C LYS D 528 -37.70 44.70 -3.63
N LEU D 529 -36.50 45.25 -3.78
CA LEU D 529 -36.33 46.69 -3.73
C LEU D 529 -37.09 47.38 -4.86
N ALA D 530 -37.27 46.70 -5.99
CA ALA D 530 -38.09 47.27 -7.06
C ALA D 530 -39.57 47.21 -6.71
N ALA D 531 -39.99 46.14 -6.02
CA ALA D 531 -41.38 46.02 -5.61
C ALA D 531 -41.76 47.03 -4.55
N LEU D 532 -40.79 47.56 -3.83
CA LEU D 532 -41.03 48.59 -2.83
C LEU D 532 -40.96 49.98 -3.46
N THR D 533 -41.72 50.17 -4.54
CA THR D 533 -41.77 51.45 -5.24
C THR D 533 -43.15 51.62 -5.86
N PHE D 534 -44.19 51.50 -5.05
CA PHE D 534 -45.57 51.65 -5.50
C PHE D 534 -46.33 52.50 -4.49
N ASP D 535 -46.87 53.62 -4.97
CA ASP D 535 -47.57 54.55 -4.10
C ASP D 535 -49.05 54.17 -3.98
N ASP E 83 -3.39 -45.84 67.54
CA ASP E 83 -2.11 -46.41 67.93
C ASP E 83 -1.14 -45.32 68.38
N ASN E 84 0.09 -45.73 68.68
CA ASN E 84 1.14 -44.82 69.15
C ASN E 84 2.31 -44.93 68.17
N TYR E 85 2.16 -44.28 67.01
CA TYR E 85 3.22 -44.27 66.02
C TYR E 85 4.39 -43.38 66.46
N ASP E 86 5.56 -43.64 65.87
CA ASP E 86 6.70 -42.75 66.07
C ASP E 86 6.56 -41.48 65.22
N LEU E 87 6.02 -41.62 64.02
CA LEU E 87 5.82 -40.47 63.13
C LEU E 87 4.60 -40.73 62.27
N LEU E 88 3.67 -39.77 62.27
CA LEU E 88 2.44 -39.88 61.50
C LEU E 88 2.41 -38.83 60.41
N ILE E 89 2.18 -39.28 59.17
CA ILE E 89 2.21 -38.44 57.99
C ILE E 89 0.78 -38.30 57.49
N ILE E 90 0.34 -37.06 57.28
CA ILE E 90 -0.95 -36.79 56.65
C ILE E 90 -0.64 -36.44 55.20
N GLY E 91 -0.80 -37.42 54.31
CA GLY E 91 -0.53 -37.23 52.89
C GLY E 91 0.20 -38.42 52.29
N SER E 92 0.22 -38.49 50.95
CA SER E 92 0.87 -39.59 50.26
C SER E 92 1.70 -39.13 49.07
N GLY E 93 2.07 -37.86 49.01
CA GLY E 93 2.81 -37.32 47.89
C GLY E 93 4.30 -37.57 47.97
N ALA E 94 5.04 -36.79 47.18
CA ALA E 94 6.49 -36.93 47.15
C ALA E 94 7.10 -36.67 48.52
N ALA E 95 6.64 -35.62 49.20
CA ALA E 95 7.16 -35.33 50.52
C ALA E 95 6.81 -36.44 51.51
N ALA E 96 5.59 -36.94 51.43
CA ALA E 96 5.18 -38.00 52.35
C ALA E 96 6.02 -39.26 52.15
N PHE E 97 6.28 -39.63 50.89
CA PHE E 97 7.03 -40.86 50.63
C PHE E 97 8.50 -40.69 50.97
N SER E 98 9.11 -39.57 50.57
CA SER E 98 10.49 -39.28 50.96
C SER E 98 10.65 -39.36 52.47
N SER E 99 9.75 -38.69 53.20
CA SER E 99 9.82 -38.71 54.65
C SER E 99 9.61 -40.12 55.20
N ALA E 100 8.71 -40.88 54.60
CA ALA E 100 8.46 -42.24 55.07
C ALA E 100 9.70 -43.12 54.90
N ILE E 101 10.33 -43.06 53.74
CA ILE E 101 11.56 -43.83 53.51
C ILE E 101 12.62 -43.42 54.53
N LYS E 102 13.00 -42.13 54.52
CA LYS E 102 14.08 -41.70 55.39
C LYS E 102 13.77 -41.96 56.86
N ALA E 103 12.48 -42.01 57.21
CA ALA E 103 12.09 -42.28 58.59
C ALA E 103 12.24 -43.76 58.92
N ILE E 104 11.89 -44.64 57.97
CA ILE E 104 12.11 -46.06 58.18
C ILE E 104 13.59 -46.37 58.28
N GLU E 105 14.43 -45.61 57.57
CA GLU E 105 15.87 -45.82 57.68
C GLU E 105 16.33 -45.71 59.13
N TYR E 106 15.78 -44.77 59.89
CA TYR E 106 16.11 -44.64 61.30
C TYR E 106 15.47 -45.73 62.15
N GLY E 107 14.64 -46.58 61.57
CA GLY E 107 14.01 -47.65 62.32
C GLY E 107 12.84 -47.20 63.15
N ALA E 108 11.96 -46.37 62.60
CA ALA E 108 10.81 -45.86 63.32
C ALA E 108 9.54 -46.43 62.72
N LYS E 109 8.59 -46.78 63.58
CA LYS E 109 7.25 -47.17 63.12
C LYS E 109 6.49 -45.91 62.74
N VAL E 110 6.10 -45.81 61.47
CA VAL E 110 5.48 -44.61 60.94
C VAL E 110 4.15 -44.98 60.29
N GLY E 111 3.31 -43.97 60.10
CA GLY E 111 2.01 -44.18 59.47
C GLY E 111 1.77 -43.18 58.36
N MET E 112 1.04 -43.63 57.35
CA MET E 112 0.68 -42.80 56.19
C MET E 112 -0.84 -42.75 56.09
N ILE E 113 -1.40 -41.57 56.30
CA ILE E 113 -2.85 -41.36 56.19
C ILE E 113 -3.15 -40.69 54.85
N GLU E 114 -3.87 -41.40 53.99
CA GLU E 114 -4.21 -40.92 52.66
C GLU E 114 -5.72 -40.75 52.55
N ARG E 115 -6.14 -39.57 52.09
CA ARG E 115 -7.56 -39.28 51.95
C ARG E 115 -8.15 -39.99 50.74
N GLY E 116 -7.46 -39.95 49.61
CA GLY E 116 -7.97 -40.53 48.38
C GLY E 116 -6.98 -41.45 47.70
N THR E 117 -6.67 -41.16 46.45
CA THR E 117 -5.81 -42.02 45.65
C THR E 117 -4.36 -41.85 46.06
N VAL E 118 -3.67 -42.98 46.27
CA VAL E 118 -2.29 -42.94 46.70
C VAL E 118 -1.41 -42.32 45.61
N GLY E 119 -0.31 -41.68 46.03
CA GLY E 119 0.69 -41.16 45.13
C GLY E 119 0.76 -39.65 45.05
N GLY E 120 -0.32 -38.95 45.38
CA GLY E 120 -0.33 -37.50 45.29
C GLY E 120 -0.67 -37.01 43.88
N THR E 121 -0.28 -35.76 43.62
CA THR E 121 -0.65 -35.12 42.36
C THR E 121 0.28 -35.54 41.22
N CYS E 122 1.59 -35.58 41.45
CA CYS E 122 2.52 -35.74 40.34
C CYS E 122 2.29 -37.03 39.57
N VAL E 123 1.97 -38.11 40.27
CA VAL E 123 1.92 -39.41 39.59
C VAL E 123 0.56 -39.61 38.93
N ASN E 124 -0.51 -39.17 39.58
CA ASN E 124 -1.87 -39.45 39.13
C ASN E 124 -2.49 -38.33 38.33
N ILE E 125 -2.27 -37.08 38.75
CA ILE E 125 -2.93 -35.93 38.13
C ILE E 125 -1.95 -34.91 37.57
N GLY E 126 -0.68 -34.91 37.99
CA GLY E 126 0.19 -33.79 37.72
C GLY E 126 1.22 -34.00 36.61
N CYS E 127 2.47 -34.17 37.02
CA CYS E 127 3.59 -34.11 36.08
C CYS E 127 3.49 -35.21 35.03
N VAL E 128 3.45 -36.46 35.46
CA VAL E 128 3.61 -37.60 34.54
C VAL E 128 2.58 -37.54 33.43
N PRO E 129 1.28 -37.48 33.74
CA PRO E 129 0.29 -37.42 32.65
C PRO E 129 0.50 -36.24 31.71
N SER E 130 0.66 -35.05 32.28
CA SER E 130 0.88 -33.84 31.49
C SER E 130 2.05 -34.02 30.52
N LYS E 131 3.14 -34.64 30.98
CA LYS E 131 4.37 -34.70 30.19
C LYS E 131 4.28 -35.78 29.12
N THR E 132 3.68 -36.93 29.41
CA THR E 132 3.51 -37.95 28.38
C THR E 132 2.57 -37.45 27.29
N LEU E 133 1.42 -36.87 27.68
CA LEU E 133 0.52 -36.31 26.68
C LEU E 133 1.20 -35.20 25.90
N LEU E 134 2.00 -34.37 26.57
CA LEU E 134 2.73 -33.34 25.87
C LEU E 134 3.69 -33.94 24.85
N ARG E 135 4.33 -35.05 25.20
CA ARG E 135 5.21 -35.73 24.25
C ARG E 135 4.43 -36.14 23.01
N ALA E 136 3.29 -36.81 23.19
CA ALA E 136 2.47 -37.21 22.05
C ALA E 136 2.09 -36.01 21.20
N GLY E 137 1.60 -34.94 21.84
CA GLY E 137 1.23 -33.75 21.09
C GLY E 137 2.38 -33.17 20.31
N GLU E 138 3.59 -33.17 20.90
CA GLU E 138 4.75 -32.67 20.18
C GLU E 138 5.04 -33.54 18.97
N ILE E 139 4.91 -34.85 19.11
CA ILE E 139 5.14 -35.74 17.97
C ILE E 139 4.16 -35.42 16.85
N ILE E 140 2.87 -35.32 17.18
CA ILE E 140 1.91 -35.06 16.11
C ILE E 140 2.12 -33.68 15.52
N HIS E 141 2.56 -32.71 16.33
CA HIS E 141 2.81 -31.38 15.81
C HIS E 141 3.96 -31.38 14.82
N LEU E 142 5.05 -32.08 15.13
CA LEU E 142 6.16 -32.18 14.18
C LEU E 142 5.74 -32.96 12.94
N SER E 143 4.82 -33.91 13.08
CA SER E 143 4.34 -34.65 11.92
C SER E 143 3.48 -33.77 11.00
N LYS E 144 2.73 -32.83 11.59
CA LYS E 144 1.82 -32.00 10.81
C LYS E 144 2.54 -30.82 10.18
N ASP E 145 3.47 -30.21 10.91
CA ASP E 145 4.15 -29.01 10.45
C ASP E 145 5.61 -29.10 10.87
N ASN E 146 6.50 -29.21 9.88
CA ASN E 146 7.93 -29.18 10.13
C ASN E 146 8.60 -28.36 9.04
N PRO E 147 9.76 -27.75 9.32
CA PRO E 147 10.38 -26.86 8.33
C PRO E 147 11.16 -27.56 7.24
N PHE E 148 11.33 -28.87 7.30
CA PHE E 148 12.14 -29.57 6.30
C PHE E 148 11.29 -29.90 5.08
N ILE E 149 11.80 -29.57 3.89
CA ILE E 149 10.99 -29.57 2.69
C ILE E 149 10.80 -30.98 2.14
N GLY E 150 11.90 -31.69 1.92
CA GLY E 150 11.82 -32.98 1.26
C GLY E 150 10.88 -33.99 1.91
N LEU E 151 10.62 -33.83 3.21
CA LEU E 151 9.78 -34.78 3.91
C LEU E 151 8.33 -34.65 3.45
N GLN E 152 7.66 -35.79 3.31
CA GLN E 152 6.24 -35.84 2.96
C GLN E 152 5.54 -36.53 4.12
N THR E 153 5.36 -35.81 5.22
CA THR E 153 4.70 -36.32 6.42
C THR E 153 3.36 -35.61 6.59
N SER E 154 2.44 -36.29 7.28
CA SER E 154 1.14 -35.74 7.56
C SER E 154 0.65 -36.28 8.89
N ALA E 155 -0.31 -35.57 9.49
CA ALA E 155 -0.87 -35.95 10.78
C ALA E 155 -2.38 -35.81 10.70
N GLY E 156 -3.08 -36.92 10.85
CA GLY E 156 -4.53 -36.94 10.78
C GLY E 156 -5.18 -36.59 12.10
N GLU E 157 -6.50 -36.71 12.12
CA GLU E 157 -7.26 -36.43 13.33
C GLU E 157 -6.83 -37.37 14.45
N VAL E 158 -6.93 -36.89 15.68
CA VAL E 158 -6.38 -37.57 16.85
C VAL E 158 -7.50 -38.25 17.63
N ASP E 159 -7.22 -39.46 18.12
CA ASP E 159 -8.14 -40.19 19.00
C ASP E 159 -7.69 -39.95 20.44
N LEU E 160 -8.26 -38.90 21.05
CA LEU E 160 -7.81 -38.52 22.39
C LEU E 160 -8.08 -39.62 23.40
N ALA E 161 -9.21 -40.32 23.26
CA ALA E 161 -9.54 -41.39 24.20
C ALA E 161 -8.42 -42.42 24.29
N SER E 162 -7.82 -42.79 23.17
CA SER E 162 -6.72 -43.74 23.19
C SER E 162 -5.53 -43.19 23.96
N LEU E 163 -5.20 -41.92 23.73
CA LEU E 163 -4.07 -41.31 24.44
C LEU E 163 -4.32 -41.30 25.94
N ILE E 164 -5.57 -41.05 26.35
CA ILE E 164 -5.87 -40.95 27.78
C ILE E 164 -5.87 -42.33 28.43
N THR E 165 -6.40 -43.33 27.73
CA THR E 165 -6.38 -44.68 28.29
C THR E 165 -4.95 -45.19 28.41
N GLN E 166 -4.13 -45.00 27.37
CA GLN E 166 -2.73 -45.38 27.43
C GLN E 166 -2.01 -44.65 28.56
N LYS E 167 -2.26 -43.35 28.67
CA LYS E 167 -1.75 -42.57 29.80
C LYS E 167 -2.09 -43.23 31.13
N ASP E 168 -3.36 -43.58 31.32
CA ASP E 168 -3.77 -44.18 32.59
C ASP E 168 -3.08 -45.52 32.82
N LYS E 169 -2.92 -46.31 31.76
CA LYS E 169 -2.15 -47.54 31.88
C LYS E 169 -0.73 -47.25 32.36
N LEU E 170 -0.16 -46.13 31.89
CA LEU E 170 1.22 -45.80 32.24
C LEU E 170 1.33 -45.36 33.69
N VAL E 171 0.41 -44.52 34.16
CA VAL E 171 0.47 -44.08 35.56
C VAL E 171 0.17 -45.24 36.48
N SER E 172 -0.69 -46.16 36.06
CA SER E 172 -0.97 -47.35 36.88
C SER E 172 0.26 -48.24 36.95
N GLU E 173 0.89 -48.50 35.81
CA GLU E 173 2.15 -49.27 35.80
C GLU E 173 3.18 -48.64 36.72
N LEU E 174 3.32 -47.31 36.66
CA LEU E 174 4.36 -46.63 37.41
C LEU E 174 4.07 -46.70 38.91
N ARG E 175 2.82 -46.38 39.29
CA ARG E 175 2.42 -46.53 40.69
C ARG E 175 2.59 -47.96 41.16
N ASN E 176 2.42 -48.95 40.27
CA ASN E 176 2.67 -50.34 40.64
C ASN E 176 4.14 -50.55 40.97
N GLN E 177 5.04 -49.90 40.21
CA GLN E 177 6.46 -49.96 40.56
C GLN E 177 6.72 -49.30 41.91
N LYS E 178 6.03 -48.19 42.19
CA LYS E 178 6.18 -47.51 43.48
C LYS E 178 5.60 -48.33 44.63
N TYR E 179 4.66 -49.23 44.36
CA TYR E 179 3.93 -49.91 45.41
C TYR E 179 4.85 -50.72 46.33
N MET E 180 6.01 -51.16 45.81
CA MET E 180 6.88 -52.05 46.56
C MET E 180 7.35 -51.47 47.89
N ASP E 181 7.04 -50.20 48.18
CA ASP E 181 7.56 -49.56 49.39
C ASP E 181 6.99 -50.19 50.65
N LEU E 182 5.73 -50.62 50.62
CA LEU E 182 5.05 -51.06 51.83
C LEU E 182 5.25 -52.54 52.13
N ILE E 183 6.27 -53.17 51.54
CA ILE E 183 6.62 -54.53 51.93
C ILE E 183 7.46 -54.59 53.19
N ASP E 184 7.83 -53.43 53.75
CA ASP E 184 8.69 -53.36 54.92
C ASP E 184 7.86 -53.55 56.18
N GLU E 185 8.23 -54.55 56.99
CA GLU E 185 7.47 -54.91 58.19
C GLU E 185 7.50 -53.77 59.20
N TYR E 186 8.62 -53.61 59.89
CA TYR E 186 8.78 -52.51 60.84
C TYR E 186 8.83 -51.20 60.07
N ASN E 187 7.78 -50.92 59.31
CA ASN E 187 7.75 -49.77 58.40
C ASN E 187 6.40 -49.09 58.48
N PHE E 188 6.04 -48.38 57.42
CA PHE E 188 4.84 -47.55 57.47
C PHE E 188 3.60 -48.39 57.22
N ASP E 189 2.48 -47.90 57.76
CA ASP E 189 1.18 -48.56 57.63
C ASP E 189 0.29 -47.61 56.86
N LEU E 190 -0.35 -48.11 55.81
CA LEU E 190 -1.18 -47.27 54.96
C LEU E 190 -2.56 -47.16 55.57
N ILE E 191 -2.86 -45.98 56.10
CA ILE E 191 -4.18 -45.68 56.66
C ILE E 191 -4.93 -44.86 55.63
N LYS E 192 -6.17 -45.27 55.34
CA LYS E 192 -6.98 -44.64 54.31
C LYS E 192 -8.10 -43.88 54.99
N GLY E 193 -8.21 -42.60 54.69
CA GLY E 193 -9.19 -41.74 55.29
C GLY E 193 -8.69 -40.31 55.38
N GLU E 194 -9.61 -39.39 55.61
CA GLU E 194 -9.28 -37.98 55.76
C GLU E 194 -8.95 -37.70 57.22
N ALA E 195 -7.82 -37.03 57.45
CA ALA E 195 -7.33 -36.76 58.79
C ALA E 195 -7.63 -35.32 59.19
N LYS E 196 -7.97 -35.13 60.46
CA LYS E 196 -8.11 -33.79 61.02
C LYS E 196 -7.48 -33.79 62.41
N PHE E 197 -6.90 -32.67 62.80
CA PHE E 197 -6.30 -32.56 64.10
C PHE E 197 -7.37 -32.29 65.14
N VAL E 198 -7.30 -33.01 66.25
CA VAL E 198 -8.21 -32.81 67.38
C VAL E 198 -7.46 -32.46 68.66
N ASP E 199 -6.14 -32.56 68.66
CA ASP E 199 -5.35 -32.35 69.86
C ASP E 199 -3.95 -31.95 69.41
N ALA E 200 -3.18 -31.39 70.34
CA ALA E 200 -1.81 -30.99 70.03
C ALA E 200 -0.91 -32.17 69.69
N SER E 201 -1.36 -33.41 69.93
CA SER E 201 -0.54 -34.59 69.65
C SER E 201 -1.31 -35.75 69.06
N THR E 202 -2.61 -35.60 68.80
CA THR E 202 -3.41 -36.69 68.24
C THR E 202 -4.29 -36.15 67.12
N VAL E 203 -4.62 -37.03 66.17
CA VAL E 203 -5.50 -36.70 65.06
C VAL E 203 -6.63 -37.72 65.03
N GLU E 204 -7.65 -37.42 64.23
CA GLU E 204 -8.79 -38.30 64.04
C GLU E 204 -8.95 -38.53 62.54
N VAL E 205 -9.09 -39.80 62.17
CA VAL E 205 -9.28 -40.22 60.79
C VAL E 205 -10.32 -41.32 60.76
N ASN E 206 -11.30 -41.18 59.87
CA ASN E 206 -12.32 -42.20 59.66
C ASN E 206 -13.05 -42.56 60.96
N GLY E 207 -12.95 -41.69 61.97
CA GLY E 207 -13.59 -41.91 63.26
C GLY E 207 -12.62 -42.22 64.39
N ALA E 208 -11.52 -42.91 64.08
CA ALA E 208 -10.59 -43.34 65.11
C ALA E 208 -9.53 -42.28 65.37
N LYS E 209 -8.97 -42.31 66.58
CA LYS E 209 -7.92 -41.37 66.98
C LYS E 209 -6.56 -42.05 66.98
N LEU E 210 -5.53 -41.24 66.70
CA LEU E 210 -4.17 -41.72 66.54
C LEU E 210 -3.21 -40.72 67.15
N SER E 211 -2.29 -41.21 67.97
CA SER E 211 -1.24 -40.39 68.56
C SER E 211 0.08 -40.64 67.83
N ALA E 212 1.01 -39.72 68.02
CA ALA E 212 2.32 -39.85 67.41
C ALA E 212 3.29 -38.89 68.06
N LYS E 213 4.56 -39.32 68.15
CA LYS E 213 5.58 -38.45 68.71
C LYS E 213 5.92 -37.31 67.77
N ARG E 214 5.87 -37.54 66.47
CA ARG E 214 6.14 -36.53 65.46
C ARG E 214 5.08 -36.61 64.38
N PHE E 215 4.78 -35.45 63.78
CA PHE E 215 3.81 -35.37 62.70
C PHE E 215 4.43 -34.69 61.49
N LEU E 216 4.08 -35.16 60.30
CA LEU E 216 4.42 -34.49 59.05
C LEU E 216 3.12 -34.19 58.32
N ILE E 217 2.89 -32.92 58.02
CA ILE E 217 1.70 -32.49 57.30
C ILE E 217 2.13 -32.26 55.86
N ALA E 218 1.96 -33.30 55.03
CA ALA E 218 2.23 -33.20 53.60
C ALA E 218 0.94 -33.24 52.80
N THR E 219 0.02 -32.34 53.10
CA THR E 219 -1.30 -32.34 52.49
C THR E 219 -1.32 -31.70 51.11
N GLY E 220 -0.22 -31.10 50.67
CA GLY E 220 -0.18 -30.60 49.32
C GLY E 220 -1.16 -29.46 49.07
N ALA E 221 -1.47 -29.28 47.78
CA ALA E 221 -2.39 -28.25 47.35
C ALA E 221 -3.34 -28.84 46.32
N SER E 222 -4.41 -28.11 46.05
CA SER E 222 -5.44 -28.52 45.11
C SER E 222 -5.84 -27.35 44.25
N PRO E 223 -6.47 -27.59 43.11
CA PRO E 223 -6.80 -26.48 42.20
C PRO E 223 -7.63 -25.40 42.86
N SER E 224 -7.19 -24.16 42.73
CA SER E 224 -7.88 -23.00 43.25
C SER E 224 -8.75 -22.37 42.17
N LEU E 225 -9.75 -21.62 42.60
CA LEU E 225 -10.66 -20.93 41.70
C LEU E 225 -10.52 -19.42 41.83
N PRO E 226 -10.74 -18.67 40.76
CA PRO E 226 -10.72 -17.21 40.85
C PRO E 226 -12.07 -16.70 41.33
N GLN E 227 -12.09 -15.39 41.61
CA GLN E 227 -13.30 -14.74 42.07
C GLN E 227 -13.88 -13.89 40.95
N ILE E 228 -14.42 -14.56 39.93
CA ILE E 228 -15.05 -13.90 38.80
C ILE E 228 -16.48 -14.42 38.69
N SER E 229 -17.40 -13.52 38.34
CA SER E 229 -18.82 -13.81 38.42
C SER E 229 -19.21 -14.91 37.45
N GLY E 230 -20.12 -15.78 37.90
CA GLY E 230 -20.71 -16.80 37.06
C GLY E 230 -19.93 -18.10 37.01
N LEU E 231 -18.62 -18.06 37.23
CA LEU E 231 -17.82 -19.28 37.15
C LEU E 231 -18.20 -20.29 38.21
N GLU E 232 -18.87 -19.85 39.29
CA GLU E 232 -19.24 -20.77 40.35
C GLU E 232 -20.08 -21.91 39.80
N LYS E 233 -21.24 -21.60 39.24
CA LYS E 233 -22.12 -22.59 38.62
C LYS E 233 -21.84 -22.60 37.13
N MET E 234 -20.87 -23.43 36.72
CA MET E 234 -20.41 -23.43 35.34
C MET E 234 -19.64 -24.73 35.09
N ASP E 235 -19.61 -25.15 33.83
CA ASP E 235 -18.96 -26.40 33.44
C ASP E 235 -17.50 -26.15 33.04
N TYR E 236 -16.73 -25.64 34.00
CA TYR E 236 -15.32 -25.38 33.79
C TYR E 236 -14.50 -26.63 34.11
N LEU E 237 -13.29 -26.67 33.57
CA LEU E 237 -12.35 -27.75 33.82
C LEU E 237 -11.15 -27.24 34.59
N THR E 238 -10.53 -28.12 35.36
CA THR E 238 -9.30 -27.83 36.06
C THR E 238 -8.19 -28.71 35.50
N SER E 239 -6.98 -28.45 35.98
CA SER E 239 -5.83 -29.24 35.55
C SER E 239 -6.11 -30.73 35.67
N THR E 240 -6.91 -31.12 36.67
CA THR E 240 -7.18 -32.54 36.89
C THR E 240 -8.28 -33.07 35.99
N THR E 241 -9.31 -32.25 35.70
CA THR E 241 -10.42 -32.71 34.87
C THR E 241 -10.04 -32.73 33.40
N LEU E 242 -9.26 -31.75 32.95
CA LEU E 242 -8.87 -31.68 31.54
C LEU E 242 -8.07 -32.91 31.14
N LEU E 243 -7.20 -33.40 32.04
CA LEU E 243 -6.41 -34.58 31.75
C LEU E 243 -7.23 -35.86 31.69
N GLU E 244 -8.54 -35.78 31.99
CA GLU E 244 -9.44 -36.90 31.81
C GLU E 244 -10.33 -36.75 30.60
N LEU E 245 -10.41 -35.55 30.02
CA LEU E 245 -11.28 -35.32 28.87
C LEU E 245 -10.89 -36.21 27.70
N LYS E 246 -11.88 -36.92 27.16
CA LYS E 246 -11.67 -37.83 26.04
C LYS E 246 -12.33 -37.34 24.75
N LYS E 247 -12.59 -36.03 24.66
CA LYS E 247 -13.20 -35.42 23.48
C LYS E 247 -12.46 -34.12 23.18
N ILE E 248 -11.76 -34.07 22.04
CA ILE E 248 -10.96 -32.90 21.71
C ILE E 248 -11.88 -31.71 21.48
N PRO E 249 -11.79 -30.64 22.26
CA PRO E 249 -12.64 -29.48 22.02
C PRO E 249 -12.19 -28.73 20.78
N LYS E 250 -13.18 -28.24 20.02
CA LYS E 250 -12.87 -27.41 18.86
C LYS E 250 -12.22 -26.10 19.27
N ARG E 251 -12.48 -25.62 20.49
CA ARG E 251 -11.86 -24.40 20.98
C ARG E 251 -11.83 -24.44 22.51
N LEU E 252 -10.66 -24.13 23.06
CA LEU E 252 -10.42 -24.18 24.50
C LEU E 252 -9.85 -22.86 24.97
N THR E 253 -10.47 -22.28 26.00
CA THR E 253 -9.99 -21.05 26.61
C THR E 253 -9.34 -21.40 27.94
N VAL E 254 -8.14 -20.87 28.17
CA VAL E 254 -7.41 -21.08 29.42
C VAL E 254 -7.35 -19.77 30.18
N ILE E 255 -7.66 -19.83 31.48
CA ILE E 255 -7.59 -18.67 32.36
C ILE E 255 -6.53 -18.98 33.42
N GLY E 256 -5.30 -18.52 33.17
CA GLY E 256 -4.21 -18.76 34.09
C GLY E 256 -2.90 -18.18 33.59
N SER E 257 -2.14 -17.56 34.50
CA SER E 257 -0.85 -16.98 34.15
C SER E 257 0.31 -17.93 34.37
N GLY E 258 0.07 -19.06 35.04
CA GLY E 258 1.14 -19.97 35.40
C GLY E 258 1.58 -20.85 34.24
N TYR E 259 2.43 -21.82 34.58
CA TYR E 259 2.98 -22.73 33.59
C TYR E 259 2.01 -23.84 33.21
N ILE E 260 1.13 -24.22 34.14
CA ILE E 260 0.17 -25.29 33.83
C ILE E 260 -0.73 -24.88 32.69
N GLY E 261 -1.23 -23.64 32.72
CA GLY E 261 -2.06 -23.15 31.63
C GLY E 261 -1.35 -23.18 30.29
N MET E 262 -0.07 -22.81 30.28
CA MET E 262 0.69 -22.84 29.03
C MET E 262 0.89 -24.28 28.55
N GLU E 263 1.31 -25.16 29.45
CA GLU E 263 1.61 -26.54 29.04
C GLU E 263 0.36 -27.22 28.49
N LEU E 264 -0.74 -27.19 29.25
CA LEU E 264 -1.96 -27.82 28.79
C LEU E 264 -2.52 -27.11 27.56
N GLY E 265 -2.47 -25.78 27.55
CA GLY E 265 -2.92 -25.05 26.37
C GLY E 265 -2.21 -25.50 25.11
N GLN E 266 -0.88 -25.49 25.14
CA GLN E 266 -0.10 -25.91 23.97
C GLN E 266 -0.35 -27.38 23.65
N LEU E 267 -0.50 -28.21 24.69
CA LEU E 267 -0.83 -29.61 24.49
C LEU E 267 -2.06 -29.75 23.61
N PHE E 268 -3.16 -29.09 23.99
CA PHE E 268 -4.37 -29.25 23.20
C PHE E 268 -4.31 -28.50 21.88
N HIS E 269 -3.43 -27.50 21.77
CA HIS E 269 -3.21 -26.87 20.48
C HIS E 269 -2.58 -27.85 19.50
N HIS E 270 -1.59 -28.62 19.97
CA HIS E 270 -0.93 -29.60 19.12
C HIS E 270 -1.84 -30.78 18.79
N LEU E 271 -2.82 -31.07 19.63
CA LEU E 271 -3.80 -32.13 19.36
C LEU E 271 -4.91 -31.69 18.43
N GLY E 272 -4.90 -30.44 17.98
CA GLY E 272 -5.91 -29.95 17.06
C GLY E 272 -7.04 -29.25 17.77
N SER E 273 -6.77 -28.06 18.31
CA SER E 273 -7.78 -27.29 19.03
C SER E 273 -7.33 -25.84 19.08
N GLU E 274 -8.24 -24.92 18.79
CA GLU E 274 -7.92 -23.50 18.82
C GLU E 274 -7.84 -23.05 20.28
N ILE E 275 -6.66 -22.60 20.70
CA ILE E 275 -6.41 -22.28 22.10
C ILE E 275 -6.40 -20.77 22.25
N THR E 276 -6.87 -20.31 23.41
CA THR E 276 -6.87 -18.89 23.75
C THR E 276 -6.42 -18.77 25.21
N LEU E 277 -5.23 -18.22 25.42
CA LEU E 277 -4.70 -18.02 26.77
C LEU E 277 -5.12 -16.64 27.27
N MET E 278 -5.70 -16.61 28.47
CA MET E 278 -6.19 -15.38 29.07
C MET E 278 -5.59 -15.23 30.45
N GLN E 279 -5.02 -14.06 30.72
CA GLN E 279 -4.42 -13.78 32.02
C GLN E 279 -4.48 -12.28 32.28
N ARG E 280 -4.36 -11.91 33.55
CA ARG E 280 -4.39 -10.50 33.90
C ARG E 280 -3.02 -9.87 33.75
N SER E 281 -1.96 -10.58 34.15
CA SER E 281 -0.61 -10.06 33.98
C SER E 281 -0.36 -9.73 32.52
N GLU E 282 0.30 -8.59 32.28
CA GLU E 282 0.52 -8.14 30.91
C GLU E 282 1.71 -8.82 30.25
N ARG E 283 2.52 -9.55 31.01
CA ARG E 283 3.67 -10.26 30.46
C ARG E 283 3.54 -11.75 30.77
N LEU E 284 3.68 -12.58 29.75
CA LEU E 284 3.71 -14.02 29.97
C LEU E 284 4.79 -14.37 30.97
N LEU E 285 4.42 -15.12 32.01
CA LEU E 285 5.36 -15.44 33.08
C LEU E 285 5.89 -14.16 33.71
N LYS E 286 5.08 -13.54 34.57
CA LYS E 286 5.42 -12.21 35.10
C LYS E 286 6.69 -12.25 35.93
N GLU E 287 6.98 -13.38 36.59
CA GLU E 287 8.12 -13.49 37.49
C GLU E 287 9.45 -13.69 36.78
N TYR E 288 9.44 -14.02 35.49
CA TYR E 288 10.66 -14.28 34.74
C TYR E 288 11.26 -12.98 34.21
N ASP E 289 12.39 -13.10 33.51
CA ASP E 289 12.99 -11.94 32.89
C ASP E 289 12.15 -11.48 31.71
N PRO E 290 12.27 -10.19 31.34
CA PRO E 290 11.50 -9.72 30.17
C PRO E 290 11.83 -10.43 28.89
N GLU E 291 13.11 -10.75 28.64
CA GLU E 291 13.48 -11.41 27.39
C GLU E 291 12.84 -12.79 27.32
N ILE E 292 12.75 -13.49 28.44
CA ILE E 292 12.11 -14.80 28.47
C ILE E 292 10.63 -14.68 28.10
N SER E 293 9.93 -13.74 28.73
CA SER E 293 8.51 -13.54 28.43
C SER E 293 8.31 -13.20 26.96
N GLU E 294 9.05 -12.20 26.47
CA GLU E 294 8.92 -11.81 25.06
C GLU E 294 9.17 -12.99 24.14
N SER E 295 10.18 -13.81 24.46
CA SER E 295 10.53 -14.92 23.59
C SER E 295 9.43 -15.98 23.58
N VAL E 296 9.10 -16.53 24.75
CA VAL E 296 8.12 -17.60 24.80
C VAL E 296 6.78 -17.13 24.25
N GLU E 297 6.43 -15.87 24.52
CA GLU E 297 5.21 -15.30 23.96
C GLU E 297 5.29 -15.25 22.45
N LYS E 298 6.42 -14.80 21.92
CA LYS E 298 6.60 -14.74 20.46
C LYS E 298 6.44 -16.12 19.84
N ALA E 299 7.01 -17.15 20.46
CA ALA E 299 6.89 -18.51 19.93
C ALA E 299 5.45 -19.00 19.99
N LEU E 300 4.76 -18.75 21.10
CA LEU E 300 3.37 -19.18 21.22
C LEU E 300 2.49 -18.51 20.17
N ILE E 301 2.69 -17.20 19.94
CA ILE E 301 1.91 -16.51 18.93
C ILE E 301 2.24 -17.03 17.53
N GLU E 302 3.53 -17.27 17.26
CA GLU E 302 3.92 -17.85 15.98
C GLU E 302 3.23 -19.20 15.75
N GLN E 303 3.13 -20.02 16.80
CA GLN E 303 2.57 -21.36 16.63
C GLN E 303 1.08 -21.32 16.34
N GLY E 304 0.40 -20.26 16.77
CA GLY E 304 -1.02 -20.10 16.47
C GLY E 304 -1.90 -20.02 17.70
N ILE E 305 -1.30 -19.99 18.88
CA ILE E 305 -2.07 -19.83 20.11
C ILE E 305 -2.43 -18.36 20.25
N ASN E 306 -3.70 -18.09 20.54
CA ASN E 306 -4.17 -16.72 20.76
C ASN E 306 -3.96 -16.36 22.22
N LEU E 307 -3.44 -15.16 22.45
CA LEU E 307 -3.17 -14.67 23.79
C LEU E 307 -4.01 -13.42 24.06
N VAL E 308 -4.48 -13.29 25.30
CA VAL E 308 -5.27 -12.15 25.74
C VAL E 308 -4.66 -11.68 27.05
N LYS E 309 -3.78 -10.69 26.96
CA LYS E 309 -3.06 -10.18 28.12
C LYS E 309 -3.76 -8.94 28.67
N GLY E 310 -3.43 -8.61 29.92
CA GLY E 310 -3.97 -7.42 30.54
C GLY E 310 -5.48 -7.41 30.65
N ALA E 311 -6.09 -8.59 30.72
CA ALA E 311 -7.55 -8.67 30.75
C ALA E 311 -8.07 -8.45 32.16
N THR E 312 -9.23 -7.79 32.25
CA THR E 312 -9.96 -7.62 33.51
C THR E 312 -11.19 -8.50 33.43
N PHE E 313 -11.24 -9.52 34.29
CA PHE E 313 -12.32 -10.50 34.24
C PHE E 313 -13.52 -9.99 35.02
N GLU E 314 -14.65 -9.82 34.34
CA GLU E 314 -15.86 -9.28 34.92
C GLU E 314 -16.92 -10.34 35.15
N ARG E 315 -17.27 -11.11 34.11
CA ARG E 315 -18.27 -12.14 34.23
C ARG E 315 -18.05 -13.18 33.14
N VAL E 316 -18.59 -14.37 33.36
CA VAL E 316 -18.56 -15.46 32.38
C VAL E 316 -19.92 -16.14 32.39
N GLU E 317 -20.38 -16.54 31.20
CA GLU E 317 -21.69 -17.15 31.03
C GLU E 317 -21.55 -18.44 30.23
N GLN E 318 -22.61 -19.23 30.25
CA GLN E 318 -22.66 -20.51 29.55
C GLN E 318 -24.06 -20.72 29.00
N SER E 319 -24.14 -21.36 27.83
CA SER E 319 -25.41 -21.65 27.18
C SER E 319 -25.32 -23.03 26.54
N GLY E 320 -25.97 -24.01 27.16
CA GLY E 320 -26.08 -25.33 26.58
C GLY E 320 -24.75 -26.05 26.37
N GLU E 321 -23.78 -25.81 27.24
CA GLU E 321 -22.51 -26.54 27.21
C GLU E 321 -21.82 -26.42 25.86
N ILE E 322 -22.12 -25.37 25.10
CA ILE E 322 -21.53 -25.18 23.78
C ILE E 322 -21.21 -23.70 23.57
N LYS E 323 -21.17 -22.94 24.65
CA LYS E 323 -20.85 -21.52 24.57
C LYS E 323 -20.28 -21.07 25.89
N ARG E 324 -19.34 -20.11 25.83
CA ARG E 324 -18.66 -19.60 27.01
C ARG E 324 -18.61 -18.08 26.91
N VAL E 325 -17.90 -17.43 27.84
CA VAL E 325 -17.81 -15.97 27.81
C VAL E 325 -16.48 -15.45 28.37
N TYR E 326 -16.31 -14.13 28.34
CA TYR E 326 -15.09 -13.49 28.80
C TYR E 326 -15.43 -12.04 29.18
N VAL E 327 -14.42 -11.17 29.21
CA VAL E 327 -14.60 -9.81 29.70
C VAL E 327 -13.63 -8.83 29.06
N THR E 328 -13.67 -7.58 29.53
CA THR E 328 -12.96 -6.47 28.92
C THR E 328 -11.44 -6.63 29.00
N VAL E 329 -10.76 -5.94 28.08
CA VAL E 329 -9.30 -5.92 28.00
C VAL E 329 -8.85 -4.66 27.28
N ASN E 330 -7.93 -3.92 27.90
CA ASN E 330 -7.34 -2.72 27.31
C ASN E 330 -8.41 -1.65 27.02
N GLY E 331 -9.48 -1.64 27.81
CA GLY E 331 -10.50 -0.61 27.70
C GLY E 331 -11.61 -0.89 26.71
N SER E 332 -11.74 -2.11 26.22
CA SER E 332 -12.78 -2.45 25.25
C SER E 332 -13.39 -3.79 25.64
N ARG E 333 -14.67 -3.76 25.99
CA ARG E 333 -15.37 -4.99 26.39
C ARG E 333 -15.35 -5.99 25.24
N GLU E 334 -14.66 -7.12 25.44
CA GLU E 334 -14.59 -8.18 24.46
C GLU E 334 -14.99 -9.49 25.12
N VAL E 335 -15.35 -10.47 24.29
CA VAL E 335 -15.82 -11.77 24.75
C VAL E 335 -15.12 -12.85 23.95
N ILE E 336 -14.78 -13.95 24.62
CA ILE E 336 -14.11 -15.09 24.01
C ILE E 336 -15.01 -16.30 24.17
N GLU E 337 -15.66 -16.70 23.08
CA GLU E 337 -16.48 -17.90 23.09
C GLU E 337 -15.60 -19.13 22.94
N SER E 338 -15.95 -20.19 23.67
CA SER E 338 -15.15 -21.41 23.67
C SER E 338 -16.05 -22.62 23.80
N ASP E 339 -15.49 -23.77 23.46
CA ASP E 339 -16.15 -25.06 23.68
C ASP E 339 -15.74 -25.67 25.00
N GLN E 340 -14.57 -25.32 25.52
CA GLN E 340 -14.16 -25.73 26.85
C GLN E 340 -13.45 -24.58 27.55
N LEU E 341 -13.49 -24.62 28.88
CA LEU E 341 -12.86 -23.60 29.71
C LEU E 341 -12.00 -24.28 30.75
N LEU E 342 -10.72 -23.91 30.78
CA LEU E 342 -9.76 -24.41 31.76
C LEU E 342 -9.40 -23.30 32.73
N VAL E 343 -9.37 -23.63 34.01
CA VAL E 343 -9.03 -22.70 35.07
C VAL E 343 -7.70 -23.15 35.67
N ALA E 344 -6.67 -22.32 35.51
CA ALA E 344 -5.35 -22.57 36.08
C ALA E 344 -4.89 -21.35 36.85
N THR E 345 -5.79 -20.81 37.67
CA THR E 345 -5.48 -19.62 38.46
C THR E 345 -4.35 -19.90 39.45
N GLY E 346 -4.56 -20.85 40.33
CA GLY E 346 -3.56 -21.18 41.33
C GLY E 346 -3.82 -22.51 41.96
N ARG E 347 -3.22 -22.71 43.13
CA ARG E 347 -3.38 -23.95 43.89
C ARG E 347 -3.43 -23.60 45.36
N LYS E 348 -4.55 -23.91 46.02
CA LYS E 348 -4.72 -23.59 47.43
C LYS E 348 -4.22 -24.76 48.29
N PRO E 349 -3.47 -24.49 49.37
CA PRO E 349 -3.08 -25.57 50.27
C PRO E 349 -4.28 -26.25 50.88
N ASN E 350 -4.14 -27.55 51.13
CA ASN E 350 -5.22 -28.36 51.69
C ASN E 350 -5.12 -28.35 53.22
N THR E 351 -5.45 -27.20 53.80
CA THR E 351 -5.43 -27.01 55.24
C THR E 351 -6.81 -26.80 55.85
N ASP E 352 -7.87 -26.74 55.03
CA ASP E 352 -9.20 -26.45 55.56
C ASP E 352 -9.72 -27.60 56.43
N SER E 353 -9.66 -28.82 55.91
CA SER E 353 -10.20 -29.99 56.61
C SER E 353 -9.31 -30.48 57.74
N LEU E 354 -8.17 -29.83 57.99
CA LEU E 354 -7.22 -30.31 58.98
C LEU E 354 -7.52 -29.86 60.40
N ASN E 355 -8.25 -28.76 60.56
CA ASN E 355 -8.50 -28.20 61.89
C ASN E 355 -7.18 -27.94 62.61
N LEU E 356 -6.26 -27.29 61.88
CA LEU E 356 -4.93 -27.03 62.43
C LEU E 356 -5.00 -26.21 63.71
N SER E 357 -6.04 -25.39 63.85
CA SER E 357 -6.18 -24.57 65.04
C SER E 357 -6.35 -25.42 66.30
N ALA E 358 -6.79 -26.67 66.16
CA ALA E 358 -6.90 -27.58 67.30
C ALA E 358 -5.56 -28.15 67.74
N ALA E 359 -4.50 -27.97 66.95
CA ALA E 359 -3.18 -28.46 67.29
C ALA E 359 -2.16 -27.36 67.50
N GLY E 360 -2.55 -26.10 67.35
CA GLY E 360 -1.62 -25.00 67.53
C GLY E 360 -0.62 -24.91 66.40
N VAL E 361 -1.10 -24.94 65.17
CA VAL E 361 -0.27 -24.83 63.97
C VAL E 361 -0.66 -23.56 63.24
N GLU E 362 0.30 -22.68 63.02
CA GLU E 362 0.03 -21.38 62.40
C GLU E 362 -0.20 -21.54 60.91
N THR E 363 -1.10 -20.72 60.37
CA THR E 363 -1.33 -20.64 58.93
C THR E 363 -1.15 -19.20 58.48
N GLY E 364 -0.72 -19.04 57.22
CA GLY E 364 -0.40 -17.74 56.69
C GLY E 364 -1.57 -17.04 56.03
N LYS E 365 -1.30 -15.84 55.51
CA LYS E 365 -2.35 -15.02 54.92
C LYS E 365 -2.99 -15.70 53.72
N ASN E 366 -2.26 -16.58 53.03
CA ASN E 366 -2.79 -17.30 51.88
C ASN E 366 -3.15 -18.74 52.22
N ASN E 367 -3.46 -19.01 53.49
CA ASN E 367 -4.01 -20.28 53.93
C ASN E 367 -2.98 -21.40 53.95
N GLU E 368 -1.69 -21.07 53.97
CA GLU E 368 -0.64 -22.08 53.96
C GLU E 368 -0.23 -22.43 55.39
N ILE E 369 0.74 -23.35 55.50
CA ILE E 369 1.33 -23.73 56.78
C ILE E 369 2.69 -23.07 56.90
N LEU E 370 2.93 -22.41 58.02
CA LEU E 370 4.21 -21.76 58.28
C LEU E 370 5.18 -22.73 58.93
N ILE E 371 6.42 -22.71 58.44
CA ILE E 371 7.50 -23.53 58.98
C ILE E 371 8.75 -22.65 59.12
N ASN E 372 9.64 -23.09 60.00
CA ASN E 372 10.93 -22.43 60.18
C ASN E 372 11.95 -23.01 59.20
N ASP E 373 13.24 -22.72 59.43
CA ASP E 373 14.27 -23.25 58.54
C ASP E 373 14.38 -24.76 58.61
N PHE E 374 13.90 -25.38 59.69
CA PHE E 374 13.96 -26.82 59.87
C PHE E 374 12.67 -27.53 59.49
N GLY E 375 11.69 -26.80 58.97
CA GLY E 375 10.40 -27.41 58.63
C GLY E 375 9.47 -27.61 59.80
N GLN E 376 9.75 -27.00 60.94
CA GLN E 376 8.96 -27.19 62.15
C GLN E 376 7.89 -26.10 62.24
N THR E 377 6.67 -26.52 62.52
CA THR E 377 5.55 -25.59 62.64
C THR E 377 5.58 -24.95 64.04
N SER E 378 4.56 -24.15 64.33
CA SER E 378 4.46 -23.57 65.67
C SER E 378 4.32 -24.65 66.73
N ASN E 379 3.83 -25.84 66.37
CA ASN E 379 3.83 -26.98 67.27
C ASN E 379 5.17 -27.67 67.16
N GLU E 380 5.83 -27.87 68.30
CA GLU E 380 7.21 -28.33 68.29
C GLU E 380 7.37 -29.69 67.61
N LYS E 381 6.34 -30.54 67.69
CA LYS E 381 6.43 -31.90 67.17
C LYS E 381 5.55 -32.11 65.94
N ILE E 382 5.25 -31.04 65.21
CA ILE E 382 4.51 -31.12 63.95
C ILE E 382 5.33 -30.41 62.89
N TYR E 383 5.73 -31.12 61.85
CA TYR E 383 6.47 -30.58 60.73
C TYR E 383 5.59 -30.58 59.48
N ALA E 384 6.02 -29.81 58.48
CA ALA E 384 5.28 -29.70 57.23
C ALA E 384 6.23 -29.60 56.07
N ALA E 385 5.79 -30.10 54.92
CA ALA E 385 6.61 -30.09 53.72
C ALA E 385 5.72 -30.30 52.51
N GLY E 386 6.17 -29.80 51.37
CA GLY E 386 5.46 -29.99 50.12
C GLY E 386 4.73 -28.76 49.65
N ASP E 387 3.67 -28.95 48.85
CA ASP E 387 2.93 -27.80 48.32
C ASP E 387 2.17 -27.09 49.43
N VAL E 388 1.80 -27.81 50.49
CA VAL E 388 1.08 -27.22 51.62
C VAL E 388 1.88 -26.08 52.25
N THR E 389 3.21 -26.21 52.29
CA THR E 389 4.05 -25.14 52.84
C THR E 389 4.08 -23.89 51.95
N LEU E 390 3.47 -23.93 50.78
CA LEU E 390 3.48 -22.84 49.82
C LEU E 390 4.90 -22.29 49.63
N GLY E 391 5.74 -23.16 49.07
CA GLY E 391 7.07 -22.80 48.67
C GLY E 391 7.18 -22.99 47.18
N PRO E 392 8.39 -23.13 46.66
CA PRO E 392 8.52 -23.55 45.26
C PRO E 392 7.76 -24.84 45.06
N GLN E 393 6.64 -24.79 44.33
CA GLN E 393 5.72 -25.91 44.22
C GLN E 393 6.19 -26.85 43.13
N PHE E 394 7.19 -27.65 43.48
CA PHE E 394 7.76 -28.65 42.59
C PHE E 394 7.91 -29.97 43.34
N VAL E 395 7.97 -31.06 42.57
CA VAL E 395 8.03 -32.38 43.19
C VAL E 395 9.40 -32.62 43.82
N TYR E 396 10.47 -32.22 43.14
CA TYR E 396 11.81 -32.41 43.70
C TYR E 396 12.00 -31.58 44.97
N VAL E 397 11.42 -30.37 45.00
CA VAL E 397 11.46 -29.57 46.21
C VAL E 397 10.68 -30.26 47.33
N ALA E 398 9.56 -30.91 46.97
CA ALA E 398 8.75 -31.59 47.98
C ALA E 398 9.48 -32.79 48.56
N ALA E 399 10.12 -33.59 47.72
CA ALA E 399 10.87 -34.74 48.23
C ALA E 399 12.04 -34.27 49.08
N TYR E 400 12.81 -33.30 48.58
CA TYR E 400 13.91 -32.76 49.36
C TYR E 400 13.44 -32.32 50.73
N GLU E 401 12.41 -31.46 50.76
CA GLU E 401 11.87 -30.99 52.04
C GLU E 401 11.44 -32.16 52.92
N GLY E 402 10.81 -33.18 52.33
CA GLY E 402 10.40 -34.34 53.12
C GLY E 402 11.57 -34.99 53.81
N GLY E 403 12.63 -35.29 53.05
CA GLY E 403 13.80 -35.92 53.65
C GLY E 403 14.41 -35.07 54.75
N ILE E 404 14.62 -33.78 54.47
CA ILE E 404 15.23 -32.90 55.46
C ILE E 404 14.40 -32.87 56.74
N ILE E 405 13.09 -32.63 56.59
CA ILE E 405 12.20 -32.59 57.75
C ILE E 405 12.34 -33.87 58.56
N THR E 406 12.35 -35.02 57.88
CA THR E 406 12.53 -36.28 58.59
C THR E 406 13.84 -36.28 59.36
N ASP E 407 14.92 -35.81 58.75
CA ASP E 407 16.20 -35.73 59.44
C ASP E 407 16.09 -34.89 60.71
N ASN E 408 15.31 -33.80 60.66
CA ASN E 408 15.19 -32.94 61.82
C ASN E 408 14.34 -33.59 62.91
N ALA E 409 13.13 -34.04 62.56
CA ALA E 409 12.23 -34.61 63.56
C ALA E 409 12.80 -35.90 64.14
N ILE E 410 13.21 -36.82 63.27
CA ILE E 410 13.83 -38.09 63.67
C ILE E 410 15.32 -37.98 63.39
N GLY E 411 16.13 -38.28 64.41
CA GLY E 411 17.57 -38.16 64.30
C GLY E 411 18.14 -36.84 64.81
N GLY E 412 17.29 -35.84 65.02
CA GLY E 412 17.71 -34.60 65.67
C GLY E 412 18.57 -33.69 64.83
N LEU E 413 19.13 -34.20 63.74
CA LEU E 413 20.00 -33.42 62.87
C LEU E 413 19.32 -32.11 62.47
N ASN E 414 19.90 -30.98 62.87
CA ASN E 414 19.32 -29.68 62.58
C ASN E 414 19.87 -29.18 61.24
N LYS E 415 19.30 -29.74 60.17
CA LYS E 415 19.65 -29.35 58.81
C LYS E 415 18.60 -28.39 58.28
N LYS E 416 19.06 -27.30 57.67
CA LYS E 416 18.16 -26.30 57.13
C LYS E 416 17.72 -26.67 55.73
N ILE E 417 16.57 -26.14 55.32
CA ILE E 417 16.02 -26.38 54.00
C ILE E 417 16.68 -25.38 53.06
N ASP E 418 17.55 -25.87 52.16
CA ASP E 418 18.27 -25.03 51.22
C ASP E 418 17.52 -25.02 49.90
N LEU E 419 16.84 -23.91 49.61
CA LEU E 419 16.13 -23.71 48.35
C LEU E 419 16.75 -22.56 47.56
N SER E 420 18.04 -22.29 47.81
CA SER E 420 18.72 -21.19 47.14
C SER E 420 18.91 -21.44 45.65
N VAL E 421 18.89 -22.70 45.22
CA VAL E 421 19.09 -23.03 43.81
C VAL E 421 18.09 -24.11 43.41
N VAL E 422 16.92 -23.70 42.96
CA VAL E 422 15.87 -24.62 42.53
C VAL E 422 15.58 -24.35 41.05
N PRO E 423 15.75 -25.33 40.16
CA PRO E 423 15.40 -25.10 38.76
C PRO E 423 13.91 -25.28 38.50
N ALA E 424 13.44 -24.59 37.46
CA ALA E 424 12.05 -24.64 37.04
C ALA E 424 11.98 -24.81 35.53
N VAL E 425 11.12 -25.72 35.08
CA VAL E 425 11.01 -26.05 33.67
C VAL E 425 9.54 -26.01 33.28
N THR E 426 9.23 -25.21 32.25
CA THR E 426 7.94 -25.23 31.58
C THR E 426 8.12 -25.99 30.28
N PHE E 427 7.53 -27.19 30.20
CA PHE E 427 7.84 -28.12 29.12
C PHE E 427 7.07 -27.80 27.83
N THR E 428 6.78 -26.53 27.59
CA THR E 428 6.30 -26.15 26.29
C THR E 428 7.43 -26.31 25.27
N ASN E 429 7.10 -26.11 24.00
CA ASN E 429 8.11 -26.09 22.96
C ASN E 429 8.02 -24.77 22.20
N PRO E 430 9.04 -23.90 22.32
CA PRO E 430 10.30 -24.08 23.06
C PRO E 430 10.11 -24.16 24.58
N THR E 431 10.95 -24.98 25.22
CA THR E 431 10.88 -25.14 26.66
C THR E 431 11.44 -23.91 27.37
N VAL E 432 10.81 -23.54 28.48
CA VAL E 432 11.33 -22.49 29.35
C VAL E 432 12.05 -23.15 30.51
N ALA E 433 13.16 -22.54 30.94
CA ALA E 433 13.98 -23.13 31.97
C ALA E 433 14.70 -22.04 32.74
N THR E 434 14.58 -22.05 34.06
CA THR E 434 15.18 -21.03 34.91
C THR E 434 15.90 -21.68 36.09
N VAL E 435 17.02 -21.08 36.47
CA VAL E 435 17.69 -21.46 37.71
C VAL E 435 18.44 -20.24 38.23
N GLY E 436 18.35 -20.00 39.52
CA GLY E 436 19.04 -18.88 40.12
C GLY E 436 18.24 -17.59 39.99
N LEU E 437 18.97 -16.48 40.07
CA LEU E 437 18.35 -15.16 40.12
C LEU E 437 18.17 -14.58 38.73
N THR E 438 17.11 -13.78 38.57
CA THR E 438 16.93 -12.99 37.37
C THR E 438 17.74 -11.70 37.48
N GLU E 439 17.62 -10.84 36.47
CA GLU E 439 18.29 -9.56 36.52
C GLU E 439 17.71 -8.68 37.63
N GLU E 440 16.39 -8.50 37.63
CA GLU E 440 15.75 -7.68 38.66
C GLU E 440 15.96 -8.28 40.05
N GLN E 441 15.93 -9.61 40.16
CA GLN E 441 16.16 -10.25 41.45
C GLN E 441 17.59 -10.04 41.95
N ALA E 442 18.58 -10.19 41.06
CA ALA E 442 19.97 -9.98 41.46
C ALA E 442 20.21 -8.52 41.83
N LYS E 443 19.57 -7.59 41.13
CA LYS E 443 19.68 -6.18 41.50
C LYS E 443 19.04 -5.93 42.85
N GLU E 444 17.87 -6.53 43.10
CA GLU E 444 17.19 -6.33 44.38
C GLU E 444 18.02 -6.89 45.52
N LYS E 445 18.62 -8.07 45.34
CA LYS E 445 19.46 -8.66 46.36
C LYS E 445 20.67 -7.78 46.69
N GLY E 446 21.07 -6.90 45.78
CA GLY E 446 22.17 -5.98 46.00
C GLY E 446 23.40 -6.23 45.15
N TYR E 447 23.39 -7.25 44.28
CA TYR E 447 24.56 -7.54 43.46
C TYR E 447 24.80 -6.42 42.45
N ASP E 448 26.04 -6.36 41.97
CA ASP E 448 26.40 -5.55 40.81
C ASP E 448 26.29 -6.45 39.60
N VAL E 449 25.11 -6.43 38.96
CA VAL E 449 24.77 -7.44 37.98
C VAL E 449 25.37 -7.10 36.63
N LYS E 450 25.67 -8.14 35.86
CA LYS E 450 26.14 -8.02 34.49
C LYS E 450 25.44 -9.10 33.68
N THR E 451 24.69 -8.69 32.67
CA THR E 451 23.83 -9.58 31.91
C THR E 451 24.33 -9.75 30.49
N SER E 452 24.04 -10.91 29.90
CA SER E 452 24.33 -11.16 28.49
C SER E 452 23.17 -11.94 27.88
N VAL E 453 22.59 -11.40 26.82
CA VAL E 453 21.44 -12.01 26.14
C VAL E 453 21.89 -12.47 24.77
N LEU E 454 21.57 -13.72 24.44
CA LEU E 454 21.97 -14.32 23.17
C LEU E 454 20.73 -14.84 22.45
N PRO E 455 20.44 -14.40 21.23
CA PRO E 455 19.29 -14.95 20.51
C PRO E 455 19.53 -16.38 20.06
N LEU E 456 18.44 -17.14 19.97
CA LEU E 456 18.55 -18.56 19.65
C LEU E 456 19.12 -18.80 18.26
N ASP E 457 18.90 -17.85 17.34
CA ASP E 457 19.42 -18.01 15.98
C ASP E 457 20.95 -18.00 15.93
N ALA E 458 21.63 -17.81 17.06
CA ALA E 458 23.07 -17.89 17.10
C ALA E 458 23.59 -19.26 17.52
N VAL E 459 22.72 -20.15 17.98
CA VAL E 459 23.14 -21.49 18.40
C VAL E 459 23.15 -22.41 17.19
N PRO E 460 24.25 -23.10 16.90
CA PRO E 460 24.26 -23.96 15.70
C PRO E 460 23.17 -25.01 15.69
N ARG E 461 22.96 -25.70 16.82
CA ARG E 461 21.95 -26.76 16.83
C ARG E 461 20.57 -26.19 16.51
N ALA E 462 20.25 -25.03 17.07
CA ALA E 462 18.98 -24.38 16.74
C ALA E 462 18.91 -24.06 15.26
N ILE E 463 20.05 -23.80 14.62
CA ILE E 463 20.05 -23.44 13.21
C ILE E 463 19.79 -24.67 12.36
N VAL E 464 20.54 -25.75 12.57
CA VAL E 464 20.34 -26.96 11.77
C VAL E 464 18.94 -27.52 11.97
N ASN E 465 18.36 -27.32 13.16
CA ASN E 465 17.00 -27.77 13.42
C ASN E 465 15.97 -26.92 12.68
N ARG E 466 16.38 -25.80 12.11
CA ARG E 466 15.48 -24.90 11.39
C ARG E 466 14.38 -24.38 12.29
N GLU E 467 14.70 -24.20 13.57
CA GLU E 467 13.84 -23.56 14.56
C GLU E 467 14.73 -22.69 15.44
N THR E 468 14.57 -21.37 15.35
CA THR E 468 15.48 -20.43 15.98
C THR E 468 14.73 -19.34 16.74
N THR E 469 13.65 -19.70 17.42
CA THR E 469 12.87 -18.79 18.24
C THR E 469 13.13 -19.10 19.71
N GLY E 470 13.97 -18.31 20.34
CA GLY E 470 14.30 -18.54 21.73
C GLY E 470 15.31 -17.52 22.22
N VAL E 471 15.92 -17.82 23.37
CA VAL E 471 16.89 -16.90 23.95
C VAL E 471 17.65 -17.57 25.08
N PHE E 472 18.91 -17.17 25.25
CA PHE E 472 19.75 -17.57 26.38
C PHE E 472 20.14 -16.30 27.13
N LYS E 473 19.64 -16.14 28.35
CA LYS E 473 20.00 -15.01 29.20
C LYS E 473 20.91 -15.49 30.31
N LEU E 474 21.99 -14.74 30.54
CA LEU E 474 23.01 -15.12 31.52
C LEU E 474 23.19 -13.95 32.49
N VAL E 475 22.91 -14.20 33.76
CA VAL E 475 23.03 -13.20 34.82
C VAL E 475 24.24 -13.53 35.68
N ALA E 476 25.19 -12.60 35.77
CA ALA E 476 26.43 -12.81 36.50
C ALA E 476 26.71 -11.63 37.42
N ASP E 477 27.67 -11.82 38.31
CA ASP E 477 28.14 -10.78 39.22
C ASP E 477 29.36 -10.10 38.62
N ALA E 478 29.23 -8.80 38.33
CA ALA E 478 30.32 -8.09 37.66
C ALA E 478 31.60 -8.11 38.48
N GLU E 479 31.50 -8.17 39.81
CA GLU E 479 32.69 -8.13 40.65
C GLU E 479 33.40 -9.47 40.65
N THR E 480 32.70 -10.54 41.02
CA THR E 480 33.31 -11.87 41.16
C THR E 480 33.14 -12.73 39.92
N LEU E 481 32.41 -12.28 38.91
CA LEU E 481 32.17 -13.03 37.68
C LEU E 481 31.43 -14.34 37.90
N LYS E 482 30.94 -14.58 39.11
CA LYS E 482 30.24 -15.82 39.40
C LYS E 482 28.86 -15.81 38.76
N VAL E 483 28.43 -16.98 38.28
CA VAL E 483 27.13 -17.10 37.64
C VAL E 483 26.05 -17.07 38.72
N LEU E 484 25.14 -16.11 38.61
CA LEU E 484 24.04 -15.95 39.55
C LEU E 484 22.74 -16.55 39.04
N GLY E 485 22.54 -16.62 37.73
CA GLY E 485 21.31 -17.16 37.19
C GLY E 485 21.40 -17.45 35.70
N VAL E 486 20.63 -18.45 35.26
CA VAL E 486 20.52 -18.81 33.85
C VAL E 486 19.05 -18.97 33.51
N HIS E 487 18.65 -18.45 32.34
CA HIS E 487 17.27 -18.46 31.90
C HIS E 487 17.24 -18.68 30.40
N ILE E 488 16.61 -19.78 29.98
CA ILE E 488 16.69 -20.27 28.61
C ILE E 488 15.27 -20.50 28.10
N VAL E 489 15.06 -20.22 26.83
CA VAL E 489 13.85 -20.60 26.11
C VAL E 489 14.31 -21.29 24.84
N SER E 490 14.27 -22.62 24.82
CA SER E 490 14.75 -23.38 23.68
C SER E 490 14.27 -24.82 23.83
N GLU E 491 14.42 -25.59 22.77
CA GLU E 491 14.03 -26.99 22.80
C GLU E 491 14.88 -27.75 23.81
N ASN E 492 14.23 -28.64 24.56
CA ASN E 492 14.87 -29.46 25.59
C ASN E 492 15.91 -28.67 26.38
N ALA E 493 15.51 -27.47 26.80
CA ALA E 493 16.36 -26.65 27.66
C ALA E 493 16.38 -27.16 29.10
N GLY E 494 15.42 -27.99 29.50
CA GLY E 494 15.42 -28.54 30.84
C GLY E 494 16.65 -29.37 31.15
N ASP E 495 17.26 -29.95 30.11
CA ASP E 495 18.51 -30.68 30.28
C ASP E 495 19.71 -29.75 30.37
N VAL E 496 19.59 -28.52 29.85
CA VAL E 496 20.72 -27.60 29.86
C VAL E 496 20.83 -26.93 31.22
N ILE E 497 19.72 -26.46 31.79
CA ILE E 497 19.80 -25.71 33.04
C ILE E 497 20.40 -26.54 34.17
N TYR E 498 20.35 -27.87 34.07
CA TYR E 498 21.03 -28.67 35.07
C TYR E 498 22.50 -28.29 35.13
N ALA E 499 23.18 -28.28 33.98
CA ALA E 499 24.52 -27.71 33.93
C ALA E 499 24.55 -26.33 34.58
N ALA E 500 23.62 -25.46 34.17
CA ALA E 500 23.54 -24.14 34.78
C ALA E 500 23.42 -24.25 36.29
N SER E 501 22.60 -25.17 36.78
CA SER E 501 22.48 -25.37 38.22
C SER E 501 23.86 -25.63 38.83
N LEU E 502 24.60 -26.57 38.25
CA LEU E 502 25.94 -26.86 38.75
C LEU E 502 26.78 -25.59 38.78
N ALA E 503 26.61 -24.71 37.79
CA ALA E 503 27.38 -23.48 37.75
C ALA E 503 26.96 -22.55 38.88
N VAL E 504 25.66 -22.50 39.19
CA VAL E 504 25.18 -21.57 40.20
C VAL E 504 25.49 -22.08 41.60
N LYS E 505 25.21 -23.36 41.86
CA LYS E 505 25.42 -23.89 43.20
C LYS E 505 26.89 -23.87 43.57
N PHE E 506 27.77 -24.28 42.66
CA PHE E 506 29.19 -24.37 42.94
C PHE E 506 29.97 -23.14 42.46
N GLY E 507 29.27 -22.03 42.20
CA GLY E 507 29.91 -20.75 41.98
C GLY E 507 30.91 -20.72 40.84
N LEU E 508 30.57 -21.32 39.71
CA LEU E 508 31.43 -21.21 38.53
C LEU E 508 31.27 -19.84 37.89
N THR E 509 32.35 -19.34 37.31
CA THR E 509 32.36 -18.03 36.69
C THR E 509 32.12 -18.16 35.19
N VAL E 510 31.79 -17.02 34.57
CA VAL E 510 31.64 -17.01 33.12
C VAL E 510 32.93 -17.46 32.46
N GLU E 511 34.06 -17.08 33.04
CA GLU E 511 35.35 -17.55 32.55
C GLU E 511 35.43 -19.07 32.61
N ASP E 512 34.90 -19.67 33.69
CA ASP E 512 34.83 -21.12 33.74
C ASP E 512 34.00 -21.68 32.60
N LEU E 513 32.88 -21.02 32.28
CA LEU E 513 32.04 -21.48 31.18
C LEU E 513 32.74 -21.39 29.85
N THR E 514 33.64 -20.42 29.69
CA THR E 514 34.41 -20.33 28.45
C THR E 514 35.57 -21.32 28.43
N GLU E 515 36.11 -21.69 29.60
CA GLU E 515 37.23 -22.63 29.64
C GLU E 515 36.79 -24.03 29.23
N THR E 516 35.55 -24.41 29.55
CA THR E 516 35.06 -25.75 29.26
C THR E 516 34.73 -25.90 27.78
N LEU E 517 35.06 -27.06 27.23
CA LEU E 517 34.74 -27.37 25.85
C LEU E 517 33.29 -27.82 25.74
N ALA E 518 32.55 -27.24 24.79
CA ALA E 518 31.15 -27.58 24.62
C ALA E 518 30.95 -28.41 23.36
N PRO E 519 30.10 -29.45 23.42
CA PRO E 519 29.86 -30.25 22.21
C PRO E 519 29.18 -29.41 21.13
N TYR E 520 29.70 -29.52 19.91
CA TYR E 520 29.15 -28.74 18.80
C TYR E 520 27.77 -29.27 18.41
N LEU E 521 26.90 -28.35 18.02
CA LEU E 521 25.55 -28.69 17.58
C LEU E 521 24.76 -29.37 18.70
N THR E 522 24.93 -28.86 19.92
CA THR E 522 24.06 -29.16 21.04
C THR E 522 23.53 -27.84 21.60
N MET E 523 22.40 -27.92 22.28
CA MET E 523 21.82 -26.72 22.87
C MET E 523 22.61 -26.26 24.08
N ALA E 524 23.25 -27.18 24.80
CA ALA E 524 24.11 -26.78 25.90
C ALA E 524 25.16 -25.79 25.44
N GLU E 525 25.60 -25.91 24.18
CA GLU E 525 26.57 -24.98 23.61
C GLU E 525 26.13 -23.54 23.81
N GLY E 526 24.82 -23.29 23.78
CA GLY E 526 24.33 -21.94 24.02
C GLY E 526 24.95 -21.30 25.25
N LEU E 527 25.00 -22.04 26.35
CA LEU E 527 25.64 -21.54 27.57
C LEU E 527 27.00 -20.93 27.26
N LYS E 528 27.89 -21.72 26.65
CA LYS E 528 29.21 -21.21 26.32
C LYS E 528 29.09 -19.95 25.46
N LEU E 529 28.24 -19.98 24.44
CA LEU E 529 28.07 -18.82 23.58
C LEU E 529 27.55 -17.62 24.35
N ALA E 530 26.76 -17.86 25.41
CA ALA E 530 26.30 -16.75 26.24
C ALA E 530 27.45 -16.20 27.07
N ALA E 531 28.34 -17.09 27.54
CA ALA E 531 29.50 -16.65 28.29
C ALA E 531 30.47 -15.87 27.41
N LEU E 532 30.44 -16.09 26.10
CA LEU E 532 31.26 -15.33 25.18
C LEU E 532 30.53 -14.08 24.70
N THR E 533 30.01 -13.32 25.66
CA THR E 533 29.29 -12.09 25.34
C THR E 533 29.50 -11.11 26.50
N PHE E 534 30.75 -10.88 26.88
CA PHE E 534 31.09 -9.95 27.94
C PHE E 534 32.29 -9.13 27.50
N ASP E 535 32.14 -7.81 27.45
CA ASP E 535 33.19 -6.94 26.96
C ASP E 535 34.13 -6.54 28.09
N ASP F 83 -37.51 61.75 30.10
CA ASP F 83 -38.56 62.21 29.20
C ASP F 83 -39.55 61.09 28.91
N ASN F 84 -40.78 61.48 28.58
CA ASN F 84 -41.84 60.53 28.23
C ASN F 84 -41.85 60.36 26.72
N TYR F 85 -41.44 59.19 26.26
CA TYR F 85 -41.49 58.82 24.85
C TYR F 85 -42.65 57.86 24.60
N ASP F 86 -43.09 57.81 23.34
CA ASP F 86 -44.07 56.82 22.95
C ASP F 86 -43.42 55.45 22.78
N LEU F 87 -42.19 55.41 22.26
CA LEU F 87 -41.48 54.16 22.07
C LEU F 87 -40.00 54.41 22.24
N LEU F 88 -39.37 53.62 23.10
CA LEU F 88 -37.94 53.72 23.38
C LEU F 88 -37.26 52.44 22.94
N ILE F 89 -36.23 52.58 22.11
CA ILE F 89 -35.50 51.46 21.53
C ILE F 89 -34.11 51.45 22.13
N ILE F 90 -33.68 50.28 22.61
CA ILE F 90 -32.32 50.10 23.12
C ILE F 90 -31.53 49.43 21.99
N GLY F 91 -30.78 50.24 21.24
CA GLY F 91 -30.01 49.72 20.13
C GLY F 91 -30.10 50.62 18.91
N SER F 92 -29.22 50.39 17.93
CA SER F 92 -29.24 51.20 16.72
C SER F 92 -29.05 50.34 15.46
N GLY F 93 -29.28 49.04 15.55
CA GLY F 93 -29.06 48.15 14.43
C GLY F 93 -30.23 48.17 13.46
N ALA F 94 -30.29 47.12 12.64
CA ALA F 94 -31.35 47.02 11.63
C ALA F 94 -32.73 47.01 12.27
N ALA F 95 -32.90 46.25 13.34
CA ALA F 95 -34.20 46.21 14.01
C ALA F 95 -34.57 47.57 14.58
N ALA F 96 -33.60 48.26 15.19
CA ALA F 96 -33.87 49.57 15.77
C ALA F 96 -34.28 50.57 14.70
N PHE F 97 -33.66 50.49 13.52
CA PHE F 97 -33.97 51.44 12.45
C PHE F 97 -35.33 51.12 11.83
N SER F 98 -35.55 49.86 11.45
CA SER F 98 -36.85 49.48 10.91
C SER F 98 -37.96 49.87 11.86
N SER F 99 -37.81 49.54 13.14
CA SER F 99 -38.84 49.85 14.13
C SER F 99 -39.00 51.36 14.29
N ALA F 100 -37.90 52.11 14.25
CA ALA F 100 -38.01 53.56 14.40
C ALA F 100 -38.78 54.17 13.25
N ILE F 101 -38.45 53.79 12.01
CA ILE F 101 -39.18 54.30 10.85
C ILE F 101 -40.66 53.93 10.96
N LYS F 102 -40.95 52.63 11.05
CA LYS F 102 -42.34 52.21 11.07
C LYS F 102 -43.10 52.84 12.23
N ALA F 103 -42.40 53.19 13.31
CA ALA F 103 -43.04 53.82 14.46
C ALA F 103 -43.34 55.29 14.20
N ILE F 104 -42.42 56.00 13.55
CA ILE F 104 -42.70 57.39 13.18
C ILE F 104 -43.82 57.46 12.15
N GLU F 105 -43.96 56.43 11.32
CA GLU F 105 -45.09 56.39 10.38
C GLU F 105 -46.42 56.55 11.11
N TYR F 106 -46.54 55.93 12.29
CA TYR F 106 -47.74 56.09 13.10
C TYR F 106 -47.81 57.43 13.81
N GLY F 107 -46.77 58.25 13.69
CA GLY F 107 -46.78 59.56 14.33
C GLY F 107 -46.49 59.52 15.80
N ALA F 108 -45.50 58.74 16.22
CA ALA F 108 -45.15 58.58 17.62
C ALA F 108 -43.77 59.20 17.88
N LYS F 109 -43.64 59.87 19.02
CA LYS F 109 -42.35 60.38 19.45
C LYS F 109 -41.51 59.22 19.98
N VAL F 110 -40.37 58.96 19.35
CA VAL F 110 -39.55 57.79 19.67
C VAL F 110 -38.13 58.22 20.00
N GLY F 111 -37.46 57.35 20.76
CA GLY F 111 -36.08 57.58 21.13
C GLY F 111 -35.24 56.36 20.87
N MET F 112 -33.98 56.60 20.47
CA MET F 112 -33.03 55.54 20.17
C MET F 112 -31.82 55.67 21.08
N ILE F 113 -31.62 54.71 21.96
CA ILE F 113 -30.49 54.71 22.88
C ILE F 113 -29.40 53.82 22.30
N GLU F 114 -28.26 54.41 21.98
CA GLU F 114 -27.14 53.71 21.37
C GLU F 114 -25.95 53.70 22.31
N ARG F 115 -25.37 52.53 22.51
CA ARG F 115 -24.22 52.40 23.40
C ARG F 115 -22.94 52.93 22.76
N GLY F 116 -22.71 52.59 21.49
CA GLY F 116 -21.48 52.96 20.83
C GLY F 116 -21.63 53.60 19.47
N THR F 117 -21.00 52.99 18.47
CA THR F 117 -20.98 53.53 17.12
C THR F 117 -22.34 53.32 16.45
N VAL F 118 -22.87 54.39 15.85
CA VAL F 118 -24.18 54.30 15.22
C VAL F 118 -24.12 53.33 14.05
N GLY F 119 -25.27 52.70 13.76
CA GLY F 119 -25.42 51.83 12.62
C GLY F 119 -25.54 50.37 12.94
N GLY F 120 -25.02 49.93 14.09
CA GLY F 120 -25.06 48.53 14.43
C GLY F 120 -23.90 47.77 13.81
N THR F 121 -24.05 46.44 13.75
CA THR F 121 -22.98 45.57 13.30
C THR F 121 -22.90 45.47 11.77
N CYS F 122 -24.04 45.31 11.11
CA CYS F 122 -24.02 44.94 9.70
C CYS F 122 -23.31 46.00 8.86
N VAL F 123 -23.50 47.26 9.20
CA VAL F 123 -23.00 48.35 8.37
C VAL F 123 -21.53 48.62 8.66
N ASN F 124 -21.14 48.54 9.93
CA ASN F 124 -19.80 48.94 10.36
C ASN F 124 -18.85 47.77 10.49
N ILE F 125 -19.26 46.70 11.17
CA ILE F 125 -18.35 45.59 11.48
C ILE F 125 -18.78 44.28 10.84
N GLY F 126 -19.96 44.21 10.24
CA GLY F 126 -20.51 42.92 9.85
C GLY F 126 -20.57 42.66 8.36
N CYS F 127 -21.80 42.69 7.83
CA CYS F 127 -22.06 42.18 6.49
C CYS F 127 -21.29 42.99 5.44
N VAL F 128 -21.52 44.31 5.39
CA VAL F 128 -20.98 45.11 4.28
C VAL F 128 -19.48 44.99 4.17
N PRO F 129 -18.69 45.24 5.22
CA PRO F 129 -17.24 45.10 5.08
C PRO F 129 -16.83 43.71 4.63
N SER F 130 -17.36 42.68 5.28
CA SER F 130 -17.04 41.31 4.91
C SER F 130 -17.27 41.06 3.43
N LYS F 131 -18.38 41.57 2.88
CA LYS F 131 -18.75 41.22 1.51
C LYS F 131 -17.95 42.02 0.49
N THR F 132 -17.68 43.30 0.76
CA THR F 132 -16.85 44.07 -0.16
C THR F 132 -15.42 43.54 -0.18
N LEU F 133 -14.85 43.28 1.00
CA LEU F 133 -13.52 42.69 1.05
C LEU F 133 -13.50 41.32 0.39
N LEU F 134 -14.55 40.52 0.60
CA LEU F 134 -14.65 39.23 -0.07
C LEU F 134 -14.67 39.40 -1.58
N ARG F 135 -15.34 40.42 -2.07
CA ARG F 135 -15.33 40.72 -3.50
C ARG F 135 -13.91 40.98 -3.98
N ALA F 136 -13.20 41.88 -3.31
CA ALA F 136 -11.82 42.16 -3.70
C ALA F 136 -10.98 40.88 -3.70
N GLY F 137 -11.06 40.11 -2.63
CA GLY F 137 -10.30 38.88 -2.57
C GLY F 137 -10.64 37.93 -3.69
N GLU F 138 -11.92 37.84 -4.04
CA GLU F 138 -12.32 36.97 -5.14
C GLU F 138 -11.71 37.45 -6.45
N ILE F 139 -11.69 38.75 -6.67
CA ILE F 139 -11.09 39.30 -7.89
C ILE F 139 -9.61 38.94 -7.95
N ILE F 140 -8.87 39.19 -6.86
CA ILE F 140 -7.44 38.92 -6.90
C ILE F 140 -7.19 37.42 -7.04
N HIS F 141 -8.05 36.59 -6.45
CA HIS F 141 -7.89 35.15 -6.59
C HIS F 141 -8.08 34.70 -8.02
N LEU F 142 -9.10 35.23 -8.71
CA LEU F 142 -9.28 34.90 -10.12
C LEU F 142 -8.12 35.41 -10.95
N SER F 143 -7.51 36.53 -10.54
CA SER F 143 -6.34 37.03 -11.25
C SER F 143 -5.12 36.14 -11.02
N LYS F 144 -5.01 35.53 -9.85
CA LYS F 144 -3.83 34.73 -9.51
C LYS F 144 -3.92 33.31 -10.06
N ASP F 145 -5.10 32.69 -9.98
CA ASP F 145 -5.30 31.30 -10.41
C ASP F 145 -6.67 31.18 -11.05
N ASN F 146 -6.70 30.92 -12.35
CA ASN F 146 -7.95 30.67 -13.06
C ASN F 146 -7.71 29.51 -14.02
N PRO F 147 -8.76 28.78 -14.41
CA PRO F 147 -8.56 27.55 -15.18
C PRO F 147 -8.33 27.76 -16.67
N PHE F 148 -8.45 28.99 -17.18
CA PHE F 148 -8.32 29.24 -18.61
C PHE F 148 -6.86 29.44 -18.97
N ILE F 149 -6.42 28.75 -20.02
CA ILE F 149 -4.98 28.67 -20.33
C ILE F 149 -4.50 29.94 -21.00
N GLY F 150 -5.19 30.35 -22.08
CA GLY F 150 -4.72 31.47 -22.88
C GLY F 150 -4.50 32.76 -22.11
N LEU F 151 -5.14 32.90 -20.95
CA LEU F 151 -5.01 34.14 -20.18
C LEU F 151 -3.62 34.25 -19.58
N GLN F 152 -3.08 35.46 -19.60
CA GLN F 152 -1.79 35.79 -18.99
C GLN F 152 -2.08 36.84 -17.92
N THR F 153 -2.63 36.38 -16.80
CA THR F 153 -2.97 37.24 -15.67
C THR F 153 -2.07 36.92 -14.49
N SER F 154 -1.88 37.93 -13.64
CA SER F 154 -1.05 37.77 -12.45
C SER F 154 -1.60 38.63 -11.34
N ALA F 155 -1.21 38.30 -10.11
CA ALA F 155 -1.65 39.03 -8.93
C ALA F 155 -0.44 39.27 -8.04
N GLY F 156 -0.11 40.55 -7.84
CA GLY F 156 1.02 40.93 -7.02
C GLY F 156 0.64 41.03 -5.56
N GLU F 157 1.61 41.50 -4.76
CA GLU F 157 1.36 41.65 -3.35
C GLU F 157 0.21 42.62 -3.13
N VAL F 158 -0.55 42.39 -2.07
CA VAL F 158 -1.77 43.13 -1.81
C VAL F 158 -1.51 44.17 -0.73
N ASP F 159 -2.06 45.36 -0.92
CA ASP F 159 -1.98 46.43 0.07
C ASP F 159 -3.27 46.41 0.89
N LEU F 160 -3.25 45.65 1.99
CA LEU F 160 -4.45 45.50 2.79
C LEU F 160 -4.89 46.83 3.38
N ALA F 161 -3.94 47.69 3.75
CA ALA F 161 -4.27 49.00 4.30
C ALA F 161 -5.22 49.77 3.38
N SER F 162 -4.94 49.74 2.07
CA SER F 162 -5.80 50.43 1.12
C SER F 162 -7.19 49.81 1.11
N LEU F 163 -7.28 48.48 1.12
CA LEU F 163 -8.58 47.83 1.12
C LEU F 163 -9.38 48.21 2.36
N ILE F 164 -8.71 48.33 3.50
CA ILE F 164 -9.42 48.64 4.73
C ILE F 164 -9.86 50.09 4.75
N THR F 165 -9.01 51.01 4.27
CA THR F 165 -9.41 52.41 4.23
C THR F 165 -10.56 52.63 3.25
N GLN F 166 -10.53 51.94 2.11
CA GLN F 166 -11.65 51.99 1.16
C GLN F 166 -12.91 51.41 1.80
N LYS F 167 -12.78 50.28 2.47
CA LYS F 167 -13.88 49.70 3.21
C LYS F 167 -14.49 50.72 4.17
N ASP F 168 -13.66 51.37 4.99
CA ASP F 168 -14.16 52.30 5.98
C ASP F 168 -14.82 53.51 5.32
N LYS F 169 -14.23 54.02 4.22
CA LYS F 169 -14.89 55.08 3.49
C LYS F 169 -16.27 54.64 3.01
N LEU F 170 -16.38 53.37 2.63
CA LEU F 170 -17.65 52.87 2.11
C LEU F 170 -18.69 52.74 3.23
N VAL F 171 -18.30 52.22 4.39
CA VAL F 171 -19.26 52.07 5.48
C VAL F 171 -19.66 53.43 6.04
N SER F 172 -18.75 54.41 6.03
CA SER F 172 -19.12 55.74 6.47
C SER F 172 -20.10 56.37 5.49
N GLU F 173 -19.79 56.31 4.20
CA GLU F 173 -20.73 56.78 3.19
C GLU F 173 -22.09 56.12 3.36
N LEU F 174 -22.10 54.81 3.60
CA LEU F 174 -23.35 54.06 3.64
C LEU F 174 -24.18 54.41 4.88
N ARG F 175 -23.55 54.39 6.06
CA ARG F 175 -24.27 54.78 7.27
C ARG F 175 -24.76 56.21 7.19
N ASN F 176 -23.99 57.10 6.57
CA ASN F 176 -24.46 58.47 6.40
C ASN F 176 -25.67 58.53 5.48
N GLN F 177 -25.67 57.71 4.42
CA GLN F 177 -26.85 57.63 3.55
C GLN F 177 -28.05 57.06 4.28
N LYS F 178 -27.84 56.19 5.26
CA LYS F 178 -28.94 55.45 5.87
C LYS F 178 -29.76 56.32 6.83
N TYR F 179 -29.09 57.07 7.70
CA TYR F 179 -29.74 57.72 8.84
C TYR F 179 -30.10 59.17 8.48
N MET F 180 -31.33 59.35 8.01
CA MET F 180 -31.87 60.66 7.67
C MET F 180 -32.86 61.19 8.69
N ASP F 181 -33.39 60.32 9.56
CA ASP F 181 -34.43 60.74 10.49
C ASP F 181 -33.97 61.86 11.41
N LEU F 182 -32.66 62.08 11.56
CA LEU F 182 -32.20 63.18 12.39
C LEU F 182 -32.50 64.54 11.78
N ILE F 183 -32.79 64.59 10.48
CA ILE F 183 -32.91 65.87 9.78
C ILE F 183 -34.11 66.65 10.29
N ASP F 184 -35.30 66.05 10.23
CA ASP F 184 -36.54 66.77 10.52
C ASP F 184 -37.51 66.03 11.42
N GLU F 185 -37.23 64.79 11.81
CA GLU F 185 -38.16 64.08 12.68
C GLU F 185 -38.14 64.67 14.08
N TYR F 186 -38.93 65.73 14.27
CA TYR F 186 -39.19 66.31 15.57
C TYR F 186 -39.43 65.20 16.61
N ASN F 187 -40.22 64.21 16.21
CA ASN F 187 -40.57 63.10 17.08
C ASN F 187 -39.33 62.37 17.57
N PHE F 188 -38.41 62.04 16.67
CA PHE F 188 -37.30 61.15 16.98
C PHE F 188 -36.19 61.87 17.74
N ASP F 189 -35.56 61.15 18.66
CA ASP F 189 -34.45 61.67 19.47
C ASP F 189 -33.38 60.60 19.59
N LEU F 190 -32.14 60.94 19.21
CA LEU F 190 -31.02 60.01 19.33
C LEU F 190 -30.32 60.27 20.66
N ILE F 191 -30.45 59.32 21.58
CA ILE F 191 -29.77 59.35 22.87
C ILE F 191 -28.58 58.42 22.82
N LYS F 192 -27.42 58.92 23.24
CA LYS F 192 -26.17 58.15 23.18
C LYS F 192 -25.74 57.79 24.59
N GLY F 193 -25.53 56.49 24.80
CA GLY F 193 -25.17 55.97 26.11
C GLY F 193 -25.68 54.55 26.27
N GLU F 194 -25.16 53.89 27.28
CA GLU F 194 -25.53 52.51 27.58
C GLU F 194 -26.77 52.48 28.47
N ALA F 195 -27.75 51.68 28.08
CA ALA F 195 -29.04 51.63 28.77
C ALA F 195 -29.12 50.41 29.67
N LYS F 196 -29.74 50.59 30.84
CA LYS F 196 -30.05 49.48 31.73
C LYS F 196 -31.45 49.68 32.30
N PHE F 197 -32.15 48.59 32.53
CA PHE F 197 -33.50 48.66 33.09
C PHE F 197 -33.42 48.82 34.60
N VAL F 198 -34.23 49.74 35.14
CA VAL F 198 -34.34 49.94 36.58
C VAL F 198 -35.76 49.73 37.08
N ASP F 199 -36.75 49.62 36.20
CA ASP F 199 -38.14 49.53 36.60
C ASP F 199 -38.90 48.82 35.49
N ALA F 200 -40.11 48.37 35.82
CA ALA F 200 -40.95 47.70 34.82
C ALA F 200 -41.37 48.64 33.70
N SER F 201 -41.16 49.95 33.84
CA SER F 201 -41.58 50.92 32.83
C SER F 201 -40.57 52.04 32.61
N THR F 202 -39.44 52.06 33.32
CA THR F 202 -38.46 53.12 33.18
C THR F 202 -37.07 52.51 33.10
N VAL F 203 -36.18 53.21 32.39
CA VAL F 203 -34.79 52.77 32.22
C VAL F 203 -33.87 53.90 32.67
N GLU F 204 -32.60 53.57 32.81
CA GLU F 204 -31.56 54.52 33.15
C GLU F 204 -30.44 54.43 32.12
N VAL F 205 -30.03 55.58 31.59
CA VAL F 205 -28.95 55.67 30.62
C VAL F 205 -28.11 56.89 30.97
N ASN F 206 -26.79 56.70 31.04
CA ASN F 206 -25.85 57.78 31.29
C ASN F 206 -26.19 58.56 32.56
N GLY F 207 -26.99 57.95 33.45
CA GLY F 207 -27.39 58.56 34.70
C GLY F 207 -28.84 58.99 34.76
N ALA F 208 -29.40 59.42 33.64
CA ALA F 208 -30.77 59.92 33.62
C ALA F 208 -31.77 58.79 33.43
N LYS F 209 -32.99 59.01 33.89
CA LYS F 209 -34.06 58.03 33.79
C LYS F 209 -35.06 58.44 32.70
N LEU F 210 -35.68 57.44 32.08
CA LEU F 210 -36.57 57.66 30.94
C LEU F 210 -37.74 56.69 31.00
N SER F 211 -38.94 57.23 30.83
CA SER F 211 -40.16 56.43 30.73
C SER F 211 -40.60 56.34 29.28
N ALA F 212 -41.44 55.35 28.99
CA ALA F 212 -41.95 55.15 27.64
C ALA F 212 -43.14 54.21 27.68
N LYS F 213 -44.08 54.41 26.75
CA LYS F 213 -45.25 53.53 26.65
C LYS F 213 -44.85 52.14 26.14
N ARG F 214 -43.89 52.08 25.24
CA ARG F 214 -43.42 50.82 24.68
C ARG F 214 -41.90 50.81 24.63
N PHE F 215 -41.33 49.63 24.79
CA PHE F 215 -39.88 49.44 24.74
C PHE F 215 -39.56 48.36 23.72
N LEU F 216 -38.46 48.57 22.98
CA LEU F 216 -37.90 47.56 22.10
C LEU F 216 -36.47 47.30 22.52
N ILE F 217 -36.15 46.04 22.81
CA ILE F 217 -34.79 45.64 23.18
C ILE F 217 -34.20 45.02 21.91
N ALA F 218 -33.53 45.84 21.11
CA ALA F 218 -32.83 45.37 19.93
C ALA F 218 -31.32 45.49 20.12
N THR F 219 -30.78 44.87 21.17
CA THR F 219 -29.37 45.00 21.48
C THR F 219 -28.48 44.10 20.65
N GLY F 220 -29.06 43.21 19.84
CA GLY F 220 -28.23 42.41 18.98
C GLY F 220 -27.34 41.45 19.76
N ALA F 221 -26.25 41.04 19.12
CA ALA F 221 -25.31 40.11 19.70
C ALA F 221 -23.89 40.63 19.49
N SER F 222 -22.96 40.01 20.19
CA SER F 222 -21.56 40.40 20.13
C SER F 222 -20.70 39.15 20.07
N PRO F 223 -19.44 39.28 19.66
CA PRO F 223 -18.59 38.09 19.51
C PRO F 223 -18.47 37.31 20.81
N SER F 224 -18.73 36.02 20.72
CA SER F 224 -18.61 35.14 21.88
C SER F 224 -17.23 34.49 21.90
N LEU F 225 -16.81 34.09 23.10
CA LEU F 225 -15.53 33.45 23.30
C LEU F 225 -15.72 32.01 23.78
N PRO F 226 -14.81 31.11 23.43
CA PRO F 226 -14.90 29.73 23.94
C PRO F 226 -14.23 29.63 25.31
N GLN F 227 -14.40 28.45 25.90
CA GLN F 227 -13.83 28.14 27.21
C GLN F 227 -12.64 27.19 27.02
N ILE F 228 -11.55 27.73 26.48
CA ILE F 228 -10.33 26.97 26.26
C ILE F 228 -9.18 27.71 26.95
N SER F 229 -8.26 26.93 27.52
CA SER F 229 -7.21 27.48 28.37
C SER F 229 -6.26 28.37 27.57
N GLY F 230 -5.82 29.45 28.20
CA GLY F 230 -4.79 30.31 27.64
C GLY F 230 -5.31 31.44 26.75
N LEU F 231 -6.48 31.26 26.14
CA LEU F 231 -7.02 32.30 25.26
C LEU F 231 -7.34 33.58 26.02
N GLU F 232 -7.50 33.49 27.34
CA GLU F 232 -7.86 34.66 28.14
C GLU F 232 -6.85 35.79 27.93
N LYS F 233 -5.60 35.56 28.31
CA LYS F 233 -4.52 36.53 28.13
C LYS F 233 -3.81 36.16 26.83
N MET F 234 -4.30 36.70 25.72
CA MET F 234 -3.79 36.32 24.41
C MET F 234 -4.20 37.39 23.40
N ASP F 235 -3.40 37.53 22.35
CA ASP F 235 -3.64 38.55 21.33
C ASP F 235 -4.45 37.97 20.17
N TYR F 236 -5.66 37.54 20.49
CA TYR F 236 -6.56 36.96 19.51
C TYR F 236 -7.37 38.05 18.82
N LEU F 237 -7.91 37.70 17.65
CA LEU F 237 -8.75 38.60 16.87
C LEU F 237 -10.17 38.06 16.81
N THR F 238 -11.13 38.97 16.66
CA THR F 238 -12.52 38.62 16.47
C THR F 238 -12.98 39.07 15.10
N SER F 239 -14.22 38.68 14.75
CA SER F 239 -14.78 39.09 13.48
C SER F 239 -14.65 40.59 13.25
N THR F 240 -14.74 41.38 14.32
CA THR F 240 -14.70 42.83 14.17
C THR F 240 -13.26 43.35 14.10
N THR F 241 -12.34 42.72 14.83
CA THR F 241 -10.96 43.20 14.84
C THR F 241 -10.22 42.79 13.57
N LEU F 242 -10.50 41.60 13.05
CA LEU F 242 -9.81 41.13 11.86
C LEU F 242 -10.09 42.05 10.68
N LEU F 243 -11.32 42.53 10.56
CA LEU F 243 -11.67 43.44 9.47
C LEU F 243 -11.02 44.81 9.61
N GLU F 244 -10.30 45.07 10.71
CA GLU F 244 -9.54 46.31 10.88
C GLU F 244 -8.04 46.11 10.64
N LEU F 245 -7.58 44.86 10.62
CA LEU F 245 -6.17 44.58 10.43
C LEU F 245 -5.69 45.10 9.09
N LYS F 246 -4.59 45.86 9.11
CA LYS F 246 -4.02 46.45 7.89
C LYS F 246 -2.69 45.82 7.52
N LYS F 247 -2.40 44.61 8.01
CA LYS F 247 -1.19 43.87 7.71
C LYS F 247 -1.55 42.41 7.48
N ILE F 248 -1.36 41.93 6.26
CA ILE F 248 -1.76 40.57 5.87
C ILE F 248 -0.92 39.57 6.66
N PRO F 249 -1.53 38.72 7.48
CA PRO F 249 -0.74 37.72 8.22
C PRO F 249 -0.21 36.63 7.31
N LYS F 250 1.03 36.20 7.58
CA LYS F 250 1.59 35.09 6.83
C LYS F 250 0.85 33.79 7.10
N ARG F 251 0.19 33.69 8.25
CA ARG F 251 -0.63 32.52 8.56
C ARG F 251 -1.69 32.90 9.59
N LEU F 252 -2.93 32.49 9.31
CA LEU F 252 -4.08 32.80 10.15
C LEU F 252 -4.81 31.51 10.50
N THR F 253 -5.02 31.28 11.78
CA THR F 253 -5.79 30.14 12.25
C THR F 253 -7.18 30.62 12.70
N VAL F 254 -8.21 29.90 12.27
CA VAL F 254 -9.59 30.23 12.61
C VAL F 254 -10.13 29.16 13.55
N ILE F 255 -10.77 29.57 14.64
CA ILE F 255 -11.41 28.68 15.57
C ILE F 255 -12.90 29.02 15.56
N GLY F 256 -13.67 28.27 14.77
CA GLY F 256 -15.10 28.52 14.67
C GLY F 256 -15.78 27.58 13.70
N SER F 257 -16.96 27.10 14.07
CA SER F 257 -17.71 26.20 13.20
C SER F 257 -18.72 26.92 12.32
N GLY F 258 -18.97 28.20 12.57
CA GLY F 258 -19.99 28.92 11.84
C GLY F 258 -19.54 29.37 10.46
N TYR F 259 -20.40 30.18 9.84
CA TYR F 259 -20.13 30.69 8.51
C TYR F 259 -19.18 31.88 8.52
N ILE F 260 -19.18 32.66 9.61
CA ILE F 260 -18.30 33.83 9.67
C ILE F 260 -16.84 33.40 9.56
N GLY F 261 -16.47 32.35 10.29
CA GLY F 261 -15.11 31.84 10.19
C GLY F 261 -14.73 31.44 8.78
N MET F 262 -15.66 30.81 8.06
CA MET F 262 -15.40 30.41 6.68
C MET F 262 -15.24 31.63 5.78
N GLU F 263 -16.14 32.59 5.89
CA GLU F 263 -16.08 33.76 5.01
C GLU F 263 -14.79 34.54 5.22
N LEU F 264 -14.47 34.88 6.48
CA LEU F 264 -13.25 35.62 6.75
C LEU F 264 -12.01 34.80 6.41
N GLY F 265 -12.04 33.51 6.75
CA GLY F 265 -10.92 32.65 6.42
C GLY F 265 -10.62 32.66 4.93
N GLN F 266 -11.63 32.39 4.10
CA GLN F 266 -11.42 32.41 2.66
C GLN F 266 -11.03 33.80 2.17
N LEU F 267 -11.60 34.85 2.78
CA LEU F 267 -11.21 36.21 2.43
C LEU F 267 -9.70 36.38 2.53
N PHE F 268 -9.13 36.04 3.67
CA PHE F 268 -7.68 36.22 3.84
C PHE F 268 -6.88 35.18 3.08
N HIS F 269 -7.48 34.02 2.75
CA HIS F 269 -6.80 33.07 1.88
C HIS F 269 -6.62 33.65 0.49
N HIS F 270 -7.65 34.28 -0.05
CA HIS F 270 -7.55 34.89 -1.37
C HIS F 270 -6.65 36.12 -1.35
N LEU F 271 -6.50 36.77 -0.20
CA LEU F 271 -5.57 37.88 -0.09
C LEU F 271 -4.13 37.42 0.10
N GLY F 272 -3.89 36.12 0.17
CA GLY F 272 -2.54 35.61 0.31
C GLY F 272 -2.19 35.31 1.75
N SER F 273 -2.78 34.25 2.30
CA SER F 273 -2.51 33.88 3.68
C SER F 273 -2.88 32.42 3.88
N GLU F 274 -2.00 31.67 4.55
CA GLU F 274 -2.24 30.26 4.80
C GLU F 274 -3.27 30.13 5.90
N ILE F 275 -4.42 29.52 5.58
CA ILE F 275 -5.55 29.43 6.50
C ILE F 275 -5.64 28.01 7.05
N THR F 276 -6.08 27.91 8.31
CA THR F 276 -6.32 26.63 8.97
C THR F 276 -7.61 26.77 9.76
N LEU F 277 -8.67 26.10 9.30
CA LEU F 277 -9.95 26.13 9.99
C LEU F 277 -10.02 25.02 11.03
N MET F 278 -10.38 25.38 12.25
CA MET F 278 -10.45 24.44 13.35
C MET F 278 -11.81 24.50 14.02
N GLN F 279 -12.43 23.34 14.20
CA GLN F 279 -13.72 23.24 14.86
C GLN F 279 -13.81 21.85 15.49
N ARG F 280 -14.65 21.75 16.53
CA ARG F 280 -14.84 20.47 17.18
C ARG F 280 -15.83 19.58 16.43
N SER F 281 -16.84 20.17 15.80
CA SER F 281 -17.78 19.40 14.99
C SER F 281 -17.05 18.72 13.84
N GLU F 282 -17.40 17.46 13.58
CA GLU F 282 -16.69 16.69 12.55
C GLU F 282 -17.18 16.96 11.14
N ARG F 283 -18.28 17.67 10.96
CA ARG F 283 -18.82 17.98 9.64
C ARG F 283 -18.88 19.48 9.46
N LEU F 284 -18.32 19.96 8.34
CA LEU F 284 -18.42 21.38 8.01
C LEU F 284 -19.88 21.81 7.95
N LEU F 285 -20.22 22.85 8.71
CA LEU F 285 -21.60 23.28 8.81
C LEU F 285 -22.47 22.12 9.27
N LYS F 286 -22.42 21.82 10.57
CA LYS F 286 -23.05 20.61 11.08
C LYS F 286 -24.56 20.60 10.86
N GLU F 287 -25.19 21.77 10.83
CA GLU F 287 -26.65 21.84 10.74
C GLU F 287 -27.18 21.59 9.33
N TYR F 288 -26.33 21.63 8.31
CA TYR F 288 -26.77 21.48 6.94
C TYR F 288 -26.87 20.00 6.57
N ASP F 289 -27.26 19.74 5.33
CA ASP F 289 -27.32 18.37 4.83
C ASP F 289 -25.90 17.82 4.68
N PRO F 290 -25.75 16.50 4.67
CA PRO F 290 -24.40 15.93 4.49
C PRO F 290 -23.78 16.33 3.17
N GLU F 291 -24.56 16.35 2.09
CA GLU F 291 -24.03 16.68 0.78
C GLU F 291 -23.47 18.09 0.75
N ILE F 292 -24.13 19.03 1.43
CA ILE F 292 -23.64 20.40 1.48
C ILE F 292 -22.29 20.45 2.18
N SER F 293 -22.17 19.81 3.33
CA SER F 293 -20.91 19.78 4.07
C SER F 293 -19.81 19.18 3.21
N GLU F 294 -20.05 17.98 2.65
CA GLU F 294 -19.05 17.33 1.82
C GLU F 294 -18.62 18.23 0.67
N SER F 295 -19.59 18.88 0.02
CA SER F 295 -19.27 19.69 -1.15
C SER F 295 -18.42 20.91 -0.77
N VAL F 296 -18.92 21.74 0.15
CA VAL F 296 -18.20 22.95 0.52
C VAL F 296 -16.83 22.59 1.07
N GLU F 297 -16.74 21.50 1.83
CA GLU F 297 -15.46 21.04 2.33
C GLU F 297 -14.52 20.68 1.19
N LYS F 298 -15.03 19.93 0.21
CA LYS F 298 -14.22 19.55 -0.94
C LYS F 298 -13.68 20.79 -1.66
N ALA F 299 -14.52 21.80 -1.84
CA ALA F 299 -14.08 23.02 -2.50
C ALA F 299 -13.01 23.75 -1.69
N LEU F 300 -13.22 23.85 -0.37
CA LEU F 300 -12.25 24.55 0.48
C LEU F 300 -10.90 23.84 0.44
N ILE F 301 -10.89 22.51 0.51
CA ILE F 301 -9.63 21.78 0.43
C ILE F 301 -8.99 21.96 -0.93
N GLU F 302 -9.79 21.89 -2.00
CA GLU F 302 -9.25 22.13 -3.33
C GLU F 302 -8.57 23.48 -3.41
N GLN F 303 -9.16 24.51 -2.81
CA GLN F 303 -8.59 25.84 -2.89
C GLN F 303 -7.29 25.95 -2.09
N GLY F 304 -7.12 25.13 -1.06
CA GLY F 304 -5.88 25.12 -0.31
C GLY F 304 -6.02 25.45 1.17
N ILE F 305 -7.25 25.55 1.65
CA ILE F 305 -7.50 25.80 3.07
C ILE F 305 -7.31 24.50 3.84
N ASN F 306 -6.58 24.58 4.95
CA ASN F 306 -6.36 23.43 5.82
C ASN F 306 -7.51 23.33 6.83
N LEU F 307 -8.04 22.13 7.00
CA LEU F 307 -9.14 21.88 7.92
C LEU F 307 -8.70 20.94 9.02
N VAL F 308 -9.19 21.18 10.24
CA VAL F 308 -8.90 20.32 11.39
C VAL F 308 -10.24 20.08 12.09
N LYS F 309 -10.88 18.98 11.76
CA LYS F 309 -12.20 18.66 12.29
C LYS F 309 -12.08 17.68 13.45
N GLY F 310 -13.16 17.59 14.23
CA GLY F 310 -13.19 16.67 15.35
C GLY F 310 -12.13 16.96 16.39
N ALA F 311 -11.66 18.20 16.47
CA ALA F 311 -10.59 18.54 17.38
C ALA F 311 -11.15 18.83 18.77
N THR F 312 -10.39 18.42 19.79
CA THR F 312 -10.71 18.73 21.17
C THR F 312 -9.72 19.78 21.66
N PHE F 313 -10.24 20.96 21.99
CA PHE F 313 -9.39 22.09 22.34
C PHE F 313 -9.02 22.01 23.82
N GLU F 314 -7.72 21.90 24.09
CA GLU F 314 -7.18 21.75 25.44
C GLU F 314 -6.53 23.04 25.95
N ARG F 315 -5.59 23.58 25.21
CA ARG F 315 -4.92 24.81 25.62
C ARG F 315 -4.32 25.48 24.40
N VAL F 316 -4.08 26.79 24.53
CA VAL F 316 -3.40 27.57 23.50
C VAL F 316 -2.45 28.54 24.19
N GLU F 317 -1.29 28.77 23.57
CA GLU F 317 -0.24 29.60 24.13
C GLU F 317 0.19 30.62 23.08
N GLN F 318 0.96 31.59 23.54
CA GLN F 318 1.48 32.65 22.68
C GLN F 318 2.89 32.96 23.12
N SER F 319 3.76 33.28 22.16
CA SER F 319 5.17 33.54 22.43
C SER F 319 5.63 34.70 21.58
N GLY F 320 5.83 35.86 22.20
CA GLY F 320 6.41 36.99 21.51
C GLY F 320 5.60 37.49 20.34
N GLU F 321 4.27 37.40 20.42
CA GLU F 321 3.38 37.94 19.38
C GLU F 321 3.68 37.35 18.01
N ILE F 322 4.26 36.14 17.97
CA ILE F 322 4.63 35.52 16.71
C ILE F 322 4.44 34.00 16.82
N LYS F 323 3.59 33.56 17.74
CA LYS F 323 3.40 32.14 17.94
C LYS F 323 2.02 31.87 18.53
N ARG F 324 1.44 30.74 18.13
CA ARG F 324 0.12 30.33 18.59
C ARG F 324 0.13 28.85 18.97
N VAL F 325 -1.03 28.27 19.28
CA VAL F 325 -1.06 26.87 19.67
C VAL F 325 -2.37 26.21 19.26
N TYR F 326 -2.50 24.92 19.55
CA TYR F 326 -3.68 24.16 19.19
C TYR F 326 -3.79 22.99 20.17
N VAL F 327 -4.52 21.94 19.79
CA VAL F 327 -4.81 20.85 20.71
C VAL F 327 -5.01 19.53 19.98
N THR F 328 -5.36 18.49 20.76
CA THR F 328 -5.46 17.12 20.26
C THR F 328 -6.59 16.95 19.26
N VAL F 329 -6.47 15.91 18.43
CA VAL F 329 -7.46 15.56 17.43
C VAL F 329 -7.33 14.07 17.11
N ASN F 330 -8.43 13.34 17.21
CA ASN F 330 -8.47 11.92 16.86
C ASN F 330 -7.49 11.11 17.71
N GLY F 331 -7.20 11.57 18.93
CA GLY F 331 -6.34 10.85 19.84
C GLY F 331 -4.85 11.14 19.70
N SER F 332 -4.47 12.21 19.01
CA SER F 332 -3.07 12.55 18.81
C SER F 332 -2.88 14.05 19.04
N ARG F 333 -2.14 14.39 20.09
CA ARG F 333 -1.86 15.79 20.41
C ARG F 333 -1.09 16.48 19.28
N GLU F 334 -1.72 17.46 18.62
CA GLU F 334 -1.07 18.23 17.56
C GLU F 334 -1.21 19.71 17.88
N VAL F 335 -0.34 20.51 17.26
CA VAL F 335 -0.28 21.96 17.49
C VAL F 335 -0.18 22.66 16.15
N ILE F 336 -0.86 23.80 16.03
CA ILE F 336 -0.84 24.64 14.84
C ILE F 336 -0.35 26.01 15.26
N GLU F 337 0.90 26.34 14.91
CA GLU F 337 1.43 27.67 15.16
C GLU F 337 0.94 28.61 14.07
N SER F 338 0.64 29.84 14.47
CA SER F 338 0.06 30.82 13.54
C SER F 338 0.58 32.21 13.87
N ASP F 339 0.40 33.11 12.91
CA ASP F 339 0.70 34.52 13.10
C ASP F 339 -0.50 35.30 13.60
N GLN F 340 -1.71 34.84 13.29
CA GLN F 340 -2.92 35.45 13.82
C GLN F 340 -3.93 34.38 14.18
N LEU F 341 -4.81 34.71 15.13
CA LEU F 341 -5.86 33.81 15.59
C LEU F 341 -7.20 34.52 15.54
N LEU F 342 -8.17 33.93 14.85
CA LEU F 342 -9.52 34.44 14.76
C LEU F 342 -10.45 33.55 15.57
N VAL F 343 -11.34 34.17 16.34
CA VAL F 343 -12.31 33.47 17.18
C VAL F 343 -13.69 33.70 16.58
N ALA F 344 -14.31 32.63 16.10
CA ALA F 344 -15.66 32.67 15.53
C ALA F 344 -16.53 31.60 16.15
N THR F 345 -16.48 31.50 17.49
CA THR F 345 -17.27 30.48 18.18
C THR F 345 -18.76 30.72 17.99
N GLY F 346 -19.24 31.87 18.44
CA GLY F 346 -20.64 32.20 18.31
C GLY F 346 -20.86 33.67 18.54
N ARG F 347 -22.10 34.01 18.86
CA ARG F 347 -22.47 35.40 19.14
C ARG F 347 -23.46 35.40 20.29
N LYS F 348 -23.06 36.05 21.39
CA LYS F 348 -23.88 36.10 22.59
C LYS F 348 -24.80 37.33 22.55
N PRO F 349 -26.07 37.19 22.91
CA PRO F 349 -26.94 38.37 23.02
C PRO F 349 -26.42 39.34 24.07
N ASN F 350 -26.66 40.62 23.82
CA ASN F 350 -26.22 41.68 24.74
C ASN F 350 -27.34 41.98 25.74
N THR F 351 -27.54 41.03 26.65
CA THR F 351 -28.56 41.14 27.69
C THR F 351 -27.96 41.32 29.08
N ASP F 352 -26.64 41.24 29.21
CA ASP F 352 -26.02 41.32 30.53
C ASP F 352 -26.17 42.72 31.13
N SER F 353 -25.78 43.74 30.36
CA SER F 353 -25.78 45.11 30.87
C SER F 353 -27.18 45.72 30.98
N LEU F 354 -28.22 44.98 30.62
CA LEU F 354 -29.57 45.52 30.63
C LEU F 354 -30.26 45.42 31.98
N ASN F 355 -29.83 44.49 32.84
CA ASN F 355 -30.50 44.24 34.11
C ASN F 355 -31.97 43.91 33.86
N LEU F 356 -32.19 42.97 32.94
CA LEU F 356 -33.55 42.60 32.56
C LEU F 356 -34.37 42.11 33.74
N SER F 357 -33.71 41.54 34.75
CA SER F 357 -34.42 41.08 35.94
C SER F 357 -35.08 42.23 36.69
N ALA F 358 -34.60 43.46 36.51
CA ALA F 358 -35.20 44.64 37.13
C ALA F 358 -36.46 45.10 36.41
N ALA F 359 -36.74 44.57 35.22
CA ALA F 359 -37.94 44.92 34.48
C ALA F 359 -38.86 43.73 34.25
N GLY F 360 -38.50 42.56 34.75
CA GLY F 360 -39.31 41.37 34.58
C GLY F 360 -39.32 40.86 33.15
N VAL F 361 -38.13 40.71 32.56
CA VAL F 361 -37.98 40.19 31.21
C VAL F 361 -37.22 38.88 31.31
N GLU F 362 -37.82 37.81 30.82
CA GLU F 362 -37.24 36.48 30.95
C GLU F 362 -36.07 36.31 30.00
N THR F 363 -35.10 35.53 30.44
CA THR F 363 -33.94 35.17 29.62
C THR F 363 -33.88 33.66 29.46
N GLY F 364 -33.37 33.23 28.31
CA GLY F 364 -33.36 31.81 27.96
C GLY F 364 -32.08 31.12 28.40
N LYS F 365 -32.01 29.83 28.07
CA LYS F 365 -30.87 29.01 28.49
C LYS F 365 -29.56 29.53 27.90
N ASN F 366 -29.62 30.18 26.74
CA ASN F 366 -28.44 30.73 26.08
C ASN F 366 -28.34 32.24 26.24
N ASN F 367 -28.94 32.81 27.29
CA ASN F 367 -28.78 34.21 27.63
C ASN F 367 -29.54 35.14 26.68
N GLU F 368 -30.52 34.61 25.95
CA GLU F 368 -31.28 35.42 25.01
C GLU F 368 -32.54 35.98 25.67
N ILE F 369 -33.31 36.73 24.90
CA ILE F 369 -34.61 37.25 25.33
C ILE F 369 -35.69 36.42 24.67
N LEU F 370 -36.65 35.95 25.47
CA LEU F 370 -37.76 35.16 24.94
C LEU F 370 -38.89 36.07 24.52
N ILE F 371 -39.48 35.77 23.36
CA ILE F 371 -40.60 36.51 22.83
C ILE F 371 -41.67 35.54 22.36
N ASN F 372 -42.89 36.04 22.27
CA ASN F 372 -44.02 35.27 21.76
C ASN F 372 -44.09 35.43 20.24
N ASP F 373 -45.20 35.01 19.64
CA ASP F 373 -45.38 35.16 18.20
C ASP F 373 -45.46 36.62 17.77
N PHE F 374 -45.76 37.53 18.71
CA PHE F 374 -45.85 38.95 18.41
C PHE F 374 -44.59 39.71 18.77
N GLY F 375 -43.55 39.03 19.25
CA GLY F 375 -42.34 39.72 19.68
C GLY F 375 -42.42 40.31 21.07
N GLN F 376 -43.42 39.91 21.86
CA GLN F 376 -43.65 40.48 23.17
C GLN F 376 -42.94 39.66 24.24
N THR F 377 -42.23 40.34 25.14
CA THR F 377 -41.52 39.68 26.22
C THR F 377 -42.50 39.36 27.35
N SER F 378 -41.99 38.87 28.48
CA SER F 378 -42.84 38.62 29.63
C SER F 378 -43.47 39.91 30.14
N ASN F 379 -42.85 41.05 29.89
CA ASN F 379 -43.45 42.34 30.21
C ASN F 379 -44.35 42.77 29.05
N GLU F 380 -45.60 43.07 29.36
CA GLU F 380 -46.60 43.29 28.31
C GLU F 380 -46.21 44.42 27.37
N LYS F 381 -45.48 45.43 27.89
CA LYS F 381 -45.13 46.61 27.12
C LYS F 381 -43.64 46.69 26.80
N ILE F 382 -42.96 45.54 26.76
CA ILE F 382 -41.57 45.47 26.33
C ILE F 382 -41.47 44.38 25.27
N TYR F 383 -41.00 44.75 24.08
CA TYR F 383 -40.78 43.83 22.97
C TYR F 383 -39.29 43.71 22.69
N ALA F 384 -38.93 42.67 21.93
CA ALA F 384 -37.54 42.43 21.55
C ALA F 384 -37.50 41.89 20.13
N ALA F 385 -36.41 42.18 19.42
CA ALA F 385 -36.26 41.75 18.04
C ALA F 385 -34.79 41.79 17.64
N GLY F 386 -34.44 40.93 16.69
CA GLY F 386 -33.08 40.89 16.17
C GLY F 386 -32.27 39.70 16.64
N ASP F 387 -30.95 39.87 16.70
CA ASP F 387 -30.07 38.81 17.15
C ASP F 387 -30.23 38.54 18.64
N VAL F 388 -30.65 39.55 19.40
CA VAL F 388 -30.86 39.39 20.84
C VAL F 388 -31.85 38.27 21.13
N THR F 389 -32.88 38.12 20.28
CA THR F 389 -33.80 37.00 20.40
C THR F 389 -33.18 35.66 20.03
N LEU F 390 -31.92 35.65 19.58
CA LEU F 390 -31.25 34.42 19.16
C LEU F 390 -32.06 33.67 18.11
N GLY F 391 -32.85 34.39 17.32
CA GLY F 391 -33.53 33.78 16.20
C GLY F 391 -32.53 33.61 15.07
N PRO F 392 -33.02 33.40 13.84
CA PRO F 392 -32.10 33.39 12.70
C PRO F 392 -31.30 34.68 12.65
N GLN F 393 -29.99 34.60 12.89
CA GLN F 393 -29.19 35.81 13.07
C GLN F 393 -28.77 36.35 11.70
N PHE F 394 -29.74 37.01 11.06
CA PHE F 394 -29.55 37.66 9.77
C PHE F 394 -30.15 39.05 9.84
N VAL F 395 -29.66 39.94 8.97
CA VAL F 395 -30.09 41.33 9.02
C VAL F 395 -31.52 41.47 8.51
N TYR F 396 -31.88 40.74 7.44
CA TYR F 396 -33.23 40.85 6.91
C TYR F 396 -34.26 40.36 7.92
N VAL F 397 -33.92 39.31 8.67
CA VAL F 397 -34.80 38.87 9.75
C VAL F 397 -34.90 39.93 10.82
N ALA F 398 -33.81 40.65 11.06
CA ALA F 398 -33.85 41.71 12.07
C ALA F 398 -34.77 42.83 11.65
N ALA F 399 -34.67 43.29 10.40
CA ALA F 399 -35.55 44.35 9.92
C ALA F 399 -37.01 43.90 9.91
N TYR F 400 -37.28 42.70 9.37
CA TYR F 400 -38.64 42.18 9.39
C TYR F 400 -39.18 42.18 10.81
N GLU F 401 -38.45 41.58 11.75
CA GLU F 401 -38.90 41.55 13.14
C GLU F 401 -39.14 42.95 13.67
N GLY F 402 -38.27 43.90 13.32
CA GLY F 402 -38.48 45.27 13.76
C GLY F 402 -39.82 45.82 13.30
N GLY F 403 -40.10 45.69 12.00
CA GLY F 403 -41.37 46.18 11.50
C GLY F 403 -42.56 45.53 12.17
N ILE F 404 -42.55 44.19 12.26
CA ILE F 404 -43.67 43.49 12.88
C ILE F 404 -43.85 43.95 14.32
N ILE F 405 -42.76 43.96 15.09
CA ILE F 405 -42.84 44.39 16.48
C ILE F 405 -43.47 45.78 16.57
N THR F 406 -43.04 46.69 15.71
CA THR F 406 -43.65 48.02 15.73
C THR F 406 -45.16 47.94 15.47
N ASP F 407 -45.57 47.11 14.50
CA ASP F 407 -46.99 46.96 14.23
C ASP F 407 -47.74 46.47 15.46
N ASN F 408 -47.13 45.57 16.23
CA ASN F 408 -47.81 45.01 17.40
C ASN F 408 -47.88 46.04 18.53
N ALA F 409 -46.72 46.59 18.92
CA ALA F 409 -46.68 47.53 20.04
C ALA F 409 -47.43 48.81 19.72
N ILE F 410 -47.15 49.41 18.57
CA ILE F 410 -47.82 50.61 18.11
C ILE F 410 -48.78 50.21 16.99
N GLY F 411 -50.03 50.62 17.10
CA GLY F 411 -51.04 50.25 16.14
C GLY F 411 -51.86 49.02 16.52
N GLY F 412 -51.42 48.25 17.51
CA GLY F 412 -52.22 47.18 18.05
C GLY F 412 -52.36 45.96 17.16
N LEU F 413 -52.03 46.12 15.88
CA LEU F 413 -52.14 45.02 14.93
C LEU F 413 -51.39 43.79 15.44
N ASN F 414 -52.14 42.71 15.67
CA ASN F 414 -51.56 41.46 16.18
C ASN F 414 -51.11 40.60 15.01
N LYS F 415 -49.95 40.97 14.46
CA LYS F 415 -49.33 40.23 13.36
C LYS F 415 -48.23 39.33 13.93
N LYS F 416 -48.22 38.08 13.49
CA LYS F 416 -47.23 37.13 13.96
C LYS F 416 -45.95 37.22 13.15
N ILE F 417 -44.85 36.83 13.76
CA ILE F 417 -43.55 36.80 13.10
C ILE F 417 -43.44 35.47 12.38
N ASP F 418 -43.50 35.51 11.06
CA ASP F 418 -43.43 34.30 10.23
C ASP F 418 -42.00 34.13 9.76
N LEU F 419 -41.29 33.17 10.36
CA LEU F 419 -39.92 32.85 9.96
C LEU F 419 -39.83 31.44 9.38
N SER F 420 -40.94 30.94 8.83
CA SER F 420 -40.97 29.58 8.30
C SER F 420 -40.10 29.42 7.05
N VAL F 421 -39.79 30.52 6.37
CA VAL F 421 -38.98 30.46 5.15
C VAL F 421 -37.97 31.61 5.17
N VAL F 422 -36.78 31.34 5.71
CA VAL F 422 -35.72 32.32 5.80
C VAL F 422 -34.54 31.79 4.98
N PRO F 423 -34.05 32.53 3.98
CA PRO F 423 -32.87 32.08 3.25
C PRO F 423 -31.59 32.39 4.01
N ALA F 424 -30.56 31.58 3.76
CA ALA F 424 -29.25 31.74 4.38
C ALA F 424 -28.18 31.64 3.30
N VAL F 425 -27.21 32.55 3.35
CA VAL F 425 -26.16 32.62 2.35
C VAL F 425 -24.82 32.76 3.06
N THR F 426 -23.90 31.84 2.76
CA THR F 426 -22.49 31.95 3.11
C THR F 426 -21.74 32.35 1.84
N PHE F 427 -21.23 33.58 1.82
CA PHE F 427 -20.71 34.20 0.60
C PHE F 427 -19.30 33.76 0.23
N THR F 428 -18.94 32.54 0.58
CA THR F 428 -17.70 31.99 0.04
C THR F 428 -17.87 31.70 -1.45
N ASN F 429 -16.78 31.31 -2.10
CA ASN F 429 -16.87 30.85 -3.48
C ASN F 429 -16.27 29.46 -3.57
N PRO F 430 -17.11 28.44 -3.83
CA PRO F 430 -18.56 28.50 -4.10
C PRO F 430 -19.40 28.95 -2.91
N THR F 431 -20.46 29.70 -3.19
CA THR F 431 -21.36 30.17 -2.16
C THR F 431 -22.25 29.03 -1.67
N VAL F 432 -22.54 29.02 -0.37
CA VAL F 432 -23.50 28.08 0.20
C VAL F 432 -24.81 28.83 0.39
N ALA F 433 -25.92 28.14 0.12
CA ALA F 433 -27.22 28.82 0.16
C ALA F 433 -28.31 27.80 0.49
N THR F 434 -29.12 28.11 1.50
CA THR F 434 -30.17 27.21 1.96
C THR F 434 -31.46 27.98 2.15
N VAL F 435 -32.58 27.30 1.88
CA VAL F 435 -33.89 27.84 2.20
C VAL F 435 -34.83 26.67 2.48
N GLY F 436 -35.62 26.80 3.54
CA GLY F 436 -36.56 25.74 3.88
C GLY F 436 -35.92 24.64 4.70
N LEU F 437 -36.54 23.46 4.62
CA LEU F 437 -36.16 22.34 5.46
C LEU F 437 -35.09 21.49 4.79
N THR F 438 -34.23 20.89 5.62
CA THR F 438 -33.29 19.90 5.14
C THR F 438 -34.01 18.55 5.00
N GLU F 439 -33.26 17.53 4.61
CA GLU F 439 -33.86 16.20 4.55
C GLU F 439 -34.20 15.70 5.95
N GLU F 440 -33.23 15.75 6.85
CA GLU F 440 -33.49 15.30 8.22
C GLU F 440 -34.56 16.16 8.88
N GLN F 441 -34.56 17.47 8.60
CA GLN F 441 -35.56 18.36 9.19
C GLN F 441 -36.96 18.03 8.66
N ALA F 442 -37.07 17.79 7.36
CA ALA F 442 -38.38 17.45 6.79
C ALA F 442 -38.86 16.12 7.32
N LYS F 443 -37.95 15.17 7.55
CA LYS F 443 -38.33 13.90 8.16
C LYS F 443 -38.82 14.11 9.59
N GLU F 444 -38.13 14.94 10.36
CA GLU F 444 -38.56 15.19 11.74
C GLU F 444 -39.92 15.87 11.78
N LYS F 445 -40.15 16.83 10.88
CA LYS F 445 -41.45 17.49 10.83
C LYS F 445 -42.57 16.50 10.53
N GLY F 446 -42.25 15.35 9.92
CA GLY F 446 -43.23 14.32 9.64
C GLY F 446 -43.52 14.08 8.17
N TYR F 447 -42.86 14.79 7.26
CA TYR F 447 -43.12 14.61 5.83
C TYR F 447 -42.64 13.25 5.36
N ASP F 448 -43.22 12.80 4.25
CA ASP F 448 -42.70 11.66 3.49
C ASP F 448 -41.79 12.23 2.41
N VAL F 449 -40.51 12.30 2.71
CA VAL F 449 -39.58 13.10 1.92
C VAL F 449 -39.15 12.34 0.66
N LYS F 450 -38.86 13.11 -0.38
CA LYS F 450 -38.30 12.61 -1.64
C LYS F 450 -37.22 13.59 -2.06
N THR F 451 -35.98 13.10 -2.15
CA THR F 451 -34.82 13.95 -2.37
C THR F 451 -34.23 13.73 -3.75
N SER F 452 -33.60 14.77 -4.29
CA SER F 452 -32.87 14.68 -5.56
C SER F 452 -31.59 15.49 -5.45
N VAL F 453 -30.45 14.84 -5.68
CA VAL F 453 -29.14 15.48 -5.59
C VAL F 453 -28.54 15.55 -6.99
N LEU F 454 -28.04 16.73 -7.36
CA LEU F 454 -27.47 16.98 -8.68
C LEU F 454 -26.04 17.48 -8.53
N PRO F 455 -25.04 16.83 -9.11
CA PRO F 455 -23.68 17.35 -9.03
C PRO F 455 -23.52 18.60 -9.88
N LEU F 456 -22.62 19.48 -9.45
CA LEU F 456 -22.46 20.75 -10.16
C LEU F 456 -21.88 20.55 -11.55
N ASP F 457 -21.09 19.49 -11.75
CA ASP F 457 -20.54 19.21 -13.07
C ASP F 457 -21.59 18.87 -14.11
N ALA F 458 -22.86 18.78 -13.72
CA ALA F 458 -23.95 18.59 -14.66
C ALA F 458 -24.62 19.89 -15.06
N VAL F 459 -24.30 21.00 -14.41
CA VAL F 459 -24.89 22.29 -14.74
C VAL F 459 -24.06 22.92 -15.84
N PRO F 460 -24.65 23.31 -16.98
CA PRO F 460 -23.81 23.91 -18.04
C PRO F 460 -23.04 25.13 -17.60
N ARG F 461 -23.66 26.04 -16.85
CA ARG F 461 -22.97 27.26 -16.46
C ARG F 461 -21.72 26.97 -15.65
N ALA F 462 -21.80 26.00 -14.74
CA ALA F 462 -20.61 25.61 -13.99
C ALA F 462 -19.54 25.06 -14.92
N ILE F 463 -19.95 24.43 -16.03
CA ILE F 463 -19.00 23.81 -16.94
C ILE F 463 -18.26 24.88 -17.74
N VAL F 464 -19.01 25.78 -18.37
CA VAL F 464 -18.37 26.84 -19.15
C VAL F 464 -17.47 27.69 -18.25
N ASN F 465 -17.82 27.81 -16.98
CA ASN F 465 -16.96 28.51 -16.03
C ASN F 465 -15.73 27.70 -15.65
N ARG F 466 -15.69 26.42 -16.02
CA ARG F 466 -14.56 25.55 -15.70
C ARG F 466 -14.36 25.44 -14.18
N GLU F 467 -15.46 25.53 -13.43
CA GLU F 467 -15.48 25.32 -11.99
C GLU F 467 -16.75 24.55 -11.65
N THR F 468 -16.62 23.30 -11.24
CA THR F 468 -17.76 22.41 -11.09
C THR F 468 -17.74 21.67 -9.77
N THR F 469 -17.35 22.34 -8.69
CA THR F 469 -17.34 21.75 -7.36
C THR F 469 -18.53 22.32 -6.59
N GLY F 470 -19.60 21.55 -6.51
CA GLY F 470 -20.81 22.01 -5.85
C GLY F 470 -21.89 20.95 -5.91
N VAL F 471 -23.12 21.37 -5.62
CA VAL F 471 -24.26 20.46 -5.63
C VAL F 471 -25.58 21.22 -5.52
N PHE F 472 -26.63 20.66 -6.10
CA PHE F 472 -28.00 21.15 -5.97
C PHE F 472 -28.83 20.06 -5.33
N LYS F 473 -29.28 20.28 -4.10
CA LYS F 473 -30.12 19.33 -3.39
C LYS F 473 -31.55 19.85 -3.32
N LEU F 474 -32.50 18.98 -3.62
CA LEU F 474 -33.91 19.34 -3.66
C LEU F 474 -34.68 18.38 -2.78
N VAL F 475 -35.30 18.91 -1.72
CA VAL F 475 -36.08 18.12 -0.76
C VAL F 475 -37.55 18.44 -1.01
N ALA F 476 -38.33 17.41 -1.32
CA ALA F 476 -39.73 17.56 -1.68
C ALA F 476 -40.58 16.61 -0.86
N ASP F 477 -41.89 16.82 -0.95
CA ASP F 477 -42.87 15.94 -0.32
C ASP F 477 -43.32 14.90 -1.33
N ALA F 478 -43.07 13.63 -1.03
CA ALA F 478 -43.40 12.56 -1.96
C ALA F 478 -44.89 12.53 -2.28
N GLU F 479 -45.74 12.96 -1.35
CA GLU F 479 -47.18 12.89 -1.55
C GLU F 479 -47.65 14.00 -2.50
N THR F 480 -47.41 15.26 -2.13
CA THR F 480 -47.90 16.39 -2.90
C THR F 480 -46.86 16.94 -3.87
N LEU F 481 -45.62 16.46 -3.83
CA LEU F 481 -44.54 16.91 -4.70
C LEU F 481 -44.13 18.35 -4.45
N LYS F 482 -44.62 18.98 -3.38
CA LYS F 482 -44.28 20.37 -3.09
C LYS F 482 -42.84 20.49 -2.62
N VAL F 483 -42.19 21.58 -3.03
CA VAL F 483 -40.80 21.82 -2.64
C VAL F 483 -40.77 22.27 -1.18
N LEU F 484 -40.05 21.52 -0.35
CA LEU F 484 -39.92 21.82 1.06
C LEU F 484 -38.63 22.54 1.42
N GLY F 485 -37.59 22.35 0.62
CA GLY F 485 -36.31 22.98 0.87
C GLY F 485 -35.35 22.88 -0.29
N VAL F 486 -34.47 23.86 -0.43
CA VAL F 486 -33.44 23.88 -1.46
C VAL F 486 -32.10 24.20 -0.81
N HIS F 487 -31.06 23.50 -1.25
CA HIS F 487 -29.73 23.63 -0.67
C HIS F 487 -28.70 23.55 -1.79
N ILE F 488 -27.93 24.62 -1.97
CA ILE F 488 -27.07 24.79 -3.12
C ILE F 488 -25.67 25.14 -2.66
N VAL F 489 -24.67 24.61 -3.35
CA VAL F 489 -23.28 25.02 -3.19
C VAL F 489 -22.79 25.34 -4.60
N SER F 490 -22.72 26.62 -4.93
CA SER F 490 -22.34 27.04 -6.27
C SER F 490 -22.05 28.53 -6.26
N GLU F 491 -21.43 29.00 -7.35
CA GLU F 491 -21.12 30.41 -7.48
C GLU F 491 -22.40 31.23 -7.54
N ASN F 492 -22.39 32.37 -6.87
CA ASN F 492 -23.53 33.29 -6.79
C ASN F 492 -24.84 32.52 -6.63
N ALA F 493 -24.84 31.57 -5.69
CA ALA F 493 -26.04 30.82 -5.38
C ALA F 493 -27.04 31.64 -4.57
N GLY F 494 -26.60 32.74 -3.96
CA GLY F 494 -27.52 33.57 -3.21
C GLY F 494 -28.62 34.16 -4.08
N ASP F 495 -28.35 34.35 -5.37
CA ASP F 495 -29.37 34.82 -6.29
C ASP F 495 -30.32 33.72 -6.69
N VAL F 496 -29.91 32.46 -6.60
CA VAL F 496 -30.75 31.36 -7.03
C VAL F 496 -31.78 31.02 -5.97
N ILE F 497 -31.36 30.96 -4.70
CA ILE F 497 -32.27 30.53 -3.64
C ILE F 497 -33.46 31.45 -3.49
N TYR F 498 -33.35 32.69 -3.96
CA TYR F 498 -34.53 33.55 -3.97
C TYR F 498 -35.65 32.89 -4.76
N ALA F 499 -35.36 32.47 -5.99
CA ALA F 499 -36.32 31.65 -6.73
C ALA F 499 -36.79 30.49 -5.87
N ALA F 500 -35.85 29.76 -5.28
CA ALA F 500 -36.21 28.64 -4.41
C ALA F 500 -37.15 29.11 -3.31
N SER F 501 -36.86 30.27 -2.70
CA SER F 501 -37.75 30.80 -1.68
C SER F 501 -39.16 30.95 -2.24
N LEU F 502 -39.29 31.59 -3.40
CA LEU F 502 -40.61 31.75 -4.00
C LEU F 502 -41.29 30.39 -4.16
N ALA F 503 -40.51 29.35 -4.50
CA ALA F 503 -41.08 28.03 -4.67
C ALA F 503 -41.54 27.45 -3.34
N VAL F 504 -40.78 27.70 -2.28
CA VAL F 504 -41.10 27.11 -0.97
C VAL F 504 -42.28 27.83 -0.34
N LYS F 505 -42.22 29.17 -0.30
CA LYS F 505 -43.27 29.94 0.37
C LYS F 505 -44.62 29.73 -0.31
N PHE F 506 -44.64 29.78 -1.65
CA PHE F 506 -45.88 29.68 -2.41
C PHE F 506 -46.16 28.27 -2.90
N GLY F 507 -45.53 27.28 -2.28
CA GLY F 507 -45.90 25.88 -2.50
C GLY F 507 -45.85 25.40 -3.92
N LEU F 508 -44.81 25.76 -4.66
CA LEU F 508 -44.63 25.21 -5.99
C LEU F 508 -44.10 23.78 -5.91
N THR F 509 -44.52 22.96 -6.87
CA THR F 509 -44.12 21.57 -6.95
C THR F 509 -42.94 21.41 -7.90
N VAL F 510 -42.28 20.27 -7.82
CA VAL F 510 -41.20 19.97 -8.76
C VAL F 510 -41.73 20.01 -10.17
N GLU F 511 -42.96 19.53 -10.37
CA GLU F 511 -43.59 19.61 -11.69
C GLU F 511 -43.64 21.05 -12.18
N ASP F 512 -43.96 21.99 -11.30
CA ASP F 512 -43.93 23.39 -11.68
C ASP F 512 -42.54 23.81 -12.13
N LEU F 513 -41.51 23.36 -11.42
CA LEU F 513 -40.15 23.73 -11.77
C LEU F 513 -39.74 23.15 -13.12
N THR F 514 -40.30 22.01 -13.51
CA THR F 514 -40.03 21.45 -14.83
C THR F 514 -40.82 22.15 -15.92
N GLU F 515 -42.02 22.65 -15.59
CA GLU F 515 -42.83 23.35 -16.58
C GLU F 515 -42.22 24.69 -16.98
N THR F 516 -41.55 25.36 -16.04
CA THR F 516 -40.98 26.67 -16.32
C THR F 516 -39.74 26.56 -17.20
N LEU F 517 -39.62 27.48 -18.15
CA LEU F 517 -38.44 27.53 -18.99
C LEU F 517 -37.31 28.25 -18.25
N ALA F 518 -36.13 27.63 -18.23
CA ALA F 518 -34.99 28.19 -17.53
C ALA F 518 -33.96 28.72 -18.53
N PRO F 519 -33.35 29.88 -18.24
CA PRO F 519 -32.31 30.39 -19.16
C PRO F 519 -31.10 29.47 -19.17
N TYR F 520 -30.64 29.14 -20.39
CA TYR F 520 -29.51 28.24 -20.54
C TYR F 520 -28.22 28.92 -20.10
N LEU F 521 -27.33 28.12 -19.51
CA LEU F 521 -26.03 28.61 -19.07
C LEU F 521 -26.19 29.70 -17.99
N THR F 522 -27.14 29.48 -17.09
CA THR F 522 -27.25 30.23 -15.85
C THR F 522 -27.25 29.22 -14.70
N MET F 523 -26.86 29.69 -13.52
CA MET F 523 -26.82 28.79 -12.37
C MET F 523 -28.23 28.44 -11.90
N ALA F 524 -29.18 29.35 -12.08
CA ALA F 524 -30.57 29.04 -11.74
C ALA F 524 -31.05 27.79 -12.49
N GLU F 525 -30.56 27.57 -13.71
CA GLU F 525 -30.92 26.38 -14.45
C GLU F 525 -30.72 25.12 -13.60
N GLY F 526 -29.72 25.13 -12.73
CA GLY F 526 -29.50 23.98 -11.85
C GLY F 526 -30.77 23.52 -11.18
N LEU F 527 -31.55 24.47 -10.63
CA LEU F 527 -32.82 24.13 -10.02
C LEU F 527 -33.63 23.21 -10.93
N LYS F 528 -33.88 23.66 -12.17
CA LYS F 528 -34.64 22.83 -13.11
C LYS F 528 -34.00 21.46 -13.27
N LEU F 529 -32.67 21.43 -13.44
CA LEU F 529 -31.98 20.16 -13.61
C LEU F 529 -32.14 19.26 -12.38
N ALA F 530 -32.29 19.86 -11.20
CA ALA F 530 -32.57 19.07 -10.01
C ALA F 530 -34.00 18.56 -10.00
N ALA F 531 -34.94 19.37 -10.51
CA ALA F 531 -36.33 18.94 -10.59
C ALA F 531 -36.51 17.81 -11.59
N LEU F 532 -35.62 17.67 -12.55
CA LEU F 532 -35.67 16.58 -13.52
C LEU F 532 -34.90 15.36 -13.00
N THR F 533 -35.20 14.96 -11.77
CA THR F 533 -34.57 13.80 -11.17
C THR F 533 -35.54 13.14 -10.19
N PHE F 534 -36.75 12.83 -10.68
CA PHE F 534 -37.77 12.19 -9.88
C PHE F 534 -38.41 11.09 -10.71
N ASP F 535 -38.38 9.87 -10.18
CA ASP F 535 -38.88 8.70 -10.91
C ASP F 535 -40.38 8.50 -10.66
PA FAD G . 33.61 0.53 -8.05
O1A FAD G . 32.45 -0.43 -8.02
O2A FAD G . 33.31 1.78 -7.25
O5B FAD G . 34.90 -0.19 -7.40
C5B FAD G . 35.99 0.59 -6.92
C4B FAD G . 36.80 -0.25 -5.95
O4B FAD G . 38.19 0.04 -6.11
C3B FAD G . 36.47 -0.01 -4.47
O3B FAD G . 35.97 -1.21 -3.89
C2B FAD G . 37.78 0.40 -3.84
O2B FAD G . 37.96 -0.24 -2.57
C1B FAD G . 38.84 -0.03 -4.84
N9A FAD G . 40.04 0.83 -4.83
C8A FAD G . 40.05 2.16 -5.01
N7A FAD G . 41.31 2.64 -4.95
C5A FAD G . 42.14 1.61 -4.72
C6A FAD G . 43.59 1.43 -4.55
N6A FAD G . 44.43 2.49 -4.61
N1A FAD G . 44.06 0.19 -4.33
C2A FAD G . 43.22 -0.87 -4.26
N3A FAD G . 41.90 -0.78 -4.42
C4A FAD G . 41.30 0.42 -4.64
N1 FAD G . 25.07 2.49 -11.56
C2 FAD G . 24.08 1.89 -12.29
O2 FAD G . 24.39 1.28 -13.33
N3 FAD G . 22.78 1.93 -11.93
C4 FAD G . 22.37 2.56 -10.83
O4 FAD G . 21.18 2.60 -10.50
C4X FAD G . 23.39 3.23 -9.98
N5 FAD G . 23.05 3.89 -8.86
C5X FAD G . 23.99 4.50 -8.10
C6 FAD G . 23.57 5.16 -6.95
C7 FAD G . 24.48 5.79 -6.14
C7M FAD G . 24.01 6.50 -4.90
C8 FAD G . 25.92 5.78 -6.50
C8M FAD G . 26.96 6.46 -5.64
C9 FAD G . 26.35 5.12 -7.64
C9A FAD G . 25.44 4.48 -8.48
N10 FAD G . 25.82 3.78 -9.66
C10 FAD G . 24.80 3.16 -10.43
C1' FAD G . 27.20 3.69 -10.17
C2' FAD G . 27.80 2.30 -10.02
O2' FAD G . 27.80 1.89 -8.66
C3' FAD G . 29.24 2.35 -10.53
O3' FAD G . 29.23 2.89 -11.85
C4' FAD G . 29.88 0.97 -10.55
O4' FAD G . 30.00 0.47 -9.21
C5' FAD G . 31.25 1.05 -11.21
O5' FAD G . 32.01 -0.11 -10.93
P FAD G . 33.60 -0.01 -10.80
O1P FAD G . 34.18 -1.38 -10.56
O2P FAD G . 34.16 0.60 -12.05
O3P FAD G . 33.94 0.97 -9.56
H51A FAD G . 35.61 1.48 -6.40
H52A FAD G . 36.61 0.91 -7.75
H4B FAD G . 36.62 -1.31 -6.17
H3B FAD G . 35.74 0.80 -4.38
HO3A FAD G . 35.80 -1.07 -2.95
H2B FAD G . 37.82 1.49 -3.72
HO2A FAD G . 37.29 0.05 -1.96
H1B FAD G . 39.13 -1.08 -4.63
H8A FAD G . 39.16 2.76 -5.19
H61A FAD G . 45.42 2.37 -4.49
H62A FAD G . 44.06 3.42 -4.78
H2A FAD G . 43.66 -1.86 -4.08
HN3 FAD G . 22.07 1.45 -12.53
H6 FAD G . 22.52 5.17 -6.70
HM71 FAD G . 23.02 6.85 -5.06
HM72 FAD G . 24.01 5.82 -4.09
HM73 FAD G . 24.64 7.31 -4.69
HM81 FAD G . 26.63 6.46 -4.63
HM82 FAD G . 27.88 5.94 -5.71
HM83 FAD G . 27.08 7.46 -5.97
H9 FAD G . 27.40 5.12 -7.90
H1'1 FAD G . 27.83 4.41 -9.62
H1'2 FAD G . 27.22 3.97 -11.23
H2' FAD G . 27.23 1.60 -10.64
HO2' FAD G . 26.88 1.85 -8.33
H3' FAD G . 29.82 3.00 -9.86
H4' FAD G . 29.25 0.29 -11.14
HO4' FAD G . 30.39 -0.41 -9.23
H5'1 FAD G . 31.13 1.17 -12.29
H5'2 FAD G . 31.78 1.94 -10.83
PA FAD H . 39.30 -28.92 8.22
O1A FAD H . 38.20 -28.02 8.70
O2A FAD H . 38.73 -30.18 7.62
O5B FAD H . 40.17 -28.16 7.10
C5B FAD H . 40.19 -28.72 5.78
C4B FAD H . 40.61 -27.66 4.78
O4B FAD H . 42.03 -27.57 4.72
C3B FAD H . 40.15 -28.00 3.38
O3B FAD H . 38.91 -27.34 3.08
C2B FAD H . 41.28 -27.58 2.46
O2B FAD H . 40.93 -26.45 1.65
C1B FAD H . 42.43 -27.22 3.40
N9A FAD H . 43.65 -27.95 3.02
C8A FAD H . 43.88 -29.25 3.29
N7A FAD H . 45.09 -29.63 2.80
C5A FAD H . 45.65 -28.55 2.21
C6A FAD H . 46.92 -28.27 1.50
N6A FAD H . 47.84 -29.26 1.33
N1A FAD H . 47.12 -27.02 1.03
C2A FAD H . 46.20 -26.04 1.19
N3A FAD H . 45.04 -26.24 1.83
C4A FAD H . 44.71 -27.45 2.35
N1 FAD H . 33.19 -32.73 14.33
C2 FAD H . 32.45 -32.45 15.44
O2 FAD H . 32.99 -31.81 16.38
N3 FAD H . 31.18 -32.84 15.58
C4 FAD H . 30.54 -33.53 14.63
O4 FAD H . 29.35 -33.87 14.78
C4X FAD H . 31.27 -33.86 13.39
N5 FAD H . 30.68 -34.55 12.40
C5X FAD H . 31.36 -34.86 11.27
C6 FAD H . 30.69 -35.57 10.28
C7 FAD H . 31.35 -35.91 9.10
C7M FAD H . 30.62 -36.70 8.05
C8 FAD H . 32.76 -35.51 8.91
C8M FAD H . 33.50 -35.86 7.65
C9 FAD H . 33.43 -34.80 9.89
C9A FAD H . 32.79 -34.45 11.08
N10 FAD H . 33.45 -33.71 12.11
C10 FAD H . 32.69 -33.42 13.27
C1' FAD H . 34.86 -33.26 12.06
C2' FAD H . 35.07 -31.76 11.89
O2' FAD H . 34.76 -31.37 10.54
C3' FAD H . 36.54 -31.45 12.14
O3' FAD H . 36.89 -31.81 13.49
C4' FAD H . 36.86 -29.97 11.91
O4' FAD H . 36.28 -29.54 10.68
C5' FAD H . 38.37 -29.79 11.91
O5' FAD H . 38.78 -28.52 11.41
P FAD H . 40.24 -28.38 10.77
O1P FAD H . 40.52 -26.94 10.40
O2P FAD H . 41.28 -28.87 11.74
O3P FAD H . 40.27 -29.28 9.44
H51A FAD H . 39.20 -29.10 5.53
H52A FAD H . 40.89 -29.56 5.75
H4B FAD H . 40.19 -26.70 5.08
H3B FAD H . 40.02 -29.10 3.29
HO3A FAD H . 39.04 -26.38 3.15
H2B FAD H . 41.59 -28.43 1.83
HO2A FAD H . 40.20 -26.71 1.06
H1B FAD H . 42.60 -26.13 3.34
H8A FAD H . 43.19 -29.90 3.81
H61A FAD H . 47.66 -30.18 1.70
H62A FAD H . 48.70 -29.06 0.85
H2A FAD H . 46.42 -25.06 0.79
HN3 FAD H . 30.66 -32.60 16.46
H6 FAD H . 29.67 -35.86 10.43
HM71 FAD H . 29.91 -37.32 8.49
HM72 FAD H . 31.32 -37.28 7.51
HM73 FAD H . 30.15 -36.02 7.38
HM81 FAD H . 32.82 -35.91 6.84
HM82 FAD H . 33.99 -36.79 7.77
HM83 FAD H . 34.23 -35.12 7.45
H9 FAD H . 34.46 -34.52 9.74
H1'1 FAD H . 35.36 -33.57 12.99
H1'2 FAD H . 35.36 -33.79 11.25
H2' FAD H . 34.44 -31.22 12.60
HO2' FAD H . 33.82 -31.57 10.35
H3' FAD H . 37.14 -32.04 11.45
H4' FAD H . 36.44 -29.39 12.74
HO4' FAD H . 36.47 -28.59 10.54
H5'1 FAD H . 38.82 -30.59 11.31
H5'2 FAD H . 38.74 -29.91 12.94
PA FAD I . -16.57 -7.09 -28.23
O1A FAD I . -15.55 -6.04 -27.84
O2A FAD I . -17.01 -7.91 -27.05
O5B FAD I . -17.85 -6.36 -28.86
C5B FAD I . -19.04 -7.12 -29.10
C4B FAD I . -20.18 -6.15 -29.42
O4B FAD I . -21.05 -6.77 -30.37
C3B FAD I . -21.02 -5.80 -28.20
O3B FAD I . -21.18 -4.39 -28.10
C2B FAD I . -22.37 -6.44 -28.45
O2B FAD I . -23.43 -5.62 -27.98
C1B FAD I . -22.41 -6.58 -29.97
N9A FAD I . -23.27 -7.69 -30.41
C8A FAD I . -23.25 -8.96 -29.94
N7A FAD I . -24.18 -9.72 -30.59
C5A FAD I . -24.81 -8.94 -31.48
C6A FAD I . -25.90 -9.10 -32.47
N6A FAD I . -26.51 -10.30 -32.63
N1A FAD I . -26.26 -8.03 -33.20
C2A FAD I . -25.67 -6.82 -33.04
N3A FAD I . -24.67 -6.61 -32.15
C4A FAD I . -24.21 -7.61 -31.36
N1 FAD I . -8.54 -8.56 -23.53
C2 FAD I . -7.24 -8.14 -23.52
O2 FAD I . -6.63 -8.08 -24.61
N3 FAD I . -6.59 -7.79 -22.40
C4 FAD I . -7.17 -7.82 -21.20
O4 FAD I . -6.55 -7.49 -20.15
C4X FAD I . -8.58 -8.27 -21.13
N5 FAD I . -9.22 -8.32 -19.96
C5X FAD I . -10.51 -8.74 -19.90
C6 FAD I . -11.11 -8.76 -18.66
C7 FAD I . -12.43 -9.17 -18.53
C7M FAD I . -13.07 -9.20 -17.16
C8 FAD I . -13.19 -9.58 -19.74
C8M FAD I . -14.63 -10.02 -19.64
C9 FAD I . -12.59 -9.54 -20.99
C9A FAD I . -11.27 -9.13 -21.12
N10 FAD I . -10.60 -9.07 -22.39
C10 FAD I . -9.25 -8.65 -22.39
C1' FAD I . -11.21 -9.45 -23.68
C2' FAD I . -11.48 -8.27 -24.60
O2' FAD I . -12.49 -7.42 -24.02
C3' FAD I . -11.95 -8.77 -25.94
O3' FAD I . -10.94 -9.64 -26.49
C4' FAD I . -12.26 -7.64 -26.93
O4' FAD I . -13.14 -6.69 -26.32
C5' FAD I . -12.87 -8.23 -28.21
O5' FAD I . -13.44 -7.23 -29.04
P FAD I . -14.58 -7.63 -30.10
O1P FAD I . -14.90 -6.46 -31.01
O2P FAD I . -14.11 -8.80 -30.92
O3P FAD I . -15.90 -8.08 -29.32
H51A FAD I . -19.29 -7.71 -28.21
H52A FAD I . -18.88 -7.80 -29.94
H4B FAD I . -19.76 -5.23 -29.83
H3B FAD I . -20.57 -6.22 -27.29
HO3A FAD I . -21.75 -4.17 -27.35
H2B FAD I . -22.39 -7.44 -27.98
HO2A FAD I . -23.38 -5.55 -27.01
H1B FAD I . -22.78 -5.64 -30.39
H8A FAD I . -22.58 -9.32 -29.18
H61A FAD I . -27.24 -10.40 -33.32
H62A FAD I . -26.23 -11.09 -32.08
H2A FAD I . -26.00 -6.00 -33.66
HN3 FAD I . -5.60 -7.48 -22.48
H6 FAD I . -10.56 -8.47 -17.78
HM71 FAD I . -13.80 -9.97 -17.13
HM72 FAD I . -12.32 -9.41 -16.43
HM73 FAD I . -13.52 -8.27 -16.96
HM81 FAD I . -15.09 -9.53 -18.82
HM82 FAD I . -15.14 -9.76 -20.54
HM83 FAD I . -14.66 -11.07 -19.50
H9 FAD I . -13.16 -9.83 -21.86
H1'1 FAD I . -10.53 -10.14 -24.19
H1'2 FAD I . -12.14 -9.98 -23.49
H2' FAD I . -10.55 -7.69 -24.73
HO2' FAD I . -12.20 -7.10 -23.16
H3' FAD I . -12.88 -9.35 -25.79
H4' FAD I . -11.31 -7.14 -27.19
HO4' FAD I . -13.31 -5.97 -26.95
H5'1 FAD I . -13.63 -8.96 -27.94
H5'2 FAD I . -12.09 -8.76 -28.76
PA FAD J . -29.68 23.57 -34.42
O1A FAD J . -29.27 23.31 -32.99
O2A FAD J . -28.88 24.70 -35.01
O5B FAD J . -29.42 22.23 -35.29
C5B FAD J . -29.64 22.19 -36.70
C4B FAD J . -29.15 20.87 -37.28
O4B FAD J . -29.88 20.50 -38.46
C3B FAD J . -27.69 20.89 -37.69
O3B FAD J . -26.94 19.95 -36.93
C2B FAD J . -27.67 20.53 -39.15
O2B FAD J . -26.61 19.64 -39.46
C1B FAD J . -29.00 19.85 -39.37
N9A FAD J . -29.46 20.00 -40.77
C8A FAD J . -29.75 21.17 -41.36
N7A FAD J . -30.16 20.96 -42.65
C5A FAD J . -30.12 19.64 -42.88
C6A FAD J . -30.41 18.78 -44.03
N6A FAD J . -30.84 19.30 -45.20
N1A FAD J . -30.24 17.45 -43.86
C2A FAD J . -29.81 16.92 -42.70
N3A FAD J . -29.53 17.67 -41.61
C4A FAD J . -29.66 19.01 -41.64
N1 FAD J . -29.78 30.06 -27.34
C2 FAD J . -29.91 30.24 -26.00
O2 FAD J . -30.94 29.83 -25.43
N3 FAD J . -28.97 30.84 -25.25
C4 FAD J . -27.84 31.32 -25.79
O4 FAD J . -26.96 31.89 -25.09
C4X FAD J . -27.63 31.16 -27.24
N5 FAD J . -26.51 31.61 -27.81
C5X FAD J . -26.33 31.46 -29.14
C6 FAD J . -25.16 31.95 -29.69
C7 FAD J . -24.91 31.83 -31.04
C7M FAD J . -23.64 32.37 -31.62
C8 FAD J . -25.93 31.16 -31.90
C8M FAD J . -25.69 31.01 -33.39
C9 FAD J . -27.11 30.67 -31.36
C9A FAD J . -27.36 30.80 -29.99
N10 FAD J . -28.54 30.30 -29.41
C10 FAD J . -28.69 30.49 -28.02
C1' FAD J . -29.63 29.64 -30.18
C2' FAD J . -29.49 28.12 -30.27
O2' FAD J . -28.19 27.78 -30.78
C3' FAD J . -30.56 27.58 -31.20
O3' FAD J . -31.77 28.31 -30.98
C4' FAD J . -30.82 26.08 -30.99
O4' FAD J . -29.66 25.29 -31.29
C5' FAD J . -31.96 25.61 -31.88
O5' FAD J . -31.97 24.19 -31.96
P FAD J . -32.31 23.51 -33.36
O1P FAD J . -32.27 22.00 -33.20
O2P FAD J . -33.67 23.98 -33.81
O3P FAD J . -31.24 23.99 -34.46
H51A FAD J . -30.71 22.32 -36.92
H52A FAD J . -29.11 23.02 -37.18
H4B FAD J . -29.28 20.10 -36.51
H3B FAD J . -27.28 21.91 -37.56
HO3A FAD J . -26.03 19.94 -37.22
H2B FAD J . -27.61 21.44 -39.77
HO2A FAD J . -25.76 20.08 -39.32
H1B FAD J . -28.91 18.78 -39.12
H8A FAD J . -29.69 22.14 -40.89
H61A FAD J . -31.04 18.69 -45.99
H62A FAD J . -30.95 20.30 -45.29
H2A FAD J . -29.70 15.85 -42.63
HN3 FAD J . -29.13 30.95 -24.23
H6 FAD J . -24.43 32.43 -29.05
HM71 FAD J . -23.32 33.21 -31.05
HM72 FAD J . -23.80 32.67 -32.62
HM73 FAD J . -22.89 31.62 -31.59
HM81 FAD J . -26.18 30.13 -33.73
HM82 FAD J . -24.65 30.94 -33.58
HM83 FAD J . -26.09 31.85 -33.90
H9 FAD J . -27.83 30.19 -32.01
H1'1 FAD J . -29.66 30.05 -31.18
H1'2 FAD J . -30.59 29.87 -29.69
H2' FAD J . -29.63 27.68 -29.27
HO2' FAD J . -28.10 26.82 -30.82
H3' FAD J . -30.23 27.72 -32.23
H4' FAD J . -31.12 25.93 -29.95
HO4' FAD J . -29.85 24.36 -31.12
H5'1 FAD J . -31.83 26.04 -32.89
H5'2 FAD J . -32.91 25.97 -31.48
PA FAD K . 0.41 -34.06 47.16
O1A FAD K . 0.69 -35.50 47.50
O2A FAD K . 0.61 -33.78 45.69
O5B FAD K . -1.13 -33.80 47.52
C5B FAD K . -1.61 -34.05 48.84
C4B FAD K . -1.96 -35.50 49.12
O4B FAD K . -2.34 -35.60 50.50
C3B FAD K . -3.14 -35.99 48.31
O3B FAD K . -2.91 -37.34 47.90
C2B FAD K . -4.33 -35.90 49.24
O2B FAD K . -5.26 -36.96 49.03
C1B FAD K . -3.72 -36.00 50.63
N9A FAD K . -4.44 -35.13 51.60
C8A FAD K . -4.65 -33.81 51.48
N7A FAD K . -5.34 -33.35 52.56
C5A FAD K . -5.56 -34.38 53.39
C6A FAD K . -6.21 -34.57 54.70
N6A FAD K . -6.79 -33.51 55.34
N1A FAD K . -6.21 -35.82 55.23
C2A FAD K . -5.65 -36.86 54.59
N3A FAD K . -5.04 -36.75 53.41
C4A FAD K . -4.96 -35.56 52.76
N1 FAD K . 5.85 -30.32 39.70
C2 FAD K . 7.10 -30.41 39.17
O2 FAD K . 8.08 -30.37 39.94
N3 FAD K . 7.32 -30.51 37.84
C4 FAD K . 6.31 -30.55 36.96
O4 FAD K . 6.52 -30.65 35.73
C4X FAD K . 4.93 -30.48 37.48
N5 FAD K . 3.88 -30.51 36.64
C5X FAD K . 2.63 -30.44 37.13
C6 FAD K . 1.59 -30.49 36.21
C7 FAD K . 0.27 -30.41 36.64
C7M FAD K . -0.85 -30.46 35.63
C8 FAD K . -0.03 -30.29 38.09
C8M FAD K . -1.45 -30.22 38.60
C9 FAD K . 1.02 -30.24 39.00
C9A FAD K . 2.35 -30.32 38.59
N10 FAD K . 3.45 -30.28 39.51
C10 FAD K . 4.74 -30.35 38.95
C1' FAD K . 3.34 -30.14 40.97
C2' FAD K . 3.70 -31.42 41.72
O2' FAD K . 2.82 -32.48 41.33
C3' FAD K . 3.59 -31.23 43.23
O3' FAD K . 4.30 -30.06 43.63
C4' FAD K . 4.15 -32.46 43.95
O4' FAD K . 3.32 -33.60 43.68
C5' FAD K . 4.24 -32.27 45.46
O5' FAD K . 3.01 -32.64 46.07
P FAD K . 2.94 -32.92 47.65
O1P FAD K . 3.52 -31.75 48.41
O2P FAD K . 3.71 -34.17 48.01
O3P FAD K . 1.38 -33.11 48.04
H51A FAD K . -2.50 -33.43 49.01
H52A FAD K . -0.85 -33.72 49.56
H4B FAD K . -1.08 -36.13 48.91
H3B FAD K . -3.30 -35.34 47.44
HO3A FAD K . -3.68 -37.68 47.42
H2B FAD K . -4.83 -34.92 49.12
HO2A FAD K . -5.65 -36.89 48.15
H1B FAD K . -3.77 -37.05 50.96
H8A FAD K . -4.34 -33.21 50.65
H61A FAD K . -6.76 -32.60 54.92
H62A FAD K . -7.24 -33.65 56.24
H2A FAD K . -5.69 -37.83 55.07
HN3 FAD K . 8.30 -30.56 37.49
H6 FAD K . 1.80 -30.57 35.16
HM71 FAD K . -0.51 -30.04 34.72
HM72 FAD K . -1.14 -31.47 35.47
HM73 FAD K . -1.68 -29.91 35.99
HM81 FAD K . -2.08 -30.75 37.94
HM82 FAD K . -1.75 -29.20 38.64
HM83 FAD K . -1.49 -30.64 39.56
H9 FAD K . 0.79 -30.15 40.06
H1'1 FAD K . 2.31 -29.86 41.23
H1'2 FAD K . 3.99 -29.33 41.31
H2' FAD K . 4.74 -31.69 41.47
HO2' FAD K . 2.88 -32.61 40.37
H3' FAD K . 2.54 -31.14 43.49
H4' FAD K . 5.17 -32.66 43.56
HO4' FAD K . 3.71 -34.38 44.10
H5'1 FAD K . 5.06 -32.88 45.86
H5'2 FAD K . 4.46 -31.22 45.68
PA FAD L . -27.24 44.77 16.08
O1A FAD L . -27.12 45.30 14.67
O2A FAD L . -26.01 44.00 16.50
O5B FAD L . -27.41 46.00 17.10
C5B FAD L . -26.42 46.14 18.10
C4B FAD L . -26.51 47.53 18.70
O4B FAD L . -27.08 47.48 20.01
C3B FAD L . -25.15 48.21 18.84
O3B FAD L . -25.17 49.47 18.18
C2B FAD L . -24.95 48.39 20.33
O2B FAD L . -24.28 49.61 20.62
C1B FAD L . -26.38 48.38 20.86
N9A FAD L . -26.41 47.98 22.28
C8A FAD L . -26.08 46.76 22.76
N7A FAD L . -26.23 46.73 24.12
C5A FAD L . -26.67 47.94 24.51
C6A FAD L . -27.01 48.59 25.79
N6A FAD L . -26.93 47.91 26.96
N1A FAD L . -27.43 49.88 25.76
C2A FAD L . -27.52 50.58 24.60
N3A FAD L . -27.20 50.04 23.40
C4A FAD L . -26.78 48.77 23.29
N1 FAD L . -26.38 38.82 8.29
C2 FAD L . -26.91 38.56 7.06
O2 FAD L . -28.16 38.48 6.95
N3 FAD L . -26.16 38.36 5.97
C4 FAD L . -24.81 38.42 6.01
O4 FAD L . -24.13 38.23 4.99
C4X FAD L . -24.17 38.72 7.32
N5 FAD L . -22.83 38.80 7.44
C5X FAD L . -22.26 39.05 8.64
C6 FAD L . -20.88 39.13 8.72
C7 FAD L . -20.24 39.39 9.92
C7M FAD L . -18.74 39.47 9.98
C8 FAD L . -21.06 39.61 11.14
C8M FAD L . -20.42 39.91 12.47
C9 FAD L . -22.44 39.55 11.08
C9A FAD L . -23.08 39.27 9.87
N10 FAD L . -24.50 39.21 9.76
C10 FAD L . -25.04 38.92 8.49
C1' FAD L . -25.43 39.37 10.89
C2' FAD L . -26.20 40.68 10.88
O2' FAD L . -25.28 41.76 10.98
C3' FAD L . -27.18 40.72 12.06
O3' FAD L . -28.23 39.77 11.88
C4' FAD L . -27.84 42.08 12.22
O4' FAD L . -26.88 43.14 12.07
C5' FAD L . -28.51 42.17 13.58
O5' FAD L . -29.20 43.41 13.73
P FAD L . -29.74 43.86 15.17
O1P FAD L . -30.28 45.27 15.11
O2P FAD L . -30.82 42.92 15.63
O3P FAD L . -28.53 43.81 16.22
H51A FAD L . -25.43 45.98 17.68
H52A FAD L . -26.58 45.39 18.89
H4B FAD L . -27.13 48.15 18.05
H3B FAD L . -24.36 47.56 18.44
HO3A FAD L . -24.32 49.92 18.31
H2B FAD L . -24.40 47.53 20.74
HO2A FAD L . -23.38 49.58 20.28
H1B FAD L . -26.80 49.40 20.75
H8A FAD L . -25.74 45.93 22.17
H61A FAD L . -27.18 48.35 27.83
H62A FAD L . -26.63 46.94 26.95
H2A FAD L . -27.85 51.60 24.65
HN3 FAD L . -26.62 38.15 5.06
H6 FAD L . -20.28 38.97 7.82
HM71 FAD L . -18.33 38.82 9.24
HM72 FAD L . -18.42 40.46 9.79
HM73 FAD L . -18.41 39.16 10.94
HM81 FAD L . -21.07 40.52 13.05
HM82 FAD L . -20.24 39.00 12.98
HM83 FAD L . -19.50 40.42 12.32
H9 FAD L . -23.03 39.71 11.97
H1'1 FAD L . -24.87 39.30 11.82
H1'2 FAD L . -26.14 38.54 10.87
H2' FAD L . -26.78 40.76 9.94
HO2' FAD L . -24.79 41.69 11.81
H3' FAD L . -26.62 40.49 12.98
HO3' FAD L . -27.85 38.88 11.77
H4' FAD L . -28.61 42.18 11.45
HO4' FAD L . -27.34 43.99 12.14
H5'1 FAD L . -27.77 42.06 14.37
H5'2 FAD L . -29.23 41.35 13.69
#